data_1BGY
#
_entry.id   1BGY
#
_cell.length_a   130.110
_cell.length_b   130.110
_cell.length_c   720.940
_cell.angle_alpha   90.00
_cell.angle_beta   90.00
_cell.angle_gamma   120.00
#
_symmetry.space_group_name_H-M   'P 65'
#
loop_
_entity.id
_entity.type
_entity.pdbx_description
1 polymer 'CYTOCHROME BC1 COMPLEX'
2 polymer 'CYTOCHROME BC1 COMPLEX'
3 polymer 'CYTOCHROME BC1 COMPLEX'
4 polymer 'CYTOCHROME BC1 COMPLEX'
5 polymer 'CYTOCHROME BC1 COMPLEX'
6 polymer 'CYTOCHROME BC1 COMPLEX'
7 polymer 'CYTOCHROME BC1 COMPLEX'
8 polymer 'CYTOCHROME BC1 COMPLEX'
9 polymer 'CYTOCHROME BC1 COMPLEX'
10 polymer 'CYTOCHROME BC1 COMPLEX'
11 polymer 'CYTOCHROME BC1 COMPLEX'
12 non-polymer 'PROTOPORPHYRIN IX CONTAINING FE'
13 non-polymer 'HEME C'
14 non-polymer 'FE2/S2 (INORGANIC) CLUSTER'
#
loop_
_entity_poly.entity_id
_entity_poly.type
_entity_poly.pdbx_seq_one_letter_code
_entity_poly.pdbx_strand_id
1 'polypeptide(L)'
;TATYAQALQSVPETQVSQLDNGLRVASEQSSQPTCTVGVWIDAGSRYESEKNNGAGYFVEHLAFKGTKNRPGNALEKEVE
SMGAHLNAYSTREHTAYYIKALSKDLPKAVELLADIVQNCSLEDSQIEKERDVILQELQENDTSMRDVVFNYLHATAFQG
TPLAQSVEGPSENVRKLSRADLTEYLSRHYKAPRMVLAAAGGLEHRQLLDLAQKHFSGLSGTYDEDAVPTLSPCRFTGSQ
ICHREDGLPLAHVAIAVEGPGWAHPDNVALQVANAIIGHYDCTYGGGAHLSSPLASIAATNKLCQSFQTFNICYADTGLL
GAHFVCDHMSIDDMMFVLQGQWMRLCTSATESEVLRGKNLLRNALVSHLDGTTPVCEDIGRSLLTYGRRIPLAEWESRIA
EVDARVVREVCSKYFYDQCPAVAGFGPIEQLPDYNRIRSGMFWLRF
;
A,M
2 'polypeptide(L)'
;SLKVAPKVKATEAPAGVPPHPQDLEFTRLPNGLVIASLENYAPASRIGLFIKAGSRYENSNNLGTSHLLRLASSLTTKGA
SSFKITRGIEAVGGKLSVTSTRENMAYTVECLRDDVDILMEFLLNVTTAPEFRRWEVAALQPQLRIDKAVALQNPQAHVI
ENLHAAAYRNALANSLYCPDYRIGKVTPVELHDYVQNHFTSARMALIGLGVSHPVLKQVAEQFLNIRGGLGLSGAKAKYH
GGEIREQNGDSLVHAALVAESAAIGSAEANAFSVLQHVLGAGPHVKRGSNATSSLYQAVAKGVHQPFDVSAFNASYSDSG
LFGFYTISQAASAGDVIKAAYNQVKTIAQGNLSNPDVQAAKNKLKAGYLMSVESSEGFLDEVGSQALAAGSYTPPSTVLQ
QIDAVADADVINAAKKFVSGRKSMAASGNLGHTPFIDEL
;
B,N
3 'polypeptide(L)'
;MTNIRKSHPLMKIVNNAFIDLPAPSNISSWWNFGSLLGICLILQILTGLFLAMHYTSDTTTAFSSVTHICRDVNYGWIIR
YMHANGASMFFICLYMHVGRGLYYGSYTFLETWNIGVILLLTVMATAFMGYVLPWGQMSFWGATVITNLLSAIPYIGTNL
VEWIWGGFSVDKATLTRFFAFHFILPFIIMAIAMVHLLFLHETGSNNPTGISSDVDKIPFHPYYTIKDILGALLLILALM
LLVLFAPDLLGDPDNYTPANPLNTPPHIKPEWYFLFAYAILRSIPNKLGGVLALAFSILILALIPLLHTSKQRSMMFRPL
SQCLFWALVADLLTLTWIGGQPVEHPYITIGQLASVLYFLLILVLMPTAGTIENKLLKW
;
C,O
4 'polypeptide(L)'
;SDLELHPPSYPWSHRGLLSSLDHTSIRRGFQVYKQVCSSCHSMDYVAYRHLVGVCYTEDEAKALAEEVEVQDGPNEDGEM
FMRPGKLSDYFPKPYPNPEAARAANNGALPPDLSYIVRARHGGEDYVFSLLTGYCEPPTGVSLREGLYFNPYFPGQAIGM
APPIYNEVLEFDDGTPATMSQVAKDVCTFLRWAAEPEHDHRKRMGLKMLLMMGLLLPLVYAMKRHKWSVLKSRKLAYRPP
K
;
D,P
5 'polypeptide(L)'
;SHTDIKVPDFSDYRRPEVLDSTKSSKESSEARKGFSYLVTATTTVGVAYAAKNVVSQFVSSMSASADVLAMSKIEIKLSD
IPEGKNMAFKWRGKPLFVRHRTKKEIDQEAAVEVSQLRDPQHDLERVKKPEWVILIGVCTHLGCVPIANAGDFGGYYCPC
HGSHYDASGRIRKGPAPLNLEVPSYEFTSDDMVIVG
;
E,Q
6 'polypeptide(L)'
;AGRPAVSASSRWLEGIRKWYYNAAGFNKLGLMRDDTIHENDDVKEAIRRLPENLYDDRVFRIKRALDLSMRQQILPKEQW
TKYEEDKSYLEPYLKEVIRERKEREEWAKK
;
F,R
7 'polypeptide(L)'
;GRQFGHLTRVRHVITYSLSPFEQRAFPHYFSKGIPNVLRRTRACILRVAPPFVAFYLVYTWGTQEFEKSKRKNPAAYEND
R
;
G,S
8 'polypeptide(L)' GDPKEEEEEEEELVDPLTTVREQCEQLEKCVKARERLELCDERVSSRSQTEEDCTEELLDFLHARDHCVAHKLFNSLK H,T
9 'polypeptide(L)' MLSVAARSGPFAPVLSATSRGVAGALRPLVQAAVPATSESPVLDLKRSVLCRESLRGQAAGRPLVASVSLNVPASVRY I,U
10 'polypeptide(L)' VAPTLTARLYSLLFRRTSTFALTIVVGALFFERAFDQGADAIYEHINEGKLWKHIKHKYENK J,V
11 'polypeptide(L)' MLTRFLGPRYRQLARNWVPTAQLWGAVGAVGLVSATDSRLILDWVPYINGKFKKDD K,W
#
# COMPACT_ATOMS: atom_id res chain seq x y z
N THR A 1 6.77 19.32 63.98
CA THR A 1 7.39 19.45 62.65
C THR A 1 8.68 18.64 62.53
N ALA A 2 8.93 18.21 61.30
CA ALA A 2 10.12 17.45 60.96
C ALA A 2 10.31 17.32 59.45
N THR A 3 11.56 17.41 58.99
CA THR A 3 11.76 17.45 57.55
C THR A 3 12.60 16.29 57.06
N TYR A 4 12.27 15.78 55.87
CA TYR A 4 12.91 14.65 55.25
C TYR A 4 14.36 14.45 55.70
N ALA A 5 15.25 15.38 55.35
CA ALA A 5 16.66 15.25 55.75
C ALA A 5 16.68 14.84 57.23
N GLN A 6 16.22 15.73 58.09
CA GLN A 6 16.20 15.38 59.50
C GLN A 6 15.88 13.90 59.65
N ALA A 7 14.63 13.52 59.43
CA ALA A 7 14.28 12.10 59.58
C ALA A 7 15.42 11.19 59.20
N LEU A 8 15.93 11.35 57.98
CA LEU A 8 17.06 10.54 57.54
C LEU A 8 18.11 10.34 58.62
N GLN A 9 18.70 11.43 59.11
CA GLN A 9 19.80 11.35 60.06
C GLN A 9 19.43 10.68 61.36
N SER A 10 18.17 10.80 61.75
CA SER A 10 17.65 10.22 62.96
C SER A 10 17.52 8.70 62.93
N VAL A 11 17.57 8.07 61.77
CA VAL A 11 17.29 6.64 61.74
C VAL A 11 18.31 5.79 62.45
N PRO A 12 17.78 4.82 63.18
CA PRO A 12 18.47 3.82 63.98
C PRO A 12 19.63 3.22 63.19
N GLU A 13 20.86 3.43 63.66
CA GLU A 13 21.98 2.87 62.93
C GLU A 13 22.06 1.38 63.15
N THR A 14 22.71 0.74 62.19
CA THR A 14 22.82 -0.71 62.18
C THR A 14 24.11 -1.14 62.85
N GLN A 15 23.98 -2.08 63.78
CA GLN A 15 25.19 -2.54 64.47
C GLN A 15 25.75 -3.82 63.87
N VAL A 16 26.91 -3.69 63.23
CA VAL A 16 27.66 -4.85 62.73
C VAL A 16 28.60 -5.38 63.82
N SER A 17 28.58 -6.69 64.02
CA SER A 17 29.36 -7.36 65.05
C SER A 17 29.83 -8.74 64.60
N GLN A 18 30.91 -9.21 65.20
CA GLN A 18 31.51 -10.44 64.69
C GLN A 18 31.90 -11.43 65.76
N LEU A 19 31.61 -12.70 65.43
CA LEU A 19 32.01 -13.80 66.28
C LEU A 19 33.45 -14.17 65.92
N ASP A 20 34.00 -15.06 66.71
CA ASP A 20 35.36 -15.52 66.56
C ASP A 20 35.60 -16.08 65.16
N ASN A 21 34.66 -16.88 64.67
CA ASN A 21 34.81 -17.49 63.36
C ASN A 21 34.55 -16.55 62.19
N GLY A 22 33.90 -15.42 62.43
CA GLY A 22 33.57 -14.52 61.32
C GLY A 22 32.06 -14.44 61.23
N LEU A 23 31.34 -15.08 62.16
CA LEU A 23 29.88 -14.90 62.06
C LEU A 23 29.56 -13.40 62.17
N ARG A 24 28.82 -12.94 61.18
CA ARG A 24 28.52 -11.50 61.26
C ARG A 24 27.13 -11.28 61.83
N VAL A 25 27.09 -10.36 62.79
CA VAL A 25 25.87 -10.03 63.49
C VAL A 25 25.45 -8.59 63.25
N ALA A 26 24.24 -8.46 62.76
CA ALA A 26 23.82 -7.07 62.50
C ALA A 26 22.42 -6.97 63.03
N SER A 27 21.94 -5.74 63.18
CA SER A 27 20.58 -5.62 63.71
C SER A 27 20.19 -4.15 63.77
N GLU A 28 18.91 -3.92 63.50
CA GLU A 28 18.33 -2.59 63.58
C GLU A 28 17.23 -2.66 64.63
N GLN A 29 17.28 -1.78 65.61
CA GLN A 29 16.37 -1.81 66.73
C GLN A 29 15.26 -0.78 66.54
N SER A 30 14.10 -1.13 67.10
CA SER A 30 12.91 -0.32 67.06
C SER A 30 12.02 -0.60 68.27
N SER A 31 12.36 -1.63 69.03
CA SER A 31 11.58 -2.01 70.20
C SER A 31 10.13 -2.25 69.80
N GLN A 32 9.98 -3.03 68.73
CA GLN A 32 8.67 -3.41 68.21
C GLN A 32 8.39 -4.91 68.37
N PRO A 33 7.14 -5.26 68.39
CA PRO A 33 6.60 -6.59 68.55
C PRO A 33 7.25 -7.68 67.73
N THR A 34 7.00 -7.68 66.44
CA THR A 34 7.52 -8.71 65.53
C THR A 34 8.99 -8.54 65.23
N CYS A 35 9.63 -9.68 64.93
CA CYS A 35 11.03 -9.65 64.54
C CYS A 35 11.28 -10.63 63.38
N THR A 36 12.26 -10.27 62.56
CA THR A 36 12.56 -11.13 61.43
C THR A 36 14.04 -11.49 61.47
N VAL A 37 14.32 -12.60 62.15
CA VAL A 37 15.74 -12.95 62.22
C VAL A 37 16.12 -13.73 60.98
N GLY A 38 17.34 -13.51 60.53
CA GLY A 38 17.77 -14.20 59.33
C GLY A 38 19.28 -14.42 59.33
N VAL A 39 19.60 -15.47 58.59
CA VAL A 39 20.95 -15.91 58.29
C VAL A 39 21.15 -15.87 56.76
N TRP A 40 21.89 -14.89 56.28
CA TRP A 40 22.11 -14.61 54.87
C TRP A 40 23.43 -15.18 54.38
N ILE A 41 23.47 -16.45 54.09
CA ILE A 41 24.66 -17.14 53.56
C ILE A 41 24.98 -16.69 52.15
N ASP A 42 26.23 -16.44 51.79
CA ASP A 42 26.52 -16.00 50.43
C ASP A 42 27.30 -16.93 49.55
N ALA A 43 26.90 -18.20 49.55
CA ALA A 43 27.41 -19.16 48.58
C ALA A 43 26.25 -19.53 47.65
N GLY A 44 26.20 -18.97 46.45
CA GLY A 44 25.04 -19.21 45.60
C GLY A 44 25.19 -20.22 44.48
N SER A 45 24.63 -19.90 43.31
CA SER A 45 24.67 -20.70 42.12
C SER A 45 25.92 -20.47 41.27
N ARG A 46 26.61 -19.35 41.45
CA ARG A 46 27.81 -19.07 40.69
C ARG A 46 29.05 -19.77 41.23
N TYR A 47 28.93 -20.57 42.28
CA TYR A 47 30.06 -21.33 42.82
C TYR A 47 29.91 -22.78 42.36
N GLU A 48 28.68 -23.08 41.95
CA GLU A 48 28.40 -24.47 41.56
C GLU A 48 29.21 -24.73 40.29
N SER A 49 29.58 -25.99 40.17
CA SER A 49 30.26 -26.51 38.99
C SER A 49 29.16 -26.94 38.02
N GLU A 50 29.53 -27.50 36.88
CA GLU A 50 28.51 -27.88 35.92
C GLU A 50 27.56 -28.90 36.52
N LYS A 51 28.16 -29.88 37.22
CA LYS A 51 27.29 -30.86 37.84
C LYS A 51 26.48 -30.24 38.94
N ASN A 52 27.08 -29.84 40.05
CA ASN A 52 26.29 -29.26 41.13
C ASN A 52 25.65 -27.92 40.82
N ASN A 53 25.43 -27.62 39.53
CA ASN A 53 24.81 -26.41 39.07
C ASN A 53 23.53 -26.13 39.86
N GLY A 54 22.81 -27.15 40.27
CA GLY A 54 21.59 -27.00 41.02
C GLY A 54 21.67 -27.48 42.45
N ALA A 55 22.89 -27.81 42.88
CA ALA A 55 23.09 -28.24 44.26
C ALA A 55 22.43 -27.25 45.21
N GLY A 56 23.07 -26.15 45.59
CA GLY A 56 22.48 -25.08 46.41
C GLY A 56 20.97 -25.15 46.42
N TYR A 57 20.33 -24.79 45.33
CA TYR A 57 18.88 -24.86 45.16
C TYR A 57 18.23 -26.14 45.63
N PHE A 58 18.88 -27.28 45.57
CA PHE A 58 18.43 -28.54 46.13
C PHE A 58 18.52 -28.58 47.66
N VAL A 59 19.61 -28.03 48.20
CA VAL A 59 19.74 -27.92 49.65
C VAL A 59 18.49 -27.24 50.19
N GLU A 60 18.12 -26.11 49.61
CA GLU A 60 16.98 -25.29 49.94
C GLU A 60 15.65 -26.03 50.03
N HIS A 61 15.52 -27.18 49.41
CA HIS A 61 14.29 -27.95 49.64
C HIS A 61 14.41 -28.83 50.87
N LEU A 62 15.63 -29.06 51.33
CA LEU A 62 15.89 -29.88 52.50
C LEU A 62 16.14 -29.04 53.74
N ALA A 63 16.62 -27.82 53.56
CA ALA A 63 16.76 -26.91 54.68
C ALA A 63 15.71 -27.15 55.77
N PHE A 64 14.42 -27.12 55.46
CA PHE A 64 13.34 -27.19 56.40
C PHE A 64 12.73 -28.54 56.71
N LYS A 65 13.40 -29.62 56.30
CA LYS A 65 12.78 -30.92 56.52
C LYS A 65 13.51 -31.84 57.47
N GLY A 66 14.08 -31.33 58.55
CA GLY A 66 14.74 -32.19 59.53
C GLY A 66 16.15 -31.77 59.90
N THR A 67 16.44 -31.85 61.18
CA THR A 67 17.76 -31.64 61.76
C THR A 67 18.03 -32.88 62.60
N LYS A 68 19.23 -33.33 62.91
CA LYS A 68 19.38 -34.56 63.72
C LYS A 68 18.67 -34.44 65.07
N ASN A 69 18.70 -33.22 65.59
CA ASN A 69 17.89 -32.79 66.70
C ASN A 69 16.45 -32.82 66.24
N ARG A 70 16.09 -32.02 65.24
CA ARG A 70 14.67 -32.07 64.94
C ARG A 70 14.24 -32.81 63.71
N PRO A 71 13.96 -34.10 63.80
CA PRO A 71 13.46 -34.91 62.72
C PRO A 71 12.09 -34.55 62.16
N GLY A 72 11.66 -35.43 61.25
CA GLY A 72 10.50 -35.33 60.41
C GLY A 72 9.46 -34.38 60.95
N ASN A 73 9.29 -33.24 60.32
CA ASN A 73 8.34 -32.20 60.63
C ASN A 73 8.49 -31.54 61.98
N ALA A 74 9.65 -31.70 62.60
CA ALA A 74 9.83 -31.11 63.93
C ALA A 74 10.19 -29.62 63.80
N LEU A 75 10.75 -29.28 62.64
CA LEU A 75 11.06 -27.88 62.36
C LEU A 75 9.76 -27.10 62.15
N GLU A 76 8.94 -27.60 61.22
CA GLU A 76 7.71 -26.88 60.91
C GLU A 76 6.84 -26.77 62.14
N LYS A 77 6.55 -27.91 62.76
CA LYS A 77 5.72 -27.92 63.97
C LYS A 77 6.13 -26.85 64.97
N GLU A 78 7.41 -26.80 65.24
CA GLU A 78 8.01 -25.75 66.05
C GLU A 78 7.75 -24.35 65.56
N VAL A 79 8.09 -24.03 64.30
CA VAL A 79 7.84 -22.69 63.75
C VAL A 79 6.36 -22.34 63.93
N GLU A 80 5.52 -23.10 63.25
CA GLU A 80 4.08 -23.00 63.31
C GLU A 80 3.51 -22.59 64.65
N SER A 81 3.37 -23.54 65.56
CA SER A 81 2.83 -23.26 66.86
C SER A 81 3.37 -22.01 67.49
N MET A 82 4.44 -21.42 66.98
CA MET A 82 4.88 -20.13 67.50
C MET A 82 4.13 -18.98 66.82
N GLY A 83 3.87 -19.31 65.56
CA GLY A 83 3.17 -18.43 64.64
C GLY A 83 4.21 -17.75 63.74
N ALA A 84 5.42 -18.30 63.77
CA ALA A 84 6.50 -17.77 62.95
C ALA A 84 6.51 -18.38 61.57
N HIS A 85 6.90 -17.55 60.61
CA HIS A 85 7.01 -17.98 59.23
C HIS A 85 8.50 -18.17 58.93
N LEU A 86 8.79 -19.10 58.05
CA LEU A 86 10.15 -19.47 57.71
C LEU A 86 10.29 -19.56 56.19
N ASN A 87 11.13 -18.71 55.63
CA ASN A 87 11.31 -18.67 54.18
C ASN A 87 12.75 -18.96 53.78
N ALA A 88 12.95 -19.50 52.60
CA ALA A 88 14.26 -19.79 52.04
C ALA A 88 14.37 -19.38 50.58
N TYR A 89 15.23 -18.43 50.31
CA TYR A 89 15.33 -17.87 48.96
C TYR A 89 16.72 -18.11 48.42
N SER A 90 16.88 -18.36 47.13
CA SER A 90 18.22 -18.63 46.63
C SER A 90 18.54 -17.96 45.30
N THR A 91 19.65 -17.25 45.30
CA THR A 91 20.06 -16.42 44.17
C THR A 91 21.32 -17.01 43.55
N ARG A 92 21.86 -16.39 42.53
CA ARG A 92 23.04 -16.92 41.84
C ARG A 92 24.34 -16.53 42.54
N GLU A 93 24.14 -15.82 43.65
CA GLU A 93 25.23 -15.35 44.48
C GLU A 93 24.92 -15.42 45.96
N HIS A 94 23.67 -15.74 46.33
CA HIS A 94 23.28 -15.55 47.71
C HIS A 94 22.14 -16.47 48.15
N THR A 95 22.41 -17.40 49.06
CA THR A 95 21.31 -18.20 49.60
C THR A 95 20.85 -17.68 50.94
N ALA A 96 19.57 -17.53 51.25
CA ALA A 96 19.25 -17.00 52.58
C ALA A 96 18.05 -17.70 53.18
N TYR A 97 18.07 -17.99 54.48
CA TYR A 97 16.94 -18.46 55.25
C TYR A 97 16.61 -17.53 56.41
N TYR A 98 15.32 -17.14 56.47
CA TYR A 98 14.92 -16.25 57.55
C TYR A 98 13.64 -16.65 58.26
N ILE A 99 13.51 -16.18 59.50
CA ILE A 99 12.28 -16.31 60.26
C ILE A 99 11.65 -14.94 60.58
N LYS A 100 10.34 -14.89 60.50
CA LYS A 100 9.46 -13.81 60.92
C LYS A 100 8.83 -14.32 62.23
N ALA A 101 8.84 -13.55 63.30
CA ALA A 101 8.26 -14.03 64.55
C ALA A 101 8.26 -12.99 65.65
N LEU A 102 7.43 -13.32 66.65
CA LEU A 102 7.10 -12.35 67.70
C LEU A 102 8.40 -12.00 68.38
N SER A 103 8.66 -10.75 68.73
CA SER A 103 9.97 -10.41 69.26
C SER A 103 10.35 -11.25 70.47
N LYS A 104 9.37 -11.66 71.26
CA LYS A 104 9.70 -12.46 72.43
C LYS A 104 10.17 -13.86 72.08
N ASP A 105 10.05 -14.28 70.83
CA ASP A 105 10.41 -15.60 70.37
C ASP A 105 11.83 -15.79 69.87
N LEU A 106 12.65 -14.76 70.09
CA LEU A 106 14.04 -14.83 69.64
C LEU A 106 14.69 -16.10 70.16
N PRO A 107 14.63 -16.26 71.47
CA PRO A 107 15.16 -17.44 72.15
C PRO A 107 15.11 -18.65 71.24
N LYS A 108 13.92 -19.21 71.04
CA LYS A 108 13.79 -20.41 70.21
C LYS A 108 13.91 -20.07 68.72
N ALA A 109 13.78 -18.81 68.35
CA ALA A 109 13.93 -18.42 66.94
C ALA A 109 15.36 -18.76 66.52
N VAL A 110 16.26 -17.89 66.96
CA VAL A 110 17.65 -17.98 66.57
C VAL A 110 18.24 -19.36 66.76
N GLU A 111 17.67 -20.09 67.72
CA GLU A 111 18.13 -21.46 67.92
C GLU A 111 17.82 -22.24 66.65
N LEU A 112 16.58 -22.10 66.23
CA LEU A 112 16.03 -22.84 65.11
C LEU A 112 16.78 -22.60 63.81
N LEU A 113 16.96 -21.33 63.51
CA LEU A 113 17.68 -20.90 62.32
C LEU A 113 19.07 -21.52 62.30
N ALA A 114 19.85 -21.28 63.35
CA ALA A 114 21.18 -21.82 63.56
C ALA A 114 21.23 -23.33 63.31
N ASP A 115 20.37 -24.04 64.02
CA ASP A 115 20.07 -25.44 63.81
C ASP A 115 19.91 -25.80 62.33
N ILE A 116 18.97 -25.17 61.66
CA ILE A 116 18.69 -25.31 60.24
C ILE A 116 19.95 -25.22 59.39
N VAL A 117 20.69 -24.13 59.42
CA VAL A 117 21.92 -23.95 58.69
C VAL A 117 22.93 -25.09 58.83
N GLN A 118 23.11 -25.57 60.06
CA GLN A 118 24.09 -26.61 60.29
C GLN A 118 23.60 -28.03 60.13
N ASN A 119 22.68 -28.43 61.00
CA ASN A 119 22.21 -29.81 60.90
C ASN A 119 20.95 -29.89 60.06
N CYS A 120 21.07 -30.72 59.03
CA CYS A 120 19.99 -31.00 58.11
C CYS A 120 19.91 -32.53 57.93
N SER A 121 18.95 -33.16 58.61
CA SER A 121 18.78 -34.60 58.50
C SER A 121 18.30 -35.00 57.12
N LEU A 122 19.19 -35.43 56.24
CA LEU A 122 18.80 -35.70 54.85
C LEU A 122 18.84 -37.16 54.45
N GLU A 123 17.73 -37.88 54.50
CA GLU A 123 17.80 -39.29 54.12
C GLU A 123 17.54 -39.55 52.65
N ASP A 124 17.99 -40.72 52.20
CA ASP A 124 17.77 -41.12 50.81
C ASP A 124 16.33 -40.89 50.44
N SER A 125 15.38 -41.22 51.30
CA SER A 125 13.96 -40.94 51.03
C SER A 125 13.69 -39.48 50.71
N GLN A 126 14.25 -38.55 51.47
CA GLN A 126 14.05 -37.12 51.27
C GLN A 126 14.75 -36.64 50.00
N ILE A 127 15.84 -37.32 49.67
CA ILE A 127 16.55 -36.92 48.46
C ILE A 127 15.70 -37.33 47.26
N GLU A 128 15.24 -38.58 47.25
CA GLU A 128 14.43 -39.04 46.13
C GLU A 128 13.06 -38.38 46.13
N LYS A 129 12.64 -37.77 47.23
CA LYS A 129 11.31 -37.14 47.22
C LYS A 129 11.45 -35.76 46.60
N GLU A 130 12.52 -35.09 47.02
CA GLU A 130 12.84 -33.78 46.50
C GLU A 130 13.11 -33.80 45.01
N ARG A 131 13.86 -34.80 44.56
CA ARG A 131 14.17 -34.91 43.14
C ARG A 131 12.88 -34.75 42.34
N ASP A 132 11.96 -35.69 42.57
CA ASP A 132 10.66 -35.65 41.90
C ASP A 132 10.06 -34.25 41.96
N VAL A 133 10.15 -33.62 43.13
CA VAL A 133 9.59 -32.26 43.23
C VAL A 133 10.34 -31.32 42.31
N ILE A 134 11.68 -31.37 42.41
CA ILE A 134 12.45 -30.43 41.60
C ILE A 134 12.07 -30.54 40.15
N LEU A 135 12.28 -31.74 39.61
CA LEU A 135 11.93 -32.01 38.22
C LEU A 135 10.57 -31.41 37.93
N GLN A 136 9.57 -31.53 38.80
CA GLN A 136 8.28 -30.91 38.53
C GLN A 136 8.34 -29.39 38.60
N GLU A 137 9.09 -28.80 39.51
CA GLU A 137 9.26 -27.33 39.53
C GLU A 137 9.79 -26.92 38.15
N LEU A 138 10.91 -27.48 37.71
CA LEU A 138 11.51 -27.18 36.43
C LEU A 138 10.51 -27.09 35.29
N GLN A 139 9.69 -28.12 35.12
CA GLN A 139 8.60 -28.15 34.15
C GLN A 139 7.70 -26.92 34.34
N GLU A 140 7.45 -26.58 35.61
CA GLU A 140 6.61 -25.41 35.83
C GLU A 140 7.33 -24.13 35.46
N ASN A 141 8.61 -24.02 35.78
CA ASN A 141 9.32 -22.81 35.39
C ASN A 141 9.30 -22.63 33.88
N ASP A 142 9.36 -23.70 33.10
CA ASP A 142 9.26 -23.57 31.65
C ASP A 142 7.96 -22.91 31.22
N THR A 143 6.99 -22.88 32.12
CA THR A 143 5.74 -22.25 31.76
C THR A 143 5.77 -20.75 31.99
N SER A 144 6.94 -20.19 32.28
CA SER A 144 6.97 -18.77 32.61
C SER A 144 7.94 -18.07 31.67
N MET A 145 7.43 -17.35 30.69
CA MET A 145 8.29 -16.68 29.75
C MET A 145 9.23 -15.70 30.41
N ARG A 146 8.74 -14.89 31.38
CA ARG A 146 9.69 -13.99 32.01
C ARG A 146 10.90 -14.69 32.61
N ASP A 147 10.75 -15.85 33.24
CA ASP A 147 11.74 -16.68 33.87
C ASP A 147 12.61 -17.44 32.89
N VAL A 148 11.93 -17.85 31.81
CA VAL A 148 12.64 -18.48 30.71
C VAL A 148 13.53 -17.41 30.09
N VAL A 149 13.00 -16.25 29.76
CA VAL A 149 13.83 -15.25 29.10
C VAL A 149 14.97 -14.81 30.00
N PHE A 150 14.69 -14.45 31.28
CA PHE A 150 15.77 -13.89 32.10
C PHE A 150 16.92 -14.84 32.32
N ASN A 151 16.62 -16.16 32.35
CA ASN A 151 17.74 -17.12 32.34
C ASN A 151 18.50 -16.84 31.04
N TYR A 152 17.88 -17.21 29.91
CA TYR A 152 18.46 -16.91 28.61
C TYR A 152 19.42 -15.74 28.62
N LEU A 153 18.85 -14.58 29.04
CA LEU A 153 19.68 -13.47 29.06
C LEU A 153 21.08 -13.78 29.70
N HIS A 154 21.05 -14.18 30.99
CA HIS A 154 22.27 -14.53 31.70
C HIS A 154 23.15 -15.56 31.00
N ALA A 155 22.55 -16.59 30.42
CA ALA A 155 23.36 -17.53 29.66
C ALA A 155 24.07 -16.92 28.46
N THR A 156 23.50 -15.93 27.82
CA THR A 156 24.11 -15.36 26.59
C THR A 156 25.09 -14.27 26.90
N ALA A 157 24.83 -13.58 27.98
CA ALA A 157 25.74 -12.45 28.34
C ALA A 157 26.92 -12.97 29.16
N PHE A 158 26.59 -14.13 29.70
CA PHE A 158 27.53 -14.93 30.46
C PHE A 158 27.89 -16.25 29.79
N GLN A 159 27.84 -16.30 28.46
CA GLN A 159 28.14 -17.53 27.76
C GLN A 159 29.59 -17.92 28.00
N GLY A 160 29.74 -19.17 28.43
CA GLY A 160 31.06 -19.65 28.78
C GLY A 160 31.44 -19.19 30.18
N THR A 161 30.49 -19.17 31.11
CA THR A 161 30.87 -18.88 32.47
C THR A 161 29.92 -19.59 33.45
N PRO A 162 30.49 -19.90 34.60
CA PRO A 162 29.82 -20.55 35.70
C PRO A 162 28.59 -19.73 36.08
N LEU A 163 28.61 -18.44 35.84
CA LEU A 163 27.56 -17.51 36.22
C LEU A 163 26.32 -17.61 35.37
N ALA A 164 26.50 -18.16 34.20
CA ALA A 164 25.38 -18.30 33.28
C ALA A 164 24.59 -19.56 33.51
N GLN A 165 24.67 -20.16 34.69
CA GLN A 165 23.90 -21.41 34.83
C GLN A 165 22.64 -21.13 35.65
N SER A 166 21.62 -21.94 35.39
CA SER A 166 20.39 -21.72 36.13
C SER A 166 20.55 -22.07 37.60
N VAL A 167 20.05 -21.19 38.46
CA VAL A 167 20.09 -21.48 39.90
C VAL A 167 19.30 -22.78 40.08
N GLU A 168 18.20 -22.92 39.31
CA GLU A 168 17.40 -24.15 39.37
C GLU A 168 18.23 -25.35 38.94
N GLY A 169 19.21 -25.00 38.11
CA GLY A 169 20.13 -25.99 37.60
C GLY A 169 19.58 -26.81 36.44
N PRO A 170 20.47 -27.37 35.63
CA PRO A 170 20.24 -28.38 34.64
C PRO A 170 19.34 -29.53 35.02
N SER A 171 18.56 -29.95 34.02
CA SER A 171 17.47 -30.88 34.33
C SER A 171 18.03 -32.12 35.01
N GLU A 172 18.82 -32.82 34.23
CA GLU A 172 19.45 -34.04 34.63
C GLU A 172 20.49 -33.97 35.72
N ASN A 173 20.94 -32.79 36.14
CA ASN A 173 21.88 -32.84 37.28
C ASN A 173 21.12 -33.15 38.56
N VAL A 174 19.80 -33.03 38.50
CA VAL A 174 18.86 -33.28 39.57
C VAL A 174 18.66 -34.78 39.78
N ARG A 175 18.74 -35.47 38.66
CA ARG A 175 18.57 -36.91 38.59
C ARG A 175 19.83 -37.60 39.11
N LYS A 176 20.93 -37.25 38.47
CA LYS A 176 22.25 -37.75 38.76
C LYS A 176 22.76 -37.39 40.16
N LEU A 177 22.58 -36.15 40.56
CA LEU A 177 23.17 -35.60 41.75
C LEU A 177 23.42 -36.59 42.87
N SER A 178 24.70 -36.80 43.16
CA SER A 178 25.12 -37.69 44.24
C SER A 178 24.85 -37.12 45.63
N ARG A 179 24.29 -37.95 46.52
CA ARG A 179 24.00 -37.58 47.89
C ARG A 179 25.18 -37.01 48.64
N ALA A 180 26.38 -37.37 48.21
CA ALA A 180 27.63 -37.00 48.86
C ALA A 180 27.99 -35.55 48.52
N ASP A 181 27.48 -35.15 47.36
CA ASP A 181 27.72 -33.86 46.76
C ASP A 181 27.03 -32.71 47.47
N LEU A 182 25.86 -32.96 48.06
CA LEU A 182 25.25 -31.86 48.81
C LEU A 182 26.13 -31.51 50.02
N THR A 183 26.70 -32.55 50.62
CA THR A 183 27.57 -32.36 51.77
C THR A 183 28.75 -31.45 51.47
N GLU A 184 29.59 -31.91 50.54
CA GLU A 184 30.73 -31.10 50.09
C GLU A 184 30.25 -29.68 49.80
N TYR A 185 29.17 -29.57 49.00
CA TYR A 185 28.65 -28.23 48.76
C TYR A 185 28.52 -27.46 50.07
N LEU A 186 27.62 -27.95 50.92
CA LEU A 186 27.37 -27.24 52.18
C LEU A 186 28.67 -26.96 52.92
N SER A 187 29.38 -28.05 53.21
CA SER A 187 30.62 -28.01 53.95
C SER A 187 31.56 -26.91 53.45
N ARG A 188 31.74 -26.89 52.13
CA ARG A 188 32.66 -25.96 51.52
C ARG A 188 32.08 -24.55 51.45
N HIS A 189 30.77 -24.38 51.34
CA HIS A 189 30.37 -22.98 51.15
C HIS A 189 29.63 -22.39 52.33
N TYR A 190 29.11 -23.21 53.25
CA TYR A 190 28.36 -22.63 54.35
C TYR A 190 29.19 -22.05 55.48
N LYS A 191 30.49 -22.30 55.52
CA LYS A 191 31.46 -21.80 56.45
C LYS A 191 31.58 -20.28 56.45
N ALA A 192 31.13 -19.61 57.50
CA ALA A 192 31.40 -18.15 57.57
C ALA A 192 32.91 -17.99 57.49
N PRO A 193 33.49 -16.83 57.31
CA PRO A 193 32.96 -15.51 57.20
C PRO A 193 31.90 -15.23 56.16
N ARG A 194 31.61 -16.13 55.25
CA ARG A 194 30.56 -15.96 54.26
C ARG A 194 29.26 -15.48 54.88
N MET A 195 28.70 -16.33 55.73
CA MET A 195 27.47 -16.15 56.46
C MET A 195 27.34 -14.82 57.20
N VAL A 196 26.12 -14.34 57.38
CA VAL A 196 25.81 -13.18 58.22
C VAL A 196 24.51 -13.60 58.95
N LEU A 197 24.44 -13.32 60.22
CA LEU A 197 23.25 -13.43 61.04
C LEU A 197 22.77 -11.99 61.27
N ALA A 198 21.65 -11.66 60.63
CA ALA A 198 21.15 -10.29 60.69
C ALA A 198 19.83 -10.29 61.45
N ALA A 199 19.32 -9.07 61.63
CA ALA A 199 17.96 -8.97 62.09
C ALA A 199 17.47 -7.58 62.39
N ALA A 200 16.13 -7.47 62.33
CA ALA A 200 15.67 -6.09 62.60
C ALA A 200 14.53 -6.13 63.58
N GLY A 201 14.22 -4.98 64.17
CA GLY A 201 13.05 -4.85 65.00
C GLY A 201 13.31 -4.48 66.43
N GLY A 202 12.66 -5.25 67.31
CA GLY A 202 12.58 -4.95 68.71
C GLY A 202 13.68 -5.53 69.57
N LEU A 203 14.68 -6.19 68.98
CA LEU A 203 15.74 -6.79 69.76
C LEU A 203 16.89 -5.84 70.06
N GLU A 204 17.66 -6.30 71.03
CA GLU A 204 18.88 -5.63 71.49
C GLU A 204 20.07 -6.29 70.84
N HIS A 205 20.88 -5.50 70.13
CA HIS A 205 22.01 -6.07 69.40
C HIS A 205 22.81 -7.01 70.30
N ARG A 206 23.14 -6.46 71.44
CA ARG A 206 23.87 -7.08 72.51
C ARG A 206 23.55 -8.57 72.66
N GLN A 207 22.25 -8.81 72.70
CA GLN A 207 21.70 -10.14 72.93
C GLN A 207 21.78 -10.97 71.65
N LEU A 208 21.63 -10.30 70.51
CA LEU A 208 21.71 -11.10 69.26
C LEU A 208 23.11 -11.71 69.27
N LEU A 209 24.13 -10.85 69.39
CA LEU A 209 25.53 -11.20 69.36
C LEU A 209 25.82 -12.43 70.20
N ASP A 210 25.39 -12.27 71.45
CA ASP A 210 25.52 -13.33 72.43
C ASP A 210 24.72 -14.53 71.96
N LEU A 211 23.44 -14.38 71.61
CA LEU A 211 22.59 -15.50 71.26
C LEU A 211 23.15 -16.41 70.18
N ALA A 212 24.02 -15.87 69.34
CA ALA A 212 24.58 -16.64 68.25
C ALA A 212 25.23 -17.93 68.72
N GLN A 213 24.66 -19.08 68.35
CA GLN A 213 25.29 -20.34 68.72
C GLN A 213 26.64 -20.45 68.00
N LYS A 214 27.70 -20.29 68.77
CA LYS A 214 29.08 -20.41 68.31
C LYS A 214 29.46 -21.90 68.19
N HIS A 215 29.03 -22.57 67.13
CA HIS A 215 29.21 -24.01 67.01
C HIS A 215 30.18 -24.48 65.96
N PHE A 216 30.23 -23.83 64.80
CA PHE A 216 31.19 -24.22 63.78
C PHE A 216 31.61 -22.96 63.04
N SER A 217 32.87 -22.98 62.62
CA SER A 217 33.52 -21.80 62.09
C SER A 217 34.12 -22.01 60.71
N GLY A 218 34.79 -20.96 60.24
CA GLY A 218 35.47 -20.97 58.96
C GLY A 218 36.74 -21.80 58.96
N LEU A 219 36.69 -23.00 58.40
CA LEU A 219 37.83 -23.91 58.34
C LEU A 219 38.79 -23.52 57.22
N SER A 220 39.14 -22.24 57.13
CA SER A 220 39.96 -21.77 56.02
C SER A 220 41.26 -21.10 56.44
N GLY A 221 42.08 -20.73 55.46
CA GLY A 221 43.38 -20.17 55.60
C GLY A 221 43.48 -18.85 56.33
N THR A 222 44.68 -18.59 56.84
CA THR A 222 45.01 -17.42 57.62
C THR A 222 45.79 -16.41 56.79
N TYR A 223 46.10 -16.81 55.55
CA TYR A 223 47.01 -16.07 54.68
C TYR A 223 46.46 -15.85 53.27
N ASP A 224 47.32 -15.40 52.37
CA ASP A 224 46.97 -15.09 50.99
C ASP A 224 46.69 -16.34 50.17
N GLU A 225 47.28 -17.48 50.51
CA GLU A 225 47.02 -18.69 49.74
C GLU A 225 45.55 -18.88 49.42
N ASP A 226 44.66 -18.44 50.29
CA ASP A 226 43.23 -18.34 50.03
C ASP A 226 42.91 -17.28 48.99
N ALA A 227 43.60 -16.14 49.02
CA ALA A 227 43.39 -15.04 48.12
C ALA A 227 43.08 -15.38 46.68
N VAL A 228 43.39 -16.54 46.14
CA VAL A 228 42.97 -16.90 44.78
C VAL A 228 41.45 -16.72 44.73
N PRO A 229 41.00 -15.68 44.05
CA PRO A 229 39.62 -15.26 43.96
C PRO A 229 38.64 -16.38 43.65
N THR A 230 37.75 -16.71 44.59
CA THR A 230 36.67 -17.65 44.20
C THR A 230 35.70 -16.87 43.31
N LEU A 231 35.75 -15.57 43.55
CA LEU A 231 35.03 -14.53 42.85
C LEU A 231 35.94 -14.00 41.72
N SER A 232 36.12 -14.86 40.75
CA SER A 232 36.94 -14.58 39.57
C SER A 232 36.01 -13.91 38.54
N PRO A 233 36.43 -12.84 37.93
CA PRO A 233 35.64 -12.13 36.95
C PRO A 233 34.96 -13.13 36.01
N CYS A 234 33.80 -12.74 35.48
CA CYS A 234 33.11 -13.56 34.49
C CYS A 234 33.00 -12.80 33.17
N ARG A 235 33.65 -13.36 32.17
CA ARG A 235 33.77 -12.80 30.85
C ARG A 235 32.43 -12.23 30.35
N PHE A 236 32.47 -11.00 29.91
CA PHE A 236 31.37 -10.21 29.39
C PHE A 236 31.16 -10.51 27.92
N THR A 237 29.98 -10.97 27.51
CA THR A 237 29.83 -11.24 26.08
C THR A 237 28.55 -10.69 25.50
N GLY A 238 28.64 -9.86 24.46
CA GLY A 238 27.44 -9.34 23.81
C GLY A 238 27.02 -10.33 22.71
N SER A 239 26.01 -11.15 22.98
CA SER A 239 25.47 -12.01 21.95
C SER A 239 23.96 -11.82 21.92
N GLN A 240 23.27 -12.77 21.31
CA GLN A 240 21.83 -12.90 21.42
C GLN A 240 21.39 -14.35 21.29
N ILE A 241 20.20 -14.63 21.84
CA ILE A 241 19.76 -16.01 21.99
C ILE A 241 18.28 -16.01 21.75
N CYS A 242 17.90 -16.15 20.48
CA CYS A 242 16.54 -16.12 20.05
C CYS A 242 15.86 -17.44 19.69
N HIS A 243 14.71 -17.57 20.39
CA HIS A 243 14.10 -18.83 20.73
C HIS A 243 12.63 -18.59 20.36
N ARG A 244 12.35 -18.81 19.12
CA ARG A 244 11.06 -18.47 18.50
C ARG A 244 10.06 -19.63 18.64
N GLU A 245 8.92 -19.25 19.17
CA GLU A 245 7.80 -20.14 19.36
C GLU A 245 6.46 -19.46 19.06
N ASP A 246 6.18 -19.27 17.80
CA ASP A 246 4.97 -18.66 17.29
C ASP A 246 3.71 -19.21 17.92
N GLY A 247 3.76 -20.30 18.66
CA GLY A 247 2.66 -20.81 19.44
C GLY A 247 2.24 -19.92 20.61
N LEU A 248 3.11 -19.24 21.33
CA LEU A 248 2.82 -18.31 22.37
C LEU A 248 2.23 -16.99 21.87
N PRO A 249 1.27 -16.52 22.64
CA PRO A 249 0.55 -15.30 22.43
C PRO A 249 1.33 -13.99 22.50
N LEU A 250 2.41 -13.81 23.27
CA LEU A 250 2.98 -12.50 23.43
C LEU A 250 4.49 -12.77 23.40
N ALA A 251 5.24 -11.69 23.37
CA ALA A 251 6.66 -11.78 23.12
C ALA A 251 7.42 -11.11 24.23
N HIS A 252 8.39 -12.02 24.64
CA HIS A 252 9.29 -11.51 25.72
C HIS A 252 10.68 -11.06 25.23
N VAL A 253 11.10 -9.82 25.51
CA VAL A 253 12.44 -9.39 25.09
C VAL A 253 13.21 -8.85 26.34
N ALA A 254 14.45 -9.34 26.56
CA ALA A 254 15.24 -8.74 27.63
C ALA A 254 16.56 -8.26 27.05
N ILE A 255 16.72 -6.96 27.04
CA ILE A 255 17.91 -6.42 26.35
C ILE A 255 18.76 -5.82 27.45
N ALA A 256 20.05 -6.09 27.40
CA ALA A 256 21.07 -5.62 28.31
C ALA A 256 22.42 -5.08 27.86
N VAL A 257 23.02 -4.18 28.65
CA VAL A 257 24.43 -3.74 28.55
C VAL A 257 25.09 -4.05 29.85
N GLU A 258 26.25 -4.65 29.78
CA GLU A 258 26.94 -5.01 31.04
C GLU A 258 27.24 -3.86 31.95
N GLY A 259 27.15 -4.09 33.26
CA GLY A 259 27.32 -3.08 34.27
C GLY A 259 28.19 -3.32 35.48
N PRO A 260 28.45 -2.26 36.23
CA PRO A 260 29.27 -2.19 37.42
C PRO A 260 29.08 -3.30 38.41
N GLY A 261 30.06 -3.51 39.30
CA GLY A 261 29.76 -4.51 40.35
C GLY A 261 28.77 -3.84 41.30
N TRP A 262 28.68 -4.45 42.47
CA TRP A 262 27.79 -3.91 43.49
C TRP A 262 28.17 -2.50 43.88
N ALA A 263 29.48 -2.24 43.99
CA ALA A 263 29.85 -0.99 44.66
C ALA A 263 30.47 -0.06 43.63
N HIS A 264 29.84 1.09 43.42
CA HIS A 264 30.40 2.03 42.45
C HIS A 264 29.55 3.28 42.42
N PRO A 265 30.18 4.44 42.46
CA PRO A 265 29.57 5.74 42.27
C PRO A 265 28.71 5.86 41.02
N ASP A 266 28.93 5.03 40.02
CA ASP A 266 28.16 5.07 38.77
C ASP A 266 26.83 4.34 38.92
N ASN A 267 26.81 3.45 39.89
CA ASN A 267 25.77 2.53 40.23
C ASN A 267 24.52 3.07 40.89
N VAL A 268 24.54 4.31 41.34
CA VAL A 268 23.35 4.95 41.93
C VAL A 268 22.83 5.89 40.83
N ALA A 269 23.82 6.40 40.10
CA ALA A 269 23.50 7.36 39.04
C ALA A 269 22.70 6.59 38.00
N LEU A 270 23.07 5.33 37.85
CA LEU A 270 22.35 4.52 36.84
C LEU A 270 20.89 4.41 37.24
N GLN A 271 20.68 4.12 38.49
CA GLN A 271 19.33 3.93 39.03
C GLN A 271 18.50 5.18 38.81
N VAL A 272 19.02 6.33 39.24
CA VAL A 272 18.41 7.58 38.82
C VAL A 272 18.05 7.59 37.33
N ALA A 273 18.93 7.15 36.44
CA ALA A 273 18.62 7.01 35.04
C ALA A 273 17.41 6.10 34.85
N ASN A 274 17.41 4.84 35.38
CA ASN A 274 16.21 4.08 35.08
C ASN A 274 14.95 4.57 35.79
N ALA A 275 15.18 5.48 36.73
CA ALA A 275 13.99 6.12 37.32
C ALA A 275 13.22 6.76 36.15
N ILE A 276 13.98 7.54 35.37
CA ILE A 276 13.44 8.31 34.25
C ILE A 276 12.71 7.36 33.32
N ILE A 277 13.31 6.35 32.73
CA ILE A 277 12.59 5.52 31.76
C ILE A 277 11.41 4.83 32.45
N GLY A 278 11.69 4.33 33.65
CA GLY A 278 10.65 3.77 34.49
C GLY A 278 10.22 2.36 34.16
N HIS A 279 8.92 2.07 34.29
CA HIS A 279 8.41 0.70 34.13
C HIS A 279 6.93 0.86 33.86
N TYR A 280 6.28 -0.07 33.18
CA TYR A 280 4.90 0.16 32.72
C TYR A 280 4.04 -1.07 32.55
N ASP A 281 2.73 -1.00 32.73
CA ASP A 281 1.93 -2.24 32.66
C ASP A 281 0.61 -1.84 32.01
N CYS A 282 -0.18 -2.77 31.56
CA CYS A 282 -1.50 -2.68 31.00
C CYS A 282 -2.44 -1.92 31.92
N THR A 283 -2.33 -2.09 33.21
CA THR A 283 -3.04 -1.43 34.26
C THR A 283 -2.53 -0.17 34.89
N TYR A 284 -1.54 0.55 34.37
CA TYR A 284 -1.09 1.80 35.03
C TYR A 284 -2.14 2.90 34.87
N GLY A 285 -2.59 3.50 35.97
CA GLY A 285 -3.63 4.52 35.91
C GLY A 285 -3.34 5.75 35.09
N GLY A 286 -2.08 6.02 34.81
CA GLY A 286 -1.71 7.27 34.19
C GLY A 286 -1.56 7.11 32.70
N GLY A 287 -1.44 5.88 32.20
CA GLY A 287 -1.19 5.81 30.76
C GLY A 287 -0.63 7.11 30.21
N ALA A 288 -1.23 7.54 29.10
CA ALA A 288 -0.80 8.62 28.25
C ALA A 288 -0.22 9.84 28.92
N HIS A 289 -0.56 10.12 30.15
CA HIS A 289 0.06 11.17 30.92
C HIS A 289 1.35 10.86 31.66
N LEU A 290 1.66 9.60 31.88
CA LEU A 290 2.97 9.23 32.43
C LEU A 290 4.06 10.13 31.88
N SER A 291 5.05 10.45 32.70
CA SER A 291 6.10 11.37 32.20
C SER A 291 7.25 10.68 31.52
N SER A 292 7.27 9.35 31.51
CA SER A 292 8.31 8.59 30.87
C SER A 292 7.91 8.21 29.44
N PRO A 293 8.68 8.67 28.48
CA PRO A 293 8.34 8.57 27.06
C PRO A 293 7.97 7.17 26.64
N LEU A 294 8.80 6.20 27.05
CA LEU A 294 8.49 4.83 26.64
C LEU A 294 7.10 4.49 27.14
N ALA A 295 6.66 4.91 28.28
CA ALA A 295 5.48 4.73 29.00
C ALA A 295 4.34 5.47 28.30
N SER A 296 4.62 6.66 27.86
CA SER A 296 3.61 7.49 27.18
C SER A 296 3.35 6.86 25.80
N ILE A 297 4.37 6.84 24.97
CA ILE A 297 4.26 6.13 23.71
C ILE A 297 3.51 4.82 23.86
N ALA A 298 4.00 3.91 24.71
CA ALA A 298 3.40 2.61 24.94
C ALA A 298 1.93 2.74 25.31
N ALA A 299 1.69 3.57 26.32
CA ALA A 299 0.34 3.86 26.72
C ALA A 299 -0.50 4.33 25.55
N THR A 300 0.02 5.34 24.86
CA THR A 300 -0.74 5.98 23.80
C THR A 300 -0.96 5.06 22.63
N ASN A 301 0.09 4.42 22.16
CA ASN A 301 -0.01 3.70 20.90
C ASN A 301 -0.23 2.22 21.06
N LYS A 302 -0.70 1.74 22.19
CA LYS A 302 -0.82 0.30 22.44
C LYS A 302 0.38 -0.52 22.02
N LEU A 303 1.57 0.04 22.30
CA LEU A 303 2.85 -0.49 21.86
C LEU A 303 3.23 -1.72 22.69
N CYS A 304 3.02 -1.71 24.00
CA CYS A 304 3.37 -2.88 24.80
C CYS A 304 2.37 -3.17 25.90
N GLN A 305 2.56 -4.33 26.52
CA GLN A 305 1.74 -4.86 27.60
C GLN A 305 2.36 -4.54 28.95
N SER A 306 3.67 -4.53 29.01
CA SER A 306 4.35 -4.32 30.29
C SER A 306 5.82 -4.37 29.98
N PHE A 307 6.54 -3.39 30.62
CA PHE A 307 7.97 -3.17 30.39
C PHE A 307 8.60 -2.60 31.67
N GLN A 308 9.83 -3.04 31.91
CA GLN A 308 10.55 -2.68 33.13
C GLN A 308 12.05 -2.65 33.00
N THR A 309 12.63 -1.53 33.39
CA THR A 309 14.07 -1.40 33.30
C THR A 309 14.66 -2.05 34.54
N PHE A 310 15.85 -2.63 34.42
CA PHE A 310 16.47 -3.28 35.57
C PHE A 310 17.96 -2.99 35.62
N ASN A 311 18.49 -3.13 36.82
CA ASN A 311 19.90 -3.11 37.10
C ASN A 311 20.29 -4.32 37.94
N ILE A 312 20.84 -5.30 37.23
CA ILE A 312 21.19 -6.51 38.01
C ILE A 312 22.65 -6.33 38.44
N CYS A 313 22.93 -6.41 39.73
CA CYS A 313 24.26 -6.11 40.22
C CYS A 313 24.90 -7.32 40.90
N TYR A 314 26.04 -7.74 40.38
CA TYR A 314 26.88 -8.85 40.79
C TYR A 314 28.30 -8.30 41.05
N ALA A 315 29.09 -9.05 41.80
CA ALA A 315 30.42 -8.60 42.19
C ALA A 315 31.22 -8.09 41.01
N ASP A 316 31.35 -8.99 40.06
CA ASP A 316 32.22 -8.71 38.93
C ASP A 316 31.42 -8.60 37.64
N THR A 317 30.10 -8.67 37.78
CA THR A 317 29.26 -8.49 36.61
C THR A 317 27.98 -7.73 36.93
N GLY A 318 27.35 -7.22 35.89
CA GLY A 318 26.12 -6.47 36.05
C GLY A 318 25.26 -6.61 34.80
N LEU A 319 23.96 -6.78 35.02
CA LEU A 319 23.08 -6.75 33.87
C LEU A 319 22.20 -5.50 33.87
N LEU A 320 22.44 -4.64 32.89
CA LEU A 320 21.59 -3.49 32.73
C LEU A 320 20.77 -3.53 31.42
N GLY A 321 19.61 -2.92 31.54
CA GLY A 321 18.66 -2.90 30.46
C GLY A 321 17.23 -2.90 30.96
N ALA A 322 16.36 -3.08 30.01
CA ALA A 322 14.91 -3.13 30.29
C ALA A 322 14.34 -4.38 29.62
N HIS A 323 13.05 -4.60 29.67
CA HIS A 323 12.44 -5.88 29.24
C HIS A 323 10.96 -5.53 29.08
N PHE A 324 10.41 -5.95 27.97
CA PHE A 324 9.15 -5.56 27.49
C PHE A 324 8.49 -6.78 26.87
N VAL A 325 7.23 -7.01 27.26
CA VAL A 325 6.45 -8.04 26.56
C VAL A 325 5.45 -7.37 25.60
N CYS A 326 5.61 -7.58 24.30
CA CYS A 326 4.81 -6.96 23.26
C CYS A 326 4.24 -7.87 22.20
N ASP A 327 2.98 -7.72 21.72
CA ASP A 327 2.50 -8.40 20.53
C ASP A 327 3.55 -8.61 19.45
N HIS A 328 3.28 -9.53 18.51
CA HIS A 328 4.32 -10.01 17.64
C HIS A 328 4.72 -8.99 16.62
N MET A 329 3.84 -8.04 16.38
CA MET A 329 3.90 -7.00 15.39
C MET A 329 4.36 -5.69 16.01
N SER A 330 4.62 -5.72 17.31
CA SER A 330 5.17 -4.57 17.96
C SER A 330 6.55 -4.68 18.53
N ILE A 331 7.20 -5.84 18.38
CA ILE A 331 8.56 -5.94 18.87
C ILE A 331 9.50 -4.82 18.49
N ASP A 332 9.56 -4.42 17.24
CA ASP A 332 10.51 -3.45 16.70
C ASP A 332 10.28 -2.02 17.14
N ASP A 333 9.01 -1.65 17.21
CA ASP A 333 8.67 -0.29 17.64
C ASP A 333 9.08 -0.08 19.09
N MET A 334 8.78 -1.07 19.91
CA MET A 334 9.20 -1.07 21.32
C MET A 334 10.73 -1.02 21.42
N MET A 335 11.41 -1.68 20.49
CA MET A 335 12.88 -1.73 20.61
C MET A 335 13.50 -0.37 20.27
N PHE A 336 12.73 0.32 19.43
CA PHE A 336 13.14 1.61 18.89
C PHE A 336 13.02 2.71 19.91
N VAL A 337 11.89 2.63 20.62
CA VAL A 337 11.61 3.69 21.58
C VAL A 337 12.61 3.56 22.73
N LEU A 338 12.78 2.33 23.20
CA LEU A 338 13.65 2.12 24.36
C LEU A 338 15.09 2.55 24.11
N GLN A 339 15.70 1.89 23.12
CA GLN A 339 17.08 2.27 22.80
C GLN A 339 17.20 3.77 22.66
N GLY A 340 16.12 4.31 22.08
CA GLY A 340 16.02 5.72 21.78
C GLY A 340 16.20 6.51 23.07
N GLN A 341 15.57 5.91 24.08
CA GLN A 341 15.50 6.56 25.37
C GLN A 341 16.91 6.61 25.95
N TRP A 342 17.53 5.44 25.99
CA TRP A 342 18.96 5.32 26.28
C TRP A 342 19.76 6.43 25.62
N MET A 343 20.08 6.29 24.32
CA MET A 343 20.68 7.46 23.66
C MET A 343 20.28 8.82 24.15
N ARG A 344 18.97 9.09 24.10
CA ARG A 344 18.68 10.48 24.43
C ARG A 344 19.38 10.78 25.77
N LEU A 345 19.20 9.80 26.66
CA LEU A 345 19.68 9.92 28.01
C LEU A 345 21.11 10.41 28.07
N CYS A 346 22.05 9.78 27.35
CA CYS A 346 23.44 10.16 27.54
C CYS A 346 23.88 11.33 26.69
N THR A 347 22.98 12.06 26.06
CA THR A 347 23.44 13.17 25.21
C THR A 347 22.64 14.42 25.58
N SER A 348 21.38 14.21 25.98
CA SER A 348 20.33 15.20 26.06
C SER A 348 19.60 15.24 27.40
N ALA A 349 20.19 14.67 28.44
CA ALA A 349 19.47 14.73 29.73
C ALA A 349 19.34 16.17 30.18
N THR A 350 18.20 16.48 30.78
CA THR A 350 17.89 17.85 31.18
C THR A 350 17.86 17.86 32.69
N GLU A 351 18.20 18.94 33.38
CA GLU A 351 18.20 18.80 34.85
C GLU A 351 16.81 18.43 35.33
N SER A 352 15.76 19.09 34.83
CA SER A 352 14.42 18.72 35.25
C SER A 352 14.33 17.20 35.38
N GLU A 353 14.24 16.56 34.22
CA GLU A 353 14.11 15.12 34.10
C GLU A 353 14.90 14.31 35.12
N VAL A 354 16.21 14.56 35.27
CA VAL A 354 17.04 13.85 36.22
C VAL A 354 16.55 14.12 37.64
N LEU A 355 16.18 15.39 37.89
CA LEU A 355 15.75 15.69 39.25
C LEU A 355 14.51 14.89 39.64
N ARG A 356 13.59 14.66 38.71
CA ARG A 356 12.39 13.87 39.02
C ARG A 356 12.73 12.42 39.29
N GLY A 357 13.65 11.91 38.47
CA GLY A 357 14.00 10.48 38.65
C GLY A 357 14.69 10.38 40.01
N LYS A 358 15.50 11.39 40.30
CA LYS A 358 16.23 11.42 41.58
C LYS A 358 15.33 11.03 42.74
N ASN A 359 14.39 11.92 42.99
CA ASN A 359 13.34 11.85 43.96
C ASN A 359 12.63 10.51 43.87
N LEU A 360 12.49 9.96 42.67
CA LEU A 360 11.70 8.71 42.59
C LEU A 360 12.51 7.66 43.36
N LEU A 361 13.81 7.70 43.07
CA LEU A 361 14.75 6.79 43.65
C LEU A 361 14.65 6.82 45.16
N ARG A 362 14.76 7.99 45.75
CA ARG A 362 14.64 8.12 47.20
C ARG A 362 13.46 7.27 47.69
N ASN A 363 12.29 7.61 47.20
CA ASN A 363 11.08 6.94 47.64
C ASN A 363 11.15 5.44 47.51
N ALA A 364 11.57 5.01 46.32
CA ALA A 364 11.68 3.59 46.03
C ALA A 364 12.48 2.90 47.14
N LEU A 365 13.56 3.59 47.48
CA LEU A 365 14.57 3.20 48.41
C LEU A 365 14.16 3.40 49.86
N VAL A 366 13.11 4.19 50.10
CA VAL A 366 12.71 4.37 51.49
C VAL A 366 11.57 3.39 51.76
N SER A 367 10.56 3.47 50.89
CA SER A 367 9.40 2.61 50.99
C SER A 367 9.76 1.14 50.96
N HIS A 368 10.73 0.66 50.20
CA HIS A 368 11.08 -0.75 50.35
C HIS A 368 11.33 -1.12 51.81
N LEU A 369 12.03 -0.24 52.55
CA LEU A 369 12.47 -0.52 53.90
C LEU A 369 11.40 -0.49 54.96
N ASP A 370 10.13 -0.43 54.56
CA ASP A 370 8.98 -0.45 55.44
C ASP A 370 8.64 -1.89 55.84
N GLY A 371 8.67 -2.20 57.13
CA GLY A 371 8.39 -3.57 57.58
C GLY A 371 9.69 -4.20 58.11
N THR A 372 9.54 -5.27 58.87
CA THR A 372 10.67 -5.97 59.46
C THR A 372 11.44 -6.84 58.49
N THR A 373 10.74 -7.74 57.79
CA THR A 373 11.43 -8.52 56.73
C THR A 373 12.33 -7.72 55.82
N PRO A 374 11.81 -6.65 55.23
CA PRO A 374 12.57 -5.81 54.33
C PRO A 374 13.90 -5.28 54.85
N VAL A 375 13.91 -4.76 56.07
CA VAL A 375 15.05 -4.21 56.77
C VAL A 375 16.09 -5.32 57.03
N CYS A 376 15.55 -6.49 57.39
CA CYS A 376 16.44 -7.63 57.66
C CYS A 376 17.22 -8.05 56.43
N GLU A 377 16.57 -8.22 55.29
CA GLU A 377 17.23 -8.52 54.04
C GLU A 377 18.24 -7.46 53.65
N ASP A 378 17.91 -6.17 53.74
CA ASP A 378 18.84 -5.10 53.37
C ASP A 378 20.10 -5.27 54.21
N ILE A 379 19.91 -5.44 55.51
CA ILE A 379 21.02 -5.58 56.44
C ILE A 379 21.84 -6.83 56.16
N GLY A 380 21.19 -7.98 55.96
CA GLY A 380 21.95 -9.18 55.64
C GLY A 380 22.72 -9.02 54.34
N ARG A 381 21.99 -8.87 53.24
CA ARG A 381 22.55 -8.81 51.89
C ARG A 381 23.52 -7.65 51.71
N SER A 382 23.17 -6.52 52.35
CA SER A 382 24.08 -5.39 52.29
C SER A 382 25.50 -5.78 52.68
N LEU A 383 25.66 -6.62 53.69
CA LEU A 383 26.93 -7.02 54.25
C LEU A 383 27.76 -7.89 53.35
N LEU A 384 27.13 -8.76 52.58
CA LEU A 384 27.98 -9.53 51.63
C LEU A 384 28.19 -8.73 50.37
N THR A 385 27.17 -7.96 50.00
CA THR A 385 27.30 -7.12 48.82
C THR A 385 28.35 -6.02 49.05
N TYR A 386 27.86 -4.93 49.64
CA TYR A 386 28.62 -3.72 49.82
C TYR A 386 29.56 -3.83 51.02
N GLY A 387 29.70 -5.03 51.57
CA GLY A 387 30.52 -5.14 52.79
C GLY A 387 29.65 -4.67 53.96
N ARG A 388 30.29 -4.27 55.04
CA ARG A 388 29.59 -4.07 56.30
C ARG A 388 29.06 -2.67 56.51
N ARG A 389 28.75 -1.99 55.42
CA ARG A 389 28.21 -0.64 55.58
C ARG A 389 26.70 -0.74 55.40
N ILE A 390 25.97 0.25 55.87
CA ILE A 390 24.56 0.44 55.61
C ILE A 390 24.37 1.88 55.14
N PRO A 391 24.68 2.05 53.87
CA PRO A 391 24.63 3.32 53.19
C PRO A 391 23.31 4.05 53.20
N LEU A 392 22.29 3.73 53.99
CA LEU A 392 20.99 4.30 54.02
C LEU A 392 20.87 5.81 54.09
N ALA A 393 21.59 6.39 55.05
CA ALA A 393 21.48 7.86 55.14
C ALA A 393 22.39 8.52 54.11
N GLU A 394 23.48 7.84 53.78
CA GLU A 394 24.42 8.28 52.77
C GLU A 394 23.62 8.52 51.48
N TRP A 395 22.91 7.47 51.10
CA TRP A 395 22.12 7.49 49.88
C TRP A 395 21.71 8.91 49.54
N GLU A 396 20.72 9.36 50.32
CA GLU A 396 20.23 10.72 50.05
C GLU A 396 21.36 11.64 49.66
N SER A 397 22.48 11.61 50.37
CA SER A 397 23.64 12.41 50.00
C SER A 397 24.09 12.05 48.60
N ARG A 398 24.48 10.79 48.42
CA ARG A 398 24.93 10.31 47.12
C ARG A 398 23.93 10.64 46.01
N ILE A 399 22.67 10.28 46.30
CA ILE A 399 21.60 10.59 45.37
C ILE A 399 21.59 12.10 45.10
N ALA A 400 22.00 12.88 46.09
CA ALA A 400 21.94 14.32 46.03
C ALA A 400 22.98 14.92 45.10
N GLU A 401 24.10 14.23 45.01
CA GLU A 401 25.18 14.71 44.16
C GLU A 401 24.80 14.59 42.68
N VAL A 402 23.68 13.91 42.46
CA VAL A 402 23.17 13.72 41.12
C VAL A 402 22.97 15.03 40.39
N ASP A 403 23.48 15.01 39.17
CA ASP A 403 23.34 16.21 38.34
C ASP A 403 22.89 15.74 36.97
N ALA A 404 22.33 16.67 36.19
CA ALA A 404 21.99 16.15 34.87
C ALA A 404 23.27 15.82 34.14
N ARG A 405 24.41 16.49 34.40
CA ARG A 405 25.63 16.09 33.68
C ARG A 405 26.13 14.77 34.23
N VAL A 406 26.00 14.59 35.54
CA VAL A 406 26.50 13.37 36.16
C VAL A 406 25.83 12.18 35.52
N VAL A 407 24.52 12.27 35.43
CA VAL A 407 23.68 11.18 34.93
C VAL A 407 24.00 10.92 33.46
N ARG A 408 24.23 12.00 32.71
CA ARG A 408 24.59 11.84 31.31
C ARG A 408 25.95 11.17 31.17
N GLU A 409 26.99 11.62 31.85
CA GLU A 409 28.29 10.98 31.66
C GLU A 409 28.30 9.52 32.13
N VAL A 410 27.62 9.22 33.22
CA VAL A 410 27.58 7.89 33.80
C VAL A 410 26.83 6.90 32.91
N CYS A 411 25.77 7.34 32.25
CA CYS A 411 25.02 6.47 31.35
C CYS A 411 25.80 6.13 30.08
N SER A 412 26.57 7.07 29.53
CA SER A 412 27.28 6.85 28.29
C SER A 412 28.48 5.92 28.40
N LYS A 413 28.89 5.51 29.60
CA LYS A 413 29.98 4.55 29.79
C LYS A 413 29.46 3.17 29.36
N TYR A 414 28.28 2.89 29.87
CA TYR A 414 27.59 1.63 29.81
C TYR A 414 26.61 1.35 28.69
N PHE A 415 25.99 2.36 28.08
CA PHE A 415 25.07 2.10 26.99
C PHE A 415 25.57 2.52 25.66
N TYR A 416 26.27 3.64 25.47
CA TYR A 416 26.77 4.10 24.19
C TYR A 416 27.87 3.29 23.57
N ASP A 417 27.73 2.87 22.32
CA ASP A 417 28.75 2.21 21.51
C ASP A 417 28.99 0.82 22.08
N GLN A 418 28.09 0.47 23.07
CA GLN A 418 28.39 -0.81 23.74
C GLN A 418 27.56 -1.95 23.18
N CYS A 419 28.11 -3.22 23.25
CA CYS A 419 27.37 -4.20 22.49
C CYS A 419 26.33 -4.93 23.35
N PRO A 420 25.09 -4.88 22.93
CA PRO A 420 23.96 -5.46 23.60
C PRO A 420 23.98 -6.96 23.79
N ALA A 421 23.16 -7.34 24.72
CA ALA A 421 22.86 -8.70 25.18
C ALA A 421 21.36 -8.93 25.12
N VAL A 422 20.93 -9.56 24.04
CA VAL A 422 19.49 -9.52 23.71
C VAL A 422 18.92 -10.90 23.65
N ALA A 423 17.87 -11.14 24.43
CA ALA A 423 17.22 -12.44 24.30
C ALA A 423 15.72 -12.30 24.11
N GLY A 424 15.09 -13.17 23.33
CA GLY A 424 13.64 -13.11 23.19
C GLY A 424 13.06 -14.50 23.29
N PHE A 425 11.73 -14.63 23.17
CA PHE A 425 11.14 -15.98 23.29
C PHE A 425 9.87 -15.91 22.41
N GLY A 426 10.14 -15.61 21.17
CA GLY A 426 9.27 -15.36 20.07
C GLY A 426 7.84 -15.75 20.25
N PRO A 427 6.91 -15.24 19.44
CA PRO A 427 7.09 -14.47 18.26
C PRO A 427 8.17 -13.41 18.29
N ILE A 428 9.35 -13.89 17.86
CA ILE A 428 10.45 -12.95 17.82
C ILE A 428 10.75 -12.66 16.37
N GLU A 429 9.80 -13.03 15.49
CA GLU A 429 10.08 -12.97 14.05
C GLU A 429 10.43 -11.58 13.61
N GLN A 430 9.83 -10.57 14.23
CA GLN A 430 10.13 -9.17 13.94
C GLN A 430 11.24 -8.63 14.79
N LEU A 431 11.71 -9.38 15.78
CA LEU A 431 12.79 -8.82 16.61
C LEU A 431 14.01 -8.42 15.77
N PRO A 432 14.42 -7.18 15.84
CA PRO A 432 15.60 -6.57 15.27
C PRO A 432 16.84 -7.44 15.22
N ASP A 433 17.45 -7.27 14.05
CA ASP A 433 18.67 -8.01 13.73
C ASP A 433 19.80 -7.57 14.63
N TYR A 434 20.66 -8.50 15.08
CA TYR A 434 21.63 -8.07 16.04
C TYR A 434 22.31 -6.76 15.68
N ASN A 435 22.65 -6.58 14.43
CA ASN A 435 23.32 -5.37 13.97
C ASN A 435 22.50 -4.09 14.04
N ARG A 436 21.17 -4.34 13.93
CA ARG A 436 20.27 -3.20 14.06
C ARG A 436 20.29 -2.73 15.53
N ILE A 437 20.01 -3.65 16.44
CA ILE A 437 20.08 -3.34 17.85
C ILE A 437 21.38 -2.61 18.17
N ARG A 438 22.46 -3.06 17.54
CA ARG A 438 23.81 -2.60 17.86
C ARG A 438 23.94 -1.12 17.52
N SER A 439 23.59 -0.79 16.28
CA SER A 439 23.59 0.55 15.74
C SER A 439 22.61 1.50 16.41
N GLY A 440 21.79 0.90 17.25
CA GLY A 440 20.84 1.67 18.02
C GLY A 440 21.58 2.24 19.23
N MET A 441 22.81 1.73 19.45
CA MET A 441 23.44 2.33 20.64
C MET A 441 24.32 3.51 20.32
N PHE A 442 24.21 4.05 19.11
CA PHE A 442 24.97 5.24 18.74
C PHE A 442 24.06 6.16 17.93
N TRP A 443 24.41 7.44 17.82
CA TRP A 443 23.50 8.36 17.19
C TRP A 443 23.91 9.02 15.91
N LEU A 444 23.51 8.34 14.81
CA LEU A 444 23.59 9.03 13.53
C LEU A 444 22.22 9.65 13.25
N ARG A 445 21.19 8.85 13.36
CA ARG A 445 19.84 9.36 13.10
C ARG A 445 18.89 8.34 13.73
N PHE A 446 17.60 8.54 13.64
CA PHE A 446 16.54 7.67 14.09
C PHE A 446 15.85 8.23 15.33
N PRO B 21 6.93 7.59 69.11
CA PRO B 21 6.96 8.43 70.33
C PRO B 21 5.56 8.87 70.74
N GLN B 22 4.90 9.61 69.85
CA GLN B 22 3.53 10.04 70.11
C GLN B 22 2.63 8.95 69.55
N ASP B 23 1.60 8.52 70.28
CA ASP B 23 0.70 7.49 69.74
C ASP B 23 -0.38 8.16 68.89
N LEU B 24 -1.19 7.36 68.21
CA LEU B 24 -2.19 7.96 67.32
C LEU B 24 -3.10 8.93 68.07
N GLU B 25 -3.97 9.60 67.32
CA GLU B 25 -4.85 10.59 67.94
C GLU B 25 -6.17 10.71 67.20
N PHE B 26 -7.20 9.94 67.54
CA PHE B 26 -8.46 10.05 66.80
C PHE B 26 -9.26 11.27 67.23
N THR B 27 -10.24 11.69 66.44
CA THR B 27 -11.06 12.86 66.65
C THR B 27 -12.29 12.82 65.74
N ARG B 28 -13.44 12.54 66.33
CA ARG B 28 -14.68 12.60 65.56
C ARG B 28 -15.19 14.04 65.50
N LEU B 29 -15.52 14.51 64.32
CA LEU B 29 -16.01 15.89 64.21
C LEU B 29 -17.54 15.89 64.38
N PRO B 30 -18.12 17.07 64.27
CA PRO B 30 -19.53 17.31 64.15
C PRO B 30 -20.11 16.58 62.93
N ASN B 31 -19.36 16.50 61.84
CA ASN B 31 -19.80 15.78 60.66
C ASN B 31 -19.89 14.28 60.94
N GLY B 32 -18.94 13.81 61.72
CA GLY B 32 -18.84 12.40 62.03
C GLY B 32 -17.69 11.74 61.28
N LEU B 33 -16.78 12.53 60.72
CA LEU B 33 -15.61 11.90 60.11
C LEU B 33 -14.49 11.87 61.16
N VAL B 34 -13.82 10.76 61.14
CA VAL B 34 -12.73 10.31 62.00
C VAL B 34 -11.37 10.72 61.46
N ILE B 35 -10.37 11.07 62.27
CA ILE B 35 -9.07 11.42 61.71
C ILE B 35 -7.99 11.00 62.72
N ALA B 36 -6.90 10.44 62.26
CA ALA B 36 -5.81 9.97 63.10
C ALA B 36 -4.44 10.43 62.59
N SER B 37 -3.41 10.31 63.40
CA SER B 37 -2.08 10.81 62.99
C SER B 37 -1.01 10.26 63.91
N LEU B 38 0.16 9.96 63.38
CA LEU B 38 1.28 9.44 64.18
C LEU B 38 2.60 10.05 63.76
N GLU B 39 3.05 11.20 64.23
CA GLU B 39 4.35 11.63 63.73
C GLU B 39 5.41 10.55 63.95
N ASN B 40 5.74 9.80 62.91
CA ASN B 40 6.74 8.74 63.06
C ASN B 40 8.13 9.34 62.92
N TYR B 41 9.15 8.51 63.11
CA TYR B 41 10.53 8.93 62.99
C TYR B 41 10.97 9.00 61.53
N ALA B 42 10.79 7.91 60.83
CA ALA B 42 11.28 7.66 59.49
C ALA B 42 10.75 8.62 58.44
N PRO B 43 11.48 8.69 57.33
CA PRO B 43 11.28 9.51 56.18
C PRO B 43 9.99 9.44 55.40
N ALA B 44 9.13 8.43 55.59
CA ALA B 44 8.00 8.28 54.69
C ALA B 44 6.62 8.53 55.26
N SER B 45 5.90 9.53 54.77
CA SER B 45 4.54 9.72 55.31
C SER B 45 3.50 9.25 54.31
N ARG B 46 2.36 8.72 54.74
CA ARG B 46 1.30 8.27 53.87
C ARG B 46 -0.13 8.60 54.25
N ILE B 47 -0.80 9.54 53.58
CA ILE B 47 -2.20 9.79 53.96
C ILE B 47 -3.08 8.72 53.34
N GLY B 48 -4.30 8.55 53.80
CA GLY B 48 -5.27 7.67 53.15
C GLY B 48 -6.72 8.01 53.47
N LEU B 49 -7.50 8.64 52.59
CA LEU B 49 -8.90 8.89 52.96
C LEU B 49 -9.75 7.65 52.69
N PHE B 50 -10.25 6.94 53.67
CA PHE B 50 -11.12 5.80 53.51
C PHE B 50 -12.59 6.24 53.45
N ILE B 51 -13.19 6.20 52.28
CA ILE B 51 -14.64 6.50 52.22
C ILE B 51 -15.43 5.21 52.32
N LYS B 52 -16.54 5.20 53.02
CA LYS B 52 -17.32 4.01 53.26
C LYS B 52 -17.98 3.34 52.07
N ALA B 53 -17.66 3.67 50.84
CA ALA B 53 -18.35 3.09 49.69
C ALA B 53 -17.79 1.78 49.20
N GLY B 54 -18.46 0.67 49.50
CA GLY B 54 -17.92 -0.61 48.97
C GLY B 54 -18.74 -0.96 47.73
N SER B 55 -18.63 -2.20 47.29
CA SER B 55 -19.37 -2.66 46.12
C SER B 55 -20.80 -3.02 46.50
N ARG B 56 -21.02 -3.33 47.77
CA ARG B 56 -22.36 -3.53 48.30
C ARG B 56 -23.26 -2.30 48.16
N TYR B 57 -22.76 -1.10 47.87
CA TYR B 57 -23.59 0.07 47.69
C TYR B 57 -24.14 0.24 46.30
N GLU B 58 -24.19 -0.78 45.44
CA GLU B 58 -24.79 -0.47 44.13
C GLU B 58 -26.01 -1.35 43.96
N ASN B 59 -26.94 -0.92 43.11
CA ASN B 59 -28.12 -1.74 42.84
C ASN B 59 -27.99 -2.43 41.51
N SER B 60 -29.12 -2.97 41.08
CA SER B 60 -29.12 -3.69 39.82
C SER B 60 -28.84 -2.72 38.70
N ASN B 61 -29.37 -1.52 38.89
CA ASN B 61 -29.11 -0.48 37.92
C ASN B 61 -27.78 0.23 38.10
N ASN B 62 -27.06 0.08 39.21
CA ASN B 62 -25.85 0.82 39.49
C ASN B 62 -24.60 -0.03 39.51
N LEU B 63 -24.77 -1.34 39.33
CA LEU B 63 -23.64 -2.26 39.46
C LEU B 63 -22.50 -1.90 38.54
N GLY B 64 -21.25 -1.99 39.01
CA GLY B 64 -20.02 -1.75 38.32
C GLY B 64 -19.56 -0.31 38.32
N THR B 65 -20.23 0.54 39.10
CA THR B 65 -19.84 1.99 39.07
C THR B 65 -18.74 2.18 40.12
N SER B 66 -18.63 1.34 41.16
CA SER B 66 -17.49 1.60 42.08
C SER B 66 -16.23 1.23 41.31
N HIS B 67 -16.30 0.09 40.63
CA HIS B 67 -15.21 -0.40 39.83
C HIS B 67 -14.63 0.65 38.90
N LEU B 68 -15.52 1.32 38.18
CA LEU B 68 -15.09 2.35 37.25
C LEU B 68 -14.51 3.54 38.00
N LEU B 69 -15.21 3.94 39.06
CA LEU B 69 -14.70 4.98 39.95
C LEU B 69 -13.30 4.68 40.45
N ARG B 70 -13.06 3.41 40.79
CA ARG B 70 -11.76 3.00 41.29
C ARG B 70 -10.69 3.28 40.24
N LEU B 71 -11.11 3.12 38.98
CA LEU B 71 -10.17 3.20 37.88
C LEU B 71 -10.12 4.58 37.24
N ALA B 72 -10.94 5.48 37.76
CA ALA B 72 -10.94 6.81 37.16
C ALA B 72 -10.24 7.85 37.99
N SER B 73 -9.44 7.47 38.98
CA SER B 73 -8.81 8.37 39.93
C SER B 73 -7.81 9.38 39.41
N SER B 74 -7.53 9.42 38.12
CA SER B 74 -6.49 10.28 37.56
C SER B 74 -7.13 11.21 36.53
N LEU B 75 -8.45 11.25 36.55
CA LEU B 75 -9.18 12.04 35.57
C LEU B 75 -9.23 13.49 36.00
N THR B 76 -9.61 14.37 35.08
CA THR B 76 -9.63 15.80 35.44
C THR B 76 -10.54 16.02 36.61
N THR B 77 -10.22 16.89 37.53
CA THR B 77 -11.15 17.31 38.59
C THR B 77 -11.13 18.83 38.62
N LYS B 78 -11.87 19.43 39.54
CA LYS B 78 -12.05 20.86 39.57
C LYS B 78 -10.79 21.68 39.66
N GLY B 79 -9.79 21.22 40.40
CA GLY B 79 -8.63 22.12 40.57
C GLY B 79 -7.43 21.58 39.83
N ALA B 80 -7.52 20.29 39.50
CA ALA B 80 -6.34 19.65 38.90
C ALA B 80 -6.63 18.78 37.69
N SER B 81 -6.13 19.19 36.53
CA SER B 81 -6.26 18.39 35.32
C SER B 81 -5.54 17.06 35.43
N SER B 82 -6.14 16.00 34.87
CA SER B 82 -5.56 14.69 34.80
C SER B 82 -4.05 14.73 34.54
N PHE B 83 -3.61 15.59 33.64
CA PHE B 83 -2.19 15.74 33.34
C PHE B 83 -1.44 16.19 34.60
N LYS B 84 -1.88 17.31 35.19
CA LYS B 84 -1.19 17.82 36.39
C LYS B 84 -1.15 16.74 37.46
N ILE B 85 -2.32 16.22 37.81
CA ILE B 85 -2.40 15.14 38.78
C ILE B 85 -1.40 14.02 38.61
N THR B 86 -1.29 13.48 37.41
CA THR B 86 -0.29 12.43 37.27
C THR B 86 1.14 12.92 37.18
N ARG B 87 1.43 13.92 36.35
CA ARG B 87 2.79 14.46 36.27
C ARG B 87 3.14 15.05 37.65
N GLY B 88 2.18 15.60 38.34
CA GLY B 88 2.46 16.19 39.65
C GLY B 88 3.05 15.13 40.56
N ILE B 89 2.29 14.06 40.78
CA ILE B 89 2.78 13.01 41.71
C ILE B 89 4.09 12.45 41.19
N GLU B 90 4.17 12.19 39.89
CA GLU B 90 5.46 11.78 39.37
C GLU B 90 6.51 12.76 39.83
N ALA B 91 6.36 14.05 39.54
CA ALA B 91 7.34 15.05 39.92
C ALA B 91 8.21 14.65 41.13
N VAL B 92 7.51 14.25 42.16
CA VAL B 92 7.85 14.02 43.52
C VAL B 92 7.96 12.57 43.86
N GLY B 93 7.75 11.67 42.91
CA GLY B 93 7.93 10.27 43.29
C GLY B 93 6.88 9.66 44.21
N GLY B 94 5.70 10.26 44.26
CA GLY B 94 4.60 9.72 45.05
C GLY B 94 3.90 8.54 44.38
N LYS B 95 2.95 7.90 45.01
CA LYS B 95 1.99 6.90 44.56
C LYS B 95 0.64 7.15 45.20
N LEU B 96 -0.33 6.98 44.34
CA LEU B 96 -1.73 7.11 44.64
C LEU B 96 -2.54 5.86 44.40
N SER B 97 -2.69 5.10 45.47
CA SER B 97 -3.52 3.89 45.37
C SER B 97 -4.98 3.92 45.72
N VAL B 98 -5.87 3.42 44.90
CA VAL B 98 -7.31 3.54 45.23
C VAL B 98 -7.92 2.15 45.49
N THR B 99 -7.79 1.67 46.71
CA THR B 99 -8.24 0.34 47.04
C THR B 99 -9.67 0.24 47.55
N SER B 100 -10.33 -0.86 47.15
CA SER B 100 -11.69 -1.09 47.58
C SER B 100 -12.03 -2.57 47.79
N THR B 101 -13.00 -2.81 48.64
CA THR B 101 -13.51 -4.08 49.12
C THR B 101 -15.02 -4.09 49.02
N ARG B 102 -15.70 -5.15 49.49
CA ARG B 102 -17.15 -5.01 49.37
C ARG B 102 -17.74 -3.95 50.29
N GLU B 103 -17.08 -3.55 51.38
CA GLU B 103 -17.63 -2.63 52.33
C GLU B 103 -17.00 -1.23 52.31
N ASN B 104 -15.72 -1.16 51.96
CA ASN B 104 -15.00 0.12 52.00
C ASN B 104 -14.21 0.47 50.76
N MET B 105 -13.67 1.69 50.68
CA MET B 105 -12.83 2.12 49.57
C MET B 105 -11.69 3.04 49.98
N ALA B 106 -10.54 2.44 50.25
CA ALA B 106 -9.43 3.24 50.78
C ALA B 106 -8.75 3.99 49.64
N TYR B 107 -8.64 5.30 49.79
CA TYR B 107 -7.84 6.07 48.84
C TYR B 107 -6.46 6.44 49.36
N THR B 108 -5.46 5.59 49.31
CA THR B 108 -4.08 5.78 49.73
C THR B 108 -3.21 6.82 49.06
N VAL B 109 -2.29 7.49 49.79
CA VAL B 109 -1.44 8.48 49.11
C VAL B 109 -0.05 8.59 49.68
N GLU B 110 0.98 7.97 49.13
CA GLU B 110 2.32 7.95 49.68
C GLU B 110 3.22 9.00 49.04
N CYS B 111 4.22 9.46 49.78
CA CYS B 111 5.15 10.45 49.26
C CYS B 111 6.14 10.91 50.34
N LEU B 112 7.08 11.76 49.95
CA LEU B 112 8.15 12.12 50.87
C LEU B 112 7.73 13.15 51.88
N ARG B 113 8.26 13.06 53.11
CA ARG B 113 7.87 13.97 54.16
C ARG B 113 7.59 15.38 53.66
N ASP B 114 8.52 16.00 52.98
CA ASP B 114 8.43 17.37 52.47
C ASP B 114 7.35 17.62 51.43
N ASP B 115 6.80 16.57 50.82
CA ASP B 115 5.86 16.76 49.73
C ASP B 115 4.42 16.44 50.02
N VAL B 116 4.09 16.04 51.24
CA VAL B 116 2.71 15.77 51.59
C VAL B 116 1.73 16.85 51.19
N ASP B 117 2.07 18.12 51.29
CA ASP B 117 1.15 19.21 50.96
C ASP B 117 0.81 19.24 49.49
N ILE B 118 1.82 18.99 48.66
CA ILE B 118 1.54 19.01 47.22
C ILE B 118 0.61 17.83 46.90
N LEU B 119 0.91 16.74 47.58
CA LEU B 119 0.18 15.51 47.40
C LEU B 119 -1.22 15.55 47.99
N MET B 120 -1.35 16.21 49.14
CA MET B 120 -2.66 16.16 49.79
C MET B 120 -3.69 16.88 48.94
N GLU B 121 -3.30 18.04 48.42
CA GLU B 121 -4.15 18.85 47.55
C GLU B 121 -4.53 18.06 46.31
N PHE B 122 -3.77 17.04 45.95
CA PHE B 122 -4.15 16.08 44.93
C PHE B 122 -5.22 15.14 45.46
N LEU B 123 -4.94 14.43 46.55
CA LEU B 123 -6.00 13.59 47.10
C LEU B 123 -7.30 14.35 47.25
N LEU B 124 -7.24 15.64 47.56
CA LEU B 124 -8.51 16.31 47.86
C LEU B 124 -9.29 16.53 46.58
N ASN B 125 -8.57 16.83 45.52
CA ASN B 125 -9.23 17.12 44.25
C ASN B 125 -9.89 15.87 43.72
N VAL B 126 -9.09 14.81 43.75
CA VAL B 126 -9.48 13.50 43.25
C VAL B 126 -10.75 12.97 43.91
N THR B 127 -10.94 13.42 45.15
CA THR B 127 -12.00 12.81 45.92
C THR B 127 -13.20 13.71 46.14
N THR B 128 -12.99 15.01 46.31
CA THR B 128 -14.08 15.94 46.50
C THR B 128 -14.38 16.79 45.27
N ALA B 129 -13.53 16.79 44.26
CA ALA B 129 -13.78 17.61 43.08
C ALA B 129 -13.78 16.91 41.74
N PRO B 130 -13.84 15.60 41.70
CA PRO B 130 -14.01 14.84 40.47
C PRO B 130 -14.93 15.54 39.47
N GLU B 131 -14.57 15.53 38.21
CA GLU B 131 -15.29 16.17 37.12
C GLU B 131 -15.49 15.15 36.00
N PHE B 132 -16.34 14.14 36.13
CA PHE B 132 -16.30 13.07 35.12
C PHE B 132 -16.75 13.46 33.74
N ARG B 133 -15.84 13.88 32.88
CA ARG B 133 -16.22 14.38 31.57
C ARG B 133 -16.66 13.25 30.66
N ARG B 134 -17.83 13.33 30.01
CA ARG B 134 -18.24 12.40 28.96
C ARG B 134 -17.06 11.86 28.18
N TRP B 135 -16.17 12.73 27.70
CA TRP B 135 -15.10 12.23 26.86
C TRP B 135 -14.05 11.42 27.59
N GLU B 136 -13.75 11.85 28.81
CA GLU B 136 -12.71 11.24 29.63
C GLU B 136 -13.13 9.90 30.20
N VAL B 137 -14.35 9.91 30.74
CA VAL B 137 -14.93 8.71 31.30
C VAL B 137 -15.17 7.69 30.19
N ALA B 138 -15.43 8.18 28.98
CA ALA B 138 -15.67 7.31 27.85
C ALA B 138 -14.37 6.60 27.49
N ALA B 139 -13.22 7.26 27.52
CA ALA B 139 -11.95 6.62 27.13
C ALA B 139 -11.64 5.46 28.06
N LEU B 140 -11.79 5.75 29.34
CA LEU B 140 -11.59 4.75 30.37
C LEU B 140 -12.33 3.45 29.97
N GLN B 141 -13.66 3.54 29.98
CA GLN B 141 -14.49 2.37 29.81
C GLN B 141 -13.69 1.14 29.47
N PRO B 142 -13.10 1.03 28.32
CA PRO B 142 -12.32 -0.13 27.96
C PRO B 142 -11.32 -0.64 28.96
N GLN B 143 -10.79 0.20 29.81
CA GLN B 143 -9.85 -0.19 30.87
C GLN B 143 -10.50 -1.22 31.78
N LEU B 144 -11.83 -1.12 31.96
CA LEU B 144 -12.56 -2.04 32.85
C LEU B 144 -12.34 -3.47 32.44
N ARG B 145 -12.59 -3.79 31.18
CA ARG B 145 -12.34 -5.09 30.61
C ARG B 145 -10.92 -5.58 30.87
N ILE B 146 -9.94 -4.73 30.57
CA ILE B 146 -8.52 -5.05 30.74
C ILE B 146 -8.31 -5.39 32.23
N ASP B 147 -8.83 -4.52 33.10
CA ASP B 147 -8.67 -4.75 34.52
C ASP B 147 -9.36 -6.02 34.90
N LYS B 148 -10.63 -6.16 34.47
CA LYS B 148 -11.33 -7.39 34.88
C LYS B 148 -10.62 -8.69 34.50
N ALA B 149 -10.10 -8.69 33.35
CA ALA B 149 -9.42 -9.74 32.61
C ALA B 149 -8.21 -10.20 33.41
N VAL B 150 -7.37 -9.21 33.75
CA VAL B 150 -6.19 -9.59 34.54
C VAL B 150 -6.52 -10.14 35.91
N ALA B 151 -7.55 -9.63 36.59
CA ALA B 151 -7.91 -10.11 37.91
C ALA B 151 -8.60 -11.46 37.83
N LEU B 152 -9.32 -11.74 36.75
CA LEU B 152 -9.97 -13.04 36.63
C LEU B 152 -9.02 -14.16 36.24
N GLN B 153 -7.73 -13.88 36.20
CA GLN B 153 -6.72 -14.88 35.86
C GLN B 153 -6.52 -15.83 37.05
N ASN B 154 -6.82 -15.36 38.25
CA ASN B 154 -6.65 -16.21 39.41
C ASN B 154 -7.99 -16.83 39.78
N PRO B 155 -8.15 -18.12 39.61
CA PRO B 155 -9.38 -18.82 39.96
C PRO B 155 -9.97 -18.27 41.25
N GLN B 156 -9.14 -18.19 42.31
CA GLN B 156 -9.57 -17.45 43.47
C GLN B 156 -10.47 -16.29 43.07
N ALA B 157 -10.08 -15.30 42.29
CA ALA B 157 -11.04 -14.21 42.08
C ALA B 157 -12.39 -14.58 41.56
N HIS B 158 -12.54 -15.41 40.54
CA HIS B 158 -13.91 -15.64 40.06
C HIS B 158 -14.70 -16.52 41.00
N VAL B 159 -14.04 -17.38 41.77
CA VAL B 159 -14.79 -18.30 42.64
C VAL B 159 -15.33 -17.59 43.90
N ILE B 160 -14.36 -16.94 44.53
CA ILE B 160 -14.55 -16.01 45.63
C ILE B 160 -15.67 -15.03 45.32
N GLU B 161 -15.73 -14.55 44.10
CA GLU B 161 -16.72 -13.60 43.63
C GLU B 161 -18.08 -14.26 43.49
N ASN B 162 -18.03 -15.31 42.70
CA ASN B 162 -19.21 -16.20 42.64
C ASN B 162 -19.73 -16.63 43.99
N LEU B 163 -18.84 -16.96 44.94
CA LEU B 163 -19.28 -17.24 46.31
C LEU B 163 -20.18 -16.11 46.80
N HIS B 164 -19.66 -14.90 46.96
CA HIS B 164 -20.44 -13.79 47.46
C HIS B 164 -21.78 -13.64 46.78
N ALA B 165 -21.85 -13.87 45.48
CA ALA B 165 -23.11 -13.64 44.76
C ALA B 165 -24.07 -14.78 44.99
N ALA B 166 -23.55 -15.97 45.30
CA ALA B 166 -24.52 -17.02 45.66
C ALA B 166 -24.97 -16.91 47.11
N ALA B 167 -24.03 -16.87 48.06
CA ALA B 167 -24.44 -16.67 49.45
C ALA B 167 -25.22 -15.40 49.70
N TYR B 168 -25.01 -14.27 49.03
CA TYR B 168 -25.93 -13.18 49.33
C TYR B 168 -27.02 -13.10 48.29
N ARG B 169 -28.00 -12.22 48.51
CA ARG B 169 -29.06 -12.03 47.54
C ARG B 169 -28.99 -10.60 47.00
N ASN B 170 -28.83 -9.65 47.93
CA ASN B 170 -28.90 -8.27 47.54
C ASN B 170 -27.66 -7.43 47.58
N ALA B 171 -27.02 -7.24 48.73
CA ALA B 171 -26.02 -6.18 48.82
C ALA B 171 -24.59 -6.67 48.74
N LEU B 172 -24.12 -7.52 49.65
CA LEU B 172 -22.76 -8.04 49.62
C LEU B 172 -22.58 -9.06 48.50
N ALA B 173 -23.63 -9.46 47.80
CA ALA B 173 -23.41 -10.39 46.70
C ALA B 173 -23.02 -9.67 45.43
N ASN B 174 -23.02 -8.35 45.50
CA ASN B 174 -22.41 -7.59 44.40
C ASN B 174 -20.89 -7.70 44.40
N SER B 175 -20.38 -8.10 43.23
CA SER B 175 -18.96 -8.22 43.03
C SER B 175 -18.25 -6.88 42.83
N LEU B 176 -16.93 -7.02 43.00
CA LEU B 176 -16.02 -5.90 42.87
C LEU B 176 -15.82 -5.44 41.44
N TYR B 177 -15.92 -6.39 40.52
CA TYR B 177 -15.62 -6.17 39.13
C TYR B 177 -16.87 -6.09 38.27
N CYS B 178 -16.83 -5.03 37.48
CA CYS B 178 -17.92 -4.70 36.61
C CYS B 178 -18.36 -5.95 35.86
N PRO B 179 -19.67 -6.06 35.79
CA PRO B 179 -20.37 -7.11 35.06
C PRO B 179 -20.12 -6.89 33.57
N ASP B 180 -19.85 -7.98 32.83
CA ASP B 180 -19.47 -7.82 31.45
C ASP B 180 -20.40 -6.90 30.69
N TYR B 181 -21.71 -7.05 30.84
CA TYR B 181 -22.68 -6.30 30.10
C TYR B 181 -22.86 -4.84 30.42
N ARG B 182 -22.10 -4.38 31.41
CA ARG B 182 -22.30 -3.01 31.89
C ARG B 182 -21.20 -2.10 31.40
N ILE B 183 -20.00 -2.64 31.22
CA ILE B 183 -18.77 -1.99 30.89
C ILE B 183 -18.86 -0.61 30.27
N GLY B 184 -19.41 -0.53 29.07
CA GLY B 184 -19.43 0.71 28.30
C GLY B 184 -20.59 1.59 28.70
N LYS B 185 -21.53 0.97 29.38
CA LYS B 185 -22.73 1.61 29.86
C LYS B 185 -22.58 2.24 31.24
N VAL B 186 -21.37 2.53 31.71
CA VAL B 186 -21.33 3.18 33.04
C VAL B 186 -21.29 4.68 32.78
N THR B 187 -22.38 5.40 33.08
CA THR B 187 -22.42 6.78 32.61
C THR B 187 -21.81 7.74 33.63
N PRO B 188 -21.32 8.87 33.19
CA PRO B 188 -20.92 10.03 33.98
C PRO B 188 -21.83 10.42 35.12
N VAL B 189 -23.16 10.45 34.87
CA VAL B 189 -24.05 10.86 35.95
C VAL B 189 -23.92 9.81 37.03
N GLU B 190 -23.79 8.54 36.65
CA GLU B 190 -23.60 7.46 37.59
C GLU B 190 -22.42 7.65 38.56
N LEU B 191 -21.24 7.98 38.04
CA LEU B 191 -20.06 8.25 38.84
C LEU B 191 -20.33 9.44 39.77
N HIS B 192 -20.86 10.53 39.22
CA HIS B 192 -21.16 11.77 39.90
C HIS B 192 -22.16 11.55 41.05
N ASP B 193 -23.08 10.63 40.82
CA ASP B 193 -24.09 10.33 41.83
C ASP B 193 -23.49 9.44 42.92
N TYR B 194 -22.70 8.45 42.52
CA TYR B 194 -22.08 7.58 43.52
C TYR B 194 -21.17 8.44 44.39
N VAL B 195 -20.28 9.26 43.84
CA VAL B 195 -19.44 10.13 44.66
C VAL B 195 -20.27 10.92 45.68
N GLN B 196 -21.23 11.65 45.14
CA GLN B 196 -22.13 12.52 45.86
C GLN B 196 -22.78 11.84 47.05
N ASN B 197 -23.48 10.72 46.87
CA ASN B 197 -24.11 10.00 47.93
C ASN B 197 -23.21 9.25 48.91
N HIS B 198 -22.13 8.67 48.42
CA HIS B 198 -21.25 7.88 49.28
C HIS B 198 -19.97 8.55 49.71
N PHE B 199 -19.41 9.43 48.88
CA PHE B 199 -18.13 10.04 49.30
C PHE B 199 -18.39 11.25 50.17
N THR B 200 -18.95 11.03 51.35
CA THR B 200 -19.44 12.06 52.24
C THR B 200 -18.79 12.13 53.62
N SER B 201 -19.08 13.18 54.37
CA SER B 201 -18.49 13.36 55.69
C SER B 201 -18.70 12.23 56.66
N ALA B 202 -19.94 11.79 56.84
CA ALA B 202 -20.20 10.77 57.85
C ALA B 202 -19.51 9.45 57.58
N ARG B 203 -19.21 9.20 56.32
CA ARG B 203 -18.62 7.89 56.04
C ARG B 203 -17.11 7.92 55.99
N MET B 204 -16.50 9.08 56.16
CA MET B 204 -15.07 9.21 55.98
C MET B 204 -14.20 9.21 57.23
N ALA B 205 -12.99 8.69 57.01
CA ALA B 205 -11.92 8.62 57.97
C ALA B 205 -10.57 8.99 57.37
N LEU B 206 -10.07 10.18 57.59
CA LEU B 206 -8.66 10.49 57.31
C LEU B 206 -7.72 9.62 58.14
N ILE B 207 -6.48 9.44 57.70
CA ILE B 207 -5.51 8.64 58.43
C ILE B 207 -4.09 8.99 57.97
N GLY B 208 -3.27 9.57 58.85
CA GLY B 208 -1.90 9.86 58.45
C GLY B 208 -0.88 8.98 59.13
N LEU B 209 0.25 8.68 58.50
CA LEU B 209 1.24 7.88 59.20
C LEU B 209 2.45 8.75 59.54
N GLY B 210 2.52 9.96 59.00
CA GLY B 210 3.66 10.83 59.23
C GLY B 210 3.29 12.30 59.17
N VAL B 211 2.02 12.57 59.49
CA VAL B 211 1.54 13.94 59.47
C VAL B 211 1.12 14.46 60.84
N SER B 212 1.16 15.77 60.98
CA SER B 212 0.75 16.48 62.17
C SER B 212 -0.77 16.40 62.26
N HIS B 213 -1.28 15.98 63.42
CA HIS B 213 -2.72 15.91 63.61
C HIS B 213 -3.33 17.31 63.63
N PRO B 214 -2.74 18.25 64.33
CA PRO B 214 -3.17 19.64 64.36
C PRO B 214 -3.34 20.16 62.94
N VAL B 215 -2.31 19.99 62.11
CA VAL B 215 -2.41 20.46 60.73
C VAL B 215 -3.28 19.55 59.89
N LEU B 216 -3.37 18.26 60.25
CA LEU B 216 -4.32 17.39 59.54
C LEU B 216 -5.75 17.90 59.72
N LYS B 217 -6.16 17.99 60.98
CA LYS B 217 -7.51 18.47 61.31
C LYS B 217 -7.82 19.69 60.47
N GLN B 218 -7.05 20.76 60.66
CA GLN B 218 -7.31 22.00 59.94
C GLN B 218 -7.81 21.65 58.53
N VAL B 219 -6.95 20.98 57.80
CA VAL B 219 -7.26 20.57 56.44
C VAL B 219 -8.54 19.77 56.35
N ALA B 220 -8.69 18.77 57.21
CA ALA B 220 -9.91 17.96 57.22
C ALA B 220 -11.15 18.81 57.36
N GLU B 221 -11.10 19.79 58.25
CA GLU B 221 -12.15 20.75 58.53
C GLU B 221 -12.51 21.64 57.33
N GLN B 222 -11.48 22.00 56.59
CA GLN B 222 -11.59 22.88 55.46
C GLN B 222 -12.08 22.21 54.19
N PHE B 223 -11.77 20.93 54.04
CA PHE B 223 -12.09 20.22 52.82
C PHE B 223 -13.00 19.04 52.92
N LEU B 224 -13.28 18.51 54.11
CA LEU B 224 -14.07 17.28 54.11
C LEU B 224 -15.46 17.48 54.69
N ASN B 225 -16.09 18.63 54.47
CA ASN B 225 -17.41 18.81 55.09
C ASN B 225 -18.54 18.75 54.08
N ILE B 226 -18.98 17.53 53.78
CA ILE B 226 -20.07 17.30 52.84
C ILE B 226 -21.15 16.40 53.43
N ARG B 227 -22.42 16.70 53.14
CA ARG B 227 -23.53 15.96 53.68
C ARG B 227 -24.06 14.86 52.78
N GLY B 228 -24.46 13.75 53.38
CA GLY B 228 -24.96 12.57 52.69
C GLY B 228 -25.17 11.43 53.69
N GLY B 229 -26.43 11.05 53.84
CA GLY B 229 -26.82 9.98 54.75
C GLY B 229 -26.50 8.63 54.11
N LEU B 230 -26.57 7.60 54.93
CA LEU B 230 -26.28 6.26 54.43
C LEU B 230 -27.48 5.69 53.68
N GLY B 231 -27.13 4.81 52.76
CA GLY B 231 -28.08 3.95 52.11
C GLY B 231 -28.89 4.60 51.02
N LEU B 232 -28.31 5.53 50.26
CA LEU B 232 -29.03 6.08 49.11
C LEU B 232 -28.77 5.16 47.92
N SER B 233 -28.03 4.11 48.22
CA SER B 233 -27.64 3.07 47.28
C SER B 233 -28.54 1.86 47.54
N GLY B 234 -28.91 1.73 48.80
CA GLY B 234 -29.82 0.69 49.25
C GLY B 234 -29.13 -0.27 50.22
N ALA B 235 -28.66 0.24 51.34
CA ALA B 235 -27.96 -0.53 52.36
C ALA B 235 -28.87 -1.52 53.07
N LYS B 236 -28.33 -2.65 53.53
CA LYS B 236 -29.11 -3.69 54.21
C LYS B 236 -28.37 -5.02 54.07
N ALA B 237 -28.55 -5.99 54.97
CA ALA B 237 -27.80 -7.24 54.78
C ALA B 237 -28.80 -8.38 54.60
N LYS B 238 -28.29 -9.53 54.19
CA LYS B 238 -29.12 -10.73 54.08
C LYS B 238 -28.32 -11.92 53.59
N TYR B 239 -28.50 -13.10 54.20
CA TYR B 239 -27.76 -14.25 53.70
C TYR B 239 -28.75 -15.23 53.09
N HIS B 240 -28.32 -15.91 52.06
CA HIS B 240 -29.13 -16.82 51.30
C HIS B 240 -28.24 -17.93 50.73
N GLY B 241 -28.57 -19.15 51.16
CA GLY B 241 -27.77 -20.31 50.75
C GLY B 241 -27.96 -20.55 49.26
N GLY B 242 -26.89 -20.71 48.51
CA GLY B 242 -26.96 -20.93 47.07
C GLY B 242 -25.64 -21.48 46.54
N GLU B 243 -25.66 -22.00 45.32
CA GLU B 243 -24.48 -22.58 44.71
C GLU B 243 -24.24 -22.10 43.28
N ILE B 244 -23.08 -21.53 43.00
CA ILE B 244 -22.81 -21.07 41.62
C ILE B 244 -21.73 -22.00 41.10
N ARG B 245 -22.01 -22.66 39.99
CA ARG B 245 -21.01 -23.60 39.48
C ARG B 245 -20.51 -23.27 38.09
N GLU B 246 -19.20 -23.09 37.92
CA GLU B 246 -18.58 -22.73 36.67
C GLU B 246 -17.78 -23.83 36.01
N GLN B 247 -18.32 -24.49 34.98
CA GLN B 247 -17.51 -25.51 34.31
C GLN B 247 -16.41 -24.96 33.42
N ASN B 248 -15.27 -25.62 33.41
CA ASN B 248 -14.04 -25.27 32.70
C ASN B 248 -13.46 -26.50 31.98
N GLY B 249 -12.21 -26.36 31.58
CA GLY B 249 -11.50 -27.46 30.91
C GLY B 249 -10.22 -27.79 31.66
N ASP B 250 -9.92 -26.93 32.61
CA ASP B 250 -8.78 -27.09 33.50
C ASP B 250 -8.83 -28.34 34.37
N SER B 251 -7.64 -28.96 34.42
CA SER B 251 -7.46 -30.14 35.25
C SER B 251 -8.00 -29.79 36.65
N LEU B 252 -7.42 -28.73 37.24
CA LEU B 252 -7.71 -28.50 38.65
C LEU B 252 -9.13 -27.94 38.81
N VAL B 253 -9.77 -28.08 39.96
CA VAL B 253 -11.06 -27.52 40.30
C VAL B 253 -11.01 -26.78 41.64
N HIS B 254 -11.59 -25.58 41.68
CA HIS B 254 -11.57 -24.90 42.98
C HIS B 254 -13.04 -24.89 43.42
N ALA B 255 -13.26 -24.93 44.73
CA ALA B 255 -14.58 -24.80 45.29
C ALA B 255 -14.55 -24.26 46.70
N ALA B 256 -15.55 -23.48 47.07
CA ALA B 256 -15.63 -22.85 48.38
C ALA B 256 -16.87 -23.48 49.02
N LEU B 257 -16.87 -23.66 50.32
CA LEU B 257 -18.04 -24.09 51.09
C LEU B 257 -18.16 -23.23 52.32
N VAL B 258 -19.25 -22.47 52.42
CA VAL B 258 -19.24 -21.42 53.44
C VAL B 258 -20.62 -21.18 54.02
N ALA B 259 -20.72 -21.06 55.34
CA ALA B 259 -21.96 -20.62 55.94
C ALA B 259 -21.78 -19.44 56.90
N GLU B 260 -22.95 -18.79 57.09
CA GLU B 260 -22.94 -17.44 57.63
C GLU B 260 -21.97 -17.33 58.80
N SER B 261 -20.87 -16.60 58.64
CA SER B 261 -19.98 -16.43 59.79
C SER B 261 -20.60 -15.46 60.77
N ALA B 262 -19.89 -15.21 61.87
CA ALA B 262 -20.43 -14.17 62.73
C ALA B 262 -19.93 -12.83 62.19
N ALA B 263 -20.64 -11.79 62.61
CA ALA B 263 -20.37 -10.44 62.19
C ALA B 263 -19.05 -9.87 62.67
N ILE B 264 -18.71 -8.75 62.07
CA ILE B 264 -17.53 -7.96 62.32
C ILE B 264 -17.42 -7.39 63.72
N GLY B 265 -16.23 -7.57 64.29
CA GLY B 265 -15.86 -7.05 65.59
C GLY B 265 -16.82 -7.44 66.70
N SER B 266 -17.35 -8.66 66.61
CA SER B 266 -18.24 -9.20 67.62
C SER B 266 -17.59 -10.45 68.21
N ALA B 267 -18.02 -10.92 69.37
CA ALA B 267 -17.43 -12.09 70.00
C ALA B 267 -17.53 -13.33 69.14
N GLU B 268 -18.73 -13.75 68.77
CA GLU B 268 -18.91 -14.86 67.85
C GLU B 268 -17.87 -14.81 66.74
N ALA B 269 -17.81 -13.70 66.03
CA ALA B 269 -16.87 -13.47 64.95
C ALA B 269 -15.46 -13.97 65.31
N ASN B 270 -14.94 -13.27 66.32
CA ASN B 270 -13.65 -13.51 66.92
C ASN B 270 -13.43 -15.00 67.13
N ALA B 271 -14.40 -15.60 67.82
CA ALA B 271 -14.43 -17.05 67.94
C ALA B 271 -14.10 -17.67 66.59
N PHE B 272 -15.00 -17.48 65.62
CA PHE B 272 -14.75 -18.02 64.28
C PHE B 272 -13.30 -17.90 63.85
N SER B 273 -12.76 -16.69 63.80
CA SER B 273 -11.37 -16.41 63.53
C SER B 273 -10.45 -17.45 64.19
N VAL B 274 -10.61 -17.70 65.48
CA VAL B 274 -9.78 -18.64 66.20
C VAL B 274 -9.99 -20.08 65.75
N LEU B 275 -11.28 -20.37 65.47
CA LEU B 275 -11.55 -21.72 64.97
C LEU B 275 -10.87 -21.80 63.60
N GLN B 276 -11.11 -20.76 62.81
CA GLN B 276 -10.55 -20.73 61.47
C GLN B 276 -9.11 -21.27 61.42
N HIS B 277 -8.26 -20.67 62.24
CA HIS B 277 -6.88 -21.03 62.41
C HIS B 277 -6.64 -22.45 62.86
N VAL B 278 -7.55 -23.08 63.61
CA VAL B 278 -7.30 -24.45 64.07
C VAL B 278 -7.20 -25.37 62.86
N LEU B 279 -7.96 -24.99 61.83
CA LEU B 279 -7.98 -25.74 60.59
C LEU B 279 -7.19 -24.99 59.51
N GLY B 280 -7.18 -23.66 59.67
CA GLY B 280 -6.65 -22.75 58.68
C GLY B 280 -5.28 -23.14 58.16
N ALA B 281 -5.17 -23.38 56.85
CA ALA B 281 -3.92 -23.77 56.24
C ALA B 281 -3.30 -22.75 55.31
N GLY B 282 -2.80 -21.64 55.85
CA GLY B 282 -1.87 -20.76 55.13
C GLY B 282 -0.44 -21.07 55.60
N PRO B 283 0.27 -21.88 54.85
CA PRO B 283 1.64 -22.29 55.09
C PRO B 283 2.49 -21.20 55.73
N HIS B 284 3.17 -21.55 56.81
CA HIS B 284 4.06 -20.58 57.44
C HIS B 284 5.50 -20.89 57.04
N VAL B 285 5.67 -21.90 56.21
CA VAL B 285 6.98 -22.40 55.84
C VAL B 285 7.14 -22.67 54.34
N LYS B 286 8.11 -22.04 53.70
CA LYS B 286 8.40 -22.31 52.31
C LYS B 286 8.76 -23.75 52.00
N ARG B 287 7.99 -24.36 51.10
CA ARG B 287 8.20 -25.73 50.66
C ARG B 287 7.82 -26.74 51.75
N GLY B 288 7.32 -26.17 52.84
CA GLY B 288 6.92 -26.87 54.02
C GLY B 288 5.43 -27.19 53.99
N SER B 289 5.13 -28.31 54.65
CA SER B 289 3.78 -28.81 54.81
C SER B 289 3.28 -28.53 56.21
N ASN B 290 1.97 -28.33 56.35
CA ASN B 290 1.51 -28.07 57.71
C ASN B 290 1.33 -29.38 58.48
N ALA B 291 1.81 -29.34 59.72
CA ALA B 291 1.61 -30.47 60.62
C ALA B 291 0.45 -30.07 61.55
N THR B 292 0.34 -28.76 61.73
CA THR B 292 -0.69 -28.15 62.53
C THR B 292 -2.07 -28.26 61.89
N SER B 293 -2.15 -28.02 60.59
CA SER B 293 -3.41 -27.98 59.89
C SER B 293 -4.20 -29.27 59.93
N SER B 294 -5.28 -29.23 60.72
CA SER B 294 -6.15 -30.40 60.82
C SER B 294 -6.70 -30.68 59.43
N LEU B 295 -7.44 -29.71 58.88
CA LEU B 295 -8.00 -29.87 57.54
C LEU B 295 -7.00 -30.55 56.63
N TYR B 296 -5.83 -29.95 56.52
CA TYR B 296 -4.78 -30.53 55.70
C TYR B 296 -4.50 -31.98 56.08
N GLN B 297 -4.27 -32.26 57.37
CA GLN B 297 -4.02 -33.65 57.76
C GLN B 297 -5.14 -34.55 57.26
N ALA B 298 -6.33 -34.38 57.83
CA ALA B 298 -7.52 -35.13 57.48
C ALA B 298 -7.70 -35.24 55.97
N VAL B 299 -7.74 -34.09 55.30
CA VAL B 299 -7.89 -34.11 53.84
C VAL B 299 -6.82 -35.03 53.27
N ALA B 300 -5.58 -34.66 53.59
CA ALA B 300 -4.41 -35.35 53.12
C ALA B 300 -4.54 -36.86 53.18
N LYS B 301 -4.88 -37.37 54.36
CA LYS B 301 -4.95 -38.82 54.56
C LYS B 301 -5.90 -39.46 53.57
N GLY B 302 -7.11 -38.93 53.43
CA GLY B 302 -8.07 -39.49 52.49
C GLY B 302 -7.81 -39.04 51.07
N VAL B 303 -6.87 -38.11 50.88
CA VAL B 303 -6.64 -37.53 49.57
C VAL B 303 -5.41 -38.05 48.87
N HIS B 304 -5.29 -37.71 47.60
CA HIS B 304 -4.20 -38.04 46.72
C HIS B 304 -2.93 -37.28 47.14
N GLN B 305 -1.88 -37.49 46.39
CA GLN B 305 -0.61 -36.75 46.48
C GLN B 305 -0.85 -35.28 46.24
N PRO B 306 -0.82 -34.72 45.06
CA PRO B 306 -1.08 -33.32 44.78
C PRO B 306 -2.49 -32.83 45.05
N PHE B 307 -2.61 -31.82 45.90
CA PHE B 307 -3.80 -31.10 46.28
C PHE B 307 -3.40 -29.93 47.19
N ASP B 308 -4.30 -29.00 47.48
CA ASP B 308 -4.08 -27.98 48.49
C ASP B 308 -5.43 -27.50 49.01
N VAL B 309 -5.51 -27.11 50.28
CA VAL B 309 -6.77 -26.71 50.91
C VAL B 309 -6.62 -25.78 52.12
N SER B 310 -7.53 -24.82 52.24
CA SER B 310 -7.49 -23.84 53.28
C SER B 310 -8.78 -23.34 53.88
N ALA B 311 -8.83 -23.08 55.17
CA ALA B 311 -9.95 -22.49 55.86
C ALA B 311 -10.20 -21.06 55.36
N PHE B 312 -11.43 -20.76 54.98
CA PHE B 312 -11.83 -19.44 54.53
C PHE B 312 -12.54 -18.67 55.61
N ASN B 313 -12.31 -17.38 55.77
CA ASN B 313 -12.96 -16.66 56.85
C ASN B 313 -13.04 -15.18 56.48
N ALA B 314 -14.29 -14.76 56.33
CA ALA B 314 -14.69 -13.44 55.92
C ALA B 314 -15.51 -12.75 56.99
N SER B 315 -15.30 -11.48 57.32
CA SER B 315 -16.25 -10.86 58.25
C SER B 315 -16.53 -9.42 57.82
N TYR B 316 -17.81 -9.09 57.71
CA TYR B 316 -18.26 -7.77 57.31
C TYR B 316 -19.26 -7.21 58.32
N SER B 317 -19.63 -5.95 58.16
CA SER B 317 -20.41 -5.28 59.16
C SER B 317 -21.61 -6.09 59.62
N ASP B 318 -22.43 -6.49 58.65
CA ASP B 318 -23.75 -7.01 58.90
C ASP B 318 -23.95 -8.46 58.48
N SER B 319 -22.87 -9.17 58.29
CA SER B 319 -22.81 -10.60 58.20
C SER B 319 -21.39 -11.06 57.88
N GLY B 320 -21.25 -12.37 58.03
CA GLY B 320 -19.97 -13.01 57.74
C GLY B 320 -20.07 -14.23 56.84
N LEU B 321 -18.90 -14.78 56.48
CA LEU B 321 -18.90 -16.06 55.77
C LEU B 321 -17.71 -16.89 56.29
N PHE B 322 -17.99 -18.07 56.81
CA PHE B 322 -16.90 -18.89 57.31
C PHE B 322 -17.08 -20.29 56.70
N GLY B 323 -15.97 -20.91 56.40
CA GLY B 323 -16.01 -22.18 55.71
C GLY B 323 -14.67 -22.26 54.97
N PHE B 324 -14.51 -23.33 54.21
CA PHE B 324 -13.20 -23.62 53.67
C PHE B 324 -13.12 -23.56 52.14
N TYR B 325 -11.89 -23.59 51.62
CA TYR B 325 -11.66 -23.52 50.18
C TYR B 325 -10.92 -24.78 49.76
N THR B 326 -11.19 -25.31 48.59
CA THR B 326 -10.47 -26.51 48.19
C THR B 326 -9.93 -26.32 46.77
N ILE B 327 -8.90 -27.07 46.43
CA ILE B 327 -8.25 -27.06 45.13
C ILE B 327 -7.83 -28.53 44.90
N SER B 328 -8.65 -29.23 44.14
CA SER B 328 -8.39 -30.67 43.97
C SER B 328 -8.17 -30.90 42.49
N GLN B 329 -8.21 -32.15 42.10
CA GLN B 329 -8.14 -32.47 40.66
C GLN B 329 -9.53 -32.91 40.27
N ALA B 330 -9.74 -33.28 39.04
CA ALA B 330 -11.08 -33.60 38.57
C ALA B 330 -11.75 -34.69 39.37
N ALA B 331 -11.16 -35.87 39.50
CA ALA B 331 -11.79 -36.96 40.22
C ALA B 331 -11.62 -36.96 41.73
N SER B 332 -10.88 -36.02 42.28
CA SER B 332 -10.70 -35.97 43.73
C SER B 332 -11.63 -34.95 44.36
N ALA B 333 -12.15 -34.02 43.57
CA ALA B 333 -12.98 -32.93 44.02
C ALA B 333 -13.84 -33.29 45.20
N GLY B 334 -14.60 -34.38 45.01
CA GLY B 334 -15.52 -34.78 46.09
C GLY B 334 -14.74 -35.18 47.34
N ASP B 335 -13.96 -36.23 47.14
CA ASP B 335 -13.16 -36.78 48.22
C ASP B 335 -12.58 -35.69 49.09
N VAL B 336 -11.77 -34.82 48.53
CA VAL B 336 -11.28 -33.62 49.21
C VAL B 336 -12.38 -32.86 49.94
N ILE B 337 -13.35 -32.42 49.12
CA ILE B 337 -14.44 -31.59 49.61
C ILE B 337 -15.14 -32.14 50.84
N LYS B 338 -15.55 -33.39 50.79
CA LYS B 338 -16.15 -34.08 51.92
C LYS B 338 -15.19 -34.20 53.11
N ALA B 339 -14.03 -34.77 52.78
CA ALA B 339 -12.95 -34.94 53.75
C ALA B 339 -12.88 -33.67 54.59
N ALA B 340 -12.63 -32.53 53.96
CA ALA B 340 -12.61 -31.24 54.65
C ALA B 340 -13.81 -31.07 55.57
N TYR B 341 -14.99 -31.30 54.97
CA TYR B 341 -16.22 -31.10 55.74
C TYR B 341 -16.19 -31.98 56.99
N ASN B 342 -16.12 -33.27 56.74
CA ASN B 342 -16.05 -34.24 57.84
C ASN B 342 -15.20 -33.70 58.98
N GLN B 343 -13.92 -33.46 58.75
CA GLN B 343 -13.05 -32.88 59.75
C GLN B 343 -13.62 -31.68 60.49
N VAL B 344 -14.30 -30.77 59.81
CA VAL B 344 -14.85 -29.59 60.49
C VAL B 344 -16.10 -29.99 61.26
N LYS B 345 -16.67 -31.13 60.87
CA LYS B 345 -17.75 -31.78 61.56
C LYS B 345 -17.25 -32.32 62.93
N THR B 346 -16.07 -32.92 62.86
CA THR B 346 -15.41 -33.44 64.05
C THR B 346 -15.43 -32.34 65.10
N ILE B 347 -14.76 -31.20 64.87
CA ILE B 347 -14.81 -30.14 65.88
C ILE B 347 -16.21 -29.82 66.34
N ALA B 348 -17.21 -29.88 65.46
CA ALA B 348 -18.56 -29.57 65.86
C ALA B 348 -19.23 -30.73 66.59
N GLN B 349 -18.57 -31.88 66.60
CA GLN B 349 -19.08 -33.02 67.37
C GLN B 349 -18.57 -32.91 68.82
N GLY B 350 -17.62 -31.99 68.97
CA GLY B 350 -17.10 -31.58 70.25
C GLY B 350 -15.62 -31.89 70.36
N ASN B 351 -15.17 -32.83 69.54
CA ASN B 351 -13.80 -33.33 69.59
C ASN B 351 -12.76 -32.27 69.36
N LEU B 352 -12.28 -31.56 70.37
CA LEU B 352 -11.17 -30.62 70.25
C LEU B 352 -10.51 -30.31 71.59
N SER B 353 -9.28 -30.78 71.67
CA SER B 353 -8.40 -30.70 72.81
C SER B 353 -7.67 -29.37 72.94
N ASN B 354 -7.57 -28.84 74.15
CA ASN B 354 -7.00 -27.59 74.57
C ASN B 354 -5.68 -27.18 73.93
N PRO B 355 -4.72 -28.06 73.89
CA PRO B 355 -3.45 -27.84 73.23
C PRO B 355 -3.59 -27.12 71.89
N ASP B 356 -4.48 -27.57 71.02
CA ASP B 356 -4.63 -26.98 69.70
C ASP B 356 -5.25 -25.60 69.67
N VAL B 357 -6.06 -25.24 70.65
CA VAL B 357 -6.70 -23.93 70.63
C VAL B 357 -5.65 -22.86 70.94
N GLN B 358 -4.78 -23.17 71.90
CA GLN B 358 -3.74 -22.24 72.31
C GLN B 358 -2.70 -21.99 71.23
N ALA B 359 -2.36 -23.06 70.51
CA ALA B 359 -1.48 -22.87 69.36
C ALA B 359 -2.16 -21.92 68.36
N ALA B 360 -3.37 -22.29 67.95
CA ALA B 360 -4.18 -21.48 67.05
C ALA B 360 -4.07 -20.02 67.49
N LYS B 361 -4.63 -19.73 68.66
CA LYS B 361 -4.58 -18.41 69.26
C LYS B 361 -3.26 -17.70 68.95
N ASN B 362 -2.17 -18.27 69.43
CA ASN B 362 -0.84 -17.71 69.26
C ASN B 362 -0.47 -17.52 67.80
N LYS B 363 -0.91 -18.46 66.96
CA LYS B 363 -0.82 -18.27 65.51
C LYS B 363 -1.55 -16.97 65.17
N LEU B 364 -2.84 -16.87 65.44
CA LEU B 364 -3.58 -15.65 65.14
C LEU B 364 -2.92 -14.37 65.66
N LYS B 365 -2.62 -14.29 66.94
CA LYS B 365 -1.94 -13.17 67.58
C LYS B 365 -0.69 -12.76 66.80
N ALA B 366 0.18 -13.73 66.60
CA ALA B 366 1.38 -13.50 65.80
C ALA B 366 1.02 -12.76 64.51
N GLY B 367 0.15 -13.39 63.73
CA GLY B 367 -0.41 -12.88 62.49
C GLY B 367 -0.84 -11.44 62.58
N TYR B 368 -1.83 -11.17 63.44
CA TYR B 368 -2.27 -9.77 63.55
C TYR B 368 -1.11 -8.81 63.72
N LEU B 369 -0.11 -9.19 64.51
CA LEU B 369 0.98 -8.27 64.82
C LEU B 369 1.82 -7.99 63.61
N MET B 370 2.15 -9.10 62.95
CA MET B 370 2.87 -8.92 61.70
C MET B 370 2.08 -8.07 60.72
N SER B 371 0.76 -8.27 60.71
CA SER B 371 -0.12 -7.55 59.81
C SER B 371 0.06 -6.05 59.98
N VAL B 372 0.23 -5.63 61.23
CA VAL B 372 0.43 -4.23 61.56
C VAL B 372 1.89 -3.84 61.76
N GLU B 373 2.82 -4.71 61.35
CA GLU B 373 4.23 -4.35 61.51
C GLU B 373 4.72 -3.48 60.37
N SER B 374 3.85 -3.16 59.42
CA SER B 374 4.23 -2.27 58.34
C SER B 374 3.44 -0.97 58.26
N SER B 375 4.03 0.08 57.68
CA SER B 375 3.28 1.33 57.54
C SER B 375 1.96 1.06 56.81
N GLU B 376 2.07 0.50 55.62
CA GLU B 376 0.86 0.20 54.86
C GLU B 376 -0.11 -0.63 55.66
N GLY B 377 0.42 -1.62 56.40
CA GLY B 377 -0.47 -2.46 57.21
C GLY B 377 -1.19 -1.66 58.29
N PHE B 378 -0.41 -0.97 59.09
CA PHE B 378 -0.89 -0.09 60.14
C PHE B 378 -1.96 0.86 59.60
N LEU B 379 -1.63 1.62 58.57
CA LEU B 379 -2.56 2.58 58.01
C LEU B 379 -3.87 1.97 57.56
N ASP B 380 -3.83 0.75 57.05
CA ASP B 380 -5.08 0.06 56.74
C ASP B 380 -5.78 -0.27 58.06
N GLU B 381 -5.09 -0.99 58.95
CA GLU B 381 -5.71 -1.35 60.21
C GLU B 381 -6.42 -0.18 60.88
N VAL B 382 -5.72 0.94 60.96
CA VAL B 382 -6.29 2.12 61.59
C VAL B 382 -7.54 2.60 60.91
N GLY B 383 -7.44 2.98 59.65
CA GLY B 383 -8.61 3.43 58.89
C GLY B 383 -9.77 2.47 59.10
N SER B 384 -9.49 1.19 58.86
CA SER B 384 -10.47 0.11 58.96
C SER B 384 -11.33 0.22 60.21
N GLN B 385 -10.63 0.29 61.34
CA GLN B 385 -11.23 0.44 62.64
C GLN B 385 -12.05 1.72 62.71
N ALA B 386 -11.57 2.79 62.09
CA ALA B 386 -12.25 4.08 62.08
C ALA B 386 -13.67 3.97 61.54
N LEU B 387 -13.78 3.17 60.48
CA LEU B 387 -15.04 3.02 59.79
C LEU B 387 -16.01 2.13 60.55
N ALA B 388 -15.47 1.17 61.28
CA ALA B 388 -16.31 0.27 62.06
C ALA B 388 -16.74 0.87 63.41
N ALA B 389 -15.80 0.94 64.34
CA ALA B 389 -16.00 1.42 65.69
C ALA B 389 -16.14 2.93 65.77
N GLY B 390 -15.08 3.68 65.49
CA GLY B 390 -15.12 5.14 65.56
C GLY B 390 -13.90 5.65 66.32
N SER B 391 -13.01 4.69 66.60
CA SER B 391 -11.79 4.98 67.33
C SER B 391 -10.74 3.92 67.01
N TYR B 392 -9.55 4.14 67.55
CA TYR B 392 -8.50 3.16 67.42
C TYR B 392 -8.28 2.29 68.65
N THR B 393 -8.60 1.00 68.50
CA THR B 393 -8.29 0.02 69.54
C THR B 393 -6.80 -0.30 69.44
N PRO B 394 -6.00 -0.14 70.46
CA PRO B 394 -4.61 -0.57 70.51
C PRO B 394 -4.48 -2.09 70.38
N PRO B 395 -3.30 -2.52 69.96
CA PRO B 395 -2.97 -3.91 69.69
C PRO B 395 -3.20 -4.79 70.91
N SER B 396 -2.44 -4.53 71.97
CA SER B 396 -2.66 -5.15 73.26
C SER B 396 -4.12 -5.53 73.47
N THR B 397 -5.02 -4.55 73.61
CA THR B 397 -6.45 -4.79 73.82
C THR B 397 -6.97 -5.83 72.84
N VAL B 398 -6.59 -5.59 71.57
CA VAL B 398 -6.92 -6.51 70.50
C VAL B 398 -6.58 -7.94 70.94
N LEU B 399 -5.29 -8.11 71.19
CA LEU B 399 -4.71 -9.35 71.69
C LEU B 399 -5.50 -9.95 72.84
N GLN B 400 -5.91 -9.14 73.81
CA GLN B 400 -6.69 -9.68 74.92
C GLN B 400 -7.96 -10.33 74.41
N GLN B 401 -8.73 -9.64 73.60
CA GLN B 401 -9.99 -10.12 73.06
C GLN B 401 -9.93 -11.50 72.43
N ILE B 402 -8.89 -11.70 71.65
CA ILE B 402 -8.73 -12.99 70.96
C ILE B 402 -8.50 -14.09 71.97
N ASP B 403 -7.74 -13.74 73.02
CA ASP B 403 -7.43 -14.71 74.05
C ASP B 403 -8.66 -15.16 74.82
N ALA B 404 -9.59 -14.24 75.06
CA ALA B 404 -10.81 -14.54 75.78
C ALA B 404 -11.60 -15.70 75.18
N VAL B 405 -11.45 -15.99 73.90
CA VAL B 405 -12.20 -17.12 73.32
C VAL B 405 -12.06 -18.41 74.10
N ALA B 406 -13.20 -19.05 74.33
CA ALA B 406 -13.20 -20.31 75.07
C ALA B 406 -12.89 -21.49 74.16
N ASP B 407 -12.19 -22.50 74.64
CA ASP B 407 -11.96 -23.71 73.87
C ASP B 407 -13.29 -24.31 73.40
N ALA B 408 -14.33 -24.21 74.21
CA ALA B 408 -15.66 -24.67 73.80
C ALA B 408 -16.22 -23.78 72.70
N ASP B 409 -16.33 -22.50 73.00
CA ASP B 409 -16.74 -21.43 72.10
C ASP B 409 -16.44 -21.74 70.64
N VAL B 410 -15.19 -22.01 70.34
CA VAL B 410 -14.65 -22.51 69.09
C VAL B 410 -15.48 -23.65 68.51
N ILE B 411 -15.58 -24.72 69.29
CA ILE B 411 -16.41 -25.87 68.92
C ILE B 411 -17.82 -25.40 68.56
N ASN B 412 -18.40 -24.61 69.44
CA ASN B 412 -19.75 -24.06 69.35
C ASN B 412 -19.95 -23.34 68.02
N ALA B 413 -19.00 -22.46 67.71
CA ALA B 413 -19.02 -21.76 66.43
C ALA B 413 -18.98 -22.75 65.26
N ALA B 414 -18.14 -23.76 65.43
CA ALA B 414 -17.97 -24.80 64.43
C ALA B 414 -19.24 -25.62 64.23
N LYS B 415 -19.93 -25.86 65.33
CA LYS B 415 -21.25 -26.46 65.33
C LYS B 415 -22.13 -25.72 64.32
N LYS B 416 -22.07 -24.40 64.32
CA LYS B 416 -22.83 -23.52 63.47
C LYS B 416 -22.59 -23.68 61.98
N PHE B 417 -21.38 -24.04 61.58
CA PHE B 417 -21.12 -24.19 60.14
C PHE B 417 -21.89 -25.42 59.67
N VAL B 418 -21.62 -26.51 60.39
CA VAL B 418 -22.29 -27.76 60.09
C VAL B 418 -23.80 -27.63 60.16
N SER B 419 -24.29 -26.83 61.09
CA SER B 419 -25.72 -26.59 61.20
C SER B 419 -26.10 -25.17 60.81
N GLY B 420 -25.67 -24.78 59.61
CA GLY B 420 -25.94 -23.47 59.05
C GLY B 420 -26.12 -23.65 57.54
N ARG B 421 -27.08 -23.01 56.93
CA ARG B 421 -27.39 -23.06 55.51
C ARG B 421 -26.18 -22.99 54.61
N LYS B 422 -25.99 -23.99 53.76
CA LYS B 422 -24.73 -24.10 53.01
C LYS B 422 -24.74 -23.21 51.78
N SER B 423 -23.58 -22.82 51.27
CA SER B 423 -23.46 -22.00 50.08
C SER B 423 -22.09 -22.19 49.42
N MET B 424 -22.09 -22.78 48.24
CA MET B 424 -20.85 -23.23 47.60
C MET B 424 -20.63 -22.71 46.18
N ALA B 425 -19.38 -22.57 45.75
CA ALA B 425 -19.00 -22.10 44.44
C ALA B 425 -17.74 -22.82 43.95
N ALA B 426 -17.88 -23.48 42.81
CA ALA B 426 -16.79 -24.26 42.23
C ALA B 426 -16.42 -23.89 40.80
N SER B 427 -15.21 -24.18 40.33
CA SER B 427 -14.81 -24.01 38.94
C SER B 427 -14.03 -25.21 38.42
N GLY B 428 -13.99 -25.46 37.11
CA GLY B 428 -13.24 -26.57 36.54
C GLY B 428 -14.18 -27.64 36.00
N ASN B 429 -13.67 -28.80 35.64
CA ASN B 429 -14.45 -29.98 35.35
C ASN B 429 -15.20 -30.52 36.56
N LEU B 430 -16.50 -30.25 36.59
CA LEU B 430 -17.32 -30.60 37.72
C LEU B 430 -18.09 -31.88 37.50
N GLY B 431 -17.39 -32.97 37.20
CA GLY B 431 -18.06 -34.27 37.32
C GLY B 431 -18.08 -34.71 38.78
N HIS B 432 -17.02 -34.42 39.52
CA HIS B 432 -16.89 -34.99 40.86
C HIS B 432 -17.01 -33.97 41.96
N THR B 433 -17.82 -32.93 41.77
CA THR B 433 -18.04 -31.92 42.80
C THR B 433 -19.43 -32.06 43.43
N PRO B 434 -19.45 -32.53 44.66
CA PRO B 434 -20.63 -32.61 45.46
C PRO B 434 -21.50 -31.36 45.29
N PHE B 435 -22.81 -31.62 45.32
CA PHE B 435 -23.79 -30.55 45.35
C PHE B 435 -24.21 -30.36 46.81
N ILE B 436 -25.20 -29.49 47.02
CA ILE B 436 -25.67 -29.30 48.38
C ILE B 436 -26.09 -30.64 48.97
N ASP B 437 -26.93 -31.40 48.27
CA ASP B 437 -27.46 -32.66 48.75
C ASP B 437 -26.42 -33.74 48.92
N GLU B 438 -25.27 -33.55 48.31
CA GLU B 438 -24.21 -34.54 48.37
C GLU B 438 -23.49 -34.61 49.69
N LEU B 439 -23.54 -33.55 50.48
CA LEU B 439 -22.76 -33.49 51.71
C LEU B 439 -23.53 -33.30 52.99
N MET C 1 2.50 5.77 15.73
CA MET C 1 3.92 6.22 15.65
C MET C 1 4.03 7.73 15.74
N THR C 2 5.16 8.17 16.28
CA THR C 2 5.54 9.56 16.34
C THR C 2 7.05 9.63 16.06
N ASN C 3 7.45 10.61 15.29
CA ASN C 3 8.84 10.83 14.93
C ASN C 3 9.62 9.60 14.53
N ILE C 4 8.96 8.63 13.89
CA ILE C 4 9.62 7.60 13.11
C ILE C 4 9.77 8.12 11.68
N ARG C 5 10.84 8.87 11.50
CA ARG C 5 11.12 9.50 10.22
C ARG C 5 10.58 8.71 9.05
N LYS C 6 10.96 7.45 8.90
CA LYS C 6 10.53 6.59 7.83
C LYS C 6 9.06 6.68 7.51
N SER C 7 8.18 6.23 8.40
CA SER C 7 6.76 6.33 8.03
C SER C 7 6.16 7.68 8.23
N HIS C 8 6.79 8.64 8.91
CA HIS C 8 6.25 10.01 8.91
C HIS C 8 5.98 10.42 7.48
N PRO C 9 6.92 10.97 6.75
CA PRO C 9 6.71 11.25 5.33
C PRO C 9 6.13 9.96 4.74
N LEU C 10 5.23 10.09 3.77
CA LEU C 10 4.73 8.85 3.18
C LEU C 10 5.80 8.41 2.17
N MET C 11 6.35 9.43 1.56
CA MET C 11 7.42 9.32 0.58
C MET C 11 8.58 8.51 1.12
N LYS C 12 9.12 8.90 2.27
CA LYS C 12 10.22 8.20 2.92
C LYS C 12 9.89 6.78 3.33
N ILE C 13 8.63 6.42 3.53
CA ILE C 13 8.24 5.05 3.76
C ILE C 13 8.55 4.20 2.50
N VAL C 14 8.24 4.75 1.34
CA VAL C 14 8.39 4.11 0.05
C VAL C 14 9.85 3.76 -0.20
N ASN C 15 10.75 4.43 0.51
CA ASN C 15 12.16 4.18 0.42
C ASN C 15 12.61 3.08 1.36
N ASN C 16 11.73 2.61 2.24
CA ASN C 16 12.07 1.55 3.16
C ASN C 16 11.98 0.20 2.48
N ALA C 17 11.91 0.16 1.15
CA ALA C 17 12.04 -1.10 0.43
C ALA C 17 13.54 -1.50 0.37
N PHE C 18 14.44 -0.54 0.55
CA PHE C 18 15.87 -0.74 0.58
C PHE C 18 16.34 -1.20 1.95
N ILE C 19 15.98 -0.57 3.03
CA ILE C 19 16.42 -0.77 4.37
C ILE C 19 15.75 -1.89 5.14
N ASP C 20 14.46 -1.90 5.21
CA ASP C 20 13.72 -2.81 6.02
C ASP C 20 13.24 -4.10 5.41
N LEU C 21 13.31 -4.21 4.12
CA LEU C 21 12.75 -5.32 3.36
C LEU C 21 13.24 -6.70 3.70
N PRO C 22 12.37 -7.69 3.70
CA PRO C 22 12.76 -9.10 3.85
C PRO C 22 13.70 -9.57 2.74
N ALA C 23 14.95 -9.83 3.05
CA ALA C 23 15.81 -10.41 2.02
C ALA C 23 16.33 -11.76 2.47
N PRO C 24 16.14 -12.76 1.65
CA PRO C 24 16.67 -14.07 1.88
C PRO C 24 18.14 -13.99 2.32
N SER C 25 18.56 -15.00 3.06
CA SER C 25 19.89 -15.16 3.67
C SER C 25 20.82 -15.65 2.61
N ASN C 26 20.81 -16.95 2.54
CA ASN C 26 21.48 -17.59 1.38
C ASN C 26 21.23 -16.76 0.12
N ILE C 27 22.17 -16.51 -0.74
CA ILE C 27 21.99 -15.74 -1.95
C ILE C 27 23.33 -15.54 -2.66
N SER C 28 23.50 -16.32 -3.74
CA SER C 28 24.71 -16.24 -4.53
C SER C 28 25.10 -14.79 -4.82
N SER C 29 26.29 -14.67 -5.37
CA SER C 29 26.79 -13.33 -5.68
C SER C 29 26.04 -12.81 -6.89
N TRP C 30 25.40 -13.71 -7.61
CA TRP C 30 24.72 -13.39 -8.85
C TRP C 30 23.71 -12.28 -8.76
N TRP C 31 22.95 -12.27 -7.68
CA TRP C 31 21.96 -11.21 -7.49
C TRP C 31 22.44 -9.80 -7.40
N ASN C 32 23.71 -9.52 -7.23
CA ASN C 32 24.23 -8.17 -7.16
C ASN C 32 24.05 -7.53 -8.52
N PHE C 33 23.86 -8.25 -9.63
CA PHE C 33 23.67 -7.75 -10.97
C PHE C 33 22.37 -6.96 -11.09
N GLY C 34 21.42 -7.19 -10.19
CA GLY C 34 20.19 -6.37 -10.26
C GLY C 34 20.63 -4.91 -10.00
N SER C 35 20.91 -4.62 -8.74
CA SER C 35 21.55 -3.41 -8.27
C SER C 35 22.59 -2.83 -9.24
N LEU C 36 23.64 -3.56 -9.60
CA LEU C 36 24.62 -3.06 -10.57
C LEU C 36 23.92 -2.62 -11.85
N LEU C 37 22.81 -3.32 -12.15
CA LEU C 37 22.05 -3.06 -13.37
C LEU C 37 21.53 -1.63 -13.36
N GLY C 38 21.14 -1.27 -12.15
CA GLY C 38 20.63 0.07 -11.94
C GLY C 38 21.81 1.03 -11.96
N ILE C 39 22.87 0.65 -11.26
CA ILE C 39 24.11 1.41 -11.24
C ILE C 39 24.52 1.88 -12.62
N CYS C 40 24.31 1.01 -13.61
CA CYS C 40 24.84 1.20 -14.92
C CYS C 40 23.86 2.17 -15.57
N LEU C 41 22.58 1.98 -15.20
CA LEU C 41 21.61 2.82 -15.83
C LEU C 41 21.83 4.28 -15.44
N ILE C 42 22.05 4.47 -14.14
CA ILE C 42 22.42 5.79 -13.62
C ILE C 42 23.75 6.32 -14.16
N LEU C 43 24.79 5.48 -14.32
CA LEU C 43 26.06 6.00 -14.82
C LEU C 43 25.89 6.42 -16.27
N GLN C 44 25.27 5.58 -17.11
CA GLN C 44 25.13 5.96 -18.52
C GLN C 44 24.48 7.35 -18.62
N ILE C 45 23.44 7.50 -17.79
CA ILE C 45 22.65 8.70 -17.85
C ILE C 45 23.45 9.97 -17.55
N LEU C 46 24.15 10.00 -16.41
CA LEU C 46 25.00 11.13 -15.97
C LEU C 46 26.03 11.36 -17.08
N THR C 47 26.58 10.27 -17.59
CA THR C 47 27.60 10.35 -18.62
C THR C 47 26.97 10.93 -19.88
N GLY C 48 25.84 10.41 -20.28
CA GLY C 48 25.14 10.77 -21.51
C GLY C 48 24.84 12.25 -21.51
N LEU C 49 24.26 12.67 -20.41
CA LEU C 49 23.87 14.08 -20.29
C LEU C 49 25.08 14.98 -20.39
N PHE C 50 26.26 14.59 -19.88
CA PHE C 50 27.42 15.45 -20.09
C PHE C 50 27.88 15.35 -21.52
N LEU C 51 27.82 14.17 -22.14
CA LEU C 51 28.36 14.11 -23.52
C LEU C 51 27.40 14.91 -24.38
N ALA C 52 26.10 14.69 -24.17
CA ALA C 52 25.09 15.46 -24.88
C ALA C 52 25.08 16.93 -24.44
N MET C 53 25.94 17.27 -23.50
CA MET C 53 26.30 18.64 -23.22
C MET C 53 27.39 19.13 -24.18
N HIS C 54 28.03 18.34 -25.05
CA HIS C 54 28.96 18.88 -26.01
C HIS C 54 28.99 18.22 -27.41
N TYR C 55 27.92 17.47 -27.69
CA TYR C 55 27.73 16.68 -28.90
C TYR C 55 26.78 17.40 -29.86
N THR C 56 26.91 17.26 -31.17
CA THR C 56 25.96 17.87 -32.11
C THR C 56 25.40 16.77 -33.01
N SER C 57 24.18 16.83 -33.50
CA SER C 57 23.62 15.67 -34.19
C SER C 57 23.41 15.97 -35.66
N ASP C 58 24.49 16.30 -36.36
CA ASP C 58 24.49 16.49 -37.79
C ASP C 58 25.54 15.63 -38.51
N THR C 59 25.29 15.39 -39.78
CA THR C 59 26.25 14.65 -40.60
C THR C 59 27.63 15.27 -40.45
N THR C 60 27.70 16.55 -40.81
CA THR C 60 28.94 17.29 -40.85
C THR C 60 29.80 17.16 -39.60
N THR C 61 29.11 17.42 -38.49
CA THR C 61 29.78 17.63 -37.23
C THR C 61 29.90 16.44 -36.31
N ALA C 62 28.82 15.68 -36.12
CA ALA C 62 28.80 14.54 -35.23
C ALA C 62 30.14 13.85 -35.04
N PHE C 63 30.81 13.49 -36.15
CA PHE C 63 32.10 12.83 -35.96
C PHE C 63 33.03 13.81 -35.24
N SER C 64 33.04 15.05 -35.72
CA SER C 64 33.89 16.11 -35.24
C SER C 64 33.55 16.30 -33.77
N SER C 65 32.24 16.40 -33.57
CA SER C 65 31.76 16.66 -32.23
C SER C 65 32.31 15.69 -31.20
N VAL C 66 32.22 14.39 -31.53
CA VAL C 66 32.73 13.40 -30.60
C VAL C 66 34.24 13.64 -30.44
N THR C 67 34.91 13.79 -31.57
CA THR C 67 36.33 14.05 -31.69
C THR C 67 36.77 15.25 -30.85
N HIS C 68 35.87 16.21 -30.76
CA HIS C 68 36.12 17.42 -30.00
C HIS C 68 35.87 17.18 -28.52
N ILE C 69 34.83 16.39 -28.22
CA ILE C 69 34.65 15.98 -26.82
C ILE C 69 35.92 15.26 -26.35
N CYS C 70 36.55 14.45 -27.19
CA CYS C 70 37.72 13.71 -26.68
C CYS C 70 39.03 14.44 -26.76
N ARG C 71 39.01 15.73 -27.12
CA ARG C 71 40.30 16.38 -27.33
C ARG C 71 40.45 17.70 -26.60
N ASP C 72 39.55 18.65 -26.83
CA ASP C 72 39.65 19.99 -26.32
C ASP C 72 38.92 20.16 -25.00
N VAL C 73 37.80 19.47 -24.82
CA VAL C 73 37.02 19.50 -23.60
C VAL C 73 37.69 18.82 -22.42
N ASN C 74 37.76 19.46 -21.28
CA ASN C 74 38.34 18.92 -20.07
C ASN C 74 37.60 17.74 -19.41
N TYR C 75 38.17 16.60 -19.45
CA TYR C 75 37.78 15.35 -18.85
C TYR C 75 36.63 14.84 -19.68
N GLY C 76 36.55 15.37 -20.92
CA GLY C 76 35.54 14.84 -21.84
C GLY C 76 35.96 13.46 -22.35
N TRP C 77 37.27 13.19 -22.33
CA TRP C 77 37.78 11.94 -22.89
C TRP C 77 37.34 10.75 -22.03
N ILE C 78 37.60 10.94 -20.74
CA ILE C 78 37.16 9.83 -19.90
C ILE C 78 35.65 9.73 -19.90
N ILE C 79 35.02 10.91 -20.12
CA ILE C 79 33.55 10.80 -19.91
C ILE C 79 32.99 9.94 -21.04
N ARG C 80 33.49 10.30 -22.22
CA ARG C 80 33.11 9.54 -23.38
C ARG C 80 33.57 8.09 -23.36
N TYR C 81 34.73 7.74 -22.85
CA TYR C 81 35.23 6.37 -22.96
C TYR C 81 34.68 5.49 -21.83
N MET C 82 34.12 6.20 -20.89
CA MET C 82 33.46 5.70 -19.70
C MET C 82 32.03 5.36 -20.15
N HIS C 83 31.51 6.24 -21.00
CA HIS C 83 30.19 6.03 -21.55
C HIS C 83 30.20 4.86 -22.54
N ALA C 84 31.30 4.75 -23.30
CA ALA C 84 31.30 3.70 -24.31
C ALA C 84 31.40 2.41 -23.52
N ASN C 85 32.57 2.21 -22.91
CA ASN C 85 32.79 1.06 -22.03
C ASN C 85 31.61 0.79 -21.11
N GLY C 86 31.05 1.80 -20.44
CA GLY C 86 29.93 1.45 -19.55
C GLY C 86 28.95 0.46 -20.17
N ALA C 87 28.47 0.82 -21.35
CA ALA C 87 27.42 0.16 -22.07
C ALA C 87 27.78 -1.30 -22.27
N SER C 88 29.08 -1.53 -22.47
CA SER C 88 29.54 -2.89 -22.45
C SER C 88 29.12 -3.50 -21.12
N MET C 89 29.67 -2.97 -20.03
CA MET C 89 29.30 -3.45 -18.70
C MET C 89 27.79 -3.64 -18.65
N PHE C 90 27.03 -2.59 -18.89
CA PHE C 90 25.59 -2.63 -18.82
C PHE C 90 25.05 -3.90 -19.43
N PHE C 91 25.59 -4.27 -20.58
CA PHE C 91 25.18 -5.52 -21.18
C PHE C 91 25.80 -6.73 -20.49
N ILE C 92 27.08 -6.77 -20.25
CA ILE C 92 27.69 -7.86 -19.49
C ILE C 92 26.85 -8.20 -18.25
N CYS C 93 26.27 -7.20 -17.61
CA CYS C 93 25.54 -7.28 -16.37
C CYS C 93 24.16 -7.85 -16.67
N LEU C 94 23.57 -7.33 -17.73
CA LEU C 94 22.23 -7.74 -18.16
C LEU C 94 22.18 -9.25 -18.36
N TYR C 95 23.17 -9.78 -19.08
CA TYR C 95 23.25 -11.18 -19.40
C TYR C 95 23.67 -12.03 -18.21
N MET C 96 24.21 -11.41 -17.17
CA MET C 96 24.34 -12.24 -15.96
C MET C 96 22.92 -12.39 -15.42
N HIS C 97 22.17 -11.29 -15.37
CA HIS C 97 20.85 -11.17 -14.78
C HIS C 97 19.86 -12.25 -15.23
N VAL C 98 19.98 -12.48 -16.57
CA VAL C 98 18.99 -13.29 -17.24
C VAL C 98 19.45 -14.74 -17.09
N GLY C 99 20.77 -14.91 -17.08
CA GLY C 99 21.31 -16.21 -16.73
C GLY C 99 20.71 -16.65 -15.38
N ARG C 100 21.05 -15.93 -14.30
CA ARG C 100 20.43 -16.24 -13.03
C ARG C 100 18.97 -16.60 -13.04
N GLY C 101 18.16 -15.92 -13.82
CA GLY C 101 16.72 -16.10 -13.90
C GLY C 101 16.41 -17.39 -14.59
N LEU C 102 17.29 -17.67 -15.55
CA LEU C 102 17.16 -18.91 -16.25
C LEU C 102 17.43 -20.18 -15.49
N TYR C 103 18.36 -20.03 -14.58
CA TYR C 103 18.97 -21.11 -13.84
C TYR C 103 18.30 -21.46 -12.54
N TYR C 104 17.89 -20.47 -11.79
CA TYR C 104 17.29 -20.73 -10.49
C TYR C 104 15.76 -20.61 -10.58
N GLY C 105 15.12 -20.37 -11.71
CA GLY C 105 13.76 -20.15 -11.89
C GLY C 105 13.07 -18.97 -11.22
N SER C 106 13.78 -17.85 -11.37
CA SER C 106 13.35 -16.59 -10.80
C SER C 106 12.25 -16.14 -11.75
N TYR C 107 12.43 -16.63 -12.97
CA TYR C 107 11.41 -16.36 -13.99
C TYR C 107 10.04 -16.90 -13.66
N THR C 108 9.98 -17.69 -12.54
CA THR C 108 8.58 -18.04 -12.17
C THR C 108 7.69 -16.82 -12.01
N PHE C 109 8.15 -15.73 -11.44
CA PHE C 109 7.55 -14.43 -11.29
C PHE C 109 7.10 -13.91 -12.64
N LEU C 110 6.29 -14.65 -13.39
CA LEU C 110 5.89 -14.24 -14.73
C LEU C 110 5.81 -12.75 -14.89
N GLU C 111 4.91 -12.01 -14.26
CA GLU C 111 4.83 -10.55 -14.38
C GLU C 111 6.20 -9.90 -14.27
N THR C 112 7.07 -10.25 -13.32
CA THR C 112 8.41 -9.67 -13.23
C THR C 112 9.24 -10.03 -14.47
N TRP C 113 9.19 -11.28 -14.89
CA TRP C 113 9.86 -11.82 -16.09
C TRP C 113 9.43 -10.96 -17.26
N ASN C 114 8.18 -10.76 -17.55
CA ASN C 114 7.73 -9.95 -18.69
C ASN C 114 8.22 -8.53 -18.67
N ILE C 115 8.34 -7.91 -17.51
CA ILE C 115 8.95 -6.58 -17.44
C ILE C 115 10.43 -6.74 -17.76
N GLY C 116 11.01 -7.81 -17.12
CA GLY C 116 12.45 -7.86 -17.44
C GLY C 116 12.66 -7.76 -18.93
N VAL C 117 11.96 -8.65 -19.59
CA VAL C 117 12.07 -8.81 -21.03
C VAL C 117 11.94 -7.51 -21.76
N ILE C 118 10.94 -6.74 -21.34
CA ILE C 118 10.77 -5.41 -21.94
C ILE C 118 12.00 -4.56 -21.68
N LEU C 119 12.47 -4.59 -20.43
CA LEU C 119 13.70 -3.91 -20.04
C LEU C 119 14.81 -4.20 -21.03
N LEU C 120 15.15 -5.49 -21.10
CA LEU C 120 16.21 -6.01 -21.92
C LEU C 120 16.09 -5.43 -23.33
N LEU C 121 14.86 -5.55 -23.90
CA LEU C 121 14.70 -5.09 -25.28
C LEU C 121 14.76 -3.60 -25.39
N THR C 122 14.33 -2.91 -24.33
CA THR C 122 14.40 -1.45 -24.47
C THR C 122 15.85 -1.00 -24.51
N VAL C 123 16.66 -1.58 -23.65
CA VAL C 123 18.08 -1.19 -23.60
C VAL C 123 18.70 -1.54 -24.94
N MET C 124 17.94 -2.49 -25.59
CA MET C 124 18.65 -3.05 -26.71
C MET C 124 18.61 -2.01 -27.84
N ALA C 125 17.48 -1.31 -27.82
CA ALA C 125 17.21 -0.26 -28.77
C ALA C 125 18.13 0.91 -28.49
N THR C 126 18.10 1.34 -27.23
CA THR C 126 19.03 2.31 -26.85
C THR C 126 20.46 2.17 -27.41
N ALA C 127 21.02 0.98 -27.18
CA ALA C 127 22.42 0.70 -27.51
C ALA C 127 22.63 0.76 -29.00
N PHE C 128 21.55 0.43 -29.72
CA PHE C 128 21.66 0.35 -31.16
C PHE C 128 21.70 1.75 -31.73
N MET C 129 20.93 2.66 -31.16
CA MET C 129 20.96 4.04 -31.68
C MET C 129 22.14 4.88 -31.21
N GLY C 130 22.55 4.76 -29.95
CA GLY C 130 23.70 5.48 -29.47
C GLY C 130 24.94 5.20 -30.29
N TYR C 131 25.10 3.98 -30.76
CA TYR C 131 26.40 3.63 -31.34
C TYR C 131 26.51 4.33 -32.69
N VAL C 132 25.39 4.81 -33.18
CA VAL C 132 25.27 5.43 -34.48
C VAL C 132 25.40 6.93 -34.44
N LEU C 133 25.22 7.40 -33.20
CA LEU C 133 25.39 8.86 -33.02
C LEU C 133 26.72 9.34 -33.49
N PRO C 134 27.83 8.74 -33.15
CA PRO C 134 29.12 9.23 -33.57
C PRO C 134 29.30 9.20 -35.08
N TRP C 135 28.47 8.49 -35.81
CA TRP C 135 28.39 8.57 -37.26
C TRP C 135 29.72 8.14 -37.88
N GLY C 136 30.23 7.01 -37.48
CA GLY C 136 31.47 6.51 -38.03
C GLY C 136 31.16 5.25 -38.82
N GLN C 137 31.99 5.01 -39.81
CA GLN C 137 31.90 3.90 -40.73
C GLN C 137 31.18 2.66 -40.25
N MET C 138 31.44 2.24 -39.01
CA MET C 138 30.78 1.07 -38.50
C MET C 138 29.33 1.39 -38.22
N SER C 139 29.17 2.45 -37.42
CA SER C 139 27.83 2.97 -37.16
C SER C 139 26.96 3.19 -38.40
N PHE C 140 27.35 4.14 -39.23
CA PHE C 140 26.68 4.35 -40.55
C PHE C 140 26.14 3.03 -41.16
N TRP C 141 26.98 2.09 -41.57
CA TRP C 141 26.59 0.86 -42.25
C TRP C 141 25.70 -0.06 -41.44
N GLY C 142 26.01 -0.20 -40.16
CA GLY C 142 25.32 -1.06 -39.22
C GLY C 142 23.87 -0.66 -39.09
N ALA C 143 23.67 0.64 -39.21
CA ALA C 143 22.28 1.10 -39.10
C ALA C 143 21.65 0.68 -40.41
N THR C 144 22.41 0.86 -41.53
CA THR C 144 21.67 0.59 -42.78
C THR C 144 21.23 -0.88 -42.80
N VAL C 145 22.23 -1.70 -42.47
CA VAL C 145 21.92 -3.10 -42.73
C VAL C 145 20.92 -3.69 -41.74
N ILE C 146 20.91 -3.12 -40.55
CA ILE C 146 19.90 -3.59 -39.59
C ILE C 146 18.51 -3.11 -40.01
N THR C 147 18.39 -1.81 -40.21
CA THR C 147 17.13 -1.14 -40.52
C THR C 147 16.48 -1.73 -41.76
N ASN C 148 17.29 -1.82 -42.80
CA ASN C 148 16.90 -2.47 -44.02
C ASN C 148 16.43 -3.90 -43.83
N LEU C 149 16.96 -4.52 -42.77
CA LEU C 149 16.57 -5.90 -42.47
C LEU C 149 15.11 -6.03 -42.04
N LEU C 150 14.52 -4.86 -41.91
CA LEU C 150 13.11 -4.67 -41.59
C LEU C 150 12.23 -4.62 -42.82
N SER C 151 12.90 -4.37 -43.94
CA SER C 151 12.22 -4.30 -45.22
C SER C 151 11.91 -5.70 -45.73
N ALA C 152 12.14 -6.68 -44.89
CA ALA C 152 11.84 -8.07 -45.22
C ALA C 152 10.32 -8.21 -45.21
N ILE C 153 9.70 -7.42 -44.33
CA ILE C 153 8.25 -7.58 -44.29
C ILE C 153 7.69 -7.22 -45.66
N PRO C 154 6.87 -8.13 -46.14
CA PRO C 154 6.28 -8.16 -47.45
C PRO C 154 5.44 -7.00 -47.89
N TYR C 155 4.38 -6.69 -47.14
CA TYR C 155 3.48 -5.64 -47.59
C TYR C 155 3.94 -4.26 -47.25
N ILE C 156 4.24 -4.07 -45.98
CA ILE C 156 4.64 -2.80 -45.42
C ILE C 156 6.14 -2.55 -45.50
N GLY C 157 6.88 -3.36 -44.76
CA GLY C 157 8.33 -3.28 -44.69
C GLY C 157 8.82 -2.02 -45.40
N THR C 158 9.17 -2.21 -46.64
CA THR C 158 9.63 -1.22 -47.58
C THR C 158 9.15 0.18 -47.27
N ASN C 159 7.84 0.41 -47.24
CA ASN C 159 7.37 1.74 -46.87
C ASN C 159 7.93 2.11 -45.49
N LEU C 160 7.66 1.28 -44.51
CA LEU C 160 8.11 1.45 -43.15
C LEU C 160 9.58 1.66 -42.92
N VAL C 161 10.51 1.03 -43.62
CA VAL C 161 11.95 1.29 -43.43
C VAL C 161 12.22 2.75 -43.77
N GLU C 162 11.48 3.26 -44.75
CA GLU C 162 11.64 4.62 -45.23
C GLU C 162 11.11 5.71 -44.31
N TRP C 163 10.24 5.30 -43.40
CA TRP C 163 9.61 6.24 -42.48
C TRP C 163 10.57 6.41 -41.30
N ILE C 164 11.00 5.27 -40.77
CA ILE C 164 12.01 5.16 -39.73
C ILE C 164 13.22 5.97 -40.15
N TRP C 165 13.75 5.80 -41.36
CA TRP C 165 14.91 6.57 -41.75
C TRP C 165 14.66 8.06 -41.99
N GLY C 166 13.43 8.43 -42.26
CA GLY C 166 13.12 9.80 -42.66
C GLY C 166 13.65 10.12 -44.05
N GLY C 167 13.53 9.20 -45.00
CA GLY C 167 14.04 9.35 -46.34
C GLY C 167 14.48 8.05 -46.99
N PHE C 168 15.31 8.09 -48.01
CA PHE C 168 15.67 6.88 -48.73
C PHE C 168 16.95 6.29 -48.20
N SER C 169 17.74 7.03 -47.43
CA SER C 169 19.04 6.53 -46.97
C SER C 169 19.15 6.72 -45.47
N VAL C 170 20.31 7.10 -44.97
CA VAL C 170 20.46 7.43 -43.56
C VAL C 170 21.10 8.79 -43.34
N ASP C 171 20.70 9.81 -44.10
CA ASP C 171 21.28 11.14 -43.94
C ASP C 171 20.77 11.87 -42.72
N LYS C 172 21.15 13.12 -42.54
CA LYS C 172 20.78 13.87 -41.35
C LYS C 172 19.49 13.40 -40.70
N ALA C 173 18.39 13.34 -41.45
CA ALA C 173 17.10 12.97 -40.91
C ALA C 173 17.22 11.80 -39.94
N THR C 174 17.82 10.70 -40.43
CA THR C 174 17.91 9.61 -39.46
C THR C 174 18.76 9.92 -38.25
N LEU C 175 19.77 10.73 -38.34
CA LEU C 175 20.83 10.90 -37.41
C LEU C 175 20.36 11.70 -36.22
N THR C 176 19.46 12.60 -36.48
CA THR C 176 18.89 13.39 -35.41
C THR C 176 17.81 12.62 -34.71
N ARG C 177 17.05 11.78 -35.44
CA ARG C 177 16.09 10.90 -34.80
C ARG C 177 16.79 10.05 -33.74
N PHE C 178 17.85 9.33 -34.12
CA PHE C 178 18.50 8.51 -33.10
C PHE C 178 18.98 9.28 -31.90
N PHE C 179 19.39 10.52 -32.16
CA PHE C 179 19.85 11.31 -31.06
C PHE C 179 18.73 11.55 -30.02
N ALA C 180 17.51 11.76 -30.49
CA ALA C 180 16.36 12.11 -29.70
C ALA C 180 15.80 10.90 -28.97
N PHE C 181 15.57 9.81 -29.68
CA PHE C 181 15.18 8.56 -29.06
C PHE C 181 16.23 7.97 -28.13
N HIS C 182 17.52 8.11 -28.43
CA HIS C 182 18.55 7.58 -27.53
C HIS C 182 18.33 8.31 -26.19
N PHE C 183 18.07 9.61 -26.30
CA PHE C 183 17.98 10.47 -25.14
C PHE C 183 16.84 10.21 -24.21
N ILE C 184 15.76 9.78 -24.83
CA ILE C 184 14.49 9.68 -24.14
C ILE C 184 14.07 8.29 -23.71
N LEU C 185 14.69 7.28 -24.31
CA LEU C 185 14.52 5.86 -24.01
C LEU C 185 14.95 5.67 -22.59
N PRO C 186 16.19 5.92 -22.23
CA PRO C 186 16.70 5.67 -20.88
C PRO C 186 15.83 6.27 -19.82
N PHE C 187 15.27 7.44 -20.14
CA PHE C 187 14.37 8.00 -19.08
C PHE C 187 13.15 7.10 -19.00
N ILE C 188 12.64 6.67 -20.13
CA ILE C 188 11.40 5.90 -20.11
C ILE C 188 11.73 4.57 -19.38
N ILE C 189 12.86 3.98 -19.75
CA ILE C 189 13.35 2.74 -19.15
C ILE C 189 13.45 2.82 -17.61
N MET C 190 13.91 3.95 -17.07
CA MET C 190 13.96 4.03 -15.62
C MET C 190 12.57 3.79 -15.02
N ALA C 191 11.53 4.28 -15.63
CA ALA C 191 10.15 4.14 -15.15
C ALA C 191 9.89 2.63 -15.14
N ILE C 192 10.29 2.02 -16.27
CA ILE C 192 10.07 0.59 -16.34
C ILE C 192 10.78 -0.11 -15.20
N ALA C 193 12.06 0.15 -15.01
CA ALA C 193 12.84 -0.50 -13.96
C ALA C 193 12.06 -0.48 -12.65
N MET C 194 11.65 0.72 -12.27
CA MET C 194 10.89 0.91 -11.03
C MET C 194 9.60 0.09 -11.05
N VAL C 195 8.91 0.06 -12.19
CA VAL C 195 7.74 -0.78 -12.31
C VAL C 195 8.12 -2.24 -12.07
N HIS C 196 9.23 -2.68 -12.59
CA HIS C 196 9.83 -4.01 -12.45
C HIS C 196 10.08 -4.28 -10.98
N LEU C 197 10.89 -3.44 -10.36
CA LEU C 197 11.03 -3.47 -8.92
C LEU C 197 9.69 -3.58 -8.20
N LEU C 198 8.69 -2.80 -8.48
CA LEU C 198 7.35 -2.83 -7.85
C LEU C 198 6.79 -4.24 -7.75
N PHE C 199 6.59 -4.88 -8.89
CA PHE C 199 6.16 -6.26 -8.96
C PHE C 199 6.99 -7.26 -8.16
N LEU C 200 8.32 -7.15 -8.21
CA LEU C 200 9.23 -8.02 -7.53
C LEU C 200 9.11 -7.88 -6.01
N HIS C 201 8.82 -6.69 -5.55
CA HIS C 201 8.63 -6.42 -4.13
C HIS C 201 7.47 -7.11 -3.47
N GLU C 202 6.66 -7.79 -4.26
CA GLU C 202 5.43 -8.41 -3.84
C GLU C 202 5.65 -9.89 -3.57
N THR C 203 6.82 -10.38 -3.97
CA THR C 203 7.11 -11.78 -3.69
C THR C 203 8.55 -12.01 -3.28
N GLY C 204 9.39 -10.99 -3.24
CA GLY C 204 10.78 -11.14 -2.77
C GLY C 204 11.57 -12.06 -3.70
N SER C 205 12.85 -12.10 -3.63
CA SER C 205 13.98 -12.77 -4.18
C SER C 205 14.11 -14.26 -3.95
N ASN C 206 14.11 -15.08 -4.99
CA ASN C 206 14.28 -16.55 -4.96
C ASN C 206 15.77 -16.82 -4.57
N ASN C 207 16.12 -18.08 -4.34
CA ASN C 207 17.44 -18.49 -3.84
C ASN C 207 18.04 -19.64 -4.65
N PRO C 208 19.30 -19.92 -4.47
CA PRO C 208 19.96 -21.08 -5.02
C PRO C 208 19.27 -22.39 -4.67
N THR C 209 18.75 -22.58 -3.47
CA THR C 209 18.13 -23.86 -3.08
C THR C 209 16.85 -23.99 -3.88
N GLY C 210 16.28 -22.82 -4.17
CA GLY C 210 14.96 -22.88 -4.85
C GLY C 210 13.69 -22.90 -4.05
N ILE C 211 13.74 -23.09 -2.75
CA ILE C 211 12.71 -23.07 -1.73
C ILE C 211 12.43 -21.70 -1.10
N SER C 212 11.24 -21.42 -0.59
CA SER C 212 10.93 -20.14 0.11
C SER C 212 11.92 -19.97 1.27
N SER C 213 12.21 -18.71 1.59
CA SER C 213 13.17 -18.49 2.67
C SER C 213 12.46 -17.85 3.84
N ASP C 214 11.14 -17.69 3.69
CA ASP C 214 10.42 -16.91 4.69
C ASP C 214 10.79 -17.26 6.11
N VAL C 215 11.25 -18.47 6.28
CA VAL C 215 11.70 -18.99 7.55
C VAL C 215 13.13 -18.55 7.85
N ASP C 216 13.82 -18.05 6.83
CA ASP C 216 15.08 -17.38 7.00
C ASP C 216 15.16 -16.02 6.34
N LYS C 217 14.81 -14.92 7.00
CA LYS C 217 14.90 -13.62 6.31
C LYS C 217 15.74 -12.59 7.06
N ILE C 218 16.41 -11.78 6.25
CA ILE C 218 17.40 -10.86 6.78
C ILE C 218 17.15 -9.41 6.35
N PRO C 219 17.67 -8.57 7.23
CA PRO C 219 17.63 -7.13 7.05
C PRO C 219 18.22 -6.69 5.78
N PHE C 220 17.55 -6.04 4.89
CA PHE C 220 18.35 -5.65 3.75
C PHE C 220 19.40 -4.58 4.07
N HIS C 221 19.09 -3.69 5.01
CA HIS C 221 20.02 -2.63 5.29
C HIS C 221 21.37 -3.13 5.80
N PRO C 222 21.34 -3.83 6.90
CA PRO C 222 22.53 -4.30 7.58
C PRO C 222 23.50 -4.98 6.65
N TYR C 223 22.99 -5.95 5.92
CA TYR C 223 23.77 -6.87 5.13
C TYR C 223 23.88 -6.48 3.68
N TYR C 224 22.71 -6.36 3.05
CA TYR C 224 22.74 -6.11 1.62
C TYR C 224 23.11 -4.75 1.08
N THR C 225 23.02 -3.71 1.90
CA THR C 225 23.70 -2.46 1.53
C THR C 225 25.21 -2.62 1.42
N ILE C 226 25.92 -3.36 2.29
CA ILE C 226 27.38 -3.45 2.11
C ILE C 226 27.64 -4.33 0.90
N LYS C 227 26.91 -5.45 0.77
CA LYS C 227 27.14 -6.29 -0.39
C LYS C 227 27.06 -5.50 -1.67
N ASP C 228 25.98 -4.75 -1.80
CA ASP C 228 25.77 -3.92 -2.98
C ASP C 228 26.87 -2.91 -3.17
N ILE C 229 27.30 -2.23 -2.10
CA ILE C 229 28.43 -1.31 -2.23
C ILE C 229 29.68 -2.05 -2.65
N LEU C 230 29.88 -3.24 -2.05
CA LEU C 230 31.03 -3.99 -2.44
C LEU C 230 30.91 -4.29 -3.96
N GLY C 231 29.80 -4.80 -4.42
CA GLY C 231 29.46 -5.13 -5.81
C GLY C 231 29.85 -4.01 -6.76
N ALA C 232 29.46 -2.81 -6.34
CA ALA C 232 29.86 -1.61 -7.03
C ALA C 232 31.30 -1.52 -7.26
N LEU C 233 31.96 -1.63 -6.11
CA LEU C 233 33.38 -1.53 -6.04
C LEU C 233 34.09 -2.38 -7.07
N LEU C 234 33.74 -3.65 -7.18
CA LEU C 234 34.13 -4.51 -8.25
C LEU C 234 33.58 -4.07 -9.61
N LEU C 235 32.32 -3.62 -9.67
CA LEU C 235 31.80 -3.18 -10.94
C LEU C 235 32.59 -2.01 -11.51
N ILE C 236 32.46 -0.80 -10.94
CA ILE C 236 33.52 0.20 -11.21
C ILE C 236 34.89 -0.37 -11.54
N LEU C 237 35.42 -1.27 -10.70
CA LEU C 237 36.78 -1.74 -11.01
C LEU C 237 36.89 -2.13 -12.47
N ALA C 238 35.96 -2.99 -12.86
CA ALA C 238 35.96 -3.48 -14.22
C ALA C 238 35.75 -2.35 -15.18
N LEU C 239 34.80 -1.44 -14.91
CA LEU C 239 34.60 -0.34 -15.83
C LEU C 239 35.80 0.57 -15.99
N MET C 240 36.63 0.81 -14.97
CA MET C 240 37.80 1.72 -15.06
C MET C 240 39.01 0.94 -15.63
N LEU C 241 39.05 -0.36 -15.39
CA LEU C 241 40.14 -1.23 -15.80
C LEU C 241 40.20 -1.24 -17.33
N LEU C 242 38.99 -1.20 -17.85
CA LEU C 242 38.63 -1.26 -19.24
C LEU C 242 38.90 0.15 -19.80
N VAL C 243 38.23 1.09 -19.17
CA VAL C 243 38.29 2.47 -19.58
C VAL C 243 39.64 3.14 -19.43
N LEU C 244 40.50 2.62 -18.54
CA LEU C 244 41.74 3.31 -18.27
C LEU C 244 42.93 2.61 -18.90
N PHE C 245 42.82 1.29 -18.97
CA PHE C 245 43.96 0.52 -19.42
C PHE C 245 43.85 0.05 -20.83
N ALA C 246 42.60 -0.17 -21.28
CA ALA C 246 42.36 -0.76 -22.62
C ALA C 246 41.09 -0.16 -23.15
N PRO C 247 41.13 1.12 -23.49
CA PRO C 247 39.87 1.85 -23.77
C PRO C 247 39.05 1.27 -24.91
N ASP C 248 39.82 0.84 -25.91
CA ASP C 248 39.27 0.36 -27.15
C ASP C 248 39.13 -1.15 -27.15
N LEU C 249 39.83 -1.87 -26.29
CA LEU C 249 39.92 -3.32 -26.32
C LEU C 249 38.57 -3.96 -26.63
N LEU C 250 37.66 -3.75 -25.69
CA LEU C 250 36.34 -4.34 -25.78
C LEU C 250 35.49 -3.72 -26.87
N GLY C 251 35.90 -2.57 -27.39
CA GLY C 251 35.12 -1.92 -28.44
C GLY C 251 35.68 -2.39 -29.78
N ASP C 252 35.35 -3.65 -30.11
CA ASP C 252 35.88 -4.29 -31.31
C ASP C 252 36.15 -3.23 -32.39
N PRO C 253 35.10 -2.66 -32.93
CA PRO C 253 35.19 -1.65 -33.95
C PRO C 253 36.32 -0.67 -33.74
N ASP C 254 37.13 -0.61 -34.80
CA ASP C 254 38.28 0.29 -34.87
C ASP C 254 37.94 1.44 -35.81
N ASN C 255 36.76 1.36 -36.39
CA ASN C 255 36.32 2.39 -37.33
C ASN C 255 36.01 3.73 -36.71
N TYR C 256 37.09 4.49 -36.54
CA TYR C 256 37.12 5.88 -36.17
C TYR C 256 37.10 6.70 -37.46
N THR C 257 36.68 6.09 -38.57
CA THR C 257 36.57 6.74 -39.85
C THR C 257 35.20 7.31 -40.16
N PRO C 258 35.21 8.60 -40.42
CA PRO C 258 34.00 9.30 -40.83
C PRO C 258 33.35 8.54 -41.96
N ALA C 259 32.03 8.42 -41.85
CA ALA C 259 31.29 7.51 -42.72
C ALA C 259 31.24 8.00 -44.15
N ASN C 260 31.67 7.20 -45.11
CA ASN C 260 31.59 7.57 -46.51
C ASN C 260 30.59 6.57 -47.12
N PRO C 261 29.41 6.99 -47.44
CA PRO C 261 28.39 6.16 -48.02
C PRO C 261 28.71 5.30 -49.21
N LEU C 262 29.82 5.40 -49.93
CA LEU C 262 30.14 4.41 -50.94
C LEU C 262 31.07 3.33 -50.41
N ASN C 263 31.80 3.70 -49.37
CA ASN C 263 32.78 2.83 -48.72
C ASN C 263 32.17 1.78 -47.81
N THR C 264 32.82 0.61 -47.71
CA THR C 264 32.32 -0.40 -46.84
C THR C 264 33.30 -1.33 -46.18
N PRO C 265 33.27 -1.45 -44.88
CA PRO C 265 34.12 -2.46 -44.21
C PRO C 265 33.46 -3.81 -44.53
N PRO C 266 33.98 -4.63 -45.42
CA PRO C 266 33.41 -5.91 -45.80
C PRO C 266 32.98 -6.68 -44.56
N HIS C 267 33.71 -6.41 -43.47
CA HIS C 267 33.32 -6.97 -42.21
C HIS C 267 32.42 -6.10 -41.37
N ILE C 268 31.14 -6.07 -41.72
CA ILE C 268 30.12 -5.32 -41.00
C ILE C 268 29.46 -6.19 -39.92
N LYS C 269 29.42 -5.70 -38.69
CA LYS C 269 28.88 -6.41 -37.55
C LYS C 269 28.54 -5.53 -36.36
N PRO C 270 27.47 -5.84 -35.66
CA PRO C 270 27.06 -5.23 -34.42
C PRO C 270 28.10 -5.46 -33.32
N GLU C 271 28.10 -4.71 -32.24
CA GLU C 271 29.09 -4.99 -31.19
C GLU C 271 28.71 -6.27 -30.47
N TRP C 272 29.63 -6.70 -29.63
CA TRP C 272 29.51 -8.00 -28.97
C TRP C 272 28.16 -8.39 -28.43
N TYR C 273 27.41 -7.47 -27.86
CA TYR C 273 26.11 -7.75 -27.24
C TYR C 273 25.08 -8.09 -28.30
N PHE C 274 25.52 -7.88 -29.59
CA PHE C 274 24.45 -8.24 -30.56
C PHE C 274 24.80 -9.44 -31.38
N LEU C 275 26.07 -9.81 -31.28
CA LEU C 275 26.53 -10.91 -32.10
C LEU C 275 25.58 -12.08 -31.97
N PHE C 276 25.28 -12.68 -30.81
CA PHE C 276 24.37 -13.83 -30.87
C PHE C 276 23.36 -13.66 -31.99
N ALA C 277 22.42 -12.75 -31.84
CA ALA C 277 21.36 -12.50 -32.79
C ALA C 277 21.86 -12.32 -34.20
N TYR C 278 22.91 -11.56 -34.44
CA TYR C 278 23.49 -11.61 -35.79
C TYR C 278 23.68 -13.05 -36.24
N ALA C 279 24.59 -13.81 -35.64
CA ALA C 279 24.84 -15.17 -36.09
C ALA C 279 23.54 -15.89 -36.45
N ILE C 280 22.62 -15.92 -35.47
CA ILE C 280 21.37 -16.63 -35.69
C ILE C 280 20.69 -16.15 -36.96
N LEU C 281 20.73 -14.84 -37.21
CA LEU C 281 20.13 -14.37 -38.43
C LEU C 281 20.80 -14.94 -39.66
N ARG C 282 22.13 -14.80 -39.86
CA ARG C 282 22.79 -15.31 -41.03
C ARG C 282 22.42 -16.76 -41.30
N SER C 283 22.41 -17.64 -40.30
CA SER C 283 22.10 -19.03 -40.58
C SER C 283 20.91 -19.25 -41.50
N ILE C 284 20.01 -18.29 -41.72
CA ILE C 284 18.92 -18.54 -42.62
C ILE C 284 19.11 -17.88 -43.98
N PRO C 285 19.10 -18.70 -44.99
CA PRO C 285 19.19 -18.28 -46.37
C PRO C 285 18.24 -17.10 -46.61
N ASN C 286 16.95 -17.32 -46.39
CA ASN C 286 15.91 -16.35 -46.68
C ASN C 286 15.97 -15.14 -45.77
N LYS C 287 15.68 -13.95 -46.30
CA LYS C 287 15.77 -12.73 -45.49
C LYS C 287 14.79 -12.78 -44.34
N LEU C 288 13.53 -12.93 -44.73
CA LEU C 288 12.39 -12.88 -43.84
C LEU C 288 12.44 -13.96 -42.77
N GLY C 289 12.87 -15.14 -43.17
CA GLY C 289 13.05 -16.25 -42.27
C GLY C 289 14.06 -15.86 -41.18
N GLY C 290 15.05 -15.05 -41.50
CA GLY C 290 16.15 -14.62 -40.65
C GLY C 290 15.73 -13.53 -39.69
N VAL C 291 14.83 -12.66 -40.13
CA VAL C 291 14.29 -11.64 -39.27
C VAL C 291 13.34 -12.23 -38.24
N LEU C 292 12.63 -13.26 -38.68
CA LEU C 292 11.69 -13.86 -37.73
C LEU C 292 12.49 -14.52 -36.62
N ALA C 293 13.46 -15.31 -37.08
CA ALA C 293 14.37 -16.05 -36.22
C ALA C 293 15.28 -15.11 -35.44
N LEU C 294 15.49 -13.91 -36.01
CA LEU C 294 16.25 -13.00 -35.11
C LEU C 294 15.43 -12.54 -33.92
N ALA C 295 14.19 -12.15 -34.20
CA ALA C 295 13.26 -11.72 -33.17
C ALA C 295 13.10 -12.87 -32.19
N PHE C 296 12.84 -14.07 -32.71
CA PHE C 296 12.62 -15.22 -31.84
C PHE C 296 13.80 -15.53 -30.95
N SER C 297 15.01 -15.22 -31.33
CA SER C 297 16.17 -15.33 -30.45
C SER C 297 15.92 -14.76 -29.06
N ILE C 298 15.64 -13.46 -29.12
CA ILE C 298 15.38 -12.61 -28.00
C ILE C 298 13.99 -12.79 -27.43
N LEU C 299 13.03 -12.80 -28.36
CA LEU C 299 11.62 -12.86 -27.96
C LEU C 299 11.22 -14.20 -27.37
N ILE C 300 12.03 -15.22 -27.61
CA ILE C 300 11.83 -16.58 -27.07
C ILE C 300 11.94 -16.57 -25.57
N LEU C 301 12.61 -15.55 -24.99
CA LEU C 301 12.60 -15.48 -23.53
C LEU C 301 11.28 -15.68 -22.81
N ALA C 302 10.24 -14.97 -23.20
CA ALA C 302 8.96 -14.98 -22.56
C ALA C 302 8.26 -16.31 -22.63
N LEU C 303 8.73 -17.22 -23.50
CA LEU C 303 8.21 -18.58 -23.43
C LEU C 303 8.57 -19.45 -22.27
N ILE C 304 9.84 -19.38 -21.85
CA ILE C 304 10.44 -20.22 -20.85
C ILE C 304 9.58 -20.54 -19.64
N PRO C 305 8.86 -19.58 -19.04
CA PRO C 305 7.86 -19.83 -18.00
C PRO C 305 6.96 -21.02 -18.35
N LEU C 306 6.40 -20.96 -19.55
CA LEU C 306 5.50 -22.00 -20.03
C LEU C 306 6.22 -23.28 -20.32
N LEU C 307 7.46 -23.22 -20.81
CA LEU C 307 8.28 -24.40 -20.99
C LEU C 307 8.61 -25.11 -19.70
N HIS C 308 8.86 -24.45 -18.57
CA HIS C 308 9.17 -25.10 -17.30
C HIS C 308 8.42 -26.40 -17.06
N THR C 309 9.20 -27.45 -16.87
CA THR C 309 8.63 -28.78 -16.74
C THR C 309 8.80 -29.46 -15.38
N SER C 310 9.87 -29.10 -14.68
CA SER C 310 10.16 -29.68 -13.39
C SER C 310 9.36 -29.12 -12.22
N LYS C 311 9.50 -29.84 -11.12
CA LYS C 311 8.79 -29.53 -9.88
C LYS C 311 9.71 -28.71 -9.00
N GLN C 312 10.99 -28.73 -9.39
CA GLN C 312 11.90 -27.88 -8.63
C GLN C 312 12.23 -26.62 -9.38
N ARG C 313 11.56 -25.49 -9.22
CA ARG C 313 12.03 -24.25 -9.82
C ARG C 313 13.53 -24.03 -9.70
N SER C 314 14.26 -24.70 -8.85
CA SER C 314 15.69 -24.56 -8.70
C SER C 314 16.43 -25.55 -9.57
N MET C 315 17.30 -25.00 -10.38
CA MET C 315 18.09 -25.95 -11.21
C MET C 315 19.15 -26.59 -10.36
N MET C 316 19.60 -25.89 -9.32
CA MET C 316 20.51 -26.30 -8.29
C MET C 316 20.46 -27.77 -7.86
N PHE C 317 19.26 -28.28 -7.81
CA PHE C 317 19.22 -29.71 -7.48
C PHE C 317 19.06 -30.61 -8.67
N ARG C 318 19.20 -30.10 -9.89
CA ARG C 318 18.97 -30.95 -11.06
C ARG C 318 20.16 -30.94 -12.00
N PRO C 319 20.91 -32.04 -12.04
CA PRO C 319 22.06 -32.24 -12.89
C PRO C 319 21.78 -31.89 -14.34
N LEU C 320 21.13 -32.83 -15.04
CA LEU C 320 20.90 -32.76 -16.47
C LEU C 320 20.57 -31.37 -16.95
N SER C 321 19.62 -30.65 -16.33
CA SER C 321 19.53 -29.31 -16.87
C SER C 321 20.73 -28.43 -16.62
N GLN C 322 21.50 -28.52 -15.57
CA GLN C 322 22.70 -27.84 -15.24
C GLN C 322 23.74 -28.09 -16.31
N CYS C 323 23.67 -29.31 -16.91
CA CYS C 323 24.51 -29.55 -18.04
C CYS C 323 24.03 -28.90 -19.29
N LEU C 324 22.72 -28.88 -19.54
CA LEU C 324 22.34 -28.28 -20.81
C LEU C 324 22.21 -26.77 -20.66
N PHE C 325 22.11 -26.31 -19.41
CA PHE C 325 22.12 -24.87 -19.20
C PHE C 325 23.50 -24.33 -19.58
N TRP C 326 24.50 -25.00 -19.01
CA TRP C 326 25.85 -24.55 -19.34
C TRP C 326 26.17 -24.56 -20.82
N ALA C 327 25.61 -25.53 -21.51
CA ALA C 327 25.98 -25.76 -22.92
C ALA C 327 25.39 -24.61 -23.75
N LEU C 328 24.11 -24.33 -23.43
CA LEU C 328 23.49 -23.18 -24.07
C LEU C 328 24.40 -21.96 -23.88
N VAL C 329 24.67 -21.57 -22.63
CA VAL C 329 25.67 -20.55 -22.43
C VAL C 329 26.88 -20.74 -23.32
N ALA C 330 27.53 -21.87 -23.41
CA ALA C 330 28.70 -22.04 -24.24
C ALA C 330 28.31 -22.07 -25.70
N ASP C 331 27.07 -22.48 -26.01
CA ASP C 331 26.60 -22.35 -27.40
C ASP C 331 26.47 -20.86 -27.71
N LEU C 332 26.01 -20.11 -26.70
CA LEU C 332 25.85 -18.67 -26.89
C LEU C 332 27.20 -18.03 -27.12
N LEU C 333 28.20 -18.53 -26.37
CA LEU C 333 29.54 -18.00 -26.61
C LEU C 333 29.99 -18.32 -28.04
N THR C 334 29.65 -19.52 -28.49
CA THR C 334 30.06 -20.03 -29.80
C THR C 334 29.48 -19.14 -30.88
N LEU C 335 28.19 -18.87 -30.77
CA LEU C 335 27.50 -17.93 -31.64
C LEU C 335 28.16 -16.56 -31.65
N THR C 336 28.39 -15.88 -30.53
CA THR C 336 29.14 -14.64 -30.46
C THR C 336 30.43 -14.61 -31.25
N TRP C 337 31.10 -15.75 -31.30
CA TRP C 337 32.34 -15.95 -32.04
C TRP C 337 31.98 -15.80 -33.51
N ILE C 338 31.14 -16.68 -34.02
CA ILE C 338 30.68 -16.51 -35.39
C ILE C 338 30.42 -15.08 -35.76
N GLY C 339 29.68 -14.28 -35.04
CA GLY C 339 29.47 -12.88 -35.28
C GLY C 339 30.62 -12.09 -35.87
N GLY C 340 31.86 -12.33 -35.48
CA GLY C 340 33.05 -11.62 -35.97
C GLY C 340 33.79 -12.44 -37.01
N GLN C 341 33.04 -13.36 -37.62
CA GLN C 341 33.64 -14.25 -38.58
C GLN C 341 33.23 -13.96 -40.00
N PRO C 342 34.18 -13.95 -40.91
CA PRO C 342 33.85 -14.00 -42.32
C PRO C 342 32.69 -14.98 -42.54
N VAL C 343 31.76 -14.56 -43.38
CA VAL C 343 30.61 -15.39 -43.71
C VAL C 343 30.96 -16.34 -44.85
N GLU C 344 31.69 -17.36 -44.45
CA GLU C 344 32.17 -18.37 -45.36
C GLU C 344 31.86 -19.76 -44.83
N HIS C 345 32.18 -20.75 -45.65
CA HIS C 345 31.81 -22.12 -45.34
C HIS C 345 32.02 -22.48 -43.88
N PRO C 346 33.26 -22.52 -43.44
CA PRO C 346 33.67 -22.88 -42.09
C PRO C 346 32.77 -22.38 -40.98
N TYR C 347 32.54 -21.09 -41.00
CA TYR C 347 31.68 -20.40 -40.03
C TYR C 347 30.23 -20.67 -40.33
N ILE C 348 29.78 -20.58 -41.57
CA ILE C 348 28.40 -20.89 -41.92
C ILE C 348 27.93 -22.19 -41.27
N THR C 349 28.52 -23.29 -41.72
CA THR C 349 28.19 -24.63 -41.24
C THR C 349 28.21 -24.67 -39.73
N ILE C 350 29.13 -23.92 -39.08
CA ILE C 350 29.16 -23.99 -37.63
C ILE C 350 27.95 -23.27 -37.07
N GLY C 351 27.86 -22.00 -37.40
CA GLY C 351 26.72 -21.21 -36.95
C GLY C 351 25.42 -21.98 -37.15
N GLN C 352 25.26 -22.58 -38.34
CA GLN C 352 23.95 -23.20 -38.53
C GLN C 352 23.69 -24.24 -37.47
N LEU C 353 24.68 -25.06 -37.13
CA LEU C 353 24.37 -26.05 -36.11
C LEU C 353 24.28 -25.42 -34.74
N ALA C 354 25.01 -24.33 -34.49
CA ALA C 354 24.81 -23.63 -33.20
C ALA C 354 23.42 -23.02 -33.11
N SER C 355 22.91 -22.41 -34.18
CA SER C 355 21.56 -21.83 -34.11
C SER C 355 20.53 -22.92 -33.91
N VAL C 356 20.62 -24.12 -34.52
CA VAL C 356 19.73 -25.20 -34.12
C VAL C 356 19.99 -25.63 -32.69
N LEU C 357 21.26 -25.66 -32.25
CA LEU C 357 21.48 -26.14 -30.87
C LEU C 357 20.78 -25.24 -29.89
N TYR C 358 20.79 -23.93 -30.14
CA TYR C 358 20.29 -22.95 -29.18
C TYR C 358 18.80 -23.16 -29.01
N PHE C 359 18.11 -23.26 -30.14
CA PHE C 359 16.67 -23.46 -30.09
C PHE C 359 16.27 -24.84 -29.57
N LEU C 360 17.11 -25.84 -29.76
CA LEU C 360 16.88 -27.17 -29.18
C LEU C 360 17.01 -27.09 -27.66
N LEU C 361 18.18 -26.60 -27.23
CA LEU C 361 18.39 -26.38 -25.81
C LEU C 361 17.24 -25.72 -25.07
N ILE C 362 16.67 -24.68 -25.65
CA ILE C 362 15.59 -23.90 -25.16
C ILE C 362 14.20 -24.48 -25.46
N LEU C 363 14.04 -24.96 -26.69
CA LEU C 363 12.72 -25.48 -26.99
C LEU C 363 12.42 -26.91 -26.63
N VAL C 364 13.38 -27.79 -26.75
CA VAL C 364 13.17 -29.23 -26.74
C VAL C 364 14.02 -30.02 -25.76
N LEU C 365 15.35 -29.88 -25.79
CA LEU C 365 16.16 -30.61 -24.83
C LEU C 365 15.69 -30.29 -23.42
N MET C 366 16.02 -29.13 -22.86
CA MET C 366 15.72 -28.82 -21.47
C MET C 366 14.39 -29.33 -20.98
N PRO C 367 13.27 -28.92 -21.55
CA PRO C 367 11.96 -29.41 -21.22
C PRO C 367 11.88 -30.91 -21.00
N THR C 368 12.53 -31.71 -21.82
CA THR C 368 12.55 -33.17 -21.67
C THR C 368 13.35 -33.57 -20.45
N ALA C 369 14.63 -33.26 -20.40
CA ALA C 369 15.46 -33.32 -19.22
C ALA C 369 14.65 -33.01 -17.95
N GLY C 370 13.83 -31.97 -17.98
CA GLY C 370 13.05 -31.66 -16.79
C GLY C 370 12.27 -32.90 -16.35
N THR C 371 11.42 -33.32 -17.27
CA THR C 371 10.59 -34.51 -17.08
C THR C 371 11.42 -35.66 -16.53
N ILE C 372 12.43 -36.05 -17.30
CA ILE C 372 13.31 -37.14 -16.88
C ILE C 372 13.63 -36.95 -15.41
N GLU C 373 14.39 -35.91 -15.09
CA GLU C 373 14.76 -35.73 -13.69
C GLU C 373 13.58 -35.94 -12.77
N ASN C 374 12.40 -35.40 -13.08
CA ASN C 374 11.24 -35.60 -12.23
C ASN C 374 10.93 -37.06 -12.08
N LYS C 375 11.20 -37.83 -13.15
CA LYS C 375 10.79 -39.22 -13.08
C LYS C 375 11.81 -40.05 -12.33
N LEU C 376 13.08 -39.64 -12.40
CA LEU C 376 14.09 -40.34 -11.61
C LEU C 376 13.88 -40.10 -10.11
N LEU C 377 13.34 -38.93 -9.74
CA LEU C 377 13.13 -38.62 -8.33
C LEU C 377 11.84 -39.28 -7.85
N LYS C 378 11.10 -39.84 -8.82
CA LYS C 378 9.85 -40.55 -8.59
C LYS C 378 8.72 -39.56 -8.42
N TRP C 379 8.98 -38.28 -8.64
CA TRP C 379 8.06 -37.17 -8.43
C TRP C 379 6.77 -37.38 -9.22
N SER D 1 39.90 -12.11 -51.13
CA SER D 1 40.18 -13.26 -50.22
C SER D 1 41.67 -13.60 -50.21
N ASP D 2 42.48 -12.57 -49.99
CA ASP D 2 43.92 -12.81 -49.90
C ASP D 2 44.39 -12.76 -48.46
N LEU D 3 45.26 -13.69 -48.09
CA LEU D 3 45.75 -13.67 -46.71
C LEU D 3 46.34 -12.29 -46.44
N GLU D 4 46.08 -11.78 -45.26
CA GLU D 4 46.69 -10.49 -44.93
C GLU D 4 47.73 -10.79 -43.87
N LEU D 5 48.92 -10.24 -44.05
CA LEU D 5 49.97 -10.44 -43.04
C LEU D 5 49.64 -9.51 -41.88
N HIS D 6 50.03 -9.84 -40.65
CA HIS D 6 49.72 -8.97 -39.54
C HIS D 6 50.93 -8.46 -38.78
N PRO D 7 50.78 -7.28 -38.22
CA PRO D 7 51.84 -6.60 -37.52
C PRO D 7 52.40 -7.23 -36.26
N PRO D 8 53.71 -7.25 -36.08
CA PRO D 8 54.34 -7.66 -34.85
C PRO D 8 53.94 -6.81 -33.64
N SER D 9 54.10 -7.38 -32.45
CA SER D 9 53.79 -6.57 -31.26
C SER D 9 55.15 -5.87 -31.03
N TYR D 10 55.44 -4.94 -31.96
CA TYR D 10 56.74 -4.31 -31.96
C TYR D 10 57.02 -3.64 -30.62
N PRO D 11 58.19 -3.91 -30.11
CA PRO D 11 58.71 -3.34 -28.89
C PRO D 11 58.54 -1.84 -28.86
N TRP D 12 57.70 -1.35 -27.99
CA TRP D 12 57.36 0.10 -27.94
C TRP D 12 57.68 0.56 -26.54
N SER D 13 58.03 1.81 -26.26
CA SER D 13 58.26 2.20 -24.87
C SER D 13 56.97 2.05 -24.05
N HIS D 14 55.83 2.21 -24.68
CA HIS D 14 54.52 2.28 -24.11
C HIS D 14 53.65 1.04 -24.11
N ARG D 15 54.18 -0.06 -24.63
CA ARG D 15 53.44 -1.31 -24.72
C ARG D 15 52.77 -1.62 -23.38
N GLY D 16 53.41 -1.25 -22.27
CA GLY D 16 53.03 -1.64 -20.94
C GLY D 16 52.03 -0.74 -20.26
N LEU D 17 51.25 -1.32 -19.36
CA LEU D 17 50.22 -0.58 -18.65
C LEU D 17 50.76 0.75 -18.16
N LEU D 18 51.83 0.77 -17.39
CA LEU D 18 52.31 2.04 -16.88
C LEU D 18 53.17 2.77 -17.88
N SER D 19 53.70 2.08 -18.89
CA SER D 19 54.61 2.77 -19.80
C SER D 19 53.91 3.98 -20.39
N SER D 20 54.68 5.03 -20.64
CA SER D 20 54.15 6.21 -21.28
C SER D 20 54.94 6.55 -22.55
N LEU D 21 54.38 7.53 -23.24
CA LEU D 21 54.89 8.06 -24.49
C LEU D 21 56.28 8.70 -24.28
N ASP D 22 57.18 8.59 -25.25
CA ASP D 22 58.52 9.17 -25.24
C ASP D 22 58.45 10.42 -26.12
N HIS D 23 58.36 11.61 -25.53
CA HIS D 23 58.21 12.80 -26.33
C HIS D 23 59.29 13.04 -27.36
N THR D 24 60.54 12.81 -26.95
CA THR D 24 61.56 12.97 -28.00
C THR D 24 61.05 12.21 -29.20
N SER D 25 60.70 10.92 -29.09
CA SER D 25 60.12 10.25 -30.25
C SER D 25 59.03 11.09 -30.88
N ILE D 26 58.08 11.53 -30.06
CA ILE D 26 57.00 12.34 -30.60
C ILE D 26 57.62 13.44 -31.48
N ARG D 27 58.30 14.36 -30.82
CA ARG D 27 59.07 15.43 -31.46
C ARG D 27 59.62 14.93 -32.81
N ARG D 28 60.65 14.11 -32.78
CA ARG D 28 61.17 13.58 -34.03
C ARG D 28 59.98 13.33 -34.98
N GLY D 29 59.17 12.33 -34.67
CA GLY D 29 58.08 11.86 -35.48
C GLY D 29 57.32 12.97 -36.18
N PHE D 30 57.08 14.01 -35.36
CA PHE D 30 56.38 15.17 -35.86
C PHE D 30 56.99 15.67 -37.16
N GLN D 31 58.25 16.06 -36.98
CA GLN D 31 58.98 16.55 -38.15
C GLN D 31 58.72 15.57 -39.28
N VAL D 32 58.94 14.25 -39.10
CA VAL D 32 58.72 13.29 -40.15
C VAL D 32 57.39 13.51 -40.85
N TYR D 33 56.36 13.68 -40.02
CA TYR D 33 55.07 13.89 -40.65
C TYR D 33 55.13 15.20 -41.44
N LYS D 34 55.52 16.30 -40.82
CA LYS D 34 55.61 17.60 -41.41
C LYS D 34 56.44 17.73 -42.67
N GLN D 35 57.53 16.98 -42.80
CA GLN D 35 58.35 17.06 -44.00
C GLN D 35 58.01 15.93 -44.94
N VAL D 36 57.91 14.72 -44.37
CA VAL D 36 57.69 13.58 -45.26
C VAL D 36 56.26 13.48 -45.71
N CYS D 37 55.29 13.91 -44.92
CA CYS D 37 53.92 13.47 -44.95
C CYS D 37 52.87 14.56 -45.10
N SER D 38 53.20 15.79 -44.71
CA SER D 38 52.25 16.89 -44.81
C SER D 38 51.82 17.11 -46.25
N SER D 39 52.62 16.75 -47.23
CA SER D 39 52.41 16.88 -48.63
C SER D 39 51.16 16.22 -49.16
N CYS D 40 50.73 15.10 -48.61
CA CYS D 40 49.55 14.49 -49.24
C CYS D 40 48.54 14.05 -48.20
N HIS D 41 48.95 13.83 -46.95
CA HIS D 41 48.03 13.43 -45.89
C HIS D 41 47.79 14.60 -44.93
N SER D 42 46.55 14.81 -44.53
CA SER D 42 46.19 15.83 -43.55
C SER D 42 45.98 15.30 -42.13
N MET D 43 45.96 16.20 -41.15
CA MET D 43 45.71 15.93 -39.75
C MET D 43 44.82 17.07 -39.23
N ASP D 44 43.53 16.90 -39.48
CA ASP D 44 42.56 17.94 -39.19
C ASP D 44 42.35 18.24 -37.72
N TYR D 45 42.24 17.23 -36.85
CA TYR D 45 41.96 17.54 -35.46
C TYR D 45 43.19 17.98 -34.71
N VAL D 46 44.34 17.90 -35.35
CA VAL D 46 45.53 18.37 -34.69
C VAL D 46 45.76 19.85 -34.99
N ALA D 47 45.77 20.53 -33.85
CA ALA D 47 46.08 21.96 -33.87
C ALA D 47 47.61 22.04 -33.73
N TYR D 48 48.09 23.27 -33.54
CA TYR D 48 49.53 23.43 -33.39
C TYR D 48 49.84 23.46 -31.89
N ARG D 49 49.18 22.57 -31.16
CA ARG D 49 49.22 22.33 -29.74
C ARG D 49 50.12 21.18 -29.31
N HIS D 50 51.40 21.29 -29.61
CA HIS D 50 52.36 20.26 -29.21
C HIS D 50 52.97 20.68 -27.88
N LEU D 51 52.90 21.99 -27.71
CA LEU D 51 53.53 22.66 -26.61
C LEU D 51 54.10 21.72 -25.56
N VAL D 52 53.19 21.41 -24.66
CA VAL D 52 53.50 20.52 -23.55
C VAL D 52 53.42 19.05 -23.94
N GLY D 53 52.54 18.74 -24.90
CA GLY D 53 52.40 17.39 -25.39
C GLY D 53 53.68 16.91 -26.05
N VAL D 54 54.38 17.80 -26.75
CA VAL D 54 55.49 17.49 -27.62
C VAL D 54 56.74 18.23 -27.18
N CYS D 55 56.67 18.84 -26.01
CA CYS D 55 57.76 19.57 -25.44
C CYS D 55 58.22 20.75 -26.25
N TYR D 56 57.51 21.04 -27.35
CA TYR D 56 57.82 22.25 -28.11
C TYR D 56 57.33 23.44 -27.29
N THR D 57 58.15 24.45 -27.05
CA THR D 57 57.60 25.53 -26.22
C THR D 57 56.41 26.16 -26.92
N GLU D 58 55.85 27.14 -26.24
CA GLU D 58 54.80 27.98 -26.78
C GLU D 58 55.45 28.89 -27.83
N ASP D 59 56.62 29.43 -27.47
CA ASP D 59 57.35 30.27 -28.42
C ASP D 59 57.86 29.36 -29.54
N GLU D 60 58.30 28.16 -29.16
CA GLU D 60 58.81 27.21 -30.14
C GLU D 60 57.75 26.90 -31.19
N ALA D 61 56.60 26.43 -30.72
CA ALA D 61 55.53 26.02 -31.62
C ALA D 61 54.83 27.22 -32.23
N LYS D 62 54.83 28.33 -31.48
CA LYS D 62 54.24 29.53 -32.10
C LYS D 62 54.96 29.74 -33.43
N ALA D 63 56.28 29.91 -33.35
CA ALA D 63 57.15 30.09 -34.49
C ALA D 63 56.98 28.98 -35.53
N LEU D 64 56.85 27.75 -35.08
CA LEU D 64 56.73 26.59 -35.95
C LEU D 64 55.38 26.66 -36.66
N ALA D 65 54.41 27.16 -35.91
CA ALA D 65 53.07 27.31 -36.43
C ALA D 65 52.93 28.57 -37.29
N GLU D 66 53.82 29.54 -37.12
CA GLU D 66 53.78 30.78 -37.86
C GLU D 66 54.21 30.64 -39.32
N GLU D 67 55.31 29.93 -39.51
CA GLU D 67 55.81 29.71 -40.86
C GLU D 67 54.84 28.84 -41.62
N VAL D 68 54.25 27.85 -40.94
CA VAL D 68 53.26 27.03 -41.65
C VAL D 68 52.06 27.85 -42.08
N GLU D 69 51.72 28.89 -41.32
CA GLU D 69 50.67 29.78 -41.79
C GLU D 69 51.23 30.79 -42.78
N VAL D 70 52.53 30.99 -42.84
CA VAL D 70 53.04 31.96 -43.82
C VAL D 70 53.03 31.37 -45.22
N GLN D 71 53.42 30.11 -45.35
CA GLN D 71 53.49 29.43 -46.63
C GLN D 71 52.17 28.79 -47.01
N ASP D 72 51.64 27.92 -46.15
CA ASP D 72 50.38 27.26 -46.47
C ASP D 72 49.18 28.05 -45.97
N GLY D 73 49.41 28.90 -44.99
CA GLY D 73 48.50 29.77 -44.35
C GLY D 73 47.04 29.76 -44.66
N PRO D 74 46.31 30.68 -44.04
CA PRO D 74 44.88 30.79 -44.15
C PRO D 74 44.35 31.23 -45.50
N ASN D 75 45.20 31.35 -46.50
CA ASN D 75 44.87 31.62 -47.88
C ASN D 75 44.31 30.33 -48.53
N GLU D 76 44.69 29.20 -47.95
CA GLU D 76 44.18 27.91 -48.35
C GLU D 76 42.93 27.59 -47.53
N ASP D 77 42.72 28.33 -46.44
CA ASP D 77 41.53 28.16 -45.62
C ASP D 77 40.44 29.14 -46.04
N GLY D 78 40.85 30.32 -46.49
CA GLY D 78 39.88 31.34 -46.91
C GLY D 78 40.11 32.64 -46.16
N GLU D 79 41.22 32.73 -45.41
CA GLU D 79 41.54 34.01 -44.78
C GLU D 79 42.44 34.79 -45.75
N MET D 80 41.78 35.40 -46.74
CA MET D 80 42.48 36.14 -47.78
C MET D 80 43.78 36.70 -47.23
N PHE D 81 43.66 37.74 -46.41
CA PHE D 81 44.86 38.41 -45.93
C PHE D 81 45.46 37.84 -44.66
N MET D 82 45.61 36.52 -44.52
CA MET D 82 46.20 35.98 -43.29
C MET D 82 47.65 35.55 -43.49
N ARG D 83 48.44 35.74 -42.46
CA ARG D 83 49.88 35.48 -42.47
C ARG D 83 50.28 34.92 -41.10
N PRO D 84 51.55 34.92 -40.78
CA PRO D 84 52.14 34.45 -39.56
C PRO D 84 51.44 34.93 -38.30
N GLY D 85 51.55 34.16 -37.22
CA GLY D 85 50.97 34.55 -35.95
C GLY D 85 50.19 33.51 -35.19
N LYS D 86 49.03 33.15 -35.69
CA LYS D 86 48.00 32.37 -35.05
C LYS D 86 48.34 30.97 -34.60
N LEU D 87 47.71 30.51 -33.52
CA LEU D 87 47.90 29.20 -32.97
C LEU D 87 46.66 28.32 -32.95
N SER D 88 45.48 28.88 -33.13
CA SER D 88 44.28 28.05 -33.21
C SER D 88 44.18 27.34 -34.57
N ASP D 89 45.03 27.68 -35.52
CA ASP D 89 44.86 27.06 -36.83
C ASP D 89 45.25 25.61 -36.85
N TYR D 90 44.51 24.78 -37.59
CA TYR D 90 44.81 23.34 -37.62
C TYR D 90 45.74 23.03 -38.77
N PHE D 91 46.48 21.95 -38.67
CA PHE D 91 47.41 21.56 -39.71
C PHE D 91 46.82 21.74 -41.09
N PRO D 92 47.64 22.25 -41.98
CA PRO D 92 47.22 22.66 -43.31
C PRO D 92 46.95 21.54 -44.27
N LYS D 93 45.72 21.58 -44.78
CA LYS D 93 45.18 20.61 -45.72
C LYS D 93 46.00 20.53 -46.99
N PRO D 94 46.60 19.41 -47.28
CA PRO D 94 47.41 19.24 -48.47
C PRO D 94 46.74 19.87 -49.67
N TYR D 95 45.44 19.60 -49.82
CA TYR D 95 44.71 20.12 -50.98
C TYR D 95 43.40 20.77 -50.59
N PRO D 96 42.92 21.70 -51.39
CA PRO D 96 41.67 22.41 -51.20
C PRO D 96 40.58 21.49 -50.64
N ASN D 97 40.40 20.34 -51.27
CA ASN D 97 39.31 19.45 -50.97
C ASN D 97 39.48 18.08 -51.62
N PRO D 98 39.26 17.03 -50.88
CA PRO D 98 39.31 15.63 -51.24
C PRO D 98 39.42 15.24 -52.69
N GLU D 99 38.46 15.70 -53.47
CA GLU D 99 38.45 15.40 -54.89
C GLU D 99 39.78 15.69 -55.59
N ALA D 100 40.33 16.87 -55.31
CA ALA D 100 41.66 17.27 -55.72
C ALA D 100 42.62 16.14 -55.32
N ALA D 101 42.78 16.04 -54.02
CA ALA D 101 43.60 15.05 -53.37
C ALA D 101 43.68 13.72 -54.10
N ARG D 102 42.56 13.24 -54.65
CA ARG D 102 42.59 11.97 -55.36
C ARG D 102 43.25 12.18 -56.70
N ALA D 103 43.04 13.35 -57.31
CA ALA D 103 43.66 13.66 -58.59
C ALA D 103 45.18 13.67 -58.50
N ALA D 104 45.72 14.34 -57.49
CA ALA D 104 47.16 14.38 -57.24
C ALA D 104 47.82 13.01 -57.11
N ASN D 105 47.04 12.03 -56.66
CA ASN D 105 47.50 10.69 -56.38
C ASN D 105 46.71 9.69 -57.22
N ASN D 106 46.09 10.24 -58.25
CA ASN D 106 45.42 9.40 -59.24
C ASN D 106 44.44 8.41 -58.62
N GLY D 107 43.24 8.87 -58.30
CA GLY D 107 42.12 8.10 -57.85
C GLY D 107 42.12 7.77 -56.37
N ALA D 108 43.29 7.71 -55.76
CA ALA D 108 43.44 7.33 -54.36
C ALA D 108 43.26 8.56 -53.48
N LEU D 109 42.91 8.41 -52.23
CA LEU D 109 42.59 9.52 -51.34
C LEU D 109 43.31 9.39 -50.00
N PRO D 110 44.43 10.06 -49.91
CA PRO D 110 45.31 10.10 -48.77
C PRO D 110 44.59 10.26 -47.45
N PRO D 111 44.48 9.18 -46.69
CA PRO D 111 43.83 9.13 -45.40
C PRO D 111 44.41 10.07 -44.36
N ASP D 112 43.51 10.72 -43.64
CA ASP D 112 43.84 11.69 -42.60
C ASP D 112 44.58 10.96 -41.50
N LEU D 113 45.82 11.36 -41.22
CA LEU D 113 46.59 10.54 -40.27
C LEU D 113 46.17 10.73 -38.86
N SER D 114 45.43 11.79 -38.57
CA SER D 114 44.96 12.06 -37.23
C SER D 114 44.75 10.79 -36.38
N TYR D 115 43.93 9.89 -36.88
CA TYR D 115 43.46 8.70 -36.21
C TYR D 115 43.92 7.37 -36.76
N ILE D 116 44.73 7.37 -37.80
CA ILE D 116 45.13 6.16 -38.48
C ILE D 116 45.49 5.07 -37.51
N VAL D 117 46.33 5.35 -36.52
CA VAL D 117 46.65 4.35 -35.50
C VAL D 117 45.46 3.70 -34.84
N ARG D 118 44.49 4.54 -34.46
CA ARG D 118 43.27 4.04 -33.87
C ARG D 118 42.21 3.66 -34.89
N ALA D 119 42.27 4.17 -36.11
CA ALA D 119 41.34 3.79 -37.13
C ALA D 119 41.55 2.33 -37.57
N ARG D 120 42.45 2.24 -38.53
CA ARG D 120 42.75 0.98 -39.17
C ARG D 120 43.07 -0.08 -38.11
N HIS D 121 42.48 -1.24 -38.25
CA HIS D 121 42.70 -2.43 -37.49
C HIS D 121 44.19 -2.67 -37.33
N GLY D 122 44.64 -2.84 -36.10
CA GLY D 122 45.99 -3.29 -35.94
C GLY D 122 47.02 -2.31 -35.46
N GLY D 123 46.65 -1.08 -35.22
CA GLY D 123 47.43 -0.08 -34.55
C GLY D 123 48.79 0.19 -35.14
N GLU D 124 49.63 0.85 -34.38
CA GLU D 124 50.94 1.34 -34.78
C GLU D 124 51.88 0.27 -35.29
N ASP D 125 51.63 -0.96 -34.84
CA ASP D 125 52.31 -2.11 -35.45
C ASP D 125 52.06 -2.07 -36.94
N TYR D 126 50.82 -2.21 -37.41
CA TYR D 126 50.51 -2.17 -38.83
C TYR D 126 51.16 -0.96 -39.47
N VAL D 127 51.00 0.20 -38.84
CA VAL D 127 51.52 1.39 -39.51
C VAL D 127 53.02 1.30 -39.69
N PHE D 128 53.69 0.78 -38.68
CA PHE D 128 55.15 0.63 -38.81
C PHE D 128 55.50 -0.47 -39.80
N SER D 129 54.86 -1.63 -39.74
CA SER D 129 55.14 -2.70 -40.67
C SER D 129 54.68 -2.45 -42.09
N LEU D 130 54.01 -1.34 -42.34
CA LEU D 130 53.57 -1.03 -43.69
C LEU D 130 54.67 -0.22 -44.39
N LEU D 131 54.96 0.89 -43.72
CA LEU D 131 56.06 1.76 -44.11
C LEU D 131 57.39 1.03 -44.21
N THR D 132 57.69 0.19 -43.22
CA THR D 132 58.95 -0.54 -43.29
C THR D 132 58.86 -1.80 -44.10
N GLY D 133 57.67 -2.18 -44.53
CA GLY D 133 57.48 -3.41 -45.29
C GLY D 133 57.21 -3.08 -46.75
N TYR D 134 58.20 -3.42 -47.56
CA TYR D 134 58.13 -3.23 -48.99
C TYR D 134 59.08 -4.22 -49.66
N CYS D 135 58.50 -5.25 -50.27
CA CYS D 135 59.33 -6.34 -50.75
C CYS D 135 59.06 -6.54 -52.23
N GLU D 136 59.76 -7.46 -52.85
CA GLU D 136 59.64 -7.73 -54.27
C GLU D 136 58.41 -8.54 -54.64
N PRO D 137 57.63 -7.99 -55.55
CA PRO D 137 56.48 -8.69 -56.09
C PRO D 137 56.85 -10.13 -56.38
N PRO D 138 55.86 -10.97 -56.23
CA PRO D 138 56.00 -12.41 -56.16
C PRO D 138 55.98 -13.03 -57.54
N THR D 139 56.95 -13.92 -57.77
CA THR D 139 57.02 -14.55 -59.08
C THR D 139 55.63 -14.67 -59.68
N GLY D 140 55.51 -14.28 -60.93
CA GLY D 140 54.31 -14.46 -61.72
C GLY D 140 53.22 -13.44 -61.45
N VAL D 141 53.59 -12.36 -60.78
CA VAL D 141 52.67 -11.27 -60.46
C VAL D 141 52.85 -10.05 -61.36
N SER D 142 51.73 -9.37 -61.59
CA SER D 142 51.74 -8.17 -62.43
C SER D 142 51.44 -6.92 -61.62
N LEU D 143 52.00 -5.75 -61.93
CA LEU D 143 51.74 -4.56 -61.11
C LEU D 143 51.63 -3.25 -61.87
N ARG D 144 50.47 -2.61 -61.82
CA ARG D 144 50.39 -1.28 -62.48
C ARG D 144 51.28 -0.34 -61.69
N GLU D 145 52.03 0.56 -62.30
CA GLU D 145 53.02 1.37 -61.62
C GLU D 145 52.58 1.96 -60.29
N GLY D 146 51.35 2.46 -60.23
CA GLY D 146 50.80 3.01 -58.98
C GLY D 146 50.73 1.90 -57.93
N LEU D 147 50.18 0.77 -58.34
CA LEU D 147 50.07 -0.41 -57.51
C LEU D 147 51.40 -1.01 -57.11
N TYR D 148 52.10 -0.31 -56.21
CA TYR D 148 53.31 -0.87 -55.61
C TYR D 148 52.93 -2.06 -54.74
N PHE D 149 53.78 -3.07 -54.66
CA PHE D 149 53.34 -4.23 -53.87
C PHE D 149 53.79 -4.05 -52.44
N ASN D 150 52.87 -4.17 -51.50
CA ASN D 150 53.20 -4.11 -50.08
C ASN D 150 52.69 -5.33 -49.32
N PRO D 151 53.54 -5.96 -48.53
CA PRO D 151 53.30 -7.23 -47.90
C PRO D 151 52.20 -7.19 -46.86
N TYR D 152 51.78 -6.00 -46.51
CA TYR D 152 50.78 -5.83 -45.48
C TYR D 152 49.57 -5.03 -45.90
N PHE D 153 49.16 -5.06 -47.16
CA PHE D 153 47.91 -4.36 -47.49
C PHE D 153 46.85 -5.38 -47.88
N PRO D 154 45.76 -5.34 -47.15
CA PRO D 154 44.57 -6.13 -47.40
C PRO D 154 44.54 -6.77 -48.78
N GLY D 155 44.38 -5.90 -49.78
CA GLY D 155 44.27 -6.26 -51.17
C GLY D 155 45.60 -6.59 -51.82
N GLN D 156 46.65 -6.62 -51.02
CA GLN D 156 48.01 -6.92 -51.39
C GLN D 156 48.58 -5.92 -52.36
N ALA D 157 48.19 -4.64 -52.28
CA ALA D 157 48.69 -3.63 -53.20
C ALA D 157 48.18 -2.22 -52.87
N ILE D 158 49.12 -1.29 -52.78
CA ILE D 158 48.90 0.04 -52.26
C ILE D 158 49.43 1.08 -53.20
N GLY D 159 48.77 2.23 -53.19
CA GLY D 159 49.25 3.32 -54.02
C GLY D 159 50.21 4.15 -53.19
N MET D 160 51.27 3.57 -52.61
CA MET D 160 52.19 4.40 -51.90
C MET D 160 53.61 4.52 -52.36
N ALA D 161 53.94 5.77 -52.72
CA ALA D 161 55.30 6.15 -53.12
C ALA D 161 56.25 5.81 -51.98
N PRO D 162 57.55 5.85 -52.16
CA PRO D 162 58.51 5.66 -51.08
C PRO D 162 58.04 6.44 -49.86
N PRO D 163 57.32 5.78 -48.98
CA PRO D 163 56.84 6.42 -47.76
C PRO D 163 58.03 7.17 -47.15
N ILE D 164 58.92 6.37 -46.61
CA ILE D 164 60.13 6.83 -45.96
C ILE D 164 61.36 6.08 -46.47
N TYR D 165 62.45 6.80 -46.70
CA TYR D 165 63.71 6.17 -47.13
C TYR D 165 64.87 6.75 -46.34
N ASN D 166 65.99 6.05 -46.20
CA ASN D 166 67.09 6.58 -45.40
C ASN D 166 67.40 8.02 -45.72
N GLU D 167 67.84 8.80 -44.73
CA GLU D 167 68.25 10.18 -44.92
C GLU D 167 67.21 10.99 -45.66
N VAL D 168 65.92 10.83 -45.30
CA VAL D 168 64.86 11.60 -45.96
C VAL D 168 64.84 13.01 -45.36
N LEU D 169 65.07 13.05 -44.06
CA LEU D 169 65.11 14.33 -43.38
C LEU D 169 66.26 14.32 -42.37
N GLU D 170 66.31 15.43 -41.63
CA GLU D 170 67.34 15.50 -40.59
C GLU D 170 66.75 16.11 -39.33
N PHE D 171 67.02 15.48 -38.20
CA PHE D 171 66.52 15.98 -36.93
C PHE D 171 67.58 16.87 -36.26
N ASP D 172 67.06 17.79 -35.46
CA ASP D 172 67.86 18.76 -34.73
C ASP D 172 69.04 18.14 -33.99
N ASP D 173 68.73 17.27 -33.04
CA ASP D 173 69.72 16.59 -32.22
C ASP D 173 70.75 15.87 -33.07
N GLY D 174 70.30 14.93 -33.90
CA GLY D 174 71.27 14.19 -34.72
C GLY D 174 70.85 12.73 -34.80
N THR D 175 69.62 12.46 -34.36
CA THR D 175 69.14 11.08 -34.45
C THR D 175 69.33 10.51 -35.83
N PRO D 176 70.07 9.42 -35.88
CA PRO D 176 70.37 8.69 -37.09
C PRO D 176 69.12 8.40 -37.89
N ALA D 177 68.85 9.12 -38.96
CA ALA D 177 67.65 8.89 -39.74
C ALA D 177 67.54 7.65 -40.59
N THR D 178 67.41 6.49 -39.98
CA THR D 178 67.25 5.25 -40.75
C THR D 178 65.80 5.13 -41.21
N MET D 179 65.52 4.51 -42.36
CA MET D 179 64.15 4.23 -42.77
C MET D 179 63.34 3.83 -41.53
N SER D 180 63.80 2.76 -40.88
CA SER D 180 63.12 2.26 -39.70
C SER D 180 63.21 3.26 -38.55
N GLN D 181 64.40 3.76 -38.27
CA GLN D 181 64.55 4.65 -37.12
C GLN D 181 63.54 5.79 -37.24
N VAL D 182 63.38 6.27 -38.48
CA VAL D 182 62.41 7.34 -38.67
C VAL D 182 61.01 6.80 -38.49
N ALA D 183 60.68 5.65 -39.05
CA ALA D 183 59.38 5.05 -38.81
C ALA D 183 59.09 4.91 -37.33
N LYS D 184 60.01 4.39 -36.52
CA LYS D 184 59.75 4.28 -35.10
C LYS D 184 59.31 5.63 -34.55
N ASP D 185 60.00 6.71 -34.87
CA ASP D 185 59.54 8.04 -34.48
C ASP D 185 58.28 8.47 -35.18
N VAL D 186 58.01 8.19 -36.45
CA VAL D 186 56.78 8.63 -37.08
C VAL D 186 55.57 7.98 -36.44
N CYS D 187 55.56 6.67 -36.30
CA CYS D 187 54.47 5.97 -35.64
C CYS D 187 54.20 6.66 -34.32
N THR D 188 55.21 6.70 -33.45
CA THR D 188 54.97 7.31 -32.15
C THR D 188 54.25 8.64 -32.23
N PHE D 189 54.71 9.58 -33.04
CA PHE D 189 53.93 10.82 -33.14
C PHE D 189 52.50 10.47 -33.56
N LEU D 190 52.21 9.54 -34.47
CA LEU D 190 50.84 9.15 -34.78
C LEU D 190 50.11 8.61 -33.55
N ARG D 191 50.70 7.64 -32.87
CA ARG D 191 50.04 7.11 -31.69
C ARG D 191 49.39 8.25 -30.91
N TRP D 192 50.16 9.22 -30.46
CA TRP D 192 49.76 10.43 -29.78
C TRP D 192 48.70 11.26 -30.49
N ALA D 193 48.75 11.50 -31.80
CA ALA D 193 47.68 12.32 -32.40
C ALA D 193 46.39 11.53 -32.38
N ALA D 194 46.47 10.22 -32.48
CA ALA D 194 45.29 9.36 -32.33
C ALA D 194 44.77 9.49 -30.92
N GLU D 195 45.59 9.28 -29.88
CA GLU D 195 45.05 9.36 -28.53
C GLU D 195 45.83 10.23 -27.59
N PRO D 196 45.69 11.53 -27.67
CA PRO D 196 46.34 12.58 -26.91
C PRO D 196 46.28 12.40 -25.41
N GLU D 197 45.26 11.73 -24.92
CA GLU D 197 45.12 11.34 -23.54
C GLU D 197 45.99 10.14 -23.16
N HIS D 198 46.73 9.52 -24.06
CA HIS D 198 47.51 8.35 -23.71
C HIS D 198 48.19 8.42 -22.36
N ASP D 199 49.02 9.44 -22.12
CA ASP D 199 49.75 9.50 -20.86
C ASP D 199 48.87 9.77 -19.66
N HIS D 200 48.01 10.77 -19.65
CA HIS D 200 47.15 11.04 -18.50
C HIS D 200 46.38 9.80 -18.06
N ARG D 201 45.66 9.17 -18.96
CA ARG D 201 44.91 7.95 -18.69
C ARG D 201 45.79 6.89 -18.06
N LYS D 202 47.02 6.63 -18.49
CA LYS D 202 47.83 5.59 -17.84
C LYS D 202 48.21 5.99 -16.45
N ARG D 203 48.45 7.29 -16.30
CA ARG D 203 48.67 7.88 -14.98
C ARG D 203 47.52 7.53 -14.02
N MET D 204 46.35 7.93 -14.50
CA MET D 204 45.17 7.72 -13.61
C MET D 204 45.13 6.23 -13.34
N GLY D 205 45.14 5.36 -14.35
CA GLY D 205 45.20 3.91 -14.12
C GLY D 205 45.99 3.58 -12.85
N LEU D 206 47.28 3.94 -12.84
CA LEU D 206 48.11 3.80 -11.70
C LEU D 206 47.31 4.25 -10.42
N LYS D 207 46.89 5.53 -10.35
CA LYS D 207 46.17 5.96 -9.17
C LYS D 207 44.87 5.21 -8.99
N MET D 208 44.26 4.58 -10.00
CA MET D 208 43.00 3.89 -9.72
C MET D 208 43.24 2.49 -9.15
N LEU D 209 44.38 1.93 -9.53
CA LEU D 209 44.84 0.62 -9.11
C LEU D 209 45.27 0.71 -7.65
N LEU D 210 46.12 1.69 -7.29
CA LEU D 210 46.50 1.74 -5.86
C LEU D 210 45.23 1.86 -5.04
N MET D 211 44.46 2.93 -5.27
CA MET D 211 43.24 3.20 -4.56
C MET D 211 42.35 1.98 -4.40
N MET D 212 42.07 1.39 -5.57
CA MET D 212 41.25 0.19 -5.57
C MET D 212 41.85 -0.96 -4.79
N GLY D 213 43.17 -1.00 -4.58
CA GLY D 213 43.73 -2.04 -3.76
C GLY D 213 43.55 -1.74 -2.28
N LEU D 214 43.22 -0.48 -1.95
CA LEU D 214 42.97 -0.09 -0.59
C LEU D 214 41.48 -0.15 -0.25
N LEU D 215 40.65 -0.10 -1.29
CA LEU D 215 39.20 -0.05 -1.07
C LEU D 215 38.55 -1.42 -1.17
N LEU D 216 38.98 -2.12 -2.19
CA LEU D 216 38.61 -3.55 -2.21
C LEU D 216 38.85 -4.37 -0.97
N PRO D 217 40.01 -4.38 -0.35
CA PRO D 217 40.27 -5.10 0.90
C PRO D 217 39.47 -4.45 2.01
N LEU D 218 39.64 -3.17 2.29
CA LEU D 218 38.85 -2.45 3.29
C LEU D 218 37.37 -2.80 3.26
N VAL D 219 36.63 -2.29 2.32
CA VAL D 219 35.25 -2.73 2.03
C VAL D 219 34.94 -4.21 2.18
N TYR D 220 35.80 -5.13 1.83
CA TYR D 220 35.50 -6.55 2.12
C TYR D 220 35.43 -6.74 3.62
N ALA D 221 36.44 -6.34 4.37
CA ALA D 221 36.34 -6.41 5.83
C ALA D 221 35.03 -5.84 6.31
N MET D 222 34.64 -4.63 5.89
CA MET D 222 33.34 -4.10 6.33
C MET D 222 32.29 -5.18 6.15
N LYS D 223 32.17 -5.68 4.91
CA LYS D 223 31.25 -6.75 4.59
C LYS D 223 31.29 -7.94 5.51
N ARG D 224 32.42 -8.34 6.08
CA ARG D 224 32.47 -9.49 6.99
C ARG D 224 32.13 -8.97 8.39
N HIS D 225 32.59 -7.75 8.71
CA HIS D 225 32.21 -7.21 10.00
C HIS D 225 30.70 -7.39 10.23
N LYS D 226 29.98 -6.94 9.23
CA LYS D 226 28.51 -6.91 9.41
C LYS D 226 28.00 -8.35 9.36
N TRP D 227 28.18 -8.98 8.22
CA TRP D 227 27.65 -10.35 8.11
C TRP D 227 28.05 -11.33 9.21
N SER D 228 29.19 -11.09 9.89
CA SER D 228 29.78 -12.08 10.77
C SER D 228 28.76 -12.74 11.68
N VAL D 229 27.84 -11.94 12.18
CA VAL D 229 26.86 -12.46 13.13
C VAL D 229 26.11 -13.65 12.50
N LEU D 230 25.74 -13.39 11.24
CA LEU D 230 25.06 -14.43 10.49
C LEU D 230 25.96 -15.65 10.34
N LYS D 231 27.15 -15.44 9.72
CA LYS D 231 27.98 -16.61 9.42
C LYS D 231 28.42 -17.33 10.66
N SER D 232 28.76 -16.60 11.73
CA SER D 232 29.18 -17.18 13.00
C SER D 232 28.01 -17.90 13.68
N ARG D 233 26.79 -17.55 13.34
CA ARG D 233 25.58 -18.07 13.91
C ARG D 233 25.43 -19.57 13.95
N LYS D 234 24.94 -20.10 15.06
CA LYS D 234 24.66 -21.51 15.20
C LYS D 234 23.22 -21.70 15.70
N LEU D 235 22.64 -22.85 15.35
CA LEU D 235 21.21 -23.06 15.47
C LEU D 235 20.87 -24.28 16.30
N ALA D 236 19.72 -24.27 16.93
CA ALA D 236 19.26 -25.36 17.79
C ALA D 236 17.75 -25.53 17.60
N TYR D 237 17.36 -26.78 17.55
CA TYR D 237 15.94 -27.11 17.39
C TYR D 237 15.45 -28.06 18.47
N ARG D 238 14.60 -27.52 19.34
CA ARG D 238 14.06 -28.20 20.49
C ARG D 238 12.54 -28.26 20.52
N PRO D 239 11.90 -29.15 19.79
CA PRO D 239 10.48 -29.44 19.90
C PRO D 239 10.11 -29.99 21.26
N PRO D 240 8.86 -29.92 21.65
CA PRO D 240 8.30 -30.40 22.90
C PRO D 240 8.05 -31.91 22.81
N LYS D 241 7.80 -32.31 21.58
CA LYS D 241 7.61 -33.63 21.04
C LYS D 241 8.34 -34.72 21.82
N SER E 1 13.32 -27.49 31.98
CA SER E 1 13.81 -28.28 30.81
C SER E 1 14.56 -27.30 29.91
N HIS E 2 14.22 -26.05 30.17
CA HIS E 2 14.91 -24.95 29.47
C HIS E 2 16.24 -24.63 30.16
N THR E 3 16.61 -25.44 31.15
CA THR E 3 17.85 -25.20 31.88
C THR E 3 18.97 -26.12 31.41
N ASP E 4 18.65 -27.17 30.66
CA ASP E 4 19.63 -27.96 29.96
C ASP E 4 20.06 -27.31 28.65
N ILE E 5 19.97 -25.98 28.57
CA ILE E 5 20.47 -25.19 27.48
C ILE E 5 21.94 -24.79 27.74
N LYS E 6 22.70 -24.84 26.66
CA LYS E 6 24.06 -24.32 26.71
C LYS E 6 24.28 -23.40 25.53
N VAL E 7 24.98 -22.27 25.73
CA VAL E 7 25.43 -21.60 24.49
C VAL E 7 26.65 -22.32 23.92
N PRO E 8 26.66 -22.54 22.62
CA PRO E 8 27.67 -23.27 21.91
C PRO E 8 29.04 -22.64 21.90
N ASP E 9 30.04 -23.50 21.65
CA ASP E 9 31.43 -23.07 21.82
C ASP E 9 31.73 -22.05 20.74
N PHE E 10 32.06 -20.83 21.11
CA PHE E 10 32.29 -19.78 20.14
C PHE E 10 33.77 -19.47 20.00
N SER E 11 34.62 -20.15 20.74
CA SER E 11 36.05 -19.91 20.73
C SER E 11 36.70 -19.90 19.37
N ASP E 12 36.12 -20.56 18.36
CA ASP E 12 36.77 -20.51 17.05
C ASP E 12 36.57 -19.12 16.45
N TYR E 13 35.34 -18.67 16.61
CA TYR E 13 34.85 -17.47 15.99
C TYR E 13 35.20 -16.15 16.62
N ARG E 14 35.47 -16.15 17.93
CA ARG E 14 35.86 -14.90 18.57
C ARG E 14 37.35 -14.66 18.43
N ARG E 15 37.83 -13.65 19.18
CA ARG E 15 39.25 -13.42 19.02
C ARG E 15 40.09 -13.26 20.27
N PRO E 16 41.37 -13.16 19.98
CA PRO E 16 42.42 -12.97 20.96
C PRO E 16 41.90 -12.19 22.15
N GLU E 17 41.80 -10.89 21.96
CA GLU E 17 41.39 -9.94 22.95
C GLU E 17 40.31 -10.42 23.89
N VAL E 18 39.25 -11.00 23.36
CA VAL E 18 38.13 -11.41 24.22
C VAL E 18 37.95 -12.93 24.20
N LEU E 19 39.08 -13.61 24.39
CA LEU E 19 39.00 -15.06 24.39
C LEU E 19 39.00 -15.70 25.78
N ASP E 20 39.30 -14.87 26.76
CA ASP E 20 39.44 -15.28 28.15
C ASP E 20 38.13 -15.61 28.84
N SER E 21 37.74 -16.89 28.83
CA SER E 21 36.61 -17.31 29.62
C SER E 21 36.57 -16.65 30.98
N THR E 22 37.69 -16.41 31.66
CA THR E 22 37.62 -15.85 33.00
C THR E 22 38.14 -14.44 33.11
N LYS E 23 38.04 -13.59 32.08
CA LYS E 23 38.47 -12.23 32.35
C LYS E 23 37.67 -11.15 31.64
N SER E 24 37.71 -9.94 32.19
CA SER E 24 37.00 -8.79 31.68
C SER E 24 37.16 -8.55 30.19
N SER E 25 36.12 -7.99 29.59
CA SER E 25 36.08 -7.69 28.18
C SER E 25 35.97 -6.19 27.94
N LYS E 26 35.62 -5.55 29.03
CA LYS E 26 35.50 -4.09 29.08
C LYS E 26 36.85 -3.40 28.88
N GLU E 27 37.93 -3.95 29.45
CA GLU E 27 39.23 -3.31 29.30
C GLU E 27 39.98 -3.92 28.13
N SER E 28 39.24 -4.70 27.34
CA SER E 28 39.78 -5.33 26.15
C SER E 28 39.21 -4.64 24.91
N SER E 29 37.90 -4.72 24.81
CA SER E 29 37.10 -4.22 23.73
C SER E 29 37.09 -2.76 23.39
N GLU E 30 37.76 -1.92 24.17
CA GLU E 30 37.84 -0.49 23.89
C GLU E 30 38.45 -0.22 22.51
N ALA E 31 39.52 -0.97 22.24
CA ALA E 31 40.27 -0.84 21.01
C ALA E 31 39.61 -1.66 19.93
N ARG E 32 39.11 -2.83 20.29
CA ARG E 32 38.39 -3.67 19.32
C ARG E 32 37.36 -2.86 18.57
N LYS E 33 36.59 -1.97 19.21
CA LYS E 33 35.71 -1.16 18.37
C LYS E 33 36.50 -0.09 17.64
N GLY E 34 37.65 0.32 18.17
CA GLY E 34 38.48 1.30 17.47
C GLY E 34 38.99 0.73 16.14
N PHE E 35 39.47 -0.50 16.19
CA PHE E 35 40.04 -1.13 15.00
C PHE E 35 39.00 -1.25 13.90
N SER E 36 37.82 -1.71 14.36
CA SER E 36 36.74 -1.87 13.38
C SER E 36 36.45 -0.51 12.78
N TYR E 37 36.03 0.45 13.60
CA TYR E 37 35.71 1.78 13.15
C TYR E 37 36.86 2.36 12.38
N LEU E 38 38.11 2.00 12.71
CA LEU E 38 39.28 2.53 12.00
C LEU E 38 39.17 2.15 10.53
N VAL E 39 38.85 0.89 10.28
CA VAL E 39 38.64 0.42 8.91
C VAL E 39 37.64 1.30 8.16
N THR E 40 36.56 1.54 8.90
CA THR E 40 35.49 2.39 8.35
C THR E 40 35.97 3.81 8.06
N ALA E 41 36.63 4.45 8.98
CA ALA E 41 37.09 5.81 8.68
C ALA E 41 38.04 5.80 7.50
N THR E 42 38.81 4.73 7.35
CA THR E 42 39.84 4.62 6.31
C THR E 42 39.21 4.52 4.94
N THR E 43 38.19 3.66 4.88
CA THR E 43 37.39 3.45 3.68
C THR E 43 36.74 4.76 3.23
N THR E 44 35.98 5.36 4.14
CA THR E 44 35.30 6.62 3.86
C THR E 44 36.32 7.61 3.34
N VAL E 45 37.51 7.69 4.00
CA VAL E 45 38.47 8.71 3.60
C VAL E 45 38.82 8.47 2.14
N GLY E 46 39.42 7.36 1.79
CA GLY E 46 39.80 7.11 0.44
C GLY E 46 38.72 7.25 -0.60
N VAL E 47 37.54 6.79 -0.25
CA VAL E 47 36.42 6.92 -1.18
C VAL E 47 36.16 8.39 -1.46
N ALA E 48 36.22 9.19 -0.40
CA ALA E 48 36.06 10.63 -0.50
C ALA E 48 37.01 11.18 -1.58
N TYR E 49 38.29 10.82 -1.51
CA TYR E 49 39.26 11.28 -2.52
C TYR E 49 38.61 10.91 -3.88
N ALA E 50 38.34 9.65 -4.15
CA ALA E 50 37.74 9.13 -5.37
C ALA E 50 36.58 10.00 -5.84
N ALA E 51 35.68 10.21 -4.91
CA ALA E 51 34.54 11.08 -5.23
C ALA E 51 35.02 12.46 -5.66
N LYS E 52 35.82 13.11 -4.83
CA LYS E 52 36.36 14.43 -5.21
C LYS E 52 36.89 14.48 -6.63
N ASN E 53 37.82 13.66 -7.10
CA ASN E 53 38.27 13.84 -8.48
C ASN E 53 37.12 13.60 -9.42
N VAL E 54 36.39 12.51 -9.19
CA VAL E 54 35.33 12.16 -10.11
C VAL E 54 34.35 13.28 -10.42
N VAL E 55 33.88 13.91 -9.37
CA VAL E 55 33.00 15.04 -9.38
C VAL E 55 33.64 16.27 -10.04
N SER E 56 34.88 16.53 -9.64
CA SER E 56 35.67 17.62 -10.19
C SER E 56 35.82 17.48 -11.69
N GLN E 57 36.11 16.25 -12.18
CA GLN E 57 36.26 16.06 -13.62
C GLN E 57 34.95 16.41 -14.31
N PHE E 58 33.84 16.01 -13.67
CA PHE E 58 32.55 16.19 -14.30
C PHE E 58 32.09 17.63 -14.29
N VAL E 59 32.64 18.42 -13.40
CA VAL E 59 32.30 19.82 -13.40
C VAL E 59 33.27 20.63 -14.27
N SER E 60 34.49 20.08 -14.54
CA SER E 60 35.40 20.94 -15.26
C SER E 60 35.04 20.70 -16.71
N SER E 61 34.28 19.61 -16.87
CA SER E 61 33.88 19.19 -18.21
C SER E 61 32.99 20.29 -18.80
N MET E 62 32.48 21.10 -17.89
CA MET E 62 31.62 22.21 -18.25
C MET E 62 32.37 23.54 -18.14
N SER E 63 33.36 23.61 -17.27
CA SER E 63 34.06 24.87 -17.04
C SER E 63 34.47 25.60 -18.30
N ALA E 64 35.41 25.11 -19.10
CA ALA E 64 35.79 25.93 -20.25
C ALA E 64 36.82 25.29 -21.18
N SER E 65 36.27 24.81 -22.28
CA SER E 65 36.94 23.89 -23.18
C SER E 65 38.20 24.44 -23.79
N ALA E 66 39.29 23.68 -23.85
CA ALA E 66 40.48 24.26 -24.45
C ALA E 66 40.18 24.86 -25.81
N ASP E 67 39.25 24.28 -26.55
CA ASP E 67 38.72 24.82 -27.78
C ASP E 67 38.42 26.31 -27.64
N VAL E 68 37.41 26.68 -26.88
CA VAL E 68 37.14 28.08 -26.58
C VAL E 68 38.34 28.75 -25.93
N LEU E 69 38.67 28.36 -24.72
CA LEU E 69 39.76 28.96 -23.97
C LEU E 69 40.99 29.21 -24.81
N ALA E 70 41.28 28.44 -25.86
CA ALA E 70 42.40 28.71 -26.76
C ALA E 70 42.41 30.15 -27.26
N MET E 71 41.24 30.53 -27.80
CA MET E 71 41.12 31.90 -28.26
C MET E 71 41.07 32.92 -27.16
N SER E 72 40.36 32.78 -26.04
CA SER E 72 40.54 33.65 -24.88
C SER E 72 41.94 34.26 -24.72
N LYS E 73 41.97 35.54 -24.35
CA LYS E 73 43.18 36.24 -24.01
C LYS E 73 44.23 36.33 -25.10
N ILE E 74 43.87 36.05 -26.34
CA ILE E 74 44.83 36.01 -27.44
C ILE E 74 44.22 36.87 -28.56
N GLU E 75 44.62 38.14 -28.57
CA GLU E 75 44.20 39.10 -29.56
C GLU E 75 45.39 39.98 -30.02
N ALA F 5 6.09 -56.82 -17.02
CA ALA F 5 7.27 -57.61 -17.47
C ALA F 5 8.58 -56.96 -17.03
N VAL F 6 8.49 -56.13 -16.00
CA VAL F 6 9.66 -55.45 -15.46
C VAL F 6 10.24 -56.14 -14.24
N SER F 7 11.35 -56.84 -14.47
CA SER F 7 12.07 -57.58 -13.46
C SER F 7 13.54 -57.20 -13.43
N ALA F 8 14.10 -57.06 -14.63
CA ALA F 8 15.50 -56.67 -14.77
C ALA F 8 15.60 -55.16 -14.97
N SER F 9 14.80 -54.64 -15.90
CA SER F 9 14.82 -53.21 -16.16
C SER F 9 14.45 -52.39 -14.93
N SER F 10 13.29 -52.64 -14.33
CA SER F 10 12.75 -51.83 -13.26
C SER F 10 13.34 -52.12 -11.89
N ARG F 11 14.26 -53.09 -11.84
CA ARG F 11 14.99 -53.42 -10.62
C ARG F 11 16.42 -52.89 -10.80
N TRP F 12 16.60 -52.18 -11.90
CA TRP F 12 17.85 -51.50 -12.19
C TRP F 12 17.67 -49.99 -12.26
N LEU F 13 16.45 -49.51 -12.52
CA LEU F 13 16.22 -48.06 -12.43
C LEU F 13 16.70 -47.58 -11.06
N GLU F 14 16.31 -48.28 -10.00
CA GLU F 14 16.75 -47.96 -8.65
C GLU F 14 18.24 -47.61 -8.64
N GLY F 15 19.02 -48.18 -9.53
CA GLY F 15 20.42 -47.91 -9.75
C GLY F 15 20.72 -46.55 -10.33
N ILE F 16 19.87 -46.11 -11.25
CA ILE F 16 20.06 -44.75 -11.79
C ILE F 16 19.44 -43.78 -10.79
N ARG F 17 18.25 -44.17 -10.34
CA ARG F 17 17.58 -43.44 -9.30
C ARG F 17 18.55 -43.13 -8.18
N LYS F 18 19.15 -44.17 -7.62
CA LYS F 18 20.08 -44.02 -6.50
C LYS F 18 21.22 -43.09 -6.91
N TRP F 19 21.76 -43.36 -8.10
CA TRP F 19 22.83 -42.52 -8.63
C TRP F 19 22.36 -41.07 -8.56
N TYR F 20 21.34 -40.77 -9.35
CA TYR F 20 20.68 -39.49 -9.48
C TYR F 20 20.37 -38.80 -8.16
N TYR F 21 19.82 -39.52 -7.21
CA TYR F 21 19.47 -38.95 -5.91
C TYR F 21 20.65 -38.26 -5.22
N ASN F 22 21.81 -38.90 -5.25
CA ASN F 22 22.99 -38.38 -4.58
C ASN F 22 23.71 -37.40 -5.51
N ALA F 23 23.50 -37.56 -6.81
CA ALA F 23 23.92 -36.55 -7.79
C ALA F 23 23.36 -35.20 -7.41
N ALA F 24 22.03 -35.04 -7.53
CA ALA F 24 21.45 -33.83 -6.94
C ALA F 24 21.90 -33.65 -5.50
N GLY F 25 22.60 -32.55 -5.31
CA GLY F 25 23.19 -32.11 -4.09
C GLY F 25 22.32 -31.93 -2.88
N PHE F 26 21.01 -31.71 -3.01
CA PHE F 26 20.12 -31.51 -1.88
C PHE F 26 20.22 -32.58 -0.81
N ASN F 27 20.72 -33.71 -1.24
CA ASN F 27 21.01 -34.85 -0.38
C ASN F 27 21.92 -34.35 0.74
N LYS F 28 22.90 -33.59 0.26
CA LYS F 28 24.02 -33.25 1.14
C LYS F 28 23.61 -32.18 2.14
N LEU F 29 22.56 -31.44 1.80
CA LEU F 29 22.20 -30.25 2.50
C LEU F 29 21.40 -30.53 3.75
N GLY F 30 20.94 -31.78 3.80
CA GLY F 30 20.22 -32.27 4.99
C GLY F 30 18.71 -32.24 4.69
N LEU F 31 18.43 -31.81 3.49
CA LEU F 31 17.08 -31.67 3.00
C LEU F 31 16.62 -33.04 2.50
N MET F 32 15.33 -33.19 2.29
CA MET F 32 14.67 -34.36 1.71
C MET F 32 13.96 -33.98 0.42
N ARG F 33 13.48 -34.93 -0.37
CA ARG F 33 12.82 -34.64 -1.64
C ARG F 33 11.57 -33.79 -1.53
N ASP F 34 10.75 -34.11 -0.56
CA ASP F 34 9.54 -33.32 -0.43
C ASP F 34 9.84 -31.87 -0.08
N ASP F 35 10.95 -31.52 0.56
CA ASP F 35 11.19 -30.14 0.92
C ASP F 35 11.75 -29.31 -0.21
N THR F 36 12.09 -29.99 -1.29
CA THR F 36 12.60 -29.36 -2.50
C THR F 36 11.51 -29.00 -3.45
N ILE F 37 10.25 -29.27 -3.14
CA ILE F 37 9.12 -29.02 -4.00
C ILE F 37 8.88 -27.55 -4.33
N HIS F 38 8.42 -27.26 -5.55
CA HIS F 38 8.10 -25.90 -5.98
C HIS F 38 6.85 -25.46 -5.23
N GLU F 39 6.95 -24.49 -4.35
CA GLU F 39 5.78 -24.13 -3.58
C GLU F 39 4.75 -23.40 -4.42
N ASN F 40 3.83 -24.18 -5.00
CA ASN F 40 2.67 -23.64 -5.69
C ASN F 40 1.37 -23.84 -4.93
N ASP F 41 0.24 -23.47 -5.53
CA ASP F 41 -1.07 -23.48 -4.90
C ASP F 41 -1.51 -24.83 -4.38
N ASP F 42 -1.29 -25.88 -5.17
CA ASP F 42 -1.55 -27.19 -4.54
C ASP F 42 -0.54 -27.48 -3.43
N VAL F 43 0.80 -27.53 -3.70
CA VAL F 43 1.70 -27.80 -2.59
C VAL F 43 1.29 -26.99 -1.40
N LYS F 44 0.95 -25.71 -1.71
CA LYS F 44 0.64 -24.83 -0.55
C LYS F 44 -0.39 -25.34 0.42
N GLU F 45 -1.49 -25.82 -0.18
CA GLU F 45 -2.57 -26.39 0.63
C GLU F 45 -2.10 -27.68 1.27
N ALA F 46 -1.35 -28.47 0.46
CA ALA F 46 -0.90 -29.71 1.17
C ALA F 46 -0.16 -29.23 2.43
N ILE F 47 0.92 -28.47 2.19
CA ILE F 47 1.67 -27.93 3.29
C ILE F 47 0.91 -27.56 4.52
N ARG F 48 -0.17 -26.85 4.30
CA ARG F 48 -1.01 -26.37 5.38
C ARG F 48 -1.67 -27.50 6.14
N ARG F 49 -1.78 -28.65 5.49
CA ARG F 49 -2.45 -29.81 6.03
C ARG F 49 -1.58 -30.64 6.95
N LEU F 50 -0.29 -30.32 6.97
CA LEU F 50 0.63 -31.06 7.79
C LEU F 50 0.44 -30.92 9.29
N PRO F 51 0.35 -31.98 10.07
CA PRO F 51 0.64 -32.02 11.52
C PRO F 51 1.83 -31.16 11.98
N GLU F 52 1.70 -30.71 13.25
CA GLU F 52 2.76 -29.94 13.89
C GLU F 52 4.12 -30.63 13.74
N ASN F 53 4.24 -31.92 14.00
CA ASN F 53 5.54 -32.55 13.93
C ASN F 53 6.06 -32.49 12.49
N LEU F 54 5.28 -33.03 11.58
CA LEU F 54 5.76 -33.11 10.19
C LEU F 54 6.15 -31.70 9.77
N TYR F 55 5.12 -30.86 9.90
CA TYR F 55 5.27 -29.49 9.45
C TYR F 55 6.36 -28.70 10.13
N ASP F 56 6.56 -28.72 11.45
CA ASP F 56 7.67 -27.96 12.05
C ASP F 56 8.99 -28.54 11.56
N ASP F 57 9.00 -29.86 11.35
CA ASP F 57 10.19 -30.48 10.81
C ASP F 57 10.66 -29.86 9.51
N ARG F 58 9.71 -29.63 8.61
CA ARG F 58 10.02 -29.10 7.29
C ARG F 58 10.52 -27.66 7.37
N VAL F 59 10.12 -26.99 8.46
CA VAL F 59 10.66 -25.68 8.72
C VAL F 59 12.07 -25.70 9.24
N PHE F 60 12.38 -26.62 10.16
CA PHE F 60 13.78 -26.66 10.59
C PHE F 60 14.70 -27.08 9.46
N ARG F 61 14.24 -28.07 8.67
CA ARG F 61 15.08 -28.64 7.62
C ARG F 61 15.54 -27.62 6.61
N ILE F 62 14.59 -26.79 6.20
CA ILE F 62 14.78 -25.71 5.27
C ILE F 62 15.57 -24.59 5.95
N LYS F 63 15.25 -24.31 7.22
CA LYS F 63 16.13 -23.41 7.99
C LYS F 63 17.58 -23.84 7.96
N ARG F 64 17.86 -25.13 8.17
CA ARG F 64 19.23 -25.62 8.33
C ARG F 64 19.92 -25.58 6.98
N ALA F 65 19.07 -25.76 5.96
CA ALA F 65 19.45 -25.87 4.57
C ALA F 65 19.79 -24.53 3.96
N LEU F 66 18.88 -23.57 4.12
CA LEU F 66 19.21 -22.22 3.68
C LEU F 66 20.36 -21.57 4.46
N ASP F 67 20.56 -22.00 5.69
CA ASP F 67 21.73 -21.61 6.46
C ASP F 67 22.97 -22.13 5.77
N LEU F 68 22.99 -23.42 5.45
CA LEU F 68 24.14 -23.99 4.76
C LEU F 68 24.41 -23.27 3.45
N SER F 69 23.36 -23.08 2.66
CA SER F 69 23.48 -22.44 1.35
C SER F 69 24.14 -21.07 1.54
N MET F 70 23.70 -20.36 2.58
CA MET F 70 24.24 -19.04 2.82
C MET F 70 25.72 -19.09 3.12
N ARG F 71 26.16 -20.19 3.72
CA ARG F 71 27.55 -20.32 4.07
C ARG F 71 28.38 -21.21 3.17
N GLN F 72 27.76 -21.74 2.14
CA GLN F 72 28.39 -22.58 1.14
C GLN F 72 29.04 -23.80 1.76
N GLN F 73 28.52 -24.28 2.87
CA GLN F 73 29.08 -25.40 3.64
C GLN F 73 28.20 -26.59 3.39
N ILE F 74 28.77 -27.81 3.20
CA ILE F 74 27.99 -29.02 3.11
C ILE F 74 27.87 -29.71 4.46
N LEU F 75 26.80 -30.46 4.71
CA LEU F 75 26.68 -31.15 5.99
C LEU F 75 27.66 -32.29 6.11
N PRO F 76 28.07 -32.76 7.27
CA PRO F 76 29.01 -33.86 7.36
C PRO F 76 28.47 -35.13 6.74
N LYS F 77 29.37 -35.90 6.14
CA LYS F 77 29.08 -37.19 5.55
C LYS F 77 28.21 -38.08 6.42
N GLU F 78 28.45 -38.10 7.71
CA GLU F 78 27.66 -38.88 8.64
C GLU F 78 26.21 -38.44 8.72
N GLN F 79 25.87 -37.16 8.58
CA GLN F 79 24.52 -36.62 8.77
C GLN F 79 23.70 -36.41 7.52
N TRP F 80 23.89 -37.16 6.45
CA TRP F 80 23.18 -36.92 5.21
C TRP F 80 21.95 -37.77 4.97
N THR F 81 21.04 -37.26 4.14
CA THR F 81 19.82 -37.95 3.84
C THR F 81 20.06 -39.14 2.93
N LYS F 82 19.66 -40.31 3.43
CA LYS F 82 19.96 -41.55 2.70
C LYS F 82 18.78 -41.90 1.83
N TYR F 83 18.98 -42.27 0.57
CA TYR F 83 17.86 -42.53 -0.32
C TYR F 83 16.85 -43.54 0.20
N GLU F 84 17.35 -44.54 0.88
CA GLU F 84 16.51 -45.60 1.44
C GLU F 84 15.45 -45.07 2.38
N GLU F 85 15.68 -43.87 2.90
CA GLU F 85 14.74 -43.19 3.77
C GLU F 85 13.99 -42.07 3.06
N ASP F 86 13.22 -42.41 2.04
CA ASP F 86 12.41 -41.46 1.29
C ASP F 86 11.08 -41.17 1.97
N LYS F 87 11.11 -40.25 2.94
CA LYS F 87 9.83 -39.82 3.51
C LYS F 87 9.11 -39.00 2.43
N SER F 88 8.12 -39.60 1.82
CA SER F 88 7.26 -38.95 0.85
C SER F 88 6.03 -38.46 1.62
N TYR F 89 6.24 -37.73 2.69
CA TYR F 89 5.23 -37.34 3.65
C TYR F 89 4.28 -36.29 3.10
N LEU F 90 4.76 -35.58 2.09
CA LEU F 90 3.93 -34.53 1.48
C LEU F 90 3.01 -35.21 0.47
N GLU F 91 3.51 -36.29 -0.07
CA GLU F 91 2.85 -36.97 -1.18
C GLU F 91 1.41 -37.27 -0.87
N PRO F 92 1.17 -37.99 0.20
CA PRO F 92 -0.19 -38.28 0.64
C PRO F 92 -1.03 -37.01 0.61
N TYR F 93 -0.66 -35.99 1.37
CA TYR F 93 -1.37 -34.71 1.48
C TYR F 93 -1.52 -34.09 0.09
N LEU F 94 -0.40 -33.84 -0.58
CA LEU F 94 -0.37 -33.32 -1.94
C LEU F 94 -1.27 -34.05 -2.92
N LYS F 95 -1.28 -35.39 -2.96
CA LYS F 95 -2.19 -36.10 -3.84
C LYS F 95 -3.61 -35.56 -3.63
N GLU F 96 -4.29 -35.90 -2.56
CA GLU F 96 -5.63 -35.40 -2.33
C GLU F 96 -5.78 -33.98 -2.86
N VAL F 97 -5.02 -33.01 -2.37
CA VAL F 97 -5.27 -31.58 -2.73
C VAL F 97 -5.51 -31.62 -4.24
N ILE F 98 -4.60 -32.25 -4.97
CA ILE F 98 -4.79 -32.32 -6.43
C ILE F 98 -6.13 -33.01 -6.70
N ARG F 99 -6.29 -34.21 -6.15
CA ARG F 99 -7.51 -35.01 -6.32
C ARG F 99 -8.72 -34.11 -6.14
N GLU F 100 -8.80 -33.40 -5.00
CA GLU F 100 -9.94 -32.51 -4.84
C GLU F 100 -10.15 -31.56 -6.04
N ARG F 101 -9.12 -30.83 -6.41
CA ARG F 101 -9.15 -29.85 -7.48
C ARG F 101 -9.42 -30.45 -8.84
N LYS F 102 -9.04 -31.73 -9.02
CA LYS F 102 -9.28 -32.28 -10.38
C LYS F 102 -10.79 -32.48 -10.49
N GLU F 103 -11.29 -33.07 -9.39
CA GLU F 103 -12.74 -33.20 -9.28
C GLU F 103 -13.39 -31.84 -9.52
N ARG F 104 -13.08 -30.85 -8.70
CA ARG F 104 -13.68 -29.52 -8.87
C ARG F 104 -13.66 -29.12 -10.34
N GLU F 105 -12.46 -29.15 -10.95
CA GLU F 105 -12.40 -28.83 -12.37
C GLU F 105 -13.45 -29.64 -13.12
N GLU F 106 -13.35 -30.96 -13.03
CA GLU F 106 -14.27 -31.80 -13.80
C GLU F 106 -15.73 -31.48 -13.57
N TRP F 107 -16.14 -31.29 -12.32
CA TRP F 107 -17.53 -30.98 -12.03
C TRP F 107 -17.99 -29.72 -12.75
N ALA F 108 -17.07 -28.86 -13.15
CA ALA F 108 -17.37 -27.60 -13.80
C ALA F 108 -17.46 -27.69 -15.30
N LYS F 109 -17.36 -28.90 -15.87
CA LYS F 109 -17.46 -28.98 -17.33
C LYS F 109 -18.88 -28.65 -17.76
N LYS F 110 -19.83 -29.53 -17.47
CA LYS F 110 -21.23 -29.33 -17.70
C LYS F 110 -22.03 -30.51 -17.11
N GLY G 1 1.49 -5.82 2.35
CA GLY G 1 1.22 -5.37 3.75
C GLY G 1 2.49 -5.30 4.58
N ARG G 2 2.53 -6.00 5.71
CA ARG G 2 3.69 -6.04 6.59
C ARG G 2 4.51 -7.28 6.33
N GLN G 3 5.79 -7.06 6.07
CA GLN G 3 6.64 -8.15 5.61
C GLN G 3 7.40 -8.88 6.69
N PHE G 4 7.46 -8.37 7.91
CA PHE G 4 8.28 -9.02 8.91
C PHE G 4 7.52 -9.80 9.94
N GLY G 5 6.32 -9.34 10.30
CA GLY G 5 5.58 -10.09 11.31
C GLY G 5 4.68 -11.14 10.68
N HIS G 6 4.70 -11.16 9.34
CA HIS G 6 3.68 -11.94 8.65
C HIS G 6 4.27 -12.93 7.70
N LEU G 7 5.56 -13.23 7.84
CA LEU G 7 6.09 -14.11 6.81
C LEU G 7 5.54 -15.51 6.89
N THR G 8 5.79 -16.24 7.93
CA THR G 8 5.47 -17.63 8.23
C THR G 8 5.44 -17.86 9.73
N ARG G 9 5.32 -19.13 10.06
CA ARG G 9 5.10 -19.56 11.45
C ARG G 9 6.20 -20.57 11.75
N VAL G 10 6.90 -20.29 12.84
CA VAL G 10 8.08 -21.10 13.18
C VAL G 10 8.04 -21.42 14.66
N ARG G 11 7.95 -22.72 14.91
CA ARG G 11 7.90 -23.09 16.33
C ARG G 11 9.16 -23.84 16.74
N HIS G 12 9.52 -23.79 18.01
CA HIS G 12 10.65 -24.49 18.53
C HIS G 12 11.98 -24.37 17.82
N VAL G 13 12.41 -23.17 17.46
CA VAL G 13 13.79 -23.16 16.96
C VAL G 13 14.60 -22.19 17.76
N ILE G 14 15.78 -22.71 18.27
CA ILE G 14 16.58 -21.64 18.99
C ILE G 14 17.57 -21.18 17.94
N THR G 15 18.00 -19.96 17.81
CA THR G 15 19.24 -19.42 17.25
C THR G 15 20.24 -18.78 18.22
N TYR G 16 21.55 -18.96 18.04
CA TYR G 16 22.55 -18.27 18.88
C TYR G 16 23.51 -17.48 18.00
N SER G 17 23.58 -16.18 18.12
CA SER G 17 24.55 -15.34 17.42
C SER G 17 25.50 -14.55 18.30
N LEU G 18 26.53 -13.98 17.68
CA LEU G 18 27.53 -13.25 18.48
C LEU G 18 27.62 -11.86 17.88
N SER G 19 28.21 -10.88 18.56
CA SER G 19 28.38 -9.52 18.03
C SER G 19 29.66 -9.40 17.18
N PRO G 20 29.61 -8.56 16.17
CA PRO G 20 30.70 -8.29 15.24
C PRO G 20 32.01 -7.97 15.94
N PHE G 21 31.89 -7.12 16.98
CA PHE G 21 33.00 -6.65 17.77
C PHE G 21 33.62 -7.72 18.63
N GLU G 22 32.87 -8.79 18.88
CA GLU G 22 33.44 -9.90 19.61
C GLU G 22 34.12 -10.89 18.68
N GLN G 23 33.72 -10.91 17.40
CA GLN G 23 34.37 -11.92 16.58
C GLN G 23 35.27 -11.33 15.49
N ARG G 24 35.88 -12.25 14.77
CA ARG G 24 36.75 -11.92 13.67
C ARG G 24 35.96 -12.09 12.38
N ALA G 25 36.25 -11.26 11.39
CA ALA G 25 35.48 -11.30 10.16
C ALA G 25 36.14 -12.20 9.14
N PHE G 26 37.40 -12.53 9.42
CA PHE G 26 38.12 -13.45 8.56
C PHE G 26 38.62 -14.74 9.21
N PRO G 27 37.71 -15.68 9.38
CA PRO G 27 37.87 -17.01 9.92
C PRO G 27 38.69 -18.05 9.22
N HIS G 28 40.01 -18.10 9.43
CA HIS G 28 40.82 -19.12 8.74
C HIS G 28 40.36 -19.24 7.30
N TYR G 29 40.44 -18.12 6.59
CA TYR G 29 40.02 -17.95 5.23
C TYR G 29 40.83 -18.77 4.25
N PHE G 30 42.16 -18.74 4.35
CA PHE G 30 42.98 -19.54 3.46
C PHE G 30 42.61 -21.02 3.58
N SER G 31 42.56 -21.50 4.82
CA SER G 31 42.28 -22.86 5.17
C SER G 31 40.89 -23.36 4.77
N LYS G 32 39.87 -22.55 5.00
CA LYS G 32 38.51 -22.89 4.58
C LYS G 32 38.37 -22.78 3.06
N GLY G 33 38.76 -21.64 2.50
CA GLY G 33 38.71 -21.43 1.06
C GLY G 33 39.32 -22.60 0.30
N ILE G 34 40.58 -22.92 0.59
CA ILE G 34 41.20 -23.98 -0.19
C ILE G 34 40.26 -25.17 -0.21
N PRO G 35 39.98 -25.80 0.91
CA PRO G 35 39.15 -26.98 1.01
C PRO G 35 37.72 -26.82 0.57
N ASN G 36 37.10 -25.70 0.90
CA ASN G 36 35.74 -25.45 0.41
C ASN G 36 35.81 -25.08 -1.05
N VAL G 37 36.68 -24.11 -1.40
CA VAL G 37 36.78 -23.80 -2.83
C VAL G 37 37.04 -25.07 -3.63
N LEU G 38 37.97 -25.87 -3.13
CA LEU G 38 38.37 -27.08 -3.82
C LEU G 38 37.18 -28.03 -3.96
N ARG G 39 36.40 -28.13 -2.89
CA ARG G 39 35.38 -29.16 -2.82
C ARG G 39 34.16 -28.85 -3.64
N ARG G 40 33.94 -27.56 -3.86
CA ARG G 40 32.80 -27.22 -4.69
C ARG G 40 33.22 -27.13 -6.14
N THR G 41 34.41 -26.54 -6.35
CA THR G 41 34.89 -26.52 -7.73
C THR G 41 34.85 -27.94 -8.28
N ARG G 42 35.38 -28.89 -7.53
CA ARG G 42 35.40 -30.25 -8.04
C ARG G 42 34.03 -30.85 -8.19
N ALA G 43 33.01 -30.22 -7.60
CA ALA G 43 31.65 -30.72 -7.82
C ALA G 43 30.97 -29.89 -8.90
N CYS G 44 31.63 -28.81 -9.29
CA CYS G 44 31.14 -27.98 -10.38
C CYS G 44 31.79 -28.45 -11.69
N ILE G 45 33.12 -28.49 -11.68
CA ILE G 45 33.92 -28.77 -12.84
C ILE G 45 33.25 -29.70 -13.82
N LEU G 46 32.86 -30.89 -13.39
CA LEU G 46 32.19 -31.87 -14.21
C LEU G 46 30.92 -31.39 -14.87
N ARG G 47 30.11 -30.63 -14.14
CA ARG G 47 28.85 -30.15 -14.69
C ARG G 47 29.03 -28.89 -15.55
N VAL G 48 30.05 -28.11 -15.25
CA VAL G 48 30.26 -26.84 -15.93
C VAL G 48 31.28 -26.90 -17.05
N ALA G 49 32.52 -27.28 -16.74
CA ALA G 49 33.58 -27.24 -17.71
C ALA G 49 33.35 -27.88 -19.03
N PRO G 50 32.74 -29.04 -19.20
CA PRO G 50 32.62 -29.72 -20.46
C PRO G 50 32.33 -28.89 -21.67
N PRO G 51 31.15 -28.29 -21.72
CA PRO G 51 30.69 -27.48 -22.83
C PRO G 51 31.67 -26.41 -23.24
N PHE G 52 32.35 -25.82 -22.27
CA PHE G 52 33.40 -24.87 -22.62
C PHE G 52 34.54 -25.58 -23.31
N VAL G 53 34.94 -26.71 -22.70
CA VAL G 53 36.00 -27.46 -23.37
C VAL G 53 35.60 -27.61 -24.84
N ALA G 54 34.37 -28.10 -25.03
CA ALA G 54 33.86 -28.39 -26.36
C ALA G 54 34.03 -27.19 -27.29
N PHE G 55 33.54 -26.05 -26.82
CA PHE G 55 33.65 -24.85 -27.63
C PHE G 55 35.08 -24.63 -28.08
N TYR G 56 36.03 -24.67 -27.16
CA TYR G 56 37.45 -24.59 -27.49
C TYR G 56 37.84 -25.53 -28.62
N LEU G 57 37.59 -26.82 -28.52
CA LEU G 57 37.89 -27.66 -29.69
C LEU G 57 37.30 -27.07 -30.94
N VAL G 58 36.00 -26.86 -30.97
CA VAL G 58 35.32 -26.27 -32.11
C VAL G 58 35.91 -24.95 -32.57
N TYR G 59 36.26 -24.08 -31.66
CA TYR G 59 37.02 -22.89 -32.01
C TYR G 59 38.32 -23.27 -32.74
N THR G 60 39.18 -24.02 -32.07
CA THR G 60 40.43 -24.45 -32.65
C THR G 60 40.22 -25.05 -34.02
N TRP G 61 39.55 -26.20 -34.11
CA TRP G 61 39.37 -26.81 -35.41
C TRP G 61 38.85 -25.77 -36.40
N GLY G 62 37.70 -25.22 -36.09
CA GLY G 62 37.01 -24.22 -36.87
C GLY G 62 37.86 -23.09 -37.43
N THR G 63 38.87 -22.64 -36.72
CA THR G 63 39.80 -21.66 -37.28
C THR G 63 40.84 -22.33 -38.16
N GLN G 64 41.33 -23.49 -37.73
CA GLN G 64 42.31 -24.17 -38.58
C GLN G 64 41.68 -24.26 -39.98
N GLU G 65 40.63 -25.06 -40.12
CA GLU G 65 39.98 -25.18 -41.42
C GLU G 65 39.97 -23.89 -42.22
N PHE G 66 39.41 -22.83 -41.67
CA PHE G 66 39.34 -21.56 -42.38
C PHE G 66 40.67 -21.21 -43.02
N GLU G 67 41.65 -20.93 -42.16
CA GLU G 67 43.00 -20.61 -42.64
C GLU G 67 43.44 -21.60 -43.70
N LYS G 68 43.36 -22.90 -43.46
CA LYS G 68 43.64 -23.90 -44.47
C LYS G 68 42.88 -23.58 -45.76
N SER G 69 41.63 -24.00 -45.86
CA SER G 69 40.82 -23.81 -47.05
C SER G 69 41.09 -22.49 -47.76
N LYS G 70 41.24 -21.40 -47.03
CA LYS G 70 41.55 -20.12 -47.65
C LYS G 70 43.03 -19.93 -47.95
N ARG G 71 43.91 -20.28 -47.03
CA ARG G 71 45.35 -20.17 -47.28
C ARG G 71 45.78 -21.28 -48.23
N LYS G 72 45.28 -22.49 -48.01
CA LYS G 72 45.38 -23.53 -49.02
C LYS G 72 44.54 -23.05 -50.21
N ASN G 73 45.16 -22.16 -50.98
CA ASN G 73 44.53 -21.59 -52.18
C ASN G 73 44.47 -22.66 -53.25
N PRO G 74 45.47 -23.54 -53.27
CA PRO G 74 45.50 -24.76 -54.04
C PRO G 74 44.80 -25.94 -53.38
N ALA G 75 44.18 -25.81 -52.22
CA ALA G 75 43.54 -26.89 -51.50
C ALA G 75 42.46 -27.59 -52.33
N ALA G 76 41.43 -26.81 -52.67
CA ALA G 76 40.32 -27.33 -53.45
C ALA G 76 40.83 -28.31 -54.51
N TYR G 77 41.57 -27.78 -55.47
CA TYR G 77 42.11 -28.50 -56.60
C TYR G 77 43.57 -28.10 -56.85
N GLU G 78 44.43 -29.05 -57.17
CA GLU G 78 45.86 -28.86 -57.30
C GLU G 78 46.29 -27.90 -58.38
N ASN G 79 47.59 -27.70 -58.47
CA ASN G 79 48.22 -26.85 -59.47
C ASN G 79 48.58 -27.66 -60.72
N ASP G 80 49.52 -28.58 -60.53
CA ASP G 80 49.96 -29.43 -61.63
C ASP G 80 48.80 -30.32 -62.07
N ARG G 81 48.34 -30.06 -63.27
CA ARG G 81 47.30 -30.74 -63.99
C ARG G 81 46.52 -29.73 -64.84
N ASP H 15 70.13 1.99 -41.85
CA ASP H 15 71.27 1.04 -41.64
C ASP H 15 70.84 -0.10 -40.73
N PRO H 16 70.30 0.26 -39.59
CA PRO H 16 69.90 -0.63 -38.53
C PRO H 16 68.98 -1.74 -38.99
N LEU H 17 67.85 -1.36 -39.55
CA LEU H 17 66.87 -2.33 -39.99
C LEU H 17 67.44 -3.45 -40.83
N THR H 18 68.20 -3.06 -41.84
CA THR H 18 68.70 -3.90 -42.89
C THR H 18 69.62 -5.02 -42.46
N THR H 19 70.38 -4.86 -41.40
CA THR H 19 71.23 -5.90 -40.86
C THR H 19 70.46 -6.98 -40.11
N VAL H 20 69.68 -6.55 -39.12
CA VAL H 20 68.87 -7.42 -38.28
C VAL H 20 68.00 -8.36 -39.12
N ARG H 21 67.45 -7.82 -40.21
CA ARG H 21 66.57 -8.61 -41.05
C ARG H 21 67.28 -9.89 -41.47
N GLU H 22 68.48 -9.70 -42.02
CA GLU H 22 69.33 -10.81 -42.43
C GLU H 22 69.49 -11.83 -41.31
N GLN H 23 70.06 -11.37 -40.19
CA GLN H 23 70.26 -12.28 -39.07
C GLN H 23 69.05 -13.18 -38.89
N CYS H 24 67.89 -12.57 -38.75
CA CYS H 24 66.64 -13.28 -38.52
C CYS H 24 66.39 -14.41 -39.49
N GLU H 25 66.74 -14.19 -40.75
CA GLU H 25 66.58 -15.24 -41.75
C GLU H 25 67.75 -16.21 -41.78
N GLN H 26 68.61 -16.12 -40.77
CA GLN H 26 69.73 -17.05 -40.65
C GLN H 26 69.44 -18.14 -39.62
N LEU H 27 68.26 -18.13 -39.01
CA LEU H 27 67.91 -19.14 -38.02
C LEU H 27 67.29 -20.37 -38.63
N GLU H 28 67.62 -21.56 -38.12
CA GLU H 28 67.23 -22.85 -38.60
C GLU H 28 65.79 -22.95 -39.06
N LYS H 29 64.88 -22.16 -38.52
CA LYS H 29 63.48 -22.22 -38.94
C LYS H 29 63.26 -21.29 -40.12
N CYS H 30 64.19 -20.35 -40.29
CA CYS H 30 64.05 -19.41 -41.41
C CYS H 30 64.69 -20.07 -42.64
N VAL H 31 65.82 -20.70 -42.37
CA VAL H 31 66.48 -21.48 -43.42
C VAL H 31 65.45 -22.48 -43.94
N LYS H 32 64.91 -23.30 -43.06
CA LYS H 32 64.01 -24.40 -43.34
C LYS H 32 62.80 -24.05 -44.18
N ALA H 33 62.21 -22.89 -43.95
CA ALA H 33 60.98 -22.47 -44.61
C ALA H 33 61.26 -21.53 -45.78
N ARG H 34 62.56 -21.32 -46.04
CA ARG H 34 62.88 -20.50 -47.20
C ARG H 34 62.95 -21.40 -48.45
N GLU H 35 63.02 -22.70 -48.28
CA GLU H 35 63.07 -23.71 -49.32
C GLU H 35 61.79 -23.73 -50.17
N ARG H 36 60.71 -23.34 -49.54
CA ARG H 36 59.40 -23.23 -50.18
C ARG H 36 59.41 -21.99 -51.06
N LEU H 37 60.13 -20.96 -50.63
CA LEU H 37 60.26 -19.72 -51.39
C LEU H 37 61.10 -19.93 -52.65
N GLU H 38 62.19 -20.64 -52.42
CA GLU H 38 63.13 -20.95 -53.50
C GLU H 38 62.47 -21.77 -54.59
N LEU H 39 61.72 -22.81 -54.23
CA LEU H 39 61.07 -23.61 -55.27
C LEU H 39 59.94 -22.80 -55.90
N CYS H 40 59.28 -22.03 -55.02
CA CYS H 40 58.20 -21.20 -55.50
C CYS H 40 58.72 -20.36 -56.68
N ASP H 41 59.68 -19.51 -56.33
CA ASP H 41 60.19 -18.53 -57.29
C ASP H 41 60.52 -19.18 -58.63
N GLU H 42 61.31 -20.26 -58.63
CA GLU H 42 61.69 -20.98 -59.83
C GLU H 42 60.49 -21.60 -60.53
N ARG H 43 59.66 -22.38 -59.84
CA ARG H 43 58.45 -22.97 -60.42
C ARG H 43 57.71 -21.91 -61.23
N VAL H 44 57.38 -20.82 -60.56
CA VAL H 44 56.66 -19.70 -61.13
C VAL H 44 57.36 -19.01 -62.29
N SER H 45 58.64 -18.69 -62.14
CA SER H 45 59.36 -17.99 -63.19
C SER H 45 59.48 -18.84 -64.43
N SER H 46 59.70 -20.14 -64.27
CA SER H 46 59.85 -21.00 -65.44
C SER H 46 58.55 -21.32 -66.15
N ARG H 47 57.48 -21.57 -65.44
CA ARG H 47 56.13 -21.80 -65.95
C ARG H 47 55.34 -20.48 -65.90
N SER H 48 55.93 -19.34 -66.24
CA SER H 48 55.38 -18.03 -66.02
C SER H 48 53.92 -17.85 -66.34
N GLN H 49 53.38 -18.58 -67.30
CA GLN H 49 51.95 -18.45 -67.58
C GLN H 49 51.05 -18.91 -66.45
N THR H 50 51.44 -19.82 -65.58
CA THR H 50 50.65 -20.34 -64.48
C THR H 50 50.03 -19.23 -63.64
N GLU H 51 48.96 -19.56 -62.91
CA GLU H 51 48.29 -18.61 -62.03
C GLU H 51 48.86 -18.64 -60.63
N GLU H 52 49.83 -19.52 -60.44
CA GLU H 52 50.52 -19.75 -59.18
C GLU H 52 51.05 -18.44 -58.63
N ASP H 53 50.76 -18.18 -57.36
CA ASP H 53 51.30 -16.99 -56.75
C ASP H 53 52.50 -17.30 -55.86
N CYS H 54 53.54 -16.53 -56.19
CA CYS H 54 54.76 -16.65 -55.43
C CYS H 54 54.67 -15.82 -54.17
N THR H 55 53.66 -14.96 -54.13
CA THR H 55 53.34 -14.01 -53.07
C THR H 55 52.97 -14.80 -51.81
N GLU H 56 52.05 -15.73 -52.07
CA GLU H 56 51.55 -16.60 -51.03
C GLU H 56 52.68 -17.35 -50.36
N GLU H 57 53.68 -17.75 -51.14
CA GLU H 57 54.79 -18.51 -50.58
C GLU H 57 55.67 -17.64 -49.71
N LEU H 58 55.83 -16.40 -50.15
CA LEU H 58 56.63 -15.38 -49.51
C LEU H 58 56.03 -15.01 -48.17
N LEU H 59 54.71 -15.12 -48.12
CA LEU H 59 53.94 -14.76 -46.96
C LEU H 59 54.19 -15.59 -45.72
N ASP H 60 54.97 -16.64 -45.85
CA ASP H 60 55.28 -17.48 -44.69
C ASP H 60 56.67 -17.06 -44.20
N PHE H 61 57.53 -16.82 -45.19
CA PHE H 61 58.90 -16.42 -44.89
C PHE H 61 58.86 -15.12 -44.09
N LEU H 62 58.29 -14.12 -44.75
CA LEU H 62 58.17 -12.82 -44.15
C LEU H 62 57.74 -12.90 -42.70
N HIS H 63 56.64 -13.60 -42.43
CA HIS H 63 56.19 -13.71 -41.05
C HIS H 63 57.34 -14.06 -40.11
N ALA H 64 57.97 -15.21 -40.31
CA ALA H 64 59.02 -15.66 -39.42
C ALA H 64 60.21 -14.73 -39.39
N ARG H 65 60.59 -14.14 -40.52
CA ARG H 65 61.67 -13.16 -40.48
C ARG H 65 61.30 -12.05 -39.48
N ASP H 66 60.12 -11.47 -39.62
CA ASP H 66 59.67 -10.31 -38.89
C ASP H 66 59.42 -10.51 -37.42
N HIS H 67 58.74 -11.57 -37.03
CA HIS H 67 58.70 -11.90 -35.59
C HIS H 67 60.10 -11.63 -35.02
N CYS H 68 61.09 -12.37 -35.50
CA CYS H 68 62.45 -12.17 -35.03
C CYS H 68 62.84 -10.71 -35.08
N VAL H 69 62.81 -10.11 -36.27
CA VAL H 69 63.30 -8.75 -36.43
C VAL H 69 62.93 -7.87 -35.24
N ALA H 70 61.63 -7.74 -35.05
CA ALA H 70 61.04 -6.92 -34.01
C ALA H 70 61.81 -6.90 -32.69
N HIS H 71 61.94 -8.06 -32.05
CA HIS H 71 62.61 -8.11 -30.75
C HIS H 71 64.00 -7.52 -30.79
N LYS H 72 64.79 -7.95 -31.77
CA LYS H 72 66.17 -7.50 -31.82
C LYS H 72 66.23 -6.06 -32.29
N LEU H 73 65.66 -5.77 -33.46
CA LEU H 73 65.65 -4.48 -34.10
C LEU H 73 65.40 -3.30 -33.18
N PHE H 74 64.66 -3.57 -32.12
CA PHE H 74 64.24 -2.55 -31.20
C PHE H 74 65.36 -2.00 -30.36
N ASN H 75 66.21 -2.90 -29.85
CA ASN H 75 67.33 -2.49 -29.02
C ASN H 75 68.34 -1.65 -29.78
N SER H 76 68.24 -1.56 -31.09
CA SER H 76 69.26 -0.83 -31.84
C SER H 76 68.84 0.58 -32.17
N LEU H 77 67.57 0.96 -32.00
CA LEU H 77 67.17 2.31 -32.39
C LEU H 77 67.25 3.32 -31.25
N LYS H 78 66.83 4.56 -31.52
CA LYS H 78 66.88 5.57 -30.47
C LYS H 78 65.46 5.94 -30.01
N LYS I 46 -0.33 -17.31 32.20
CA LYS I 46 -0.75 -18.50 32.93
C LYS I 46 0.45 -19.25 33.50
N ARG I 47 0.38 -19.62 34.76
CA ARG I 47 1.45 -20.33 35.45
C ARG I 47 0.97 -21.71 35.87
N SER I 48 1.69 -22.75 35.46
CA SER I 48 1.30 -24.13 35.74
C SER I 48 1.26 -24.44 37.23
N VAL I 49 0.17 -25.10 37.60
CA VAL I 49 -0.12 -25.40 38.99
C VAL I 49 -0.17 -26.91 39.19
N LEU I 50 0.93 -27.60 38.90
CA LEU I 50 0.95 -29.05 38.95
C LEU I 50 1.30 -29.66 40.28
N CYS I 51 2.20 -29.07 41.07
CA CYS I 51 2.71 -29.71 42.27
C CYS I 51 2.13 -29.31 43.60
N ARG I 52 2.77 -29.83 44.64
CA ARG I 52 2.47 -29.63 46.04
C ARG I 52 2.40 -28.15 46.42
N GLU I 53 3.13 -27.33 45.67
CA GLU I 53 3.32 -25.92 45.88
C GLU I 53 2.04 -25.14 46.10
N SER I 54 0.95 -25.48 45.40
CA SER I 54 -0.31 -24.78 45.65
C SER I 54 -0.37 -24.42 47.14
N LEU I 55 -0.70 -23.18 47.44
CA LEU I 55 -0.84 -22.67 48.80
C LEU I 55 -1.71 -21.41 48.77
N ARG I 56 -2.63 -21.35 47.80
CA ARG I 56 -3.50 -20.18 47.69
C ARG I 56 -4.93 -20.47 48.12
N GLY I 57 -5.40 -19.65 49.04
CA GLY I 57 -6.72 -19.70 49.66
C GLY I 57 -6.85 -18.41 50.49
N GLN I 58 -8.04 -17.82 50.57
CA GLN I 58 -8.11 -16.45 51.08
C GLN I 58 -8.67 -16.26 52.46
N ALA I 59 -8.02 -15.46 53.30
CA ALA I 59 -8.53 -15.16 54.63
C ALA I 59 -7.56 -14.31 55.44
N ALA I 60 -7.87 -13.02 55.57
CA ALA I 60 -7.05 -12.05 56.31
C ALA I 60 -7.85 -11.50 57.48
N GLY I 61 -7.29 -10.57 58.22
CA GLY I 61 -7.94 -10.02 59.40
C GLY I 61 -9.09 -9.08 59.05
N ARG I 62 -8.76 -7.83 58.78
CA ARG I 62 -9.77 -6.83 58.43
C ARG I 62 -10.16 -6.92 56.97
N PRO I 63 -9.17 -6.87 56.10
CA PRO I 63 -9.35 -6.96 54.66
C PRO I 63 -9.69 -8.37 54.22
N LEU I 64 -10.58 -8.48 53.25
CA LEU I 64 -10.93 -9.73 52.61
C LEU I 64 -11.22 -9.51 51.12
N VAL I 65 -10.42 -10.12 50.26
CA VAL I 65 -10.61 -9.92 48.83
C VAL I 65 -10.52 -8.42 48.56
N ALA I 66 -9.31 -7.89 48.75
CA ALA I 66 -9.13 -6.45 48.56
C ALA I 66 -8.46 -6.23 47.21
N SER I 67 -9.13 -5.57 46.28
CA SER I 67 -8.55 -5.29 44.96
C SER I 67 -7.96 -3.90 44.83
N VAL I 68 -6.67 -3.79 44.49
CA VAL I 68 -6.07 -2.47 44.34
C VAL I 68 -5.94 -2.07 42.86
N SER I 69 -6.13 -0.82 42.53
CA SER I 69 -5.83 -0.22 41.24
C SER I 69 -5.04 1.04 41.64
N LEU I 70 -3.77 1.08 41.26
CA LEU I 70 -3.00 2.29 41.59
C LEU I 70 -2.52 2.89 40.26
N ASN I 71 -2.38 4.20 40.24
CA ASN I 71 -1.77 4.95 39.17
C ASN I 71 -0.51 4.31 38.60
N VAL I 72 0.33 3.72 39.45
CA VAL I 72 1.54 3.02 39.03
C VAL I 72 1.23 1.53 39.06
N PRO I 73 1.49 0.77 40.09
CA PRO I 73 1.16 -0.64 40.22
C PRO I 73 -0.30 -1.06 40.15
N ALA I 74 -0.62 -2.35 40.33
CA ALA I 74 -1.98 -2.90 40.27
C ALA I 74 -2.13 -4.34 40.76
N SER I 75 -3.16 -4.77 41.49
CA SER I 75 -3.27 -6.16 41.93
C SER I 75 -4.54 -6.69 42.57
N VAL I 76 -4.48 -7.94 43.06
CA VAL I 76 -5.56 -8.63 43.75
C VAL I 76 -5.03 -9.46 44.92
N ARG I 77 -5.46 -9.13 46.13
CA ARG I 77 -5.03 -9.84 47.32
C ARG I 77 -6.18 -10.54 48.04
N TYR I 78 -6.00 -10.76 49.33
CA TYR I 78 -7.07 -11.24 50.18
C TYR I 78 -7.09 -10.49 51.50
N VAL J 1 49.97 0.01 31.97
CA VAL J 1 49.11 -0.13 30.77
C VAL J 1 48.76 1.20 30.14
N ALA J 2 48.60 1.14 28.83
CA ALA J 2 48.19 2.23 27.96
C ALA J 2 47.23 1.60 26.94
N PRO J 3 46.41 2.42 26.33
CA PRO J 3 45.47 1.99 25.32
C PRO J 3 46.22 1.64 24.03
N THR J 4 45.88 0.50 23.46
CA THR J 4 46.41 0.15 22.13
C THR J 4 46.31 1.41 21.26
N LEU J 5 47.10 1.49 20.20
CA LEU J 5 47.00 2.66 19.34
C LEU J 5 45.55 2.89 18.95
N THR J 6 44.87 1.83 18.50
CA THR J 6 43.46 1.96 18.16
C THR J 6 42.61 2.51 19.30
N ALA J 7 42.65 1.95 20.50
CA ALA J 7 41.86 2.43 21.62
C ALA J 7 42.08 3.92 21.86
N ARG J 8 43.31 4.38 21.77
CA ARG J 8 43.67 5.79 21.91
C ARG J 8 42.87 6.63 20.90
N LEU J 9 43.07 6.29 19.66
CA LEU J 9 42.44 6.83 18.46
C LEU J 9 40.92 6.86 18.60
N TYR J 10 40.40 5.73 19.05
CA TYR J 10 38.99 5.53 19.31
C TYR J 10 38.39 6.58 20.23
N SER J 11 38.82 6.58 21.48
CA SER J 11 38.37 7.49 22.50
C SER J 11 38.65 8.94 22.15
N LEU J 12 39.68 9.23 21.35
CA LEU J 12 39.92 10.64 21.05
C LEU J 12 39.06 11.11 19.90
N LEU J 13 38.96 10.24 18.89
CA LEU J 13 38.27 10.66 17.70
C LEU J 13 37.01 9.95 17.27
N PHE J 14 36.78 8.69 17.60
CA PHE J 14 35.61 8.00 17.09
C PHE J 14 34.40 7.84 17.99
N ARG J 15 34.48 8.15 19.28
CA ARG J 15 33.25 8.06 20.08
C ARG J 15 32.20 8.95 19.41
N ARG J 16 32.41 10.26 19.46
CA ARG J 16 31.51 11.25 18.88
C ARG J 16 31.61 11.25 17.35
N THR J 17 30.46 11.13 16.67
CA THR J 17 30.45 11.09 15.23
C THR J 17 30.78 12.45 14.62
N SER J 18 30.61 13.47 15.45
CA SER J 18 31.08 14.79 15.01
C SER J 18 32.60 14.71 14.81
N THR J 19 33.29 14.14 15.80
CA THR J 19 34.75 14.05 15.75
C THR J 19 35.17 13.19 14.58
N PHE J 20 34.59 12.00 14.57
CA PHE J 20 34.76 11.03 13.50
C PHE J 20 34.74 11.66 12.12
N ALA J 21 33.61 12.34 11.87
CA ALA J 21 33.45 13.03 10.59
C ALA J 21 34.55 14.08 10.36
N LEU J 22 34.88 14.73 11.49
CA LEU J 22 35.84 15.84 11.37
C LEU J 22 37.13 15.18 10.88
N THR J 23 37.43 14.10 11.59
CA THR J 23 38.60 13.31 11.24
C THR J 23 38.62 13.08 9.74
N ILE J 24 37.79 12.17 9.28
CA ILE J 24 37.56 11.90 7.86
C ILE J 24 37.69 13.13 6.98
N VAL J 25 37.01 14.25 7.23
CA VAL J 25 37.27 15.42 6.40
C VAL J 25 38.76 15.69 6.36
N VAL J 26 39.39 15.96 7.50
CA VAL J 26 40.82 16.19 7.62
C VAL J 26 41.64 15.15 6.85
N GLY J 27 41.46 13.89 7.23
CA GLY J 27 42.10 12.76 6.58
C GLY J 27 41.98 12.83 5.08
N ALA J 28 40.76 12.89 4.57
CA ALA J 28 40.56 13.01 3.12
C ALA J 28 41.55 14.03 2.58
N LEU J 29 41.65 15.18 3.26
CA LEU J 29 42.57 16.20 2.77
C LEU J 29 44.01 15.69 2.75
N PHE J 30 44.53 15.47 3.95
CA PHE J 30 45.90 14.99 4.06
C PHE J 30 46.18 13.86 3.08
N PHE J 31 45.33 12.84 3.11
CA PHE J 31 45.52 11.71 2.25
C PHE J 31 45.64 12.05 0.79
N GLU J 32 44.75 12.83 0.21
CA GLU J 32 44.83 13.20 -1.20
C GLU J 32 46.22 13.67 -1.61
N ARG J 33 46.79 14.57 -0.80
CA ARG J 33 48.09 15.12 -1.05
C ARG J 33 49.19 14.08 -1.04
N ALA J 34 49.27 13.28 0.01
CA ALA J 34 50.31 12.25 0.06
C ALA J 34 50.16 11.29 -1.09
N PHE J 35 49.03 10.57 -1.11
CA PHE J 35 48.75 9.78 -2.31
C PHE J 35 49.30 10.47 -3.55
N ASP J 36 48.66 11.50 -4.07
CA ASP J 36 49.18 12.15 -5.26
C ASP J 36 50.68 12.23 -5.24
N GLN J 37 51.24 13.06 -4.35
CA GLN J 37 52.69 13.11 -4.32
C GLN J 37 53.33 11.76 -4.57
N GLY J 38 53.11 10.79 -3.71
CA GLY J 38 53.73 9.49 -3.82
C GLY J 38 53.45 8.80 -5.14
N ALA J 39 52.19 8.68 -5.49
CA ALA J 39 51.68 8.02 -6.66
C ALA J 39 52.04 8.72 -7.95
N ASP J 40 52.27 10.03 -7.90
CA ASP J 40 52.77 10.71 -9.10
C ASP J 40 54.26 10.42 -9.29
N ALA J 41 54.96 10.54 -8.15
CA ALA J 41 56.39 10.25 -8.16
C ALA J 41 56.57 8.89 -8.80
N ILE J 42 55.95 7.88 -8.19
CA ILE J 42 56.07 6.52 -8.67
C ILE J 42 55.90 6.38 -10.17
N TYR J 43 54.87 7.05 -10.62
CA TYR J 43 54.61 7.04 -12.07
C TYR J 43 55.61 7.76 -12.96
N GLU J 44 56.11 8.88 -12.47
CA GLU J 44 57.16 9.59 -13.24
C GLU J 44 58.43 8.76 -13.22
N HIS J 45 58.78 8.15 -12.09
CA HIS J 45 59.95 7.28 -12.07
C HIS J 45 59.88 6.30 -13.22
N ILE J 46 58.83 5.49 -13.37
CA ILE J 46 58.69 4.55 -14.45
C ILE J 46 58.87 5.07 -15.85
N ASN J 47 58.76 6.38 -16.05
CA ASN J 47 59.00 6.95 -17.37
C ASN J 47 60.04 8.06 -17.31
N GLU J 48 61.20 7.77 -16.71
CA GLU J 48 62.24 8.79 -16.63
C GLU J 48 62.58 9.34 -18.00
N GLY J 49 62.57 10.67 -18.04
CA GLY J 49 62.95 11.42 -19.22
C GLY J 49 62.02 11.21 -20.39
N LYS J 50 60.95 10.43 -20.16
CA LYS J 50 60.07 10.14 -21.29
C LYS J 50 59.07 11.30 -21.42
N LEU J 51 58.80 11.94 -20.31
CA LEU J 51 57.85 13.00 -20.15
C LEU J 51 58.38 14.43 -20.14
N TRP J 52 57.63 15.33 -20.80
CA TRP J 52 58.00 16.72 -20.97
C TRP J 52 58.58 17.36 -19.72
N LYS J 53 58.04 16.95 -18.58
CA LYS J 53 58.63 17.42 -17.33
C LYS J 53 60.13 17.17 -17.33
N HIS J 54 60.56 15.97 -17.70
CA HIS J 54 61.99 15.69 -17.81
C HIS J 54 62.69 16.46 -18.93
N ILE J 55 62.03 16.67 -20.04
CA ILE J 55 62.51 17.15 -21.29
C ILE J 55 62.42 18.62 -21.60
N LYS J 56 61.88 19.44 -20.71
CA LYS J 56 61.78 20.87 -20.91
C LYS J 56 63.08 21.59 -21.24
N HIS J 57 64.15 21.18 -20.57
CA HIS J 57 65.47 21.74 -20.81
C HIS J 57 65.77 22.07 -22.25
N LYS J 58 66.03 21.09 -23.11
CA LYS J 58 66.39 21.32 -24.49
C LYS J 58 66.06 22.70 -25.02
N TYR J 59 64.79 23.02 -25.26
CA TYR J 59 64.49 24.34 -25.77
C TYR J 59 63.84 25.22 -24.72
N GLU J 60 64.61 25.55 -23.67
CA GLU J 60 64.07 26.49 -22.68
C GLU J 60 65.08 27.53 -22.24
N ASN J 61 64.78 28.79 -22.56
CA ASN J 61 65.64 29.91 -22.22
C ASN J 61 67.06 29.67 -22.73
N LYS J 62 67.19 29.64 -24.05
CA LYS J 62 68.47 29.36 -24.67
C LYS J 62 68.85 27.89 -24.45
N ARG K 15 21.74 21.88 24.70
CA ARG K 15 22.69 21.17 25.59
C ARG K 15 23.97 20.74 24.90
N ASN K 16 24.02 19.45 24.57
CA ASN K 16 25.16 18.83 23.91
C ASN K 16 25.24 19.32 22.47
N TRP K 17 24.14 19.92 22.07
CA TRP K 17 23.92 20.46 20.74
C TRP K 17 24.86 21.57 20.36
N VAL K 18 25.21 22.48 21.26
CA VAL K 18 26.26 23.43 20.89
C VAL K 18 27.54 22.71 20.53
N PRO K 19 28.14 21.96 21.43
CA PRO K 19 29.35 21.20 21.17
C PRO K 19 29.23 20.32 19.94
N THR K 20 28.08 19.70 19.75
CA THR K 20 27.85 18.91 18.55
C THR K 20 27.65 19.78 17.32
N ALA K 21 26.89 20.86 17.44
CA ALA K 21 26.66 21.80 16.35
C ALA K 21 27.94 22.57 16.00
N GLN K 22 28.84 22.69 16.97
CA GLN K 22 30.15 23.25 16.75
C GLN K 22 31.09 22.30 16.06
N LEU K 23 31.00 20.98 16.25
CA LEU K 23 31.84 20.11 15.41
C LEU K 23 31.18 19.88 14.06
N TRP K 24 29.83 19.99 14.02
CA TRP K 24 29.16 19.87 12.72
C TRP K 24 29.47 21.12 11.90
N GLY K 25 29.48 22.27 12.56
CA GLY K 25 29.95 23.49 11.92
C GLY K 25 31.33 23.29 11.29
N ALA K 26 32.31 22.91 12.11
CA ALA K 26 33.67 22.70 11.66
C ALA K 26 33.71 21.83 10.40
N VAL K 27 33.09 20.66 10.51
CA VAL K 27 33.08 19.72 9.39
C VAL K 27 32.69 20.40 8.09
N GLY K 28 31.53 21.05 8.08
CA GLY K 28 31.06 21.74 6.87
C GLY K 28 32.15 22.68 6.35
N ALA K 29 32.68 23.50 7.26
CA ALA K 29 33.72 24.44 6.91
C ALA K 29 34.91 23.74 6.25
N VAL K 30 35.52 22.81 6.98
CA VAL K 30 36.69 22.09 6.48
C VAL K 30 36.42 21.46 5.11
N GLY K 31 35.30 20.75 5.05
CA GLY K 31 34.80 20.21 3.80
C GLY K 31 34.81 21.23 2.66
N LEU K 32 34.03 22.29 2.74
CA LEU K 32 34.01 23.31 1.69
C LEU K 32 35.42 23.77 1.35
N VAL K 33 36.09 24.31 2.36
CA VAL K 33 37.47 24.76 2.23
C VAL K 33 38.23 23.79 1.35
N SER K 34 38.35 22.57 1.87
CA SER K 34 39.07 21.52 1.16
C SER K 34 38.37 21.21 -0.15
N ALA K 35 37.25 20.51 -0.04
CA ALA K 35 36.52 19.99 -1.20
C ALA K 35 36.44 20.99 -2.34
N THR K 36 36.07 22.21 -2.02
CA THR K 36 36.02 23.30 -2.99
C THR K 36 37.38 23.98 -3.11
N THR L 1 -44.20 -48.04 -7.48
CA THR L 1 -43.36 -46.97 -8.09
C THR L 1 -44.20 -45.82 -8.61
N ALA L 2 -43.58 -44.65 -8.68
CA ALA L 2 -44.22 -43.43 -9.17
C ALA L 2 -43.18 -42.37 -9.48
N THR L 3 -43.41 -41.61 -10.55
CA THR L 3 -42.39 -40.62 -10.93
C THR L 3 -42.86 -39.19 -10.95
N TYR L 4 -41.99 -38.26 -10.56
CA TYR L 4 -42.29 -36.86 -10.39
C TYR L 4 -43.43 -36.43 -11.30
N ALA L 5 -43.17 -36.49 -12.60
CA ALA L 5 -44.22 -36.05 -13.54
C ALA L 5 -45.56 -36.60 -13.11
N GLN L 6 -45.68 -37.93 -13.20
CA GLN L 6 -46.89 -38.59 -12.76
C GLN L 6 -47.46 -37.87 -11.56
N ALA L 7 -46.87 -38.04 -10.38
CA ALA L 7 -47.39 -37.32 -9.20
C ALA L 7 -48.04 -36.01 -9.61
N LEU L 8 -47.28 -35.14 -10.27
CA LEU L 8 -47.75 -33.84 -10.73
C LEU L 8 -49.18 -33.87 -11.26
N GLN L 9 -49.41 -34.69 -12.27
CA GLN L 9 -50.71 -34.74 -12.92
C GLN L 9 -51.81 -35.28 -12.02
N SER L 10 -51.42 -36.12 -11.06
CA SER L 10 -52.33 -36.73 -10.13
C SER L 10 -52.87 -35.82 -9.05
N VAL L 11 -52.39 -34.58 -8.95
CA VAL L 11 -52.76 -33.73 -7.84
C VAL L 11 -54.18 -33.19 -7.95
N PRO L 12 -54.90 -33.29 -6.86
CA PRO L 12 -56.27 -32.84 -6.71
C PRO L 12 -56.46 -31.46 -7.30
N GLU L 13 -57.30 -31.36 -8.34
CA GLU L 13 -57.52 -30.05 -8.92
C GLU L 13 -58.37 -29.15 -8.05
N THR L 14 -58.16 -27.86 -8.23
CA THR L 14 -58.81 -26.83 -7.44
C THR L 14 -60.16 -26.46 -8.05
N GLN L 15 -61.23 -26.45 -7.27
CA GLN L 15 -62.51 -26.06 -7.84
C GLN L 15 -62.87 -24.62 -7.52
N VAL L 16 -62.97 -23.84 -8.59
CA VAL L 16 -63.34 -22.44 -8.49
C VAL L 16 -64.85 -22.37 -8.70
N SER L 17 -65.53 -21.62 -7.85
CA SER L 17 -66.97 -21.46 -7.93
C SER L 17 -67.42 -20.08 -7.50
N GLN L 18 -68.58 -19.68 -7.99
CA GLN L 18 -69.08 -18.34 -7.77
C GLN L 18 -70.48 -18.23 -7.18
N LEU L 19 -70.61 -17.33 -6.21
CA LEU L 19 -71.92 -16.90 -5.76
C LEU L 19 -72.49 -15.84 -6.69
N ASP L 20 -73.73 -15.49 -6.40
CA ASP L 20 -74.44 -14.51 -7.19
C ASP L 20 -73.78 -13.14 -7.20
N ASN L 21 -73.20 -12.73 -6.08
CA ASN L 21 -72.53 -11.45 -5.99
C ASN L 21 -71.11 -11.46 -6.52
N GLY L 22 -70.54 -12.64 -6.73
CA GLY L 22 -69.15 -12.69 -7.19
C GLY L 22 -68.30 -13.35 -6.12
N LEU L 23 -68.94 -13.80 -5.04
CA LEU L 23 -68.13 -14.48 -4.02
C LEU L 23 -67.43 -15.67 -4.66
N ARG L 24 -66.11 -15.68 -4.54
CA ARG L 24 -65.41 -16.78 -5.22
C ARG L 24 -65.11 -17.86 -4.18
N VAL L 25 -65.44 -19.06 -4.63
CA VAL L 25 -65.26 -20.25 -3.85
C VAL L 25 -64.18 -21.14 -4.42
N ALA L 26 -63.14 -21.42 -3.64
CA ALA L 26 -62.22 -22.43 -4.19
C ALA L 26 -61.89 -23.43 -3.12
N SER L 27 -61.34 -24.57 -3.56
CA SER L 27 -61.01 -25.53 -2.50
C SER L 27 -60.29 -26.74 -3.08
N GLU L 28 -59.36 -27.27 -2.30
CA GLU L 28 -58.61 -28.45 -2.71
C GLU L 28 -58.82 -29.50 -1.62
N GLN L 29 -59.26 -30.66 -2.10
CA GLN L 29 -59.72 -31.73 -1.23
C GLN L 29 -58.63 -32.76 -0.97
N SER L 30 -58.66 -33.33 0.22
CA SER L 30 -57.71 -34.34 0.64
C SER L 30 -58.32 -35.30 1.66
N SER L 31 -59.51 -34.94 2.14
CA SER L 31 -60.21 -35.73 3.14
C SER L 31 -59.30 -35.95 4.35
N GLN L 32 -58.72 -34.84 4.81
CA GLN L 32 -57.85 -34.84 5.97
C GLN L 32 -58.47 -34.06 7.13
N PRO L 33 -58.07 -34.40 8.34
CA PRO L 33 -58.49 -33.83 9.58
C PRO L 33 -58.61 -32.32 9.63
N THR L 34 -57.50 -31.60 9.55
CA THR L 34 -57.44 -30.17 9.78
C THR L 34 -57.85 -29.42 8.51
N CYS L 35 -58.39 -28.23 8.68
CA CYS L 35 -58.77 -27.42 7.52
C CYS L 35 -58.40 -25.97 7.78
N THR L 36 -58.09 -25.28 6.69
CA THR L 36 -57.74 -23.87 6.85
C THR L 36 -58.64 -23.07 5.94
N VAL L 37 -59.74 -22.58 6.52
CA VAL L 37 -60.64 -21.81 5.65
C VAL L 37 -60.25 -20.34 5.70
N GLY L 38 -60.36 -19.74 4.50
CA GLY L 38 -59.91 -18.37 4.43
C GLY L 38 -60.70 -17.54 3.43
N VAL L 39 -60.76 -16.26 3.80
CA VAL L 39 -61.36 -15.21 2.99
C VAL L 39 -60.24 -14.23 2.58
N TRP L 40 -59.86 -14.25 1.31
CA TRP L 40 -58.75 -13.48 0.78
C TRP L 40 -59.23 -12.23 0.03
N ILE L 41 -59.53 -11.17 0.75
CA ILE L 41 -59.97 -9.91 0.19
C ILE L 41 -58.81 -9.23 -0.51
N ASP L 42 -59.07 -8.59 -1.66
CA ASP L 42 -57.99 -7.91 -2.35
C ASP L 42 -58.11 -6.42 -2.48
N ALA L 43 -58.35 -5.76 -1.35
CA ALA L 43 -58.30 -4.31 -1.31
C ALA L 43 -57.17 -3.97 -0.33
N GLY L 44 -56.01 -3.59 -0.84
CA GLY L 44 -54.83 -3.39 -0.02
C GLY L 44 -54.51 -1.94 0.26
N SER L 45 -53.21 -1.70 0.36
CA SER L 45 -52.61 -0.46 0.81
C SER L 45 -52.59 0.54 -0.35
N ARG L 46 -52.49 -0.07 -1.52
CA ARG L 46 -52.40 0.68 -2.76
C ARG L 46 -53.68 1.36 -3.17
N TYR L 47 -54.77 1.18 -2.44
CA TYR L 47 -56.02 1.83 -2.79
C TYR L 47 -56.18 3.00 -1.84
N GLU L 48 -55.37 2.92 -0.79
CA GLU L 48 -55.49 3.95 0.23
C GLU L 48 -55.09 5.30 -0.36
N SER L 49 -55.70 6.36 0.12
CA SER L 49 -55.33 7.71 -0.28
C SER L 49 -54.32 8.17 0.78
N GLU L 50 -53.74 9.34 0.63
CA GLU L 50 -52.69 9.74 1.57
C GLU L 50 -53.20 9.66 2.99
N LYS L 51 -54.43 10.14 3.23
CA LYS L 51 -54.92 10.04 4.59
C LYS L 51 -55.05 8.57 4.97
N ASN L 52 -56.08 7.89 4.47
CA ASN L 52 -56.27 6.50 4.84
C ASN L 52 -55.15 5.57 4.43
N ASN L 53 -53.93 6.07 4.32
CA ASN L 53 -52.77 5.29 3.94
C ASN L 53 -52.65 4.06 4.82
N GLY L 54 -53.00 4.17 6.10
CA GLY L 54 -52.94 3.03 6.99
C GLY L 54 -54.29 2.45 7.38
N ALA L 55 -55.31 2.91 6.68
CA ALA L 55 -56.69 2.50 6.93
C ALA L 55 -56.74 0.98 7.09
N GLY L 56 -56.87 0.31 5.95
CA GLY L 56 -56.85 -1.15 5.96
C GLY L 56 -56.07 -1.70 7.13
N TYR L 57 -54.75 -1.51 7.23
CA TYR L 57 -53.97 -2.02 8.36
C TYR L 57 -54.60 -1.77 9.71
N PHE L 58 -55.37 -0.71 9.88
CA PHE L 58 -56.07 -0.40 11.11
C PHE L 58 -57.27 -1.33 11.29
N VAL L 59 -57.95 -1.60 10.18
CA VAL L 59 -59.12 -2.47 10.26
C VAL L 59 -58.68 -3.82 10.81
N GLU L 60 -57.55 -4.27 10.33
CA GLU L 60 -56.97 -5.54 10.74
C GLU L 60 -56.78 -5.68 12.23
N HIS L 61 -56.65 -4.58 12.96
CA HIS L 61 -56.52 -4.74 14.41
C HIS L 61 -57.90 -4.89 15.05
N LEU L 62 -58.92 -4.53 14.29
CA LEU L 62 -60.30 -4.56 14.78
C LEU L 62 -61.04 -5.78 14.25
N ALA L 63 -60.52 -6.33 13.16
CA ALA L 63 -61.14 -7.52 12.59
C ALA L 63 -61.60 -8.52 13.64
N PHE L 64 -60.78 -8.89 14.59
CA PHE L 64 -61.03 -9.90 15.59
C PHE L 64 -61.49 -9.43 16.96
N LYS L 65 -61.96 -8.21 17.11
CA LYS L 65 -62.38 -7.75 18.43
C LYS L 65 -63.85 -7.33 18.45
N GLY L 66 -64.70 -8.16 17.86
CA GLY L 66 -66.12 -7.98 18.05
C GLY L 66 -66.93 -7.82 16.78
N THR L 67 -68.08 -8.45 16.78
CA THR L 67 -69.10 -8.38 15.74
C THR L 67 -70.41 -8.00 16.40
N LYS L 68 -71.41 -7.37 15.78
CA LYS L 68 -72.60 -7.00 16.52
C LYS L 68 -73.26 -8.21 17.18
N ASN L 69 -73.06 -9.35 16.54
CA ASN L 69 -73.51 -10.64 17.04
C ASN L 69 -72.58 -11.14 18.15
N ARG L 70 -71.28 -10.99 17.91
CA ARG L 70 -70.29 -11.41 18.87
C ARG L 70 -69.38 -10.34 19.46
N PRO L 71 -69.87 -9.70 20.50
CA PRO L 71 -69.18 -8.69 21.25
C PRO L 71 -67.87 -9.09 21.91
N GLY L 72 -67.36 -8.13 22.66
CA GLY L 72 -66.10 -8.17 23.37
C GLY L 72 -65.68 -9.60 23.67
N ASN L 73 -64.61 -10.02 23.03
CA ASN L 73 -63.95 -11.30 23.17
C ASN L 73 -64.86 -12.47 22.90
N ALA L 74 -65.86 -12.27 22.06
CA ALA L 74 -66.75 -13.41 21.77
C ALA L 74 -66.19 -14.18 20.58
N LEU L 75 -65.43 -13.45 19.78
CA LEU L 75 -64.78 -14.06 18.62
C LEU L 75 -63.66 -14.98 19.09
N GLU L 76 -62.77 -14.42 19.90
CA GLU L 76 -61.63 -15.22 20.35
C GLU L 76 -62.11 -16.44 21.12
N LYS L 77 -62.94 -16.21 22.15
CA LYS L 77 -63.42 -17.33 22.97
C LYS L 77 -63.89 -18.45 22.06
N GLU L 78 -64.69 -18.08 21.07
CA GLU L 78 -65.23 -19.05 20.12
C GLU L 78 -64.14 -19.81 19.41
N VAL L 79 -63.25 -19.09 18.72
CA VAL L 79 -62.14 -19.74 18.02
C VAL L 79 -61.41 -20.67 18.99
N GLU L 80 -60.87 -20.10 20.06
CA GLU L 80 -60.10 -20.82 21.05
C GLU L 80 -60.70 -22.14 21.45
N SER L 81 -61.78 -22.13 22.19
CA SER L 81 -62.45 -23.33 22.65
C SER L 81 -62.61 -24.38 21.58
N MET L 82 -62.51 -24.04 20.30
CA MET L 82 -62.54 -25.02 19.21
C MET L 82 -61.15 -25.64 19.03
N GLY L 83 -60.17 -24.79 19.30
CA GLY L 83 -58.76 -25.10 19.07
C GLY L 83 -58.31 -24.53 17.73
N ALA L 84 -59.12 -23.63 17.18
CA ALA L 84 -58.80 -23.02 15.89
C ALA L 84 -57.96 -21.76 16.03
N HIS L 85 -57.11 -21.57 15.04
CA HIS L 85 -56.26 -20.37 15.05
C HIS L 85 -56.85 -19.39 14.06
N LEU L 86 -56.66 -18.10 14.30
CA LEU L 86 -57.22 -17.09 13.41
C LEU L 86 -56.15 -16.04 13.15
N ASN L 87 -55.81 -15.86 11.87
CA ASN L 87 -54.74 -14.95 11.48
C ASN L 87 -55.22 -13.90 10.49
N ALA L 88 -54.64 -12.71 10.57
CA ALA L 88 -54.97 -11.64 9.64
C ALA L 88 -53.62 -11.08 9.18
N TYR L 89 -53.49 -11.02 7.88
CA TYR L 89 -52.29 -10.51 7.23
C TYR L 89 -52.64 -9.42 6.25
N SER L 90 -51.83 -8.38 6.11
CA SER L 90 -52.21 -7.37 5.14
C SER L 90 -51.01 -6.95 4.31
N THR L 91 -51.28 -6.78 3.04
CA THR L 91 -50.28 -6.46 2.04
C THR L 91 -50.58 -5.14 1.37
N ARG L 92 -49.82 -4.73 0.35
CA ARG L 92 -50.03 -3.44 -0.30
C ARG L 92 -51.09 -3.59 -1.37
N GLU L 93 -51.49 -4.84 -1.58
CA GLU L 93 -52.45 -5.23 -2.57
C GLU L 93 -53.51 -6.22 -2.11
N HIS L 94 -53.31 -6.81 -0.95
CA HIS L 94 -54.14 -7.91 -0.49
C HIS L 94 -54.31 -8.03 1.02
N THR L 95 -55.55 -7.91 1.49
CA THR L 95 -55.81 -8.17 2.90
C THR L 95 -56.33 -9.58 3.06
N ALA L 96 -55.99 -10.34 4.08
CA ALA L 96 -56.60 -11.67 4.17
C ALA L 96 -56.74 -12.16 5.59
N TYR L 97 -57.92 -12.74 5.90
CA TYR L 97 -58.14 -13.34 7.20
C TYR L 97 -58.48 -14.83 7.06
N TYR L 98 -57.79 -15.67 7.80
CA TYR L 98 -58.05 -17.11 7.69
C TYR L 98 -58.12 -17.83 9.02
N ILE L 99 -58.77 -19.00 8.99
CA ILE L 99 -58.86 -19.86 10.17
C ILE L 99 -58.29 -21.26 9.89
N LYS L 100 -57.55 -21.77 10.83
CA LYS L 100 -56.95 -23.13 10.83
C LYS L 100 -57.87 -23.85 11.83
N ALA L 101 -58.35 -25.04 11.51
CA ALA L 101 -59.41 -25.68 12.27
C ALA L 101 -59.74 -27.11 11.89
N LEU L 102 -60.29 -27.82 12.91
CA LEU L 102 -60.49 -29.27 12.70
C LEU L 102 -61.45 -29.36 11.53
N SER L 103 -61.34 -30.34 10.64
CA SER L 103 -62.24 -30.33 9.49
C SER L 103 -63.70 -30.38 9.86
N LYS L 104 -64.03 -30.99 11.00
CA LYS L 104 -65.41 -31.06 11.43
C LYS L 104 -65.94 -29.71 11.86
N ASP L 105 -65.08 -28.71 11.96
CA ASP L 105 -65.41 -27.40 12.50
C ASP L 105 -65.77 -26.35 11.47
N LEU L 106 -65.91 -26.80 10.22
CA LEU L 106 -66.31 -25.88 9.16
C LEU L 106 -67.59 -25.13 9.51
N PRO L 107 -68.65 -25.85 9.79
CA PRO L 107 -69.90 -25.28 10.26
C PRO L 107 -69.65 -23.94 10.94
N LYS L 108 -69.19 -23.94 12.19
CA LYS L 108 -68.94 -22.72 12.92
C LYS L 108 -67.69 -21.98 12.48
N ALA L 109 -66.87 -22.64 11.67
CA ALA L 109 -65.71 -21.95 11.10
C ALA L 109 -66.20 -20.84 10.16
N VAL L 110 -66.53 -21.27 8.96
CA VAL L 110 -67.03 -20.42 7.90
C VAL L 110 -68.07 -19.40 8.33
N GLU L 111 -68.82 -19.73 9.36
CA GLU L 111 -69.75 -18.74 9.91
C GLU L 111 -68.95 -17.57 10.49
N LEU L 112 -68.01 -17.92 11.37
CA LEU L 112 -67.16 -16.96 12.02
C LEU L 112 -66.48 -16.00 11.05
N LEU L 113 -65.76 -16.62 10.11
CA LEU L 113 -65.01 -15.86 9.12
C LEU L 113 -65.90 -14.81 8.47
N ALA L 114 -66.97 -15.30 7.88
CA ALA L 114 -68.01 -14.52 7.23
C ALA L 114 -68.43 -13.33 8.09
N ASP L 115 -68.83 -13.68 9.31
CA ASP L 115 -69.16 -12.72 10.35
C ASP L 115 -68.09 -11.64 10.45
N ILE L 116 -66.86 -12.10 10.69
CA ILE L 116 -65.70 -11.23 10.81
C ILE L 116 -65.64 -10.21 9.69
N VAL L 117 -65.58 -10.65 8.45
CA VAL L 117 -65.50 -9.78 7.29
C VAL L 117 -66.54 -8.67 7.29
N GLN L 118 -67.77 -9.03 7.60
CA GLN L 118 -68.89 -8.11 7.52
C GLN L 118 -69.16 -7.27 8.74
N ASN L 119 -69.45 -7.94 9.86
CA ASN L 119 -69.79 -7.15 11.05
C ASN L 119 -68.60 -7.08 11.96
N CYS L 120 -68.23 -5.85 12.26
CA CYS L 120 -67.07 -5.57 13.11
C CYS L 120 -67.55 -4.51 14.11
N SER L 121 -67.87 -4.93 15.32
CA SER L 121 -68.32 -3.94 16.31
C SER L 121 -67.15 -3.07 16.72
N LEU L 122 -67.09 -1.81 16.24
CA LEU L 122 -65.95 -0.96 16.52
C LEU L 122 -66.23 0.28 17.33
N GLU L 123 -66.14 0.24 18.66
CA GLU L 123 -66.44 1.44 19.42
C GLU L 123 -65.29 2.41 19.55
N ASP L 124 -65.60 3.68 19.75
CA ASP L 124 -64.64 4.71 20.11
C ASP L 124 -63.56 4.16 21.03
N SER L 125 -63.87 3.48 22.12
CA SER L 125 -62.90 2.84 22.98
C SER L 125 -61.91 1.96 22.23
N GLN L 126 -62.37 1.13 21.29
CA GLN L 126 -61.53 0.20 20.54
C GLN L 126 -60.68 0.94 19.52
N ILE L 127 -61.22 2.07 19.05
CA ILE L 127 -60.48 2.88 18.11
C ILE L 127 -59.32 3.55 18.84
N GLU L 128 -59.60 4.21 19.96
CA GLU L 128 -58.55 4.82 20.76
C GLU L 128 -57.65 3.81 21.44
N LYS L 129 -58.00 2.53 21.47
CA LYS L 129 -57.12 1.55 22.12
C LYS L 129 -56.14 1.01 21.09
N GLU L 130 -56.66 0.86 19.88
CA GLU L 130 -55.87 0.45 18.73
C GLU L 130 -54.87 1.52 18.33
N ARG L 131 -55.31 2.76 18.19
CA ARG L 131 -54.38 3.86 17.94
C ARG L 131 -53.10 3.65 18.76
N ASP L 132 -53.19 3.88 20.07
CA ASP L 132 -52.04 3.65 20.94
C ASP L 132 -51.25 2.42 20.47
N VAL L 133 -51.90 1.28 20.29
CA VAL L 133 -51.16 0.10 19.86
C VAL L 133 -50.41 0.35 18.56
N ILE L 134 -51.12 0.83 17.53
CA ILE L 134 -50.47 1.09 16.25
C ILE L 134 -49.24 1.96 16.37
N LEU L 135 -49.45 3.16 16.91
CA LEU L 135 -48.33 4.05 17.21
C LEU L 135 -47.18 3.27 17.87
N GLN L 136 -47.45 2.33 18.77
CA GLN L 136 -46.40 1.52 19.36
C GLN L 136 -45.83 0.52 18.38
N GLU L 137 -46.65 -0.09 17.53
CA GLU L 137 -46.07 -0.96 16.50
C GLU L 137 -45.12 -0.18 15.59
N LEU L 138 -45.58 0.95 15.05
CA LEU L 138 -44.74 1.79 14.23
C LEU L 138 -43.33 1.95 14.81
N GLN L 139 -43.20 2.42 16.04
CA GLN L 139 -41.97 2.59 16.80
C GLN L 139 -41.14 1.32 16.74
N GLU L 140 -41.83 0.18 16.87
CA GLU L 140 -41.11 -1.08 16.83
C GLU L 140 -40.69 -1.45 15.44
N ASN L 141 -41.44 -1.10 14.41
CA ASN L 141 -40.99 -1.36 13.04
C ASN L 141 -39.78 -0.50 12.69
N ASP L 142 -39.50 0.63 13.41
CA ASP L 142 -38.39 1.47 13.07
C ASP L 142 -37.14 0.74 13.59
N THR L 143 -37.39 -0.26 14.44
CA THR L 143 -36.32 -1.07 14.99
C THR L 143 -35.91 -2.19 14.09
N SER L 144 -36.44 -2.22 12.87
CA SER L 144 -36.06 -3.29 11.96
C SER L 144 -35.49 -2.76 10.65
N MET L 145 -34.18 -2.89 10.48
CA MET L 145 -33.55 -2.35 9.28
C MET L 145 -34.17 -2.98 8.06
N ARG L 146 -34.23 -4.31 8.07
CA ARG L 146 -34.85 -4.88 6.84
C ARG L 146 -36.20 -4.32 6.43
N ASP L 147 -37.09 -4.02 7.37
CA ASP L 147 -38.42 -3.49 7.11
C ASP L 147 -38.30 -2.01 6.76
N VAL L 148 -37.39 -1.32 7.43
CA VAL L 148 -37.17 0.10 7.15
C VAL L 148 -36.67 0.23 5.73
N VAL L 149 -35.72 -0.63 5.36
CA VAL L 149 -35.18 -0.51 4.03
C VAL L 149 -36.14 -0.90 2.94
N PHE L 150 -36.84 -2.03 3.08
CA PHE L 150 -37.73 -2.43 1.98
C PHE L 150 -38.82 -1.39 1.78
N ASN L 151 -39.34 -0.77 2.84
CA ASN L 151 -40.32 0.32 2.64
C ASN L 151 -39.62 1.33 1.72
N TYR L 152 -38.49 1.86 2.18
CA TYR L 152 -37.73 2.80 1.36
C TYR L 152 -37.68 2.40 -0.07
N LEU L 153 -37.32 1.13 -0.31
CA LEU L 153 -37.22 0.78 -1.72
C LEU L 153 -38.46 1.22 -2.43
N HIS L 154 -39.58 0.75 -1.93
CA HIS L 154 -40.88 0.95 -2.57
C HIS L 154 -41.06 2.44 -2.76
N ALA L 155 -41.04 3.22 -1.71
CA ALA L 155 -41.15 4.67 -1.82
C ALA L 155 -40.29 5.28 -2.91
N THR L 156 -39.09 4.84 -3.17
CA THR L 156 -38.21 5.46 -4.15
C THR L 156 -38.38 4.90 -5.55
N ALA L 157 -38.86 3.67 -5.71
CA ALA L 157 -39.09 3.08 -7.02
C ALA L 157 -40.54 3.33 -7.43
N PHE L 158 -41.30 3.73 -6.46
CA PHE L 158 -42.64 4.25 -6.55
C PHE L 158 -42.81 5.70 -6.14
N GLN L 159 -41.74 6.51 -6.20
CA GLN L 159 -41.91 7.88 -5.74
C GLN L 159 -43.02 8.55 -6.53
N GLY L 160 -43.91 9.25 -5.85
CA GLY L 160 -44.98 9.91 -6.56
C GLY L 160 -46.09 8.92 -6.87
N THR L 161 -46.30 7.85 -6.13
CA THR L 161 -47.43 6.99 -6.36
C THR L 161 -48.00 6.40 -5.07
N PRO L 162 -49.28 6.12 -5.17
CA PRO L 162 -50.12 5.57 -4.13
C PRO L 162 -49.50 4.29 -3.58
N LEU L 163 -48.84 3.58 -4.49
CA LEU L 163 -48.20 2.32 -4.14
C LEU L 163 -46.99 2.41 -3.23
N ALA L 164 -46.32 3.55 -3.25
CA ALA L 164 -45.17 3.80 -2.42
C ALA L 164 -45.46 4.06 -0.94
N GLN L 165 -46.69 3.83 -0.48
CA GLN L 165 -46.96 4.22 0.90
C GLN L 165 -46.82 3.00 1.80
N SER L 166 -46.51 3.24 3.07
CA SER L 166 -46.38 2.08 3.94
C SER L 166 -47.78 1.52 4.13
N VAL L 167 -47.80 0.19 4.23
CA VAL L 167 -49.06 -0.46 4.58
C VAL L 167 -49.38 -0.14 6.05
N GLU L 168 -48.31 0.03 6.84
CA GLU L 168 -48.50 0.45 8.22
C GLU L 168 -49.10 1.84 8.32
N GLY L 169 -48.92 2.74 7.41
CA GLY L 169 -49.22 4.02 7.05
C GLY L 169 -48.49 5.03 7.91
N PRO L 170 -48.71 6.24 7.48
CA PRO L 170 -48.15 7.44 8.05
C PRO L 170 -48.34 7.48 9.55
N SER L 171 -47.32 7.97 10.27
CA SER L 171 -47.46 8.05 11.72
C SER L 171 -48.81 8.68 12.05
N GLU L 172 -48.89 9.96 11.74
CA GLU L 172 -49.98 10.80 12.16
C GLU L 172 -51.29 10.53 11.46
N ASN L 173 -51.32 9.61 10.50
CA ASN L 173 -52.65 9.34 9.94
C ASN L 173 -53.43 8.45 10.90
N VAL L 174 -52.69 7.83 11.80
CA VAL L 174 -53.27 6.96 12.83
C VAL L 174 -53.95 7.80 13.90
N ARG L 175 -53.31 8.90 14.26
CA ARG L 175 -53.82 9.87 15.22
C ARG L 175 -55.12 10.51 14.73
N LYS L 176 -55.00 11.10 13.56
CA LYS L 176 -56.03 11.83 12.87
C LYS L 176 -57.22 11.00 12.43
N LEU L 177 -56.97 9.82 11.90
CA LEU L 177 -57.94 9.00 11.24
C LEU L 177 -59.34 9.03 11.83
N SER L 178 -60.25 9.53 11.01
CA SER L 178 -61.64 9.64 11.41
C SER L 178 -62.31 8.26 11.47
N ARG L 179 -63.14 8.05 12.49
CA ARG L 179 -63.88 6.81 12.72
C ARG L 179 -64.82 6.46 11.57
N ALA L 180 -65.18 7.47 10.80
CA ALA L 180 -66.12 7.36 9.70
C ALA L 180 -65.42 6.76 8.49
N ASP L 181 -64.12 7.01 8.48
CA ASP L 181 -63.22 6.66 7.41
C ASP L 181 -62.97 5.16 7.29
N LEU L 182 -62.97 4.43 8.40
CA LEU L 182 -62.77 2.98 8.31
C LEU L 182 -63.99 2.37 7.60
N THR L 183 -65.16 2.95 7.84
CA THR L 183 -66.40 2.50 7.25
C THR L 183 -66.31 2.57 5.73
N GLU L 184 -66.23 3.80 5.21
CA GLU L 184 -66.10 4.01 3.79
C GLU L 184 -65.02 3.09 3.22
N TYR L 185 -63.81 3.10 3.77
CA TYR L 185 -62.83 2.11 3.38
C TYR L 185 -63.49 0.73 3.23
N LEU L 186 -63.83 0.09 4.34
CA LEU L 186 -64.41 -1.24 4.25
C LEU L 186 -65.49 -1.29 3.18
N SER L 187 -66.56 -0.51 3.40
CA SER L 187 -67.69 -0.47 2.50
C SER L 187 -67.34 -0.41 1.04
N ARG L 188 -66.37 0.45 0.69
CA ARG L 188 -65.95 0.57 -0.69
C ARG L 188 -65.04 -0.55 -1.15
N HIS L 189 -64.22 -1.16 -0.28
CA HIS L 189 -63.32 -2.15 -0.86
C HIS L 189 -63.59 -3.59 -0.47
N TYR L 190 -64.43 -3.87 0.53
CA TYR L 190 -64.63 -5.27 0.90
C TYR L 190 -65.69 -5.93 0.06
N LYS L 191 -66.38 -5.19 -0.79
CA LYS L 191 -67.39 -5.71 -1.70
C LYS L 191 -66.83 -6.69 -2.72
N ALA L 192 -67.19 -7.97 -2.68
CA ALA L 192 -66.74 -8.87 -3.77
C ALA L 192 -67.40 -8.33 -5.04
N PRO L 193 -67.03 -8.75 -6.22
CA PRO L 193 -66.07 -9.70 -6.65
C PRO L 193 -64.68 -9.74 -6.05
N ARG L 194 -64.20 -8.65 -5.50
CA ARG L 194 -62.86 -8.60 -4.92
C ARG L 194 -62.50 -9.86 -4.14
N MET L 195 -63.23 -10.06 -3.07
CA MET L 195 -63.11 -11.17 -2.15
C MET L 195 -63.13 -12.56 -2.78
N VAL L 196 -62.44 -13.50 -2.14
CA VAL L 196 -62.50 -14.91 -2.49
C VAL L 196 -62.53 -15.69 -1.16
N LEU L 197 -63.36 -16.70 -1.11
CA LEU L 197 -63.51 -17.62 0.03
C LEU L 197 -62.82 -18.88 -0.43
N ALA L 198 -61.66 -19.16 0.15
CA ALA L 198 -60.93 -20.32 -0.37
C ALA L 198 -60.73 -21.31 0.76
N ALA L 199 -60.30 -22.52 0.39
CA ALA L 199 -60.02 -23.46 1.47
C ALA L 199 -59.39 -24.75 1.01
N ALA L 200 -58.68 -25.40 1.93
CA ALA L 200 -58.07 -26.64 1.44
C ALA L 200 -58.21 -27.68 2.53
N GLY L 201 -58.03 -28.92 2.12
CA GLY L 201 -58.08 -30.01 3.06
C GLY L 201 -59.20 -30.99 2.81
N GLY L 202 -59.87 -31.32 3.90
CA GLY L 202 -60.75 -32.47 3.96
C GLY L 202 -62.19 -32.17 3.59
N LEU L 203 -62.49 -30.95 3.18
CA LEU L 203 -63.83 -30.54 2.84
C LEU L 203 -64.24 -30.93 1.43
N GLU L 204 -65.54 -30.91 1.23
CA GLU L 204 -66.16 -31.11 -0.08
C GLU L 204 -66.57 -29.76 -0.64
N HIS L 205 -66.07 -29.46 -1.84
CA HIS L 205 -66.29 -28.18 -2.47
C HIS L 205 -67.74 -27.75 -2.42
N ARG L 206 -68.57 -28.70 -2.78
CA ARG L 206 -70.01 -28.64 -2.84
C ARG L 206 -70.59 -27.91 -1.65
N GLN L 207 -70.15 -28.32 -0.48
CA GLN L 207 -70.56 -27.79 0.80
C GLN L 207 -69.97 -26.43 1.09
N LEU L 208 -68.72 -26.21 0.72
CA LEU L 208 -68.13 -24.86 0.86
C LEU L 208 -69.08 -23.90 0.16
N LEU L 209 -69.22 -24.07 -1.15
CA LEU L 209 -70.06 -23.25 -1.99
C LEU L 209 -71.38 -22.87 -1.31
N ASP L 210 -72.07 -23.94 -0.90
CA ASP L 210 -73.32 -23.80 -0.19
C ASP L 210 -73.13 -23.07 1.12
N LEU L 211 -72.20 -23.51 1.96
CA LEU L 211 -72.00 -22.87 3.24
C LEU L 211 -71.84 -21.37 3.19
N ALA L 212 -71.30 -20.81 2.12
CA ALA L 212 -71.02 -19.38 2.02
C ALA L 212 -72.24 -18.52 2.34
N GLN L 213 -72.24 -17.83 3.46
CA GLN L 213 -73.32 -16.93 3.83
C GLN L 213 -73.48 -15.80 2.80
N LYS L 214 -74.50 -15.95 1.95
CA LYS L 214 -74.80 -14.99 0.88
C LYS L 214 -75.53 -13.78 1.44
N HIS L 215 -74.80 -12.88 2.10
CA HIS L 215 -75.41 -11.81 2.88
C HIS L 215 -75.27 -10.43 2.28
N PHE L 216 -74.11 -10.09 1.73
CA PHE L 216 -73.95 -8.81 1.04
C PHE L 216 -73.07 -9.02 -0.17
N SER L 217 -73.38 -8.26 -1.19
CA SER L 217 -72.75 -8.36 -2.49
C SER L 217 -72.10 -7.10 -3.01
N GLY L 218 -71.56 -7.21 -4.22
CA GLY L 218 -70.90 -6.11 -4.90
C GLY L 218 -71.90 -5.07 -5.39
N LEU L 219 -71.93 -3.93 -4.71
CA LEU L 219 -72.83 -2.83 -5.02
C LEU L 219 -72.26 -1.97 -6.14
N SER L 220 -71.81 -2.59 -7.23
CA SER L 220 -71.15 -1.85 -8.30
C SER L 220 -71.80 -2.03 -9.66
N GLY L 221 -71.22 -1.38 -10.66
CA GLY L 221 -71.72 -1.24 -12.00
C GLY L 221 -71.82 -2.52 -12.80
N THR L 222 -72.70 -2.50 -13.79
CA THR L 222 -72.96 -3.62 -14.68
C THR L 222 -72.26 -3.42 -16.01
N TYR L 223 -71.59 -2.29 -16.16
CA TYR L 223 -71.07 -1.83 -17.45
C TYR L 223 -69.65 -1.34 -17.36
N ASP L 224 -69.14 -0.71 -18.41
CA ASP L 224 -67.79 -0.19 -18.53
C ASP L 224 -67.56 1.05 -17.69
N GLU L 225 -68.61 1.80 -17.33
CA GLU L 225 -68.40 2.98 -16.50
C GLU L 225 -67.49 2.69 -15.32
N ASP L 226 -67.54 1.47 -14.81
CA ASP L 226 -66.64 0.98 -13.77
C ASP L 226 -65.24 0.80 -14.34
N ALA L 227 -65.13 0.30 -15.56
CA ALA L 227 -63.86 0.02 -16.19
C ALA L 227 -62.76 1.02 -15.98
N VAL L 228 -62.99 2.27 -15.59
CA VAL L 228 -61.89 3.15 -15.16
C VAL L 228 -61.04 2.40 -14.14
N PRO L 229 -59.87 1.96 -14.55
CA PRO L 229 -58.95 1.17 -13.75
C PRO L 229 -58.74 1.70 -12.35
N THR L 230 -59.18 0.97 -11.32
CA THR L 230 -58.73 1.36 -9.96
C THR L 230 -57.27 0.92 -9.78
N LEU L 231 -56.92 -0.05 -10.61
CA LEU L 231 -55.60 -0.56 -10.85
C LEU L 231 -54.98 0.19 -12.04
N SER L 232 -54.68 1.45 -11.78
CA SER L 232 -54.00 2.33 -12.73
C SER L 232 -52.50 2.15 -12.60
N PRO L 233 -51.76 1.96 -13.65
CA PRO L 233 -50.31 1.80 -13.61
C PRO L 233 -49.65 2.78 -12.66
N CYS L 234 -48.55 2.34 -12.06
CA CYS L 234 -47.80 3.21 -11.16
C CYS L 234 -46.43 3.44 -11.77
N ARG L 235 -46.20 4.73 -12.09
CA ARG L 235 -44.99 5.16 -12.75
C ARG L 235 -43.75 4.61 -12.04
N PHE L 236 -42.93 4.03 -12.87
CA PHE L 236 -41.64 3.42 -12.58
C PHE L 236 -40.54 4.46 -12.43
N THR L 237 -39.87 4.51 -11.27
CA THR L 237 -38.80 5.50 -11.19
C THR L 237 -37.48 4.96 -10.66
N GLY L 238 -36.38 5.11 -11.39
CA GLY L 238 -35.11 4.64 -10.84
C GLY L 238 -34.33 5.69 -10.07
N SER L 239 -34.51 5.75 -8.76
CA SER L 239 -33.85 6.78 -7.93
C SER L 239 -33.25 6.05 -6.76
N GLN L 240 -32.51 6.63 -5.88
CA GLN L 240 -32.05 5.93 -4.66
C GLN L 240 -32.41 6.85 -3.46
N ILE L 241 -32.54 6.18 -2.32
CA ILE L 241 -32.84 6.88 -1.07
C ILE L 241 -31.82 6.38 -0.07
N CYS L 242 -30.90 7.28 0.32
CA CYS L 242 -29.80 6.90 1.20
C CYS L 242 -29.83 7.55 2.57
N HIS L 243 -30.14 6.67 3.51
CA HIS L 243 -30.37 7.14 4.89
C HIS L 243 -29.26 6.57 5.79
N ARG L 244 -28.24 7.40 5.95
CA ARG L 244 -27.02 7.04 6.66
C ARG L 244 -27.06 7.25 8.16
N GLU L 245 -26.81 6.17 8.92
CA GLU L 245 -26.80 6.12 10.35
C GLU L 245 -25.62 5.29 10.87
N ASP L 246 -24.43 5.80 10.78
CA ASP L 246 -23.21 5.24 11.31
C ASP L 246 -23.36 4.66 12.70
N GLY L 247 -24.49 4.92 13.36
CA GLY L 247 -24.74 4.39 14.70
C GLY L 247 -24.98 2.88 14.63
N LEU L 248 -25.51 2.44 13.51
CA LEU L 248 -25.93 1.07 13.35
C LEU L 248 -24.77 0.16 12.95
N PRO L 249 -24.81 -1.08 13.42
CA PRO L 249 -23.72 -2.01 13.34
C PRO L 249 -23.53 -2.58 11.97
N LEU L 250 -24.61 -2.72 11.21
CA LEU L 250 -24.43 -3.37 9.90
C LEU L 250 -25.01 -2.46 8.84
N ALA L 251 -25.09 -2.93 7.61
CA ALA L 251 -25.68 -2.13 6.53
C ALA L 251 -26.63 -2.99 5.68
N HIS L 252 -27.80 -2.42 5.49
CA HIS L 252 -28.81 -3.06 4.67
C HIS L 252 -28.96 -2.28 3.33
N VAL L 253 -28.91 -3.04 2.25
CA VAL L 253 -28.99 -2.51 0.90
C VAL L 253 -29.98 -3.23 0.06
N ALA L 254 -30.99 -2.65 -0.51
CA ALA L 254 -31.97 -3.34 -1.34
C ALA L 254 -31.93 -2.65 -2.72
N ILE L 255 -31.49 -3.40 -3.69
CA ILE L 255 -31.26 -2.91 -5.05
C ILE L 255 -32.18 -3.65 -6.00
N ALA L 256 -32.89 -2.94 -6.86
CA ALA L 256 -34.00 -3.39 -7.66
C ALA L 256 -34.10 -2.75 -9.06
N VAL L 257 -34.60 -3.58 -9.96
CA VAL L 257 -34.94 -3.19 -11.31
C VAL L 257 -36.39 -3.63 -11.55
N GLU L 258 -37.24 -2.70 -11.85
CA GLU L 258 -38.65 -2.92 -12.11
C GLU L 258 -38.99 -4.06 -13.02
N GLY L 259 -40.04 -4.80 -12.66
CA GLY L 259 -40.45 -6.01 -13.33
C GLY L 259 -41.90 -6.21 -13.69
N PRO L 260 -42.21 -7.30 -14.35
CA PRO L 260 -43.47 -7.72 -14.90
C PRO L 260 -44.59 -7.81 -13.90
N GLY L 261 -45.81 -7.79 -14.41
CA GLY L 261 -46.94 -7.89 -13.48
C GLY L 261 -46.91 -9.35 -12.99
N TRP L 262 -48.02 -9.70 -12.36
CA TRP L 262 -48.17 -11.04 -11.81
C TRP L 262 -48.15 -12.09 -12.91
N ALA L 263 -48.80 -11.82 -14.04
CA ALA L 263 -48.80 -12.85 -15.05
C ALA L 263 -47.95 -12.52 -16.28
N HIS L 264 -46.98 -13.38 -16.54
CA HIS L 264 -46.09 -13.19 -17.68
C HIS L 264 -45.13 -14.34 -17.82
N PRO L 265 -44.99 -14.83 -19.03
CA PRO L 265 -44.04 -15.86 -19.36
C PRO L 265 -42.64 -15.54 -18.85
N ASP L 266 -42.31 -14.27 -18.68
CA ASP L 266 -40.96 -13.83 -18.33
C ASP L 266 -40.71 -13.99 -16.84
N ASN L 267 -41.84 -14.05 -16.15
CA ASN L 267 -42.01 -14.12 -14.74
C ASN L 267 -41.74 -15.42 -14.02
N VAL L 268 -41.50 -16.49 -14.74
CA VAL L 268 -41.13 -17.78 -14.19
C VAL L 268 -39.65 -17.98 -14.50
N ALA L 269 -39.30 -17.45 -15.66
CA ALA L 269 -37.93 -17.49 -16.16
C ALA L 269 -37.02 -16.65 -15.28
N LEU L 270 -37.57 -15.51 -14.84
CA LEU L 270 -36.89 -14.70 -13.83
C LEU L 270 -36.56 -15.59 -12.63
N GLN L 271 -37.63 -16.11 -12.03
CA GLN L 271 -37.40 -16.98 -10.85
C GLN L 271 -36.23 -17.92 -11.10
N VAL L 272 -36.31 -18.71 -12.16
CA VAL L 272 -35.23 -19.65 -12.45
C VAL L 272 -33.89 -18.93 -12.38
N ALA L 273 -33.86 -17.68 -12.86
CA ALA L 273 -32.66 -16.85 -12.75
C ALA L 273 -32.26 -16.66 -11.29
N ASN L 274 -33.18 -16.16 -10.45
CA ASN L 274 -32.74 -15.94 -9.07
C ASN L 274 -32.40 -17.25 -8.38
N ALA L 275 -32.88 -18.36 -8.95
CA ALA L 275 -32.58 -19.64 -8.28
C ALA L 275 -31.04 -19.67 -8.27
N ILE L 276 -30.49 -19.38 -9.44
CA ILE L 276 -29.04 -19.36 -9.62
C ILE L 276 -28.36 -18.48 -8.63
N ILE L 277 -28.45 -17.16 -8.65
CA ILE L 277 -27.78 -16.32 -7.63
C ILE L 277 -28.08 -16.90 -6.23
N GLY L 278 -29.33 -17.20 -5.91
CA GLY L 278 -29.71 -17.83 -4.66
C GLY L 278 -29.88 -16.85 -3.52
N HIS L 279 -29.56 -17.26 -2.31
CA HIS L 279 -29.74 -16.49 -1.08
C HIS L 279 -28.79 -17.09 -0.06
N TYR L 280 -28.29 -16.39 0.94
CA TYR L 280 -27.19 -16.82 1.78
C TYR L 280 -27.22 -16.20 3.17
N ASP L 281 -26.74 -16.96 4.15
CA ASP L 281 -26.72 -16.42 5.54
C ASP L 281 -25.48 -16.83 6.31
N CYS L 282 -24.96 -16.06 7.27
CA CYS L 282 -23.94 -16.48 8.20
C CYS L 282 -23.98 -17.96 8.53
N THR L 283 -25.12 -18.61 8.55
CA THR L 283 -25.25 -19.96 9.03
C THR L 283 -25.48 -21.01 7.97
N TYR L 284 -25.36 -20.71 6.71
CA TYR L 284 -25.46 -21.79 5.70
C TYR L 284 -24.36 -22.81 5.88
N GLY L 285 -24.72 -24.10 5.90
CA GLY L 285 -23.70 -25.13 6.08
C GLY L 285 -22.75 -25.34 4.94
N GLY L 286 -23.05 -24.90 3.72
CA GLY L 286 -22.19 -25.12 2.58
C GLY L 286 -21.15 -24.03 2.39
N GLY L 287 -21.50 -22.79 2.67
CA GLY L 287 -20.54 -21.68 2.53
C GLY L 287 -19.72 -21.88 1.28
N ALA L 288 -18.40 -21.92 1.38
CA ALA L 288 -17.45 -21.92 0.28
C ALA L 288 -17.74 -22.87 -0.86
N HIS L 289 -18.55 -23.92 -0.61
CA HIS L 289 -18.75 -24.86 -1.70
C HIS L 289 -20.10 -24.59 -2.38
N LEU L 290 -20.92 -23.71 -1.84
CA LEU L 290 -22.20 -23.38 -2.48
C LEU L 290 -22.00 -22.89 -3.91
N SER L 291 -22.88 -23.38 -4.79
CA SER L 291 -22.72 -23.27 -6.22
C SER L 291 -23.08 -21.92 -6.81
N SER L 292 -23.62 -21.01 -6.02
CA SER L 292 -23.85 -19.67 -6.52
C SER L 292 -22.71 -18.74 -6.05
N PRO L 293 -21.88 -18.37 -6.97
CA PRO L 293 -20.83 -17.36 -6.84
C PRO L 293 -21.05 -16.30 -5.78
N LEU L 294 -22.08 -15.45 -5.84
CA LEU L 294 -22.23 -14.47 -4.76
C LEU L 294 -22.12 -15.16 -3.40
N ALA L 295 -22.71 -16.36 -3.33
CA ALA L 295 -22.66 -17.11 -2.07
C ALA L 295 -21.23 -17.56 -1.79
N SER L 296 -20.62 -18.09 -2.87
CA SER L 296 -19.27 -18.62 -2.63
C SER L 296 -18.34 -17.50 -2.24
N ILE L 297 -18.34 -16.46 -3.06
CA ILE L 297 -17.49 -15.31 -2.73
C ILE L 297 -17.75 -14.82 -1.30
N ALA L 298 -19.02 -14.56 -1.01
CA ALA L 298 -19.47 -14.16 0.29
C ALA L 298 -18.97 -15.07 1.40
N ALA L 299 -19.27 -16.35 1.24
CA ALA L 299 -18.85 -17.41 2.14
C ALA L 299 -17.32 -17.38 2.34
N THR L 300 -16.61 -17.49 1.22
CA THR L 300 -15.19 -17.39 1.19
C THR L 300 -14.60 -16.14 1.84
N ASN L 301 -14.91 -14.98 1.27
CA ASN L 301 -14.27 -13.76 1.70
C ASN L 301 -14.93 -13.01 2.82
N LYS L 302 -15.82 -13.59 3.60
CA LYS L 302 -16.51 -12.89 4.67
C LYS L 302 -17.13 -11.60 4.16
N LEU L 303 -17.61 -11.62 2.92
CA LEU L 303 -18.16 -10.48 2.22
C LEU L 303 -19.46 -9.95 2.82
N CYS L 304 -20.33 -10.83 3.26
CA CYS L 304 -21.63 -10.39 3.76
C CYS L 304 -22.18 -11.39 4.79
N GLN L 305 -23.18 -10.89 5.49
CA GLN L 305 -23.84 -11.55 6.59
C GLN L 305 -24.99 -12.39 6.09
N SER L 306 -25.75 -11.80 5.20
CA SER L 306 -26.92 -12.47 4.63
C SER L 306 -27.37 -11.69 3.38
N PHE L 307 -27.80 -12.36 2.35
CA PHE L 307 -28.26 -11.87 1.10
C PHE L 307 -29.28 -12.81 0.42
N GLN L 308 -30.32 -12.07 -0.02
CA GLN L 308 -31.40 -12.69 -0.73
C GLN L 308 -31.88 -11.95 -1.97
N THR L 309 -32.04 -12.69 -3.07
CA THR L 309 -32.66 -12.13 -4.26
C THR L 309 -34.19 -12.28 -4.15
N PHE L 310 -34.92 -11.30 -4.68
CA PHE L 310 -36.37 -11.32 -4.60
C PHE L 310 -36.99 -10.96 -5.95
N ASN L 311 -38.27 -11.29 -6.03
CA ASN L 311 -39.11 -10.90 -7.14
C ASN L 311 -40.46 -10.44 -6.59
N ILE L 312 -40.64 -9.15 -6.45
CA ILE L 312 -41.90 -8.67 -5.86
C ILE L 312 -42.85 -8.44 -7.03
N CYS L 313 -44.01 -9.05 -6.97
CA CYS L 313 -44.91 -9.10 -8.12
C CYS L 313 -46.22 -8.38 -7.83
N TYR L 314 -46.55 -7.32 -8.51
CA TYR L 314 -47.71 -6.48 -8.41
C TYR L 314 -48.40 -6.47 -9.78
N ALA L 315 -49.65 -6.03 -9.88
CA ALA L 315 -50.35 -6.13 -11.16
C ALA L 315 -49.72 -5.32 -12.26
N ASP L 316 -49.40 -4.05 -11.94
CA ASP L 316 -48.78 -3.15 -12.90
C ASP L 316 -47.32 -2.88 -12.59
N THR L 317 -46.76 -3.43 -11.53
CA THR L 317 -45.42 -3.08 -11.12
C THR L 317 -44.76 -4.35 -10.59
N GLY L 318 -43.45 -4.30 -10.51
CA GLY L 318 -42.71 -5.45 -9.97
C GLY L 318 -41.39 -4.93 -9.43
N LEU L 319 -40.98 -5.41 -8.27
CA LEU L 319 -39.64 -5.06 -7.79
C LEU L 319 -38.79 -6.33 -7.93
N LEU L 320 -37.71 -6.18 -8.70
CA LEU L 320 -36.67 -7.17 -8.85
C LEU L 320 -35.32 -6.68 -8.34
N GLY L 321 -34.66 -7.57 -7.65
CA GLY L 321 -33.28 -7.44 -7.22
C GLY L 321 -32.88 -8.44 -6.12
N ALA L 322 -31.82 -8.08 -5.40
CA ALA L 322 -31.48 -8.82 -4.19
C ALA L 322 -31.34 -7.82 -3.05
N HIS L 323 -30.82 -8.26 -1.93
CA HIS L 323 -30.71 -7.48 -0.70
C HIS L 323 -29.65 -8.18 0.16
N PHE L 324 -28.70 -7.33 0.56
CA PHE L 324 -27.58 -7.85 1.34
C PHE L 324 -27.28 -7.00 2.55
N VAL L 325 -27.01 -7.69 3.64
CA VAL L 325 -26.58 -7.00 4.80
C VAL L 325 -25.08 -7.04 4.93
N CYS L 326 -24.22 -6.06 5.07
CA CYS L 326 -22.76 -6.33 5.03
C CYS L 326 -22.00 -5.25 5.81
N ASP L 327 -20.94 -5.54 6.46
CA ASP L 327 -20.19 -4.54 7.21
C ASP L 327 -19.97 -3.26 6.42
N HIS L 328 -19.71 -2.16 7.13
CA HIS L 328 -19.55 -0.87 6.57
C HIS L 328 -18.56 -0.75 5.43
N MET L 329 -17.49 -1.55 5.51
CA MET L 329 -16.36 -1.66 4.61
C MET L 329 -16.56 -2.68 3.50
N SER L 330 -17.69 -3.39 3.55
CA SER L 330 -17.89 -4.31 2.41
C SER L 330 -19.06 -4.03 1.51
N ILE L 331 -19.77 -2.93 1.69
CA ILE L 331 -20.88 -2.53 0.83
C ILE L 331 -20.54 -2.59 -0.63
N ASP L 332 -19.41 -2.07 -1.09
CA ASP L 332 -19.09 -1.98 -2.52
C ASP L 332 -18.74 -3.32 -3.13
N ASP L 333 -17.98 -4.12 -2.38
CA ASP L 333 -17.56 -5.44 -2.92
C ASP L 333 -18.81 -6.24 -3.12
N MET L 334 -19.71 -6.29 -2.13
CA MET L 334 -20.90 -7.15 -2.43
C MET L 334 -21.65 -6.48 -3.58
N MET L 335 -21.75 -5.14 -3.68
CA MET L 335 -22.51 -4.60 -4.83
C MET L 335 -21.98 -5.13 -6.14
N PHE L 336 -20.66 -5.20 -6.21
CA PHE L 336 -19.90 -5.54 -7.39
C PHE L 336 -20.15 -6.96 -7.82
N VAL L 337 -20.07 -7.88 -6.86
CA VAL L 337 -20.31 -9.27 -7.18
C VAL L 337 -21.74 -9.42 -7.70
N LEU L 338 -22.69 -8.92 -6.92
CA LEU L 338 -24.10 -9.05 -7.29
C LEU L 338 -24.35 -8.59 -8.71
N GLN L 339 -24.31 -7.29 -8.96
CA GLN L 339 -24.50 -6.76 -10.29
C GLN L 339 -23.76 -7.52 -11.38
N GLY L 340 -22.63 -7.99 -10.94
CA GLY L 340 -21.74 -8.79 -11.78
C GLY L 340 -22.42 -10.11 -12.15
N GLN L 341 -23.17 -10.62 -11.18
CA GLN L 341 -23.88 -11.87 -11.38
C GLN L 341 -25.05 -11.67 -12.32
N TRP L 342 -25.75 -10.58 -12.22
CA TRP L 342 -26.79 -10.17 -13.14
C TRP L 342 -26.27 -10.15 -14.59
N MET L 343 -25.40 -9.27 -15.00
CA MET L 343 -24.75 -9.16 -16.30
C MET L 343 -24.25 -10.50 -16.74
N ARG L 344 -23.54 -11.24 -15.87
CA ARG L 344 -23.02 -12.52 -16.39
C ARG L 344 -24.14 -13.35 -16.87
N LEU L 345 -25.24 -13.42 -16.09
CA LEU L 345 -26.49 -14.06 -16.40
C LEU L 345 -27.10 -13.67 -17.71
N CYS L 346 -27.27 -12.40 -18.12
CA CYS L 346 -27.85 -12.15 -19.42
C CYS L 346 -26.92 -12.21 -20.61
N THR L 347 -25.70 -12.71 -20.51
CA THR L 347 -24.80 -12.76 -21.64
C THR L 347 -24.10 -14.11 -21.70
N SER L 348 -23.91 -14.74 -20.54
CA SER L 348 -23.13 -15.97 -20.45
C SER L 348 -23.80 -17.11 -19.74
N ALA L 349 -25.13 -17.13 -19.70
CA ALA L 349 -25.72 -18.26 -18.97
C ALA L 349 -25.37 -19.55 -19.68
N THR L 350 -25.22 -20.59 -18.90
CA THR L 350 -24.80 -21.89 -19.48
C THR L 350 -25.95 -22.86 -19.24
N GLU L 351 -26.20 -23.82 -20.11
CA GLU L 351 -27.35 -24.67 -19.82
C GLU L 351 -27.23 -25.33 -18.47
N SER L 352 -26.07 -25.88 -18.10
CA SER L 352 -25.93 -26.49 -16.78
C SER L 352 -26.53 -25.62 -15.68
N GLU L 353 -25.93 -24.46 -15.44
CA GLU L 353 -26.37 -23.50 -14.47
C GLU L 353 -27.86 -23.23 -14.49
N VAL L 354 -28.50 -23.07 -15.66
CA VAL L 354 -29.94 -22.78 -15.69
C VAL L 354 -30.79 -24.01 -15.38
N LEU L 355 -30.27 -25.18 -15.75
CA LEU L 355 -30.93 -26.41 -15.37
C LEU L 355 -30.90 -26.67 -13.88
N ARG L 356 -29.85 -26.36 -13.14
CA ARG L 356 -29.85 -26.50 -11.69
C ARG L 356 -30.83 -25.54 -11.02
N GLY L 357 -30.83 -24.29 -11.48
CA GLY L 357 -31.76 -23.32 -10.90
C GLY L 357 -33.18 -23.85 -11.14
N LYS L 358 -33.41 -24.35 -12.35
CA LYS L 358 -34.72 -24.81 -12.76
C LYS L 358 -35.34 -25.69 -11.67
N ASN L 359 -34.63 -26.78 -11.46
CA ASN L 359 -34.95 -27.78 -10.45
C ASN L 359 -35.10 -27.22 -9.06
N LEU L 360 -34.24 -26.29 -8.69
CA LEU L 360 -34.45 -25.61 -7.42
C LEU L 360 -35.87 -25.03 -7.34
N LEU L 361 -36.27 -24.38 -8.44
CA LEU L 361 -37.56 -23.74 -8.53
C LEU L 361 -38.69 -24.74 -8.16
N ARG L 362 -38.65 -25.85 -8.89
CA ARG L 362 -39.69 -26.87 -8.70
C ARG L 362 -39.88 -27.14 -7.21
N ASN L 363 -38.78 -27.55 -6.59
CA ASN L 363 -38.79 -27.85 -5.16
C ASN L 363 -39.35 -26.74 -4.30
N ALA L 364 -38.91 -25.52 -4.57
CA ALA L 364 -39.28 -24.36 -3.76
C ALA L 364 -40.81 -24.19 -3.83
N LEU L 365 -41.27 -24.47 -5.05
CA LEU L 365 -42.64 -24.37 -5.44
C LEU L 365 -43.45 -25.63 -5.16
N VAL L 366 -42.82 -26.73 -4.77
CA VAL L 366 -43.64 -27.84 -4.31
C VAL L 366 -43.70 -27.80 -2.77
N SER L 367 -42.53 -27.86 -2.15
CA SER L 367 -42.38 -27.76 -0.71
C SER L 367 -43.18 -26.61 -0.12
N HIS L 368 -43.27 -25.46 -0.77
CA HIS L 368 -44.11 -24.47 -0.12
C HIS L 368 -45.52 -24.96 0.18
N LEU L 369 -46.08 -25.68 -0.79
CA LEU L 369 -47.42 -26.22 -0.76
C LEU L 369 -47.70 -27.36 0.21
N ASP L 370 -46.82 -27.62 1.14
CA ASP L 370 -46.93 -28.70 2.13
C ASP L 370 -47.68 -28.12 3.32
N GLY L 371 -48.81 -28.71 3.66
CA GLY L 371 -49.59 -28.18 4.78
C GLY L 371 -50.89 -27.58 4.28
N THR L 372 -51.86 -27.42 5.18
CA THR L 372 -53.15 -26.86 4.81
C THR L 372 -53.07 -25.36 4.61
N THR L 373 -52.65 -24.61 5.64
CA THR L 373 -52.48 -23.17 5.50
C THR L 373 -51.87 -22.77 4.16
N PRO L 374 -50.72 -23.26 3.78
CA PRO L 374 -50.04 -22.98 2.54
C PRO L 374 -50.98 -23.03 1.35
N VAL L 375 -51.52 -24.22 1.11
CA VAL L 375 -52.40 -24.46 -0.02
C VAL L 375 -53.53 -23.44 -0.12
N CYS L 376 -54.08 -23.13 1.05
CA CYS L 376 -55.17 -22.22 1.10
C CYS L 376 -54.74 -20.85 0.58
N GLU L 377 -53.57 -20.38 1.00
CA GLU L 377 -53.14 -19.04 0.62
C GLU L 377 -52.82 -19.00 -0.87
N ASP L 378 -52.34 -20.14 -1.40
CA ASP L 378 -52.02 -20.20 -2.83
C ASP L 378 -53.31 -20.10 -3.63
N ILE L 379 -54.30 -20.87 -3.17
CA ILE L 379 -55.59 -20.85 -3.84
C ILE L 379 -56.25 -19.49 -3.73
N GLY L 380 -56.26 -18.87 -2.55
CA GLY L 380 -56.93 -17.58 -2.41
C GLY L 380 -56.25 -16.52 -3.25
N ARG L 381 -54.99 -16.25 -2.93
CA ARG L 381 -54.19 -15.23 -3.56
C ARG L 381 -54.08 -15.47 -5.06
N SER L 382 -53.97 -16.73 -5.43
CA SER L 382 -53.83 -17.10 -6.82
C SER L 382 -54.97 -16.56 -7.68
N LEU L 383 -56.16 -16.54 -7.12
CA LEU L 383 -57.35 -16.04 -7.77
C LEU L 383 -57.40 -14.56 -7.98
N LEU L 384 -56.94 -13.72 -7.05
CA LEU L 384 -56.94 -12.29 -7.37
C LEU L 384 -55.71 -11.97 -8.20
N THR L 385 -54.62 -12.69 -7.96
CA THR L 385 -53.40 -12.45 -8.72
C THR L 385 -53.61 -12.86 -10.18
N TYR L 386 -53.32 -14.11 -10.44
CA TYR L 386 -53.38 -14.74 -11.73
C TYR L 386 -54.78 -15.02 -12.22
N GLY L 387 -55.79 -14.41 -11.59
CA GLY L 387 -57.15 -14.84 -11.94
C GLY L 387 -57.42 -16.22 -11.33
N ARG L 388 -58.42 -16.89 -11.90
CA ARG L 388 -58.96 -18.12 -11.36
C ARG L 388 -58.30 -19.39 -11.83
N ARG L 389 -57.02 -19.30 -12.20
CA ARG L 389 -56.35 -20.56 -12.54
C ARG L 389 -55.48 -20.99 -11.36
N ILE L 390 -55.13 -22.26 -11.34
CA ILE L 390 -54.17 -22.83 -10.42
C ILE L 390 -53.07 -23.53 -11.22
N PRO L 391 -52.15 -22.71 -11.68
CA PRO L 391 -51.04 -23.13 -12.52
C PRO L 391 -50.12 -24.17 -11.95
N LEU L 392 -50.39 -24.88 -10.86
CA LEU L 392 -49.54 -25.85 -10.24
C LEU L 392 -48.95 -26.98 -11.07
N ALA L 393 -49.78 -27.66 -11.85
CA ALA L 393 -49.17 -28.69 -12.70
C ALA L 393 -48.56 -28.11 -13.96
N GLU L 394 -49.10 -26.99 -14.44
CA GLU L 394 -48.57 -26.28 -15.60
C GLU L 394 -47.11 -25.95 -15.27
N TRP L 395 -46.92 -25.39 -14.08
CA TRP L 395 -45.60 -24.91 -13.70
C TRP L 395 -44.51 -25.80 -14.27
N GLU L 396 -44.44 -27.03 -13.75
CA GLU L 396 -43.44 -27.96 -14.25
C GLU L 396 -43.29 -27.85 -15.75
N SER L 397 -44.37 -27.91 -16.53
CA SER L 397 -44.29 -27.61 -17.95
C SER L 397 -43.60 -26.29 -18.28
N ARG L 398 -44.19 -25.14 -18.00
CA ARG L 398 -43.58 -23.83 -18.12
C ARG L 398 -42.13 -23.80 -17.62
N ILE L 399 -41.89 -24.27 -16.39
CA ILE L 399 -40.56 -24.38 -15.84
C ILE L 399 -39.72 -25.24 -16.78
N ALA L 400 -40.35 -26.23 -17.40
CA ALA L 400 -39.69 -27.11 -18.34
C ALA L 400 -39.21 -26.49 -19.64
N GLU L 401 -39.95 -25.52 -20.15
CA GLU L 401 -39.58 -24.83 -21.37
C GLU L 401 -38.29 -24.02 -21.18
N VAL L 402 -37.91 -23.86 -19.91
CA VAL L 402 -36.72 -23.11 -19.60
C VAL L 402 -35.50 -23.61 -20.35
N ASP L 403 -34.82 -22.64 -20.94
CA ASP L 403 -33.60 -22.97 -21.66
C ASP L 403 -32.53 -21.98 -21.24
N ALA L 404 -31.26 -22.34 -21.40
CA ALA L 404 -30.28 -21.31 -21.09
C ALA L 404 -30.48 -20.10 -21.97
N ARG L 405 -30.98 -20.23 -23.20
CA ARG L 405 -31.15 -19.01 -23.99
C ARG L 405 -32.41 -18.28 -23.59
N VAL L 406 -33.39 -19.01 -23.09
CA VAL L 406 -34.63 -18.36 -22.66
C VAL L 406 -34.33 -17.47 -21.45
N VAL L 407 -33.68 -18.06 -20.46
CA VAL L 407 -33.26 -17.40 -19.24
C VAL L 407 -32.43 -16.16 -19.55
N ARG L 408 -31.47 -16.26 -20.43
CA ARG L 408 -30.63 -15.17 -20.89
C ARG L 408 -31.43 -14.06 -21.52
N GLU L 409 -32.37 -14.38 -22.42
CA GLU L 409 -33.07 -13.29 -23.10
C GLU L 409 -34.09 -12.60 -22.22
N VAL L 410 -34.70 -13.38 -21.33
CA VAL L 410 -35.65 -12.79 -20.41
C VAL L 410 -34.95 -11.90 -19.37
N CYS L 411 -33.76 -12.26 -18.89
CA CYS L 411 -33.06 -11.52 -17.88
C CYS L 411 -32.58 -10.16 -18.38
N SER L 412 -32.27 -10.08 -19.64
CA SER L 412 -31.74 -8.92 -20.34
C SER L 412 -32.74 -7.80 -20.57
N LYS L 413 -34.03 -8.12 -20.53
CA LYS L 413 -35.09 -7.14 -20.66
C LYS L 413 -35.06 -6.17 -19.47
N TYR L 414 -35.06 -6.84 -18.33
CA TYR L 414 -35.17 -6.27 -17.03
C TYR L 414 -33.96 -5.71 -16.31
N PHE L 415 -32.80 -6.31 -16.50
CA PHE L 415 -31.62 -5.87 -15.80
C PHE L 415 -30.73 -5.00 -16.69
N TYR L 416 -30.54 -5.37 -17.96
CA TYR L 416 -29.51 -4.82 -18.78
C TYR L 416 -29.70 -3.41 -19.33
N ASP L 417 -28.98 -2.37 -18.95
CA ASP L 417 -29.18 -0.99 -19.44
C ASP L 417 -30.38 -0.42 -18.72
N GLN L 418 -30.72 -1.16 -17.63
CA GLN L 418 -31.91 -0.56 -16.96
C GLN L 418 -31.42 0.29 -15.78
N CYS L 419 -32.27 1.19 -15.29
CA CYS L 419 -31.84 2.06 -14.21
C CYS L 419 -32.34 1.57 -12.86
N PRO L 420 -31.48 1.13 -12.00
CA PRO L 420 -31.71 0.68 -10.65
C PRO L 420 -32.44 1.59 -9.68
N ALA L 421 -33.04 0.87 -8.74
CA ALA L 421 -33.73 1.40 -7.56
C ALA L 421 -32.94 0.94 -6.34
N VAL L 422 -32.21 1.85 -5.69
CA VAL L 422 -31.30 1.38 -4.63
C VAL L 422 -31.63 2.15 -3.38
N ALA L 423 -31.73 1.44 -2.25
CA ALA L 423 -31.86 2.15 -0.98
C ALA L 423 -31.08 1.37 0.06
N GLY L 424 -30.60 2.16 1.05
CA GLY L 424 -29.71 1.64 2.07
C GLY L 424 -29.96 2.38 3.36
N PHE L 425 -29.57 1.83 4.48
CA PHE L 425 -29.73 2.47 5.82
C PHE L 425 -28.35 2.28 6.50
N GLY L 426 -27.49 3.21 6.13
CA GLY L 426 -26.08 3.16 6.37
C GLY L 426 -25.69 2.73 7.74
N PRO L 427 -24.43 2.44 7.97
CA PRO L 427 -23.26 2.71 7.21
C PRO L 427 -23.30 2.56 5.74
N ILE L 428 -23.86 3.55 5.04
CA ILE L 428 -23.89 3.52 3.59
C ILE L 428 -22.76 4.40 3.06
N GLU L 429 -21.76 4.72 3.90
CA GLU L 429 -20.79 5.70 3.47
C GLU L 429 -20.07 5.19 2.25
N GLN L 430 -19.91 3.91 2.17
CA GLN L 430 -19.20 3.24 1.07
C GLN L 430 -20.18 2.75 -0.01
N LEU L 431 -21.41 3.19 0.10
CA LEU L 431 -22.36 2.67 -0.90
C LEU L 431 -22.13 3.33 -2.24
N PRO L 432 -21.99 2.57 -3.29
CA PRO L 432 -21.74 3.05 -4.62
C PRO L 432 -22.61 4.16 -5.10
N ASP L 433 -21.95 5.10 -5.80
CA ASP L 433 -22.59 6.30 -6.32
C ASP L 433 -23.66 5.86 -7.31
N TYR L 434 -24.80 6.53 -7.36
CA TYR L 434 -25.81 6.02 -8.27
C TYR L 434 -25.27 5.76 -9.65
N ASN L 435 -24.55 6.69 -10.28
CA ASN L 435 -23.97 6.41 -11.59
C ASN L 435 -23.12 5.15 -11.62
N ARG L 436 -22.41 4.82 -10.54
CA ARG L 436 -21.57 3.62 -10.55
C ARG L 436 -22.50 2.40 -10.55
N ILE L 437 -23.73 2.55 -10.05
CA ILE L 437 -24.44 1.28 -9.88
C ILE L 437 -25.08 1.14 -11.22
N ARG L 438 -25.48 2.30 -11.72
CA ARG L 438 -25.98 2.34 -13.09
C ARG L 438 -25.08 1.62 -14.09
N SER L 439 -23.79 2.01 -14.19
CA SER L 439 -22.93 1.51 -15.24
C SER L 439 -22.59 0.04 -14.97
N GLY L 440 -23.08 -0.36 -13.81
CA GLY L 440 -22.89 -1.74 -13.39
C GLY L 440 -23.84 -2.60 -14.23
N MET L 441 -24.90 -2.00 -14.75
CA MET L 441 -25.86 -2.82 -15.48
C MET L 441 -25.57 -2.97 -16.96
N PHE L 442 -24.38 -2.63 -17.44
CA PHE L 442 -23.97 -2.83 -18.84
C PHE L 442 -22.49 -3.32 -18.77
N TRP L 443 -22.01 -4.04 -19.79
CA TRP L 443 -20.68 -4.59 -19.77
C TRP L 443 -19.60 -4.05 -20.66
N LEU L 444 -18.86 -3.07 -20.11
CA LEU L 444 -17.61 -2.71 -20.77
C LEU L 444 -16.50 -3.54 -20.15
N ARG L 445 -16.39 -3.50 -18.84
CA ARG L 445 -15.34 -4.23 -18.14
C ARG L 445 -15.78 -4.30 -16.67
N PHE L 446 -15.01 -4.92 -15.83
CA PHE L 446 -15.26 -5.09 -14.41
C PHE L 446 -15.58 -6.55 -14.12
N PRO M 21 -53.11 -43.34 0.58
CA PRO M 21 -53.70 -44.66 0.20
C PRO M 21 -53.16 -45.79 1.06
N GLN M 22 -51.85 -46.02 0.96
CA GLN M 22 -51.22 -47.05 1.80
C GLN M 22 -50.82 -46.34 3.08
N ASP M 23 -51.03 -46.97 4.23
CA ASP M 23 -50.64 -46.33 5.49
C ASP M 23 -49.19 -46.69 5.79
N LEU M 24 -48.58 -46.08 6.79
CA LEU M 24 -47.17 -46.35 7.06
C LEU M 24 -46.93 -47.84 7.26
N GLU M 25 -45.69 -48.21 7.51
CA GLU M 25 -45.33 -49.63 7.62
C GLU M 25 -44.07 -49.81 8.44
N PHE M 26 -44.15 -49.90 9.76
CA PHE M 26 -42.93 -50.06 10.55
C PHE M 26 -42.33 -51.45 10.41
N THR M 27 -41.07 -51.63 10.80
CA THR M 27 -40.34 -52.88 10.75
C THR M 27 -39.07 -52.86 11.60
N ARG M 28 -39.12 -53.58 12.72
CA ARG M 28 -37.93 -53.64 13.57
C ARG M 28 -37.03 -54.74 13.04
N LEU M 29 -35.76 -54.46 12.82
CA LEU M 29 -34.87 -55.53 12.34
C LEU M 29 -34.16 -56.19 13.55
N PRO M 30 -33.37 -57.20 13.23
CA PRO M 30 -32.50 -57.90 14.16
C PRO M 30 -31.59 -56.91 14.92
N ASN M 31 -31.12 -55.86 14.25
CA ASN M 31 -30.33 -54.81 14.85
C ASN M 31 -31.16 -54.00 15.84
N GLY M 32 -32.43 -53.83 15.48
CA GLY M 32 -33.32 -53.07 16.35
C GLY M 32 -33.60 -51.69 15.80
N LEU M 33 -33.24 -51.51 14.52
CA LEU M 33 -33.56 -50.20 13.93
C LEU M 33 -34.94 -50.34 13.26
N VAL M 34 -35.77 -49.36 13.51
CA VAL M 34 -37.11 -49.21 12.99
C VAL M 34 -37.04 -48.59 11.60
N ILE M 35 -38.02 -48.81 10.74
CA ILE M 35 -38.13 -48.11 9.46
C ILE M 35 -39.57 -47.99 8.97
N ALA M 36 -40.01 -46.84 8.49
CA ALA M 36 -41.39 -46.64 8.04
C ALA M 36 -41.42 -46.06 6.63
N SER M 37 -42.62 -46.03 6.05
CA SER M 37 -42.75 -45.53 4.68
C SER M 37 -44.20 -45.26 4.29
N LEU M 38 -44.47 -44.21 3.53
CA LEU M 38 -45.82 -43.93 3.09
C LEU M 38 -45.83 -43.48 1.63
N GLU M 39 -46.01 -44.34 0.63
CA GLU M 39 -46.01 -43.75 -0.71
C GLU M 39 -47.15 -42.75 -0.86
N ASN M 40 -46.84 -41.47 -0.72
CA ASN M 40 -47.87 -40.44 -0.83
C ASN M 40 -48.19 -40.17 -2.30
N TYR M 41 -49.14 -39.29 -2.55
CA TYR M 41 -49.55 -38.92 -3.89
C TYR M 41 -48.61 -37.87 -4.48
N ALA M 42 -48.39 -36.81 -3.71
CA ALA M 42 -47.72 -35.61 -4.14
C ALA M 42 -46.24 -35.78 -4.48
N PRO M 43 -45.74 -34.84 -5.26
CA PRO M 43 -44.41 -34.77 -5.77
C PRO M 43 -43.25 -34.83 -4.82
N ALA M 44 -43.34 -34.51 -3.53
CA ALA M 44 -42.11 -34.40 -2.75
C ALA M 44 -41.88 -35.47 -1.70
N SER M 45 -40.72 -36.14 -1.83
CA SER M 45 -40.36 -37.19 -0.87
C SER M 45 -39.33 -36.76 0.14
N ARG M 46 -39.40 -37.20 1.41
CA ARG M 46 -38.38 -36.76 2.35
C ARG M 46 -37.85 -37.84 3.29
N ILE M 47 -36.65 -38.34 3.13
CA ILE M 47 -36.14 -39.30 4.14
C ILE M 47 -35.62 -38.56 5.36
N GLY M 48 -35.31 -39.30 6.43
CA GLY M 48 -34.77 -38.66 7.63
C GLY M 48 -34.30 -39.71 8.64
N LEU M 49 -32.98 -39.90 8.72
CA LEU M 49 -32.53 -40.89 9.70
C LEU M 49 -32.39 -40.29 11.09
N PHE M 50 -33.25 -40.70 12.03
CA PHE M 50 -33.18 -40.20 13.39
C PHE M 50 -32.25 -41.06 14.28
N ILE M 51 -31.05 -40.57 14.58
CA ILE M 51 -30.20 -41.34 15.50
C ILE M 51 -30.46 -40.86 16.92
N LYS M 52 -30.43 -41.78 17.88
CA LYS M 52 -30.70 -41.49 19.27
C LYS M 52 -29.67 -40.70 20.04
N ALA M 53 -28.79 -39.92 19.42
CA ALA M 53 -27.89 -39.07 20.18
C ALA M 53 -28.42 -37.67 20.43
N GLY M 54 -28.69 -37.34 21.68
CA GLY M 54 -29.09 -35.98 22.04
C GLY M 54 -27.92 -35.31 22.74
N SER M 55 -28.18 -34.13 23.29
CA SER M 55 -27.11 -33.45 24.03
C SER M 55 -26.81 -34.21 25.31
N ARG M 56 -27.86 -34.85 25.82
CA ARG M 56 -27.74 -35.58 27.09
C ARG M 56 -26.66 -36.65 27.04
N TYR M 57 -26.17 -37.03 25.87
CA TYR M 57 -25.13 -38.03 25.79
C TYR M 57 -23.74 -37.49 25.86
N GLU M 58 -23.49 -36.30 26.44
CA GLU M 58 -22.04 -35.98 26.56
C GLU M 58 -21.64 -35.82 28.00
N ASN M 59 -20.35 -35.98 28.31
CA ASN M 59 -19.92 -35.77 29.67
C ASN M 59 -19.25 -34.41 29.84
N SER M 60 -18.69 -34.22 31.03
CA SER M 60 -18.02 -32.97 31.33
C SER M 60 -16.90 -32.82 30.30
N ASN M 61 -16.25 -33.96 30.03
CA ASN M 61 -15.18 -33.93 29.05
C ASN M 61 -15.68 -33.93 27.60
N ASN M 62 -16.95 -34.21 27.30
CA ASN M 62 -17.41 -34.36 25.91
C ASN M 62 -18.44 -33.32 25.52
N LEU M 63 -18.85 -32.47 26.46
CA LEU M 63 -19.82 -31.42 26.12
C LEU M 63 -19.41 -30.67 24.87
N GLY M 64 -20.44 -30.29 24.09
CA GLY M 64 -20.30 -29.46 22.90
C GLY M 64 -20.06 -30.25 21.63
N THR M 65 -19.97 -31.57 21.77
CA THR M 65 -19.61 -32.41 20.63
C THR M 65 -20.77 -32.65 19.70
N SER M 66 -21.97 -32.84 20.26
CA SER M 66 -23.09 -33.03 19.32
C SER M 66 -23.17 -31.73 18.51
N HIS M 67 -23.14 -30.58 19.20
CA HIS M 67 -23.27 -29.29 18.54
C HIS M 67 -22.41 -29.25 17.29
N LEU M 68 -21.14 -29.57 17.48
CA LEU M 68 -20.22 -29.45 16.36
C LEU M 68 -20.61 -30.48 15.31
N LEU M 69 -20.82 -31.71 15.78
CA LEU M 69 -21.35 -32.76 14.90
C LEU M 69 -22.50 -32.33 13.98
N ARG M 70 -23.38 -31.46 14.56
CA ARG M 70 -24.61 -31.01 13.94
C ARG M 70 -24.21 -30.07 12.82
N LEU M 71 -23.18 -29.27 13.10
CA LEU M 71 -22.72 -28.26 12.16
C LEU M 71 -21.75 -28.84 11.14
N ALA M 72 -21.31 -30.08 11.29
CA ALA M 72 -20.28 -30.61 10.43
C ALA M 72 -20.80 -31.61 9.41
N SER M 73 -22.04 -31.43 8.98
CA SER M 73 -22.75 -32.37 8.13
C SER M 73 -22.30 -32.42 6.68
N SER M 74 -21.56 -31.41 6.24
CA SER M 74 -21.26 -31.24 4.83
C SER M 74 -19.76 -31.44 4.59
N LEU M 75 -19.06 -32.00 5.58
CA LEU M 75 -17.63 -32.26 5.51
C LEU M 75 -17.38 -33.47 4.64
N THR M 76 -16.13 -33.64 4.25
CA THR M 76 -15.83 -34.85 3.45
C THR M 76 -16.16 -36.09 4.27
N THR M 77 -16.61 -37.09 3.53
CA THR M 77 -16.85 -38.41 4.14
C THR M 77 -16.27 -39.46 3.21
N LYS M 78 -16.33 -40.72 3.54
CA LYS M 78 -15.66 -41.78 2.81
C LYS M 78 -16.00 -41.90 1.34
N GLY M 79 -17.24 -41.66 0.96
CA GLY M 79 -17.63 -41.80 -0.44
C GLY M 79 -17.98 -40.48 -1.11
N ALA M 80 -18.04 -39.40 -0.34
CA ALA M 80 -18.37 -38.13 -0.96
C ALA M 80 -17.73 -36.92 -0.31
N SER M 81 -16.97 -36.19 -1.13
CA SER M 81 -16.19 -35.03 -0.70
C SER M 81 -17.11 -33.83 -0.44
N SER M 82 -16.80 -33.07 0.59
CA SER M 82 -17.60 -31.92 0.99
C SER M 82 -18.13 -31.17 -0.21
N PHE M 83 -17.32 -31.06 -1.25
CA PHE M 83 -17.72 -30.38 -2.45
C PHE M 83 -18.81 -31.13 -3.20
N LYS M 84 -18.59 -32.43 -3.43
CA LYS M 84 -19.61 -33.17 -4.16
C LYS M 84 -20.95 -33.09 -3.33
N ILE M 85 -20.89 -33.48 -2.04
CA ILE M 85 -22.05 -33.45 -1.17
C ILE M 85 -22.88 -32.19 -1.48
N THR M 86 -22.31 -31.03 -1.19
CA THR M 86 -23.01 -29.76 -1.28
C THR M 86 -23.45 -29.55 -2.71
N ARG M 87 -22.53 -29.53 -3.66
CA ARG M 87 -22.85 -29.25 -5.04
C ARG M 87 -23.86 -30.27 -5.54
N GLY M 88 -23.79 -31.46 -5.01
CA GLY M 88 -24.65 -32.56 -5.49
C GLY M 88 -26.09 -32.21 -5.11
N ILE M 89 -26.33 -32.02 -3.82
CA ILE M 89 -27.71 -31.71 -3.42
C ILE M 89 -28.14 -30.48 -4.16
N GLU M 90 -27.26 -29.49 -4.32
CA GLU M 90 -27.70 -28.27 -5.02
C GLU M 90 -28.17 -28.66 -6.40
N ALA M 91 -27.38 -29.45 -7.10
CA ALA M 91 -27.66 -29.92 -8.45
C ALA M 91 -29.15 -30.14 -8.68
N VAL M 92 -29.78 -30.78 -7.71
CA VAL M 92 -31.15 -31.27 -7.76
C VAL M 92 -32.07 -30.46 -6.92
N GLY M 93 -31.57 -29.47 -6.16
CA GLY M 93 -32.49 -28.63 -5.43
C GLY M 93 -32.90 -29.21 -4.08
N GLY M 94 -32.15 -30.15 -3.56
CA GLY M 94 -32.39 -30.83 -2.30
C GLY M 94 -32.02 -30.03 -1.06
N LYS M 95 -32.57 -30.38 0.10
CA LYS M 95 -32.22 -29.79 1.38
C LYS M 95 -31.80 -30.91 2.35
N LEU M 96 -30.78 -30.61 3.14
CA LEU M 96 -30.27 -31.50 4.15
C LEU M 96 -30.28 -30.82 5.52
N SER M 97 -31.22 -31.25 6.35
CA SER M 97 -31.32 -30.58 7.64
C SER M 97 -30.83 -31.55 8.70
N VAL M 98 -30.15 -31.06 9.72
CA VAL M 98 -29.61 -31.94 10.77
C VAL M 98 -30.07 -31.37 12.10
N THR M 99 -31.23 -31.87 12.55
CA THR M 99 -31.88 -31.33 13.73
C THR M 99 -31.64 -32.15 14.98
N SER M 100 -31.42 -31.50 16.10
CA SER M 100 -31.24 -32.21 17.35
C SER M 100 -31.99 -31.56 18.49
N THR M 101 -32.18 -32.38 19.53
CA THR M 101 -32.82 -32.00 20.78
C THR M 101 -32.02 -32.55 21.95
N ARG M 102 -32.52 -32.45 23.18
CA ARG M 102 -31.70 -33.00 24.25
C ARG M 102 -31.63 -34.52 24.13
N GLU M 103 -32.63 -35.15 23.50
CA GLU M 103 -32.71 -36.60 23.50
C GLU M 103 -32.36 -37.22 22.15
N ASN M 104 -32.73 -36.54 21.08
CA ASN M 104 -32.53 -37.11 19.75
C ASN M 104 -31.87 -36.22 18.71
N MET M 105 -31.56 -36.81 17.54
CA MET M 105 -30.87 -36.09 16.49
C MET M 105 -31.37 -36.48 15.09
N ALA M 106 -32.40 -35.79 14.64
CA ALA M 106 -32.99 -36.07 13.33
C ALA M 106 -32.16 -35.50 12.18
N TYR M 107 -31.76 -36.40 11.27
CA TYR M 107 -31.03 -36.00 10.09
C TYR M 107 -31.90 -35.97 8.83
N THR M 108 -32.76 -35.00 8.62
CA THR M 108 -33.67 -34.82 7.51
C THR M 108 -33.08 -34.70 6.11
N VAL M 109 -33.83 -35.06 5.06
CA VAL M 109 -33.29 -35.04 3.70
C VAL M 109 -34.38 -34.91 2.65
N GLU M 110 -34.71 -33.70 2.21
CA GLU M 110 -35.76 -33.46 1.22
C GLU M 110 -35.24 -33.40 -0.21
N CYS M 111 -36.10 -33.70 -1.18
CA CYS M 111 -35.75 -33.64 -2.59
C CYS M 111 -36.89 -34.11 -3.47
N LEU M 112 -36.66 -34.13 -4.78
CA LEU M 112 -37.71 -34.49 -5.72
C LEU M 112 -37.85 -35.98 -5.92
N ARG M 113 -39.08 -36.42 -6.23
CA ARG M 113 -39.35 -37.85 -6.26
C ARG M 113 -38.22 -38.62 -6.93
N ASP M 114 -37.89 -38.18 -8.13
CA ASP M 114 -36.87 -38.80 -8.96
C ASP M 114 -35.48 -38.83 -8.38
N ASP M 115 -35.17 -38.04 -7.37
CA ASP M 115 -33.77 -37.84 -7.02
C ASP M 115 -33.44 -38.43 -5.67
N VAL M 116 -34.39 -39.13 -5.07
CA VAL M 116 -34.16 -39.72 -3.74
C VAL M 116 -32.85 -40.50 -3.70
N ASP M 117 -32.61 -41.26 -4.76
CA ASP M 117 -31.48 -42.17 -4.79
C ASP M 117 -30.15 -41.45 -4.72
N ILE M 118 -30.06 -40.34 -5.43
CA ILE M 118 -28.82 -39.55 -5.42
C ILE M 118 -28.64 -38.93 -4.03
N LEU M 119 -29.79 -38.63 -3.47
CA LEU M 119 -29.84 -37.98 -2.18
C LEU M 119 -29.57 -38.95 -1.05
N MET M 120 -30.22 -40.11 -1.17
CA MET M 120 -30.04 -41.08 -0.10
C MET M 120 -28.58 -41.45 0.15
N GLU M 121 -27.85 -41.74 -0.92
CA GLU M 121 -26.44 -42.06 -0.92
C GLU M 121 -25.64 -40.95 -0.26
N PHE M 122 -26.23 -39.74 -0.24
CA PHE M 122 -25.63 -38.63 0.47
C PHE M 122 -25.87 -38.73 1.96
N LEU M 123 -27.13 -38.92 2.32
CA LEU M 123 -27.45 -39.12 3.70
C LEU M 123 -26.64 -40.27 4.32
N LEU M 124 -26.40 -41.33 3.57
CA LEU M 124 -25.66 -42.46 4.08
C LEU M 124 -24.19 -42.20 4.31
N ASN M 125 -23.57 -41.44 3.42
CA ASN M 125 -22.16 -41.07 3.62
C ASN M 125 -22.00 -40.16 4.84
N VAL M 126 -22.82 -39.12 4.88
CA VAL M 126 -22.77 -38.13 5.94
C VAL M 126 -22.84 -38.78 7.32
N THR M 127 -23.63 -39.87 7.37
CA THR M 127 -23.98 -40.41 8.66
C THR M 127 -23.21 -41.64 9.08
N THR M 128 -22.86 -42.49 8.12
CA THR M 128 -22.09 -43.71 8.36
C THR M 128 -20.64 -43.64 7.92
N ALA M 129 -20.31 -42.62 7.11
CA ALA M 129 -18.94 -42.51 6.63
C ALA M 129 -18.24 -41.21 6.84
N PRO M 130 -18.66 -40.42 7.81
CA PRO M 130 -17.95 -39.18 8.14
C PRO M 130 -16.47 -39.44 8.30
N GLU M 131 -15.67 -38.50 7.84
CA GLU M 131 -14.20 -38.52 7.91
C GLU M 131 -13.74 -37.20 8.54
N PHE M 132 -13.79 -37.04 9.84
CA PHE M 132 -13.47 -35.67 10.33
C PHE M 132 -12.01 -35.37 10.17
N ARG M 133 -11.62 -34.58 9.17
CA ARG M 133 -10.20 -34.28 8.95
C ARG M 133 -9.68 -33.10 9.74
N ARG M 134 -8.59 -33.29 10.45
CA ARG M 134 -8.05 -32.26 11.34
C ARG M 134 -8.27 -30.88 10.73
N TRP M 135 -7.85 -30.73 9.46
CA TRP M 135 -7.97 -29.44 8.80
C TRP M 135 -9.41 -29.00 8.61
N GLU M 136 -10.30 -29.85 8.12
CA GLU M 136 -11.71 -29.51 7.95
C GLU M 136 -12.43 -29.20 9.24
N VAL M 137 -12.28 -30.11 10.22
CA VAL M 137 -12.94 -29.87 11.50
C VAL M 137 -12.47 -28.56 12.08
N ALA M 138 -11.15 -28.36 12.13
CA ALA M 138 -10.59 -27.08 12.50
C ALA M 138 -11.18 -25.84 11.85
N ALA M 139 -11.45 -25.78 10.55
CA ALA M 139 -11.95 -24.53 9.97
C ALA M 139 -13.41 -24.35 10.49
N LEU M 140 -14.10 -25.48 10.78
CA LEU M 140 -15.47 -25.33 11.27
C LEU M 140 -15.48 -24.54 12.58
N GLN M 141 -14.87 -25.18 13.57
CA GLN M 141 -14.73 -24.58 14.88
C GLN M 141 -15.37 -23.21 14.98
N PRO M 142 -14.82 -22.09 14.54
CA PRO M 142 -15.38 -20.78 14.51
C PRO M 142 -16.85 -20.68 14.18
N GLN M 143 -17.40 -21.51 13.31
CA GLN M 143 -18.84 -21.62 13.09
C GLN M 143 -19.68 -21.81 14.34
N LEU M 144 -19.18 -22.57 15.31
CA LEU M 144 -19.88 -22.82 16.55
C LEU M 144 -20.27 -21.53 17.26
N ARG M 145 -19.31 -20.59 17.33
CA ARG M 145 -19.50 -19.29 17.96
C ARG M 145 -20.60 -18.55 17.18
N ILE M 146 -20.40 -18.62 15.86
CA ILE M 146 -21.39 -17.86 15.04
C ILE M 146 -22.81 -18.36 15.20
N ASP M 147 -22.96 -19.67 15.22
CA ASP M 147 -24.20 -20.32 15.50
C ASP M 147 -24.75 -20.09 16.91
N LYS M 148 -23.87 -20.17 17.91
CA LYS M 148 -24.30 -19.93 19.28
C LYS M 148 -24.79 -18.51 19.44
N ALA M 149 -24.12 -17.59 18.77
CA ALA M 149 -24.41 -16.18 18.93
C ALA M 149 -25.79 -15.86 18.35
N VAL M 150 -26.21 -16.70 17.41
CA VAL M 150 -27.37 -16.22 16.64
C VAL M 150 -28.57 -16.83 17.30
N ALA M 151 -28.36 -17.98 17.92
CA ALA M 151 -29.44 -18.58 18.70
C ALA M 151 -29.55 -18.00 20.10
N LEU M 152 -28.53 -17.38 20.66
CA LEU M 152 -28.59 -16.73 21.96
C LEU M 152 -29.17 -15.33 21.86
N GLN M 153 -29.77 -15.00 20.73
CA GLN M 153 -30.39 -13.70 20.52
C GLN M 153 -31.82 -13.70 21.06
N ASN M 154 -32.37 -14.91 21.15
CA ASN M 154 -33.70 -15.03 21.78
C ASN M 154 -33.61 -15.39 23.25
N PRO M 155 -33.97 -14.48 24.14
CA PRO M 155 -33.89 -14.75 25.57
C PRO M 155 -34.33 -16.19 25.75
N GLN M 156 -35.48 -16.57 25.18
CA GLN M 156 -35.93 -17.95 25.32
C GLN M 156 -34.77 -18.89 25.26
N ALA M 157 -33.89 -18.89 24.24
CA ALA M 157 -32.85 -19.89 24.32
C ALA M 157 -31.96 -19.84 25.51
N HIS M 158 -31.34 -18.75 25.95
CA HIS M 158 -30.45 -18.85 27.10
C HIS M 158 -31.18 -19.18 28.37
N VAL M 159 -32.42 -18.73 28.53
CA VAL M 159 -33.14 -19.03 29.78
C VAL M 159 -33.47 -20.52 29.82
N ILE M 160 -34.12 -20.94 28.75
CA ILE M 160 -34.58 -22.30 28.57
C ILE M 160 -33.44 -23.28 28.73
N GLU M 161 -32.27 -22.88 28.31
CA GLU M 161 -31.03 -23.64 28.50
C GLU M 161 -30.63 -23.60 29.97
N ASN M 162 -30.45 -22.42 30.54
CA ASN M 162 -30.21 -22.21 31.97
C ASN M 162 -31.16 -23.07 32.75
N LEU M 163 -32.45 -23.07 32.45
CA LEU M 163 -33.41 -23.94 33.12
C LEU M 163 -32.88 -25.38 33.15
N HIS M 164 -32.77 -26.06 32.01
CA HIS M 164 -32.29 -27.42 31.99
C HIS M 164 -31.02 -27.69 32.76
N ALA M 165 -30.04 -26.79 32.82
CA ALA M 165 -28.84 -27.12 33.61
C ALA M 165 -29.11 -26.86 35.08
N ALA M 166 -30.10 -26.04 35.42
CA ALA M 166 -30.33 -25.87 36.84
C ALA M 166 -31.09 -27.11 37.30
N ALA M 167 -32.14 -27.43 36.56
CA ALA M 167 -33.06 -28.47 37.02
C ALA M 167 -32.40 -29.82 36.95
N TYR M 168 -31.51 -30.01 35.99
CA TYR M 168 -30.85 -31.32 36.11
C TYR M 168 -29.48 -31.17 36.72
N ARG M 169 -28.83 -32.33 36.90
CA ARG M 169 -27.51 -32.31 37.51
C ARG M 169 -26.55 -32.81 36.44
N ASN M 170 -26.95 -33.93 35.85
CA ASN M 170 -25.99 -34.68 35.05
C ASN M 170 -26.26 -34.72 33.58
N ALA M 171 -27.35 -35.32 33.14
CA ALA M 171 -27.53 -35.66 31.74
C ALA M 171 -28.31 -34.67 30.90
N LEU M 172 -29.61 -34.49 31.17
CA LEU M 172 -30.37 -33.54 30.37
C LEU M 172 -29.97 -32.11 30.72
N ALA M 173 -29.12 -31.89 31.72
CA ALA M 173 -28.73 -30.53 32.13
C ALA M 173 -27.73 -29.99 31.12
N ASN M 174 -27.30 -30.90 30.26
CA ASN M 174 -26.38 -30.46 29.19
C ASN M 174 -27.21 -29.72 28.15
N SER M 175 -26.61 -28.61 27.73
CA SER M 175 -27.20 -27.71 26.76
C SER M 175 -26.85 -28.15 25.35
N LEU M 176 -27.66 -27.69 24.41
CA LEU M 176 -27.52 -27.93 22.99
C LEU M 176 -26.39 -27.16 22.33
N TYR M 177 -26.08 -25.99 22.89
CA TYR M 177 -24.95 -25.27 22.31
C TYR M 177 -23.71 -25.50 23.15
N CYS M 178 -22.62 -25.59 22.45
CA CYS M 178 -21.28 -25.78 22.96
C CYS M 178 -20.98 -24.60 23.90
N PRO M 179 -20.33 -24.92 24.97
CA PRO M 179 -19.94 -24.04 26.03
C PRO M 179 -18.84 -23.17 25.44
N ASP M 180 -18.91 -21.87 25.74
CA ASP M 180 -17.89 -20.96 25.25
C ASP M 180 -16.48 -21.47 25.35
N TYR M 181 -16.03 -22.01 26.47
CA TYR M 181 -14.67 -22.49 26.65
C TYR M 181 -14.27 -23.69 25.83
N ARG M 182 -15.21 -24.26 25.09
CA ARG M 182 -14.90 -25.59 24.50
C ARG M 182 -14.63 -25.46 23.03
N ILE M 183 -15.35 -24.58 22.39
CA ILE M 183 -15.35 -24.24 20.99
C ILE M 183 -14.24 -24.78 20.10
N GLY M 184 -13.06 -24.20 20.24
CA GLY M 184 -11.93 -24.63 19.44
C GLY M 184 -11.36 -25.98 19.88
N LYS M 185 -11.62 -26.35 21.11
CA LYS M 185 -11.19 -27.58 21.75
C LYS M 185 -11.97 -28.79 21.32
N VAL M 186 -12.88 -28.70 20.34
CA VAL M 186 -13.61 -29.88 19.95
C VAL M 186 -12.77 -30.78 19.06
N THR M 187 -12.13 -31.86 19.50
CA THR M 187 -11.24 -32.59 18.60
C THR M 187 -11.82 -33.70 17.77
N PRO M 188 -11.34 -33.88 16.55
CA PRO M 188 -11.69 -34.94 15.63
C PRO M 188 -11.82 -36.32 16.20
N VAL M 189 -11.03 -36.86 17.07
CA VAL M 189 -11.35 -38.11 17.71
C VAL M 189 -12.64 -37.97 18.51
N GLU M 190 -12.99 -36.81 19.03
CA GLU M 190 -14.23 -36.64 19.76
C GLU M 190 -15.41 -36.95 18.84
N LEU M 191 -15.31 -36.42 17.60
CA LEU M 191 -16.45 -36.47 16.68
C LEU M 191 -16.67 -37.91 16.23
N HIS M 192 -15.52 -38.49 15.93
CA HIS M 192 -15.40 -39.88 15.52
C HIS M 192 -15.94 -40.82 16.60
N ASP M 193 -15.57 -40.55 17.84
CA ASP M 193 -16.06 -41.36 18.95
C ASP M 193 -17.58 -41.20 19.09
N TYR M 194 -18.06 -39.97 19.16
CA TYR M 194 -19.48 -39.72 19.33
C TYR M 194 -20.23 -40.45 18.24
N VAL M 195 -19.79 -40.30 16.98
CA VAL M 195 -20.57 -40.99 15.94
C VAL M 195 -20.57 -42.48 16.27
N GLN M 196 -19.38 -43.01 16.54
CA GLN M 196 -19.22 -44.46 16.67
C GLN M 196 -20.10 -45.07 17.73
N ASN M 197 -20.08 -44.53 18.93
CA ASN M 197 -20.92 -45.00 20.01
C ASN M 197 -22.40 -44.75 19.78
N HIS M 198 -22.83 -43.58 19.36
CA HIS M 198 -24.23 -43.20 19.34
C HIS M 198 -24.87 -43.38 17.99
N PHE M 199 -24.18 -43.08 16.91
CA PHE M 199 -24.80 -43.26 15.59
C PHE M 199 -24.81 -44.73 15.16
N THR M 200 -25.53 -45.58 15.90
CA THR M 200 -25.57 -47.00 15.70
C THR M 200 -26.91 -47.60 15.30
N SER M 201 -26.94 -48.89 14.97
CA SER M 201 -28.18 -49.56 14.62
C SER M 201 -29.30 -49.54 15.66
N ALA M 202 -29.10 -50.01 16.88
CA ALA M 202 -30.17 -50.01 17.87
C ALA M 202 -30.79 -48.66 18.11
N ARG M 203 -30.11 -47.57 17.82
CA ARG M 203 -30.61 -46.25 18.18
C ARG M 203 -31.24 -45.54 17.00
N MET M 204 -31.23 -46.22 15.85
CA MET M 204 -31.74 -45.63 14.63
C MET M 204 -33.12 -46.01 14.12
N ALA M 205 -33.72 -45.04 13.42
CA ALA M 205 -35.05 -45.19 12.86
C ALA M 205 -35.16 -44.43 11.54
N LEU M 206 -35.16 -45.17 10.45
CA LEU M 206 -35.35 -44.56 9.13
C LEU M 206 -36.82 -44.14 9.04
N ILE M 207 -37.12 -43.17 8.20
CA ILE M 207 -38.49 -42.70 8.02
C ILE M 207 -38.62 -42.06 6.62
N GLY M 208 -39.50 -42.58 5.77
CA GLY M 208 -39.70 -42.03 4.43
C GLY M 208 -41.08 -41.44 4.24
N LEU M 209 -41.23 -40.31 3.54
CA LEU M 209 -42.55 -39.75 3.36
C LEU M 209 -43.04 -39.95 1.93
N GLY M 210 -42.12 -40.42 1.08
CA GLY M 210 -42.53 -40.72 -0.29
C GLY M 210 -41.69 -41.81 -0.94
N VAL M 211 -41.24 -42.75 -0.10
CA VAL M 211 -40.43 -43.85 -0.62
C VAL M 211 -41.08 -45.21 -0.42
N SER M 212 -40.73 -46.13 -1.30
CA SER M 212 -41.08 -47.52 -1.18
C SER M 212 -40.45 -48.19 0.05
N HIS M 213 -41.29 -48.83 0.86
CA HIS M 213 -40.76 -49.54 2.01
C HIS M 213 -39.88 -50.71 1.63
N PRO M 214 -40.31 -51.50 0.65
CA PRO M 214 -39.55 -52.63 0.14
C PRO M 214 -38.16 -52.17 -0.25
N VAL M 215 -38.07 -51.10 -1.04
CA VAL M 215 -36.76 -50.61 -1.44
C VAL M 215 -36.07 -49.91 -0.28
N LEU M 216 -36.88 -49.32 0.61
CA LEU M 216 -36.26 -48.66 1.78
C LEU M 216 -35.49 -49.68 2.62
N LYS M 217 -36.20 -50.72 3.01
CA LYS M 217 -35.62 -51.81 3.78
C LYS M 217 -34.31 -52.29 3.19
N GLN M 218 -34.35 -52.84 1.99
CA GLN M 218 -33.13 -53.26 1.31
C GLN M 218 -31.99 -52.33 1.68
N VAL M 219 -32.11 -51.04 1.32
CA VAL M 219 -31.08 -50.05 1.64
C VAL M 219 -30.73 -50.04 3.10
N ALA M 220 -31.74 -49.94 3.96
CA ALA M 220 -31.54 -49.95 5.40
C ALA M 220 -30.64 -51.12 5.80
N GLU M 221 -30.98 -52.29 5.29
CA GLU M 221 -30.29 -53.53 5.56
C GLU M 221 -28.82 -53.55 5.12
N GLN M 222 -28.57 -52.89 4.01
CA GLN M 222 -27.27 -52.81 3.38
C GLN M 222 -26.33 -51.79 4.02
N PHE M 223 -26.88 -50.70 4.55
CA PHE M 223 -26.08 -49.61 5.06
C PHE M 223 -26.26 -49.26 6.52
N LEU M 224 -27.26 -49.78 7.23
CA LEU M 224 -27.43 -49.32 8.61
C LEU M 224 -27.14 -50.40 9.62
N ASN M 225 -26.20 -51.30 9.38
CA ASN M 225 -25.95 -52.35 10.37
C ASN M 225 -24.65 -52.17 11.13
N ILE M 226 -24.69 -51.36 12.18
CA ILE M 226 -23.54 -51.10 13.03
C ILE M 226 -23.85 -51.35 14.50
N ARG M 227 -22.90 -51.89 15.25
CA ARG M 227 -23.12 -52.19 16.66
C ARG M 227 -22.62 -51.14 17.63
N GLY M 228 -23.35 -50.98 18.73
CA GLY M 228 -23.08 -49.97 19.75
C GLY M 228 -24.24 -49.92 20.75
N GLY M 229 -23.91 -50.30 21.98
CA GLY M 229 -24.90 -50.31 23.05
C GLY M 229 -25.15 -48.88 23.49
N LEU M 230 -26.12 -48.73 24.38
CA LEU M 230 -26.43 -47.42 24.90
C LEU M 230 -25.56 -47.10 26.11
N GLY M 231 -25.41 -45.80 26.30
CA GLY M 231 -24.75 -45.20 27.42
C GLY M 231 -23.26 -45.33 27.49
N LEU M 232 -22.57 -45.21 26.35
CA LEU M 232 -21.10 -45.17 26.42
C LEU M 232 -20.68 -43.70 26.63
N SER M 233 -21.70 -42.87 26.67
CA SER M 233 -21.63 -41.45 26.96
C SER M 233 -21.86 -41.23 28.46
N GLY M 234 -22.73 -42.06 29.02
CA GLY M 234 -23.09 -42.02 30.43
C GLY M 234 -24.57 -41.71 30.64
N ALA M 235 -25.45 -42.55 30.13
CA ALA M 235 -26.89 -42.38 30.18
C ALA M 235 -27.43 -42.54 31.61
N LYS M 236 -28.50 -41.87 31.95
CA LYS M 236 -29.11 -41.93 33.28
C LYS M 236 -29.94 -40.68 33.51
N ALA M 237 -30.97 -40.65 34.34
CA ALA M 237 -31.61 -39.35 34.56
C ALA M 237 -31.59 -38.97 36.02
N LYS M 238 -31.95 -37.72 36.28
CA LYS M 238 -31.97 -37.24 37.67
C LYS M 238 -32.49 -35.82 37.71
N TYR M 239 -33.34 -35.49 38.67
CA TYR M 239 -33.80 -34.11 38.76
C TYR M 239 -33.28 -33.48 40.05
N HIS M 240 -32.89 -32.23 39.95
CA HIS M 240 -32.36 -31.49 41.09
C HIS M 240 -32.87 -30.06 40.99
N GLY M 241 -33.59 -29.64 42.03
CA GLY M 241 -34.08 -28.26 42.01
C GLY M 241 -32.86 -27.33 42.10
N GLY M 242 -32.96 -26.22 41.39
CA GLY M 242 -31.87 -25.25 41.37
C GLY M 242 -32.30 -24.00 40.61
N GLU M 243 -31.55 -22.92 40.82
CA GLU M 243 -31.91 -21.65 40.20
C GLU M 243 -30.71 -21.06 39.48
N ILE M 244 -30.89 -20.66 38.23
CA ILE M 244 -29.78 -20.03 37.50
C ILE M 244 -30.24 -18.61 37.18
N ARG M 245 -29.58 -17.59 37.68
CA ARG M 245 -30.03 -16.22 37.41
C ARG M 245 -29.02 -15.37 36.65
N GLU M 246 -29.46 -14.83 35.51
CA GLU M 246 -28.56 -14.06 34.64
C GLU M 246 -28.82 -12.59 34.53
N GLN M 247 -28.13 -11.72 35.26
CA GLN M 247 -28.44 -10.30 35.23
C GLN M 247 -28.09 -9.64 33.91
N ASN M 248 -28.95 -8.71 33.46
CA ASN M 248 -28.83 -7.97 32.22
C ASN M 248 -29.00 -6.46 32.41
N GLY M 249 -29.22 -5.75 31.30
CA GLY M 249 -29.49 -4.32 31.32
C GLY M 249 -30.82 -4.01 30.65
N ASP M 250 -31.41 -5.06 30.08
CA ASP M 250 -32.68 -5.03 29.38
C ASP M 250 -33.87 -4.79 30.31
N SER M 251 -34.74 -3.92 29.82
CA SER M 251 -35.98 -3.57 30.50
C SER M 251 -36.69 -4.85 30.92
N LEU M 252 -36.89 -5.71 29.93
CA LEU M 252 -37.71 -6.89 30.14
C LEU M 252 -36.95 -7.97 30.90
N VAL M 253 -37.61 -8.88 31.61
CA VAL M 253 -37.00 -9.96 32.34
C VAL M 253 -37.78 -11.23 31.96
N HIS M 254 -37.06 -12.32 31.70
CA HIS M 254 -37.74 -13.59 31.46
C HIS M 254 -37.32 -14.56 32.59
N ALA M 255 -38.25 -15.35 33.05
CA ALA M 255 -37.94 -16.36 34.06
C ALA M 255 -38.87 -17.56 33.84
N ALA M 256 -38.35 -18.72 34.20
CA ALA M 256 -39.06 -19.98 34.08
C ALA M 256 -39.18 -20.68 35.42
N LEU M 257 -40.36 -21.18 35.80
CA LEU M 257 -40.54 -21.87 37.07
C LEU M 257 -41.08 -23.27 36.77
N VAL M 258 -40.30 -24.29 37.11
CA VAL M 258 -40.66 -25.62 36.66
C VAL M 258 -40.31 -26.79 37.56
N ALA M 259 -41.29 -27.69 37.71
CA ALA M 259 -41.10 -28.84 38.56
C ALA M 259 -41.16 -30.11 37.73
N GLU M 260 -40.51 -31.14 38.23
CA GLU M 260 -40.44 -32.41 37.55
C GLU M 260 -41.77 -32.82 36.94
N SER M 261 -41.87 -32.70 35.63
CA SER M 261 -43.09 -33.15 34.94
C SER M 261 -43.19 -34.67 35.00
N ALA M 262 -44.23 -35.20 34.36
CA ALA M 262 -44.25 -36.65 34.29
C ALA M 262 -43.49 -37.01 33.01
N ALA M 263 -43.05 -38.25 32.97
CA ALA M 263 -42.27 -38.74 31.85
C ALA M 263 -43.06 -38.93 30.57
N ILE M 264 -42.28 -39.14 29.54
CA ILE M 264 -42.68 -39.28 28.17
C ILE M 264 -43.57 -40.47 27.87
N GLY M 265 -44.65 -40.22 27.15
CA GLY M 265 -45.60 -41.23 26.74
C GLY M 265 -46.26 -42.01 27.85
N SER M 266 -46.33 -41.48 29.05
CA SER M 266 -47.00 -42.11 30.19
C SER M 266 -48.28 -41.34 30.54
N ALA M 267 -49.17 -41.96 31.30
CA ALA M 267 -50.40 -41.28 31.67
C ALA M 267 -50.11 -39.98 32.38
N GLU M 268 -49.48 -39.99 33.55
CA GLU M 268 -49.17 -38.75 34.27
C GLU M 268 -48.80 -37.63 33.29
N ALA M 269 -47.81 -37.93 32.44
CA ALA M 269 -47.35 -36.97 31.43
C ALA M 269 -48.56 -36.32 30.75
N ASN M 270 -49.16 -37.11 29.87
CA ASN M 270 -50.41 -36.79 29.22
C ASN M 270 -51.30 -35.90 30.06
N ALA M 271 -51.57 -36.31 31.31
CA ALA M 271 -52.36 -35.46 32.20
C ALA M 271 -51.70 -34.08 32.17
N PHE M 272 -50.40 -34.02 32.52
CA PHE M 272 -49.72 -32.73 32.53
C PHE M 272 -50.08 -31.90 31.31
N SER M 273 -49.85 -32.47 30.15
CA SER M 273 -50.16 -31.81 28.89
C SER M 273 -51.56 -31.18 28.89
N VAL M 274 -52.55 -31.95 29.36
CA VAL M 274 -53.89 -31.37 29.36
C VAL M 274 -53.95 -30.20 30.32
N LEU M 275 -53.30 -30.42 31.50
CA LEU M 275 -53.34 -29.35 32.48
C LEU M 275 -52.67 -28.12 31.82
N GLN M 276 -51.51 -28.43 31.24
CA GLN M 276 -50.74 -27.36 30.63
C GLN M 276 -51.64 -26.40 29.86
N HIS M 277 -52.41 -26.98 28.95
CA HIS M 277 -53.35 -26.24 28.15
C HIS M 277 -54.44 -25.51 28.89
N VAL M 278 -54.79 -25.89 30.12
CA VAL M 278 -55.87 -25.15 30.79
C VAL M 278 -55.37 -23.75 31.16
N LEU M 279 -54.07 -23.67 31.37
CA LEU M 279 -53.39 -22.43 31.68
C LEU M 279 -52.59 -21.91 30.47
N GLY M 280 -52.14 -22.86 29.66
CA GLY M 280 -51.29 -22.65 28.52
C GLY M 280 -51.70 -21.49 27.64
N ALA M 281 -50.82 -20.49 27.49
CA ALA M 281 -51.17 -19.30 26.73
C ALA M 281 -50.38 -19.10 25.44
N GLY M 282 -50.59 -19.96 24.45
CA GLY M 282 -50.04 -19.74 23.12
C GLY M 282 -51.19 -19.22 22.26
N PRO M 283 -51.26 -17.91 22.11
CA PRO M 283 -52.29 -17.21 21.36
C PRO M 283 -52.73 -18.04 20.18
N HIS M 284 -54.03 -18.17 19.98
CA HIS M 284 -54.58 -18.78 18.76
C HIS M 284 -55.13 -17.70 17.82
N VAL M 285 -54.98 -16.44 18.19
CA VAL M 285 -55.48 -15.32 17.42
C VAL M 285 -54.55 -14.14 17.26
N LYS M 286 -54.32 -13.73 16.01
CA LYS M 286 -53.43 -12.61 15.78
C LYS M 286 -53.97 -11.33 16.42
N ARG M 287 -53.18 -10.71 17.28
CA ARG M 287 -53.48 -9.41 17.86
C ARG M 287 -54.58 -9.58 18.91
N GLY M 288 -54.88 -10.86 19.12
CA GLY M 288 -55.93 -11.30 20.01
C GLY M 288 -55.33 -11.71 21.36
N SER M 289 -56.15 -11.52 22.38
CA SER M 289 -55.82 -11.83 23.76
C SER M 289 -56.59 -13.08 24.18
N ASN M 290 -55.99 -13.86 25.06
CA ASN M 290 -56.70 -15.08 25.44
C ASN M 290 -57.76 -14.75 26.47
N ALA M 291 -58.91 -15.38 26.26
CA ALA M 291 -60.00 -15.30 27.21
C ALA M 291 -59.91 -16.59 28.02
N THR M 292 -59.50 -17.62 27.28
CA THR M 292 -59.38 -18.95 27.83
C THR M 292 -58.25 -19.09 28.85
N SER M 293 -57.10 -18.47 28.58
CA SER M 293 -55.96 -18.67 29.48
C SER M 293 -56.15 -18.10 30.86
N SER M 294 -56.22 -19.08 31.78
CA SER M 294 -56.39 -18.74 33.19
C SER M 294 -55.18 -17.93 33.63
N LEU M 295 -54.01 -18.52 33.43
CA LEU M 295 -52.77 -17.84 33.81
C LEU M 295 -52.84 -16.38 33.37
N TYR M 296 -53.05 -16.22 32.07
CA TYR M 296 -53.18 -14.87 31.53
C TYR M 296 -54.21 -14.05 32.25
N GLN M 297 -55.42 -14.55 32.48
CA GLN M 297 -56.42 -13.77 33.18
C GLN M 297 -55.93 -13.36 34.55
N ALA M 298 -55.66 -14.34 35.41
CA ALA M 298 -55.17 -14.11 36.75
C ALA M 298 -53.95 -13.19 36.75
N VAL M 299 -52.94 -13.54 35.97
CA VAL M 299 -51.76 -12.69 35.90
C VAL M 299 -52.22 -11.28 35.55
N ALA M 300 -52.84 -11.17 34.40
CA ALA M 300 -53.38 -9.92 33.89
C ALA M 300 -54.01 -9.04 34.94
N LYS M 301 -54.99 -9.55 35.67
CA LYS M 301 -55.70 -8.76 36.66
C LYS M 301 -54.74 -8.14 37.66
N GLY M 302 -53.82 -8.91 38.23
CA GLY M 302 -52.88 -8.36 39.20
C GLY M 302 -51.71 -7.67 38.53
N VAL M 303 -51.62 -7.79 37.22
CA VAL M 303 -50.48 -7.24 36.50
C VAL M 303 -50.76 -5.96 35.75
N HIS M 304 -49.69 -5.33 35.31
CA HIS M 304 -49.68 -4.11 34.53
C HIS M 304 -50.27 -4.34 33.14
N GLN M 305 -50.27 -3.28 32.35
CA GLN M 305 -50.65 -3.27 30.95
C GLN M 305 -49.76 -4.20 30.16
N PRO M 306 -48.58 -3.82 29.70
CA PRO M 306 -47.70 -4.69 28.93
C PRO M 306 -46.98 -5.78 29.71
N PHE M 307 -47.18 -7.02 29.29
CA PHE M 307 -46.61 -8.24 29.83
C PHE M 307 -47.04 -9.43 28.96
N ASP M 308 -46.39 -10.57 29.08
CA ASP M 308 -46.87 -11.77 28.40
C ASP M 308 -46.40 -13.01 29.16
N VAL M 309 -47.15 -14.10 29.17
CA VAL M 309 -46.87 -15.29 29.94
C VAL M 309 -47.48 -16.56 29.38
N SER M 310 -46.79 -17.68 29.61
CA SER M 310 -47.30 -18.95 29.08
C SER M 310 -46.79 -20.19 29.79
N ALA M 311 -47.64 -21.21 29.70
CA ALA M 311 -47.45 -22.48 30.39
C ALA M 311 -46.33 -23.25 29.69
N PHE M 312 -45.32 -23.66 30.41
CA PHE M 312 -44.24 -24.42 29.78
C PHE M 312 -44.42 -25.90 30.01
N ASN M 313 -44.19 -26.74 28.99
CA ASN M 313 -44.34 -28.17 29.21
C ASN M 313 -43.41 -29.01 28.38
N ALA M 314 -42.43 -29.65 29.01
CA ALA M 314 -41.41 -30.49 28.41
C ALA M 314 -41.47 -31.95 28.85
N SER M 315 -41.35 -32.85 27.85
CA SER M 315 -41.37 -34.26 28.30
C SER M 315 -40.30 -35.09 27.64
N TYR M 316 -39.46 -35.79 28.41
CA TYR M 316 -38.40 -36.61 27.83
C TYR M 316 -38.53 -38.04 28.33
N SER M 317 -37.71 -38.95 27.85
CA SER M 317 -37.80 -40.34 28.24
C SER M 317 -37.85 -40.61 29.74
N ASP M 318 -36.91 -40.10 30.52
CA ASP M 318 -36.70 -40.46 31.89
C ASP M 318 -37.00 -39.34 32.87
N SER M 319 -37.61 -38.27 32.40
CA SER M 319 -38.01 -37.17 33.23
C SER M 319 -38.78 -36.14 32.42
N GLY M 320 -39.39 -35.18 33.11
CA GLY M 320 -40.05 -34.11 32.40
C GLY M 320 -39.76 -32.81 33.15
N LEU M 321 -40.41 -31.76 32.65
CA LEU M 321 -40.36 -30.45 33.30
C LEU M 321 -41.68 -29.73 33.05
N PHE M 322 -42.49 -29.38 34.03
CA PHE M 322 -43.73 -28.67 33.74
C PHE M 322 -43.70 -27.45 34.67
N GLY M 323 -44.36 -26.41 34.22
CA GLY M 323 -44.41 -25.16 34.97
C GLY M 323 -44.68 -24.06 33.95
N PHE M 324 -44.38 -22.82 34.31
CA PHE M 324 -44.69 -21.75 33.36
C PHE M 324 -43.49 -20.91 32.97
N TYR M 325 -43.71 -19.93 32.10
CA TYR M 325 -42.68 -18.98 31.68
C TYR M 325 -43.23 -17.57 31.74
N THR M 326 -42.43 -16.61 32.22
CA THR M 326 -43.00 -15.26 32.31
C THR M 326 -42.05 -14.31 31.60
N ILE M 327 -42.56 -13.19 31.17
CA ILE M 327 -41.90 -12.07 30.55
C ILE M 327 -42.51 -10.80 31.15
N SER M 328 -41.87 -10.24 32.16
CA SER M 328 -42.42 -9.06 32.82
C SER M 328 -41.38 -7.95 32.73
N GLN M 329 -41.70 -6.79 33.23
CA GLN M 329 -40.69 -5.72 33.19
C GLN M 329 -40.03 -5.73 34.55
N ALA M 330 -38.97 -4.95 34.69
CA ALA M 330 -38.21 -4.89 35.93
C ALA M 330 -39.02 -5.00 37.22
N ALA M 331 -39.83 -4.01 37.56
CA ALA M 331 -40.58 -3.98 38.79
C ALA M 331 -41.71 -5.00 38.88
N SER M 332 -42.12 -5.57 37.77
CA SER M 332 -43.33 -6.39 37.75
C SER M 332 -43.01 -7.87 37.84
N ALA M 333 -41.73 -8.16 37.65
CA ALA M 333 -41.26 -9.53 37.66
C ALA M 333 -41.95 -10.34 38.75
N GLY M 334 -41.79 -9.96 40.02
CA GLY M 334 -42.38 -10.77 41.07
C GLY M 334 -43.89 -10.85 40.89
N ASP M 335 -44.54 -9.69 40.90
CA ASP M 335 -45.99 -9.66 40.86
C ASP M 335 -46.54 -10.67 39.86
N VAL M 336 -46.09 -10.63 38.63
CA VAL M 336 -46.44 -11.58 37.60
C VAL M 336 -46.06 -13.00 38.01
N ILE M 337 -44.81 -13.17 38.44
CA ILE M 337 -44.31 -14.49 38.76
C ILE M 337 -45.15 -15.20 39.81
N LYS M 338 -45.38 -14.54 40.94
CA LYS M 338 -46.25 -15.08 41.97
C LYS M 338 -47.66 -15.26 41.41
N ALA M 339 -48.27 -14.18 40.92
CA ALA M 339 -49.59 -14.24 40.29
C ALA M 339 -49.76 -15.58 39.58
N ALA M 340 -48.86 -15.86 38.64
CA ALA M 340 -48.95 -17.07 37.85
C ALA M 340 -48.94 -18.31 38.75
N TYR M 341 -48.04 -18.30 39.72
CA TYR M 341 -47.96 -19.42 40.66
C TYR M 341 -49.32 -19.57 41.35
N ASN M 342 -49.74 -18.53 42.04
CA ASN M 342 -50.99 -18.54 42.80
C ASN M 342 -52.09 -19.21 42.01
N GLN M 343 -52.33 -18.73 40.79
CA GLN M 343 -53.31 -19.34 39.91
C GLN M 343 -53.13 -20.84 39.70
N VAL M 344 -51.92 -21.33 39.49
CA VAL M 344 -51.68 -22.76 39.32
C VAL M 344 -51.86 -23.51 40.64
N LYS M 345 -51.76 -22.78 41.75
CA LYS M 345 -52.01 -23.29 43.09
C LYS M 345 -53.52 -23.53 43.18
N THR M 346 -54.29 -22.55 42.70
CA THR M 346 -55.73 -22.70 42.69
C THR M 346 -56.07 -24.07 42.13
N ILE M 347 -55.83 -24.38 40.87
CA ILE M 347 -56.06 -25.74 40.37
C ILE M 347 -55.57 -26.83 41.29
N ALA M 348 -54.48 -26.63 42.02
CA ALA M 348 -53.96 -27.63 42.95
C ALA M 348 -54.75 -27.67 44.25
N GLN M 349 -55.50 -26.62 44.52
CA GLN M 349 -56.32 -26.62 45.73
C GLN M 349 -57.60 -27.42 45.46
N GLY M 350 -57.84 -27.69 44.18
CA GLY M 350 -58.94 -28.47 43.67
C GLY M 350 -59.87 -27.70 42.73
N ASN M 351 -59.94 -26.40 42.88
CA ASN M 351 -60.79 -25.50 42.14
C ASN M 351 -60.64 -25.58 40.62
N LEU M 352 -61.33 -26.50 39.95
CA LEU M 352 -61.36 -26.58 38.52
C LEU M 352 -62.57 -27.36 37.95
N SER M 353 -63.40 -26.56 37.30
CA SER M 353 -64.67 -26.90 36.72
C SER M 353 -64.55 -27.62 35.38
N ASN M 354 -65.31 -28.67 35.17
CA ASN M 354 -65.41 -29.50 34.00
C ASN M 354 -65.37 -28.80 32.65
N PRO M 355 -66.15 -27.77 32.44
CA PRO M 355 -66.20 -26.99 31.22
C PRO M 355 -64.82 -26.62 30.69
N ASP M 356 -63.87 -26.25 31.55
CA ASP M 356 -62.54 -25.85 31.12
C ASP M 356 -61.65 -27.01 30.73
N VAL M 357 -61.86 -28.20 31.25
CA VAL M 357 -61.00 -29.34 30.92
C VAL M 357 -61.28 -29.81 29.50
N GLN M 358 -62.55 -29.80 29.15
CA GLN M 358 -62.99 -30.26 27.84
C GLN M 358 -62.51 -29.29 26.75
N ALA M 359 -62.55 -28.00 27.07
CA ALA M 359 -62.03 -27.01 26.12
C ALA M 359 -60.55 -27.34 25.88
N ALA M 360 -59.82 -27.29 26.99
CA ALA M 360 -58.42 -27.67 26.99
C ALA M 360 -58.26 -28.82 26.01
N LYS M 361 -58.78 -29.97 26.41
CA LYS M 361 -58.65 -31.20 25.65
C LYS M 361 -58.75 -30.97 24.15
N ASN M 362 -59.87 -30.39 23.75
CA ASN M 362 -60.11 -30.09 22.35
C ASN M 362 -59.02 -29.19 21.80
N LYS M 363 -58.65 -28.16 22.57
CA LYS M 363 -57.47 -27.37 22.15
C LYS M 363 -56.34 -28.36 21.85
N LEU M 364 -55.84 -29.08 22.84
CA LEU M 364 -54.77 -30.04 22.61
C LEU M 364 -55.00 -30.83 21.33
N LYS M 365 -56.10 -31.57 21.23
CA LYS M 365 -56.41 -32.48 20.14
C LYS M 365 -56.24 -31.77 18.79
N ALA M 366 -56.83 -30.58 18.72
CA ALA M 366 -56.75 -29.80 17.48
C ALA M 366 -55.29 -29.54 17.13
N GLY M 367 -54.51 -29.00 18.07
CA GLY M 367 -53.07 -28.84 17.93
C GLY M 367 -52.36 -30.09 17.46
N TYR M 368 -52.37 -31.19 18.21
CA TYR M 368 -51.66 -32.37 17.71
C TYR M 368 -51.99 -32.69 16.26
N LEU M 369 -53.22 -32.46 15.82
CA LEU M 369 -53.59 -32.82 14.45
C LEU M 369 -52.97 -31.89 13.45
N MET M 370 -53.02 -30.58 13.79
CA MET M 370 -52.36 -29.61 12.93
C MET M 370 -50.85 -29.82 12.94
N SER M 371 -50.31 -30.24 14.07
CA SER M 371 -48.89 -30.58 14.16
C SER M 371 -48.54 -31.58 13.06
N VAL M 372 -49.40 -32.56 12.85
CA VAL M 372 -49.11 -33.61 11.90
C VAL M 372 -49.74 -33.38 10.55
N GLU M 373 -50.37 -32.22 10.35
CA GLU M 373 -50.97 -31.95 9.05
C GLU M 373 -49.97 -31.65 7.96
N SER M 374 -48.68 -31.54 8.26
CA SER M 374 -47.66 -31.32 7.25
C SER M 374 -46.64 -32.45 7.10
N SER M 375 -46.05 -32.54 5.90
CA SER M 375 -45.04 -33.58 5.68
C SER M 375 -44.02 -33.52 6.80
N GLU M 376 -43.37 -32.35 6.90
CA GLU M 376 -42.33 -32.19 7.89
C GLU M 376 -42.82 -32.60 9.28
N GLY M 377 -44.00 -32.16 9.61
CA GLY M 377 -44.58 -32.48 10.91
C GLY M 377 -44.72 -34.00 11.06
N PHE M 378 -45.44 -34.60 10.14
CA PHE M 378 -45.66 -36.03 10.13
C PHE M 378 -44.37 -36.81 10.28
N LEU M 379 -43.39 -36.51 9.43
CA LEU M 379 -42.10 -37.18 9.46
C LEU M 379 -41.45 -37.10 10.84
N ASP M 380 -41.55 -35.92 11.46
CA ASP M 380 -40.98 -35.81 12.80
C ASP M 380 -41.79 -36.72 13.71
N GLU M 381 -43.10 -36.49 13.76
CA GLU M 381 -43.94 -37.29 14.63
C GLU M 381 -43.60 -38.76 14.53
N VAL M 382 -43.56 -39.27 13.30
CA VAL M 382 -43.26 -40.67 13.14
C VAL M 382 -41.92 -41.10 13.68
N GLY M 383 -40.84 -40.48 13.22
CA GLY M 383 -39.52 -40.88 13.72
C GLY M 383 -39.52 -40.86 15.25
N SER M 384 -39.97 -39.71 15.77
CA SER M 384 -40.05 -39.49 17.20
C SER M 384 -40.59 -40.72 17.94
N GLN M 385 -41.71 -41.23 17.46
CA GLN M 385 -42.40 -42.38 18.03
C GLN M 385 -41.56 -43.64 17.89
N ALA M 386 -40.85 -43.72 16.75
CA ALA M 386 -40.02 -44.90 16.56
C ALA M 386 -38.88 -45.00 17.55
N LEU M 387 -38.32 -43.88 18.02
CA LEU M 387 -37.27 -43.94 19.02
C LEU M 387 -37.82 -44.18 20.42
N ALA M 388 -39.05 -43.77 20.70
CA ALA M 388 -39.63 -44.00 22.02
C ALA M 388 -40.17 -45.42 22.17
N ALA M 389 -41.28 -45.66 21.51
CA ALA M 389 -42.08 -46.86 21.53
C ALA M 389 -41.52 -48.03 20.75
N GLY M 390 -41.39 -47.86 19.43
CA GLY M 390 -40.88 -48.96 18.60
C GLY M 390 -41.82 -49.22 17.44
N SER M 391 -42.84 -48.38 17.36
CA SER M 391 -43.88 -48.50 16.35
C SER M 391 -44.66 -47.18 16.22
N TYR M 392 -45.48 -47.14 15.17
CA TYR M 392 -46.29 -45.96 14.96
C TYR M 392 -47.68 -46.10 15.57
N THR M 393 -47.98 -45.33 16.61
CA THR M 393 -49.35 -45.14 17.06
C THR M 393 -50.12 -44.18 16.15
N PRO M 394 -51.21 -44.59 15.56
CA PRO M 394 -52.05 -43.74 14.71
C PRO M 394 -52.63 -42.60 15.53
N PRO M 395 -53.09 -41.55 14.85
CA PRO M 395 -53.66 -40.35 15.43
C PRO M 395 -54.84 -40.67 16.33
N SER M 396 -55.88 -41.23 15.72
CA SER M 396 -57.05 -41.65 16.47
C SER M 396 -56.71 -42.14 17.86
N THR M 397 -55.97 -43.23 17.97
CA THR M 397 -55.52 -43.82 19.22
C THR M 397 -54.96 -42.72 20.13
N VAL M 398 -54.04 -41.96 19.54
CA VAL M 398 -53.46 -40.80 20.22
C VAL M 398 -54.56 -39.98 20.89
N LEU M 399 -55.49 -39.54 20.05
CA LEU M 399 -56.65 -38.76 20.43
C LEU M 399 -57.40 -39.38 21.58
N GLN M 400 -57.57 -40.70 21.53
CA GLN M 400 -58.28 -41.40 22.61
C GLN M 400 -57.58 -41.19 23.95
N GLN M 401 -56.30 -41.51 24.01
CA GLN M 401 -55.49 -41.35 25.20
C GLN M 401 -55.63 -40.01 25.90
N ILE M 402 -55.58 -38.93 25.13
CA ILE M 402 -55.67 -37.60 25.69
C ILE M 402 -57.02 -37.35 26.32
N ASP M 403 -58.03 -37.99 25.72
CA ASP M 403 -59.40 -37.87 26.20
C ASP M 403 -59.63 -38.57 27.53
N ALA M 404 -58.97 -39.71 27.73
CA ALA M 404 -59.06 -40.47 28.96
C ALA M 404 -58.68 -39.69 30.19
N VAL M 405 -57.88 -38.63 30.10
CA VAL M 405 -57.58 -37.80 31.26
C VAL M 405 -58.78 -37.38 32.08
N ALA M 406 -58.72 -37.61 33.40
CA ALA M 406 -59.82 -37.21 34.26
C ALA M 406 -59.70 -35.74 34.65
N ASP M 407 -60.85 -35.07 34.79
CA ASP M 407 -60.87 -33.71 35.28
C ASP M 407 -60.08 -33.60 36.59
N ALA M 408 -60.15 -34.62 37.43
CA ALA M 408 -59.45 -34.65 38.70
C ALA M 408 -57.95 -34.73 38.44
N ASP M 409 -57.58 -35.81 37.78
CA ASP M 409 -56.27 -36.15 37.27
C ASP M 409 -55.40 -34.92 37.02
N VAL M 410 -55.92 -34.00 36.24
CA VAL M 410 -55.37 -32.71 35.94
C VAL M 410 -55.03 -31.95 37.22
N ILE M 411 -56.02 -31.86 38.09
CA ILE M 411 -55.86 -31.18 39.38
C ILE M 411 -54.67 -31.80 40.10
N ASN M 412 -54.76 -33.12 40.19
CA ASN M 412 -53.78 -33.96 40.88
C ASN M 412 -52.36 -33.71 40.42
N ALA M 413 -52.17 -33.77 39.11
CA ALA M 413 -50.90 -33.37 38.50
C ALA M 413 -50.50 -32.00 39.04
N ALA M 414 -51.42 -31.05 38.88
CA ALA M 414 -51.15 -29.69 39.28
C ALA M 414 -50.67 -29.65 40.72
N LYS M 415 -51.31 -30.47 41.53
CA LYS M 415 -50.98 -30.60 42.95
C LYS M 415 -49.49 -30.87 43.09
N LYS M 416 -48.97 -31.67 42.18
CA LYS M 416 -47.57 -32.00 42.08
C LYS M 416 -46.60 -30.88 41.74
N PHE M 417 -46.98 -29.88 40.96
CA PHE M 417 -46.05 -28.75 40.72
C PHE M 417 -45.89 -27.96 42.02
N VAL M 418 -47.04 -27.61 42.62
CA VAL M 418 -46.99 -26.83 43.86
C VAL M 418 -46.26 -27.64 44.92
N SER M 419 -46.37 -28.97 44.88
CA SER M 419 -45.72 -29.78 45.88
C SER M 419 -44.62 -30.63 45.28
N GLY M 420 -43.80 -29.97 44.46
CA GLY M 420 -42.66 -30.61 43.82
C GLY M 420 -41.47 -29.65 43.75
N ARG M 421 -40.27 -30.11 44.07
CA ARG M 421 -39.04 -29.32 44.15
C ARG M 421 -38.97 -28.25 43.08
N LYS M 422 -38.84 -26.97 43.43
CA LYS M 422 -38.88 -25.89 42.45
C LYS M 422 -37.53 -25.77 41.74
N SER M 423 -37.54 -25.18 40.55
CA SER M 423 -36.34 -24.93 39.76
C SER M 423 -36.58 -23.81 38.76
N MET M 424 -35.93 -22.66 39.00
CA MET M 424 -36.18 -21.48 38.18
C MET M 424 -34.97 -20.87 37.49
N ALA M 425 -35.20 -20.18 36.37
CA ALA M 425 -34.20 -19.49 35.58
C ALA M 425 -34.73 -18.15 35.07
N ALA M 426 -33.97 -17.08 35.31
CA ALA M 426 -34.45 -15.77 34.86
C ALA M 426 -33.30 -15.01 34.21
N SER M 427 -33.63 -13.94 33.48
CA SER M 427 -32.71 -13.02 32.84
C SER M 427 -33.17 -11.56 32.83
N GLY M 428 -32.24 -10.60 32.85
CA GLY M 428 -32.62 -9.19 32.92
C GLY M 428 -32.33 -8.56 34.29
N ASN M 429 -32.96 -7.40 34.54
CA ASN M 429 -32.70 -6.69 35.78
C ASN M 429 -33.43 -7.43 36.90
N LEU M 430 -32.71 -8.20 37.70
CA LEU M 430 -33.38 -8.98 38.73
C LEU M 430 -33.56 -8.40 40.09
N GLY M 431 -34.01 -7.14 40.16
CA GLY M 431 -34.24 -6.58 41.51
C GLY M 431 -35.51 -7.25 42.05
N HIS M 432 -36.46 -7.44 41.13
CA HIS M 432 -37.79 -7.85 41.54
C HIS M 432 -38.16 -9.25 41.11
N THR M 433 -37.20 -10.17 41.10
CA THR M 433 -37.49 -11.57 40.81
C THR M 433 -37.33 -12.47 42.03
N PRO M 434 -38.46 -12.92 42.52
CA PRO M 434 -38.56 -13.88 43.60
C PRO M 434 -37.47 -14.95 43.47
N PHE M 435 -37.02 -15.39 44.63
CA PHE M 435 -36.05 -16.49 44.69
C PHE M 435 -36.91 -17.72 45.03
N ILE M 436 -36.28 -18.83 45.37
CA ILE M 436 -37.00 -20.00 45.83
C ILE M 436 -37.80 -19.73 47.10
N ASP M 437 -37.19 -19.09 48.10
CA ASP M 437 -37.86 -18.81 49.36
C ASP M 437 -38.93 -17.73 49.24
N GLU M 438 -38.94 -17.00 48.15
CA GLU M 438 -39.89 -15.93 47.93
C GLU M 438 -41.30 -16.37 47.64
N LEU M 439 -41.44 -17.61 47.16
CA LEU M 439 -42.76 -18.02 46.66
C LEU M 439 -43.31 -19.21 47.40
N MET N 1 -10.48 -10.91 -2.23
CA MET N 1 -10.96 -10.51 -3.58
C MET N 1 -10.48 -11.51 -4.63
N THR N 2 -11.29 -11.67 -5.66
CA THR N 2 -10.91 -12.43 -6.84
C THR N 2 -11.40 -11.67 -8.08
N ASN N 3 -10.58 -11.66 -9.11
CA ASN N 3 -10.88 -11.00 -10.36
C ASN N 3 -11.37 -9.59 -10.30
N ILE N 4 -10.97 -8.84 -9.26
CA ILE N 4 -11.22 -7.41 -9.20
C ILE N 4 -9.97 -6.76 -9.82
N ARG N 5 -10.00 -6.71 -11.14
CA ARG N 5 -8.90 -6.21 -11.94
C ARG N 5 -8.07 -5.20 -11.18
N LYS N 6 -8.68 -4.15 -10.68
CA LYS N 6 -8.00 -3.08 -9.97
C LYS N 6 -7.01 -3.56 -8.94
N SER N 7 -7.48 -4.24 -7.90
CA SER N 7 -6.53 -4.70 -6.88
C SER N 7 -5.76 -5.93 -7.25
N HIS N 8 -6.19 -6.73 -8.22
CA HIS N 8 -5.35 -7.82 -8.69
C HIS N 8 -3.95 -7.29 -8.93
N PRO N 9 -3.59 -6.83 -10.10
CA PRO N 9 -2.28 -6.22 -10.31
C PRO N 9 -2.06 -5.18 -9.21
N LEU N 10 -0.85 -5.15 -8.63
CA LEU N 10 -0.66 -4.14 -7.60
C LEU N 10 -0.60 -2.78 -8.29
N MET N 11 0.01 -2.85 -9.46
CA MET N 11 0.23 -1.71 -10.32
C MET N 11 -1.04 -0.98 -10.70
N LYS N 12 -2.06 -1.78 -11.05
CA LYS N 12 -3.38 -1.27 -11.40
C LYS N 12 -4.14 -0.67 -10.23
N ILE N 13 -3.78 -1.07 -9.01
CA ILE N 13 -4.41 -0.51 -7.83
C ILE N 13 -3.96 0.98 -7.73
N VAL N 14 -2.66 1.18 -7.89
CA VAL N 14 -2.00 2.46 -7.86
C VAL N 14 -2.71 3.48 -8.75
N ASN N 15 -3.36 3.01 -9.80
CA ASN N 15 -4.08 3.82 -10.75
C ASN N 15 -5.50 4.16 -10.30
N ASN N 16 -5.98 3.50 -9.24
CA ASN N 16 -7.28 3.82 -8.70
C ASN N 16 -7.21 5.06 -7.79
N ALA N 17 -6.23 5.92 -8.02
CA ALA N 17 -6.19 7.25 -7.43
C ALA N 17 -6.96 8.19 -8.37
N PHE N 18 -7.24 7.66 -9.56
CA PHE N 18 -8.01 8.43 -10.52
C PHE N 18 -9.50 8.12 -10.42
N ILE N 19 -9.73 6.82 -10.29
CA ILE N 19 -11.11 6.37 -10.40
C ILE N 19 -11.86 6.40 -9.17
N ASP N 20 -11.55 5.78 -8.02
CA ASP N 20 -12.23 5.58 -6.78
C ASP N 20 -11.97 6.70 -5.77
N LEU N 21 -11.11 7.66 -5.94
CA LEU N 21 -10.59 8.44 -4.83
C LEU N 21 -11.68 9.36 -4.32
N PRO N 22 -11.73 9.65 -3.05
CA PRO N 22 -12.57 10.66 -2.46
C PRO N 22 -12.34 12.02 -3.11
N ALA N 23 -13.40 12.56 -3.74
CA ALA N 23 -13.27 13.90 -4.28
C ALA N 23 -14.37 14.76 -3.68
N PRO N 24 -14.04 15.82 -2.98
CA PRO N 24 -14.97 16.90 -2.68
C PRO N 24 -16.02 17.09 -3.76
N SER N 25 -17.23 17.44 -3.38
CA SER N 25 -18.37 17.73 -4.23
C SER N 25 -18.29 19.15 -4.76
N ASN N 26 -18.66 20.05 -3.83
CA ASN N 26 -18.43 21.48 -4.21
C ASN N 26 -17.02 21.66 -4.70
N ILE N 27 -16.72 22.44 -5.71
CA ILE N 27 -15.34 22.54 -6.21
C ILE N 27 -15.28 23.43 -7.45
N SER N 28 -14.78 24.64 -7.25
CA SER N 28 -14.76 25.64 -8.32
C SER N 28 -14.18 25.02 -9.58
N SER N 29 -14.29 25.79 -10.67
CA SER N 29 -13.74 25.34 -11.95
C SER N 29 -12.22 25.45 -11.86
N TRP N 30 -11.70 26.22 -10.91
CA TRP N 30 -10.29 26.52 -10.75
C TRP N 30 -9.45 25.27 -10.63
N TRP N 31 -10.02 24.26 -10.01
CA TRP N 31 -9.27 23.03 -9.77
C TRP N 31 -8.82 22.32 -11.02
N ASN N 32 -9.57 22.47 -12.10
CA ASN N 32 -9.28 21.84 -13.35
C ASN N 32 -7.87 22.19 -13.88
N PHE N 33 -7.16 23.18 -13.33
CA PHE N 33 -5.83 23.60 -13.69
C PHE N 33 -4.77 22.61 -13.23
N GLY N 34 -5.09 21.81 -12.21
CA GLY N 34 -4.07 20.82 -11.83
C GLY N 34 -3.90 19.82 -13.00
N SER N 35 -4.86 18.97 -13.24
CA SER N 35 -5.02 18.19 -14.45
C SER N 35 -4.59 18.79 -15.76
N LEU N 36 -5.10 19.91 -16.16
CA LEU N 36 -4.65 20.76 -17.27
C LEU N 36 -3.15 21.02 -17.15
N LEU N 37 -2.61 21.15 -16.00
CA LEU N 37 -1.20 21.45 -15.85
C LEU N 37 -0.38 20.29 -16.36
N GLY N 38 -0.76 19.17 -16.01
CA GLY N 38 -0.27 17.85 -16.46
C GLY N 38 -0.58 17.57 -17.90
N ILE N 39 -1.71 17.93 -18.44
CA ILE N 39 -1.91 17.83 -19.91
C ILE N 39 -0.88 18.64 -20.66
N CYS N 40 -0.59 19.85 -20.16
CA CYS N 40 0.41 20.73 -20.70
C CYS N 40 1.80 20.08 -20.64
N LEU N 41 2.16 19.51 -19.49
CA LEU N 41 3.45 18.86 -19.48
C LEU N 41 3.55 17.76 -20.52
N ILE N 42 2.56 16.91 -20.67
CA ILE N 42 2.52 15.84 -21.68
C ILE N 42 2.53 16.38 -23.06
N LEU N 43 1.78 17.41 -23.32
CA LEU N 43 1.75 18.01 -24.64
C LEU N 43 3.17 18.46 -25.02
N GLN N 44 3.79 19.23 -24.13
CA GLN N 44 5.05 19.88 -24.36
C GLN N 44 6.14 18.90 -24.78
N ILE N 45 6.17 17.80 -24.16
CA ILE N 45 6.93 16.61 -24.12
C ILE N 45 6.82 15.92 -25.47
N LEU N 46 5.58 15.66 -25.88
CA LEU N 46 5.44 14.94 -27.17
C LEU N 46 5.93 15.92 -28.23
N THR N 47 5.50 17.13 -28.11
CA THR N 47 5.86 18.17 -29.12
C THR N 47 7.36 18.26 -29.16
N GLY N 48 8.00 18.34 -27.98
CA GLY N 48 9.42 18.58 -27.84
C GLY N 48 10.20 17.48 -28.50
N LEU N 49 9.73 16.28 -28.29
CA LEU N 49 10.41 15.12 -28.79
C LEU N 49 10.29 15.05 -30.29
N PHE N 50 9.20 15.52 -30.88
CA PHE N 50 9.13 15.62 -32.32
C PHE N 50 9.92 16.81 -32.86
N LEU N 51 9.96 17.92 -32.18
CA LEU N 51 10.79 19.05 -32.60
C LEU N 51 12.25 18.67 -32.55
N ALA N 52 12.68 18.10 -31.42
CA ALA N 52 14.01 17.60 -31.21
C ALA N 52 14.26 16.34 -32.04
N MET N 53 13.28 15.97 -32.87
CA MET N 53 13.51 14.98 -33.91
C MET N 53 14.03 15.64 -35.17
N HIS N 54 13.99 16.96 -35.34
CA HIS N 54 14.46 17.66 -36.51
C HIS N 54 15.20 18.98 -36.29
N TYR N 55 15.62 19.31 -35.10
CA TYR N 55 16.33 20.44 -34.61
C TYR N 55 17.82 20.15 -34.58
N THR N 56 18.68 21.14 -34.66
CA THR N 56 20.11 20.90 -34.38
C THR N 56 20.62 21.86 -33.32
N SER N 57 21.67 21.64 -32.50
CA SER N 57 21.99 22.58 -31.47
C SER N 57 23.29 23.31 -31.72
N ASP N 58 23.45 23.94 -32.86
CA ASP N 58 24.65 24.69 -33.18
C ASP N 58 24.37 26.12 -33.59
N THR N 59 25.35 26.97 -33.34
CA THR N 59 25.20 28.37 -33.75
C THR N 59 24.73 28.48 -35.18
N THR N 60 25.48 27.85 -36.08
CA THR N 60 25.23 27.93 -37.49
C THR N 60 23.81 27.57 -37.92
N THR N 61 23.42 26.41 -37.42
CA THR N 61 22.17 25.80 -37.88
C THR N 61 20.93 26.15 -37.09
N ALA N 62 20.99 26.01 -35.78
CA ALA N 62 19.82 26.23 -34.93
C ALA N 62 18.78 27.06 -35.65
N PHE N 63 19.03 28.34 -35.85
CA PHE N 63 18.11 29.13 -36.58
C PHE N 63 17.50 28.54 -37.80
N SER N 64 18.39 28.17 -38.69
CA SER N 64 17.99 27.40 -39.85
C SER N 64 17.14 26.22 -39.40
N SER N 65 17.67 25.41 -38.47
CA SER N 65 16.96 24.20 -38.12
C SER N 65 15.51 24.45 -37.82
N VAL N 66 15.25 25.44 -36.97
CA VAL N 66 13.87 25.77 -36.58
C VAL N 66 13.11 26.18 -37.85
N THR N 67 13.72 27.06 -38.62
CA THR N 67 13.27 27.52 -39.91
C THR N 67 12.98 26.43 -40.93
N HIS N 68 13.71 25.33 -40.81
CA HIS N 68 13.50 24.16 -41.63
C HIS N 68 12.35 23.32 -41.09
N ILE N 69 12.23 23.31 -39.77
CA ILE N 69 11.14 22.59 -39.13
C ILE N 69 9.82 23.23 -39.55
N CYS N 70 9.76 24.55 -39.59
CA CYS N 70 8.56 25.24 -40.04
C CYS N 70 8.34 25.36 -41.54
N ARG N 71 9.15 24.75 -42.41
CA ARG N 71 8.93 24.95 -43.84
C ARG N 71 8.88 23.68 -44.67
N ASP N 72 9.93 22.85 -44.62
CA ASP N 72 10.04 21.66 -45.45
C ASP N 72 9.50 20.42 -44.77
N VAL N 73 9.56 20.32 -43.46
CA VAL N 73 9.01 19.21 -42.69
C VAL N 73 7.50 19.18 -42.66
N ASN N 74 6.90 17.98 -42.74
CA ASN N 74 5.47 17.86 -42.86
C ASN N 74 4.73 18.02 -41.55
N TYR N 75 3.83 18.98 -41.37
CA TYR N 75 3.21 19.31 -40.13
C TYR N 75 4.21 19.62 -39.03
N GLY N 76 5.45 19.93 -39.36
CA GLY N 76 6.31 20.49 -38.31
C GLY N 76 5.94 21.91 -37.96
N TRP N 77 5.26 22.65 -38.82
CA TRP N 77 4.92 24.04 -38.53
C TRP N 77 3.99 24.12 -37.34
N ILE N 78 2.91 23.36 -37.42
CA ILE N 78 2.01 23.41 -36.28
C ILE N 78 2.68 22.84 -35.05
N ILE N 79 3.43 21.73 -35.22
CA ILE N 79 4.09 21.14 -34.08
C ILE N 79 4.95 22.18 -33.37
N ARG N 80 5.75 22.88 -34.16
CA ARG N 80 6.49 23.95 -33.49
C ARG N 80 5.65 25.05 -32.87
N TYR N 81 4.67 25.62 -33.56
CA TYR N 81 3.88 26.72 -33.04
C TYR N 81 2.98 26.25 -31.91
N MET N 82 2.71 24.95 -31.93
CA MET N 82 1.89 24.34 -30.86
C MET N 82 2.79 24.31 -29.62
N HIS N 83 4.05 23.97 -29.95
CA HIS N 83 5.00 23.97 -28.90
C HIS N 83 5.19 25.29 -28.19
N ALA N 84 5.44 26.31 -29.01
CA ALA N 84 5.66 27.65 -28.50
C ALA N 84 4.41 28.07 -27.75
N ASN N 85 3.27 27.99 -28.44
CA ASN N 85 2.05 28.49 -27.80
C ASN N 85 1.78 27.66 -26.57
N GLY N 86 1.92 26.35 -26.62
CA GLY N 86 1.71 25.51 -25.47
C GLY N 86 2.24 26.15 -24.20
N ALA N 87 3.52 26.49 -24.17
CA ALA N 87 4.29 26.92 -23.02
C ALA N 87 3.60 28.15 -22.46
N SER N 88 3.02 28.96 -23.33
CA SER N 88 2.29 30.11 -22.82
C SER N 88 1.18 29.47 -21.97
N MET N 89 0.42 28.54 -22.57
CA MET N 89 -0.67 27.92 -21.82
C MET N 89 -0.15 27.37 -20.50
N PHE N 90 0.89 26.56 -20.58
CA PHE N 90 1.50 25.95 -19.43
C PHE N 90 1.69 26.94 -18.29
N PHE N 91 2.13 28.13 -18.65
CA PHE N 91 2.27 29.19 -17.64
C PHE N 91 0.94 29.78 -17.26
N ILE N 92 0.11 30.22 -18.20
CA ILE N 92 -1.21 30.74 -17.85
C ILE N 92 -1.84 29.79 -16.82
N CYS N 93 -1.68 28.47 -17.07
CA CYS N 93 -2.30 27.50 -16.22
C CYS N 93 -1.67 27.42 -14.83
N LEU N 94 -0.37 27.50 -14.82
CA LEU N 94 0.38 27.48 -13.56
C LEU N 94 -0.01 28.60 -12.64
N TYR N 95 -0.14 29.81 -13.16
CA TYR N 95 -0.53 30.97 -12.37
C TYR N 95 -1.99 30.92 -11.97
N MET N 96 -2.88 30.25 -12.68
CA MET N 96 -4.19 29.97 -12.09
C MET N 96 -4.02 29.05 -10.89
N HIS N 97 -3.29 27.96 -11.04
CA HIS N 97 -2.99 26.99 -9.98
C HIS N 97 -2.49 27.69 -8.73
N VAL N 98 -1.50 28.61 -8.91
CA VAL N 98 -0.97 29.20 -7.67
C VAL N 98 -2.02 30.13 -7.04
N GLY N 99 -2.79 30.83 -7.90
CA GLY N 99 -3.78 31.77 -7.38
C GLY N 99 -4.80 31.01 -6.55
N ARG N 100 -5.02 29.72 -6.87
CA ARG N 100 -6.16 29.10 -6.28
C ARG N 100 -5.72 28.65 -4.91
N GLY N 101 -4.41 28.38 -4.79
CA GLY N 101 -4.03 27.97 -3.44
C GLY N 101 -3.57 29.16 -2.60
N LEU N 102 -3.46 30.31 -3.24
CA LEU N 102 -3.22 31.52 -2.49
C LEU N 102 -4.52 32.06 -1.88
N TYR N 103 -5.62 31.67 -2.50
CA TYR N 103 -6.92 32.20 -2.19
C TYR N 103 -7.59 31.29 -1.19
N TYR N 104 -7.68 30.04 -1.52
CA TYR N 104 -8.40 29.05 -0.76
C TYR N 104 -7.68 28.32 0.35
N GLY N 105 -6.42 28.64 0.61
CA GLY N 105 -5.74 28.01 1.74
C GLY N 105 -5.31 26.60 1.40
N SER N 106 -5.16 26.37 0.08
CA SER N 106 -4.70 24.98 -0.27
C SER N 106 -3.27 24.87 0.19
N TYR N 107 -2.63 26.04 0.33
CA TYR N 107 -1.20 25.99 0.67
C TYR N 107 -0.95 25.50 2.08
N THR N 108 -2.04 25.26 2.80
CA THR N 108 -2.03 24.72 4.13
C THR N 108 -1.26 23.39 4.13
N PHE N 109 -1.40 22.64 3.06
CA PHE N 109 -0.69 21.41 2.82
C PHE N 109 0.82 21.67 2.66
N LEU N 110 1.50 22.16 3.70
CA LEU N 110 2.88 22.60 3.60
C LEU N 110 3.65 21.77 2.59
N GLU N 111 3.77 20.48 2.88
CA GLU N 111 4.51 19.55 2.04
C GLU N 111 4.18 19.70 0.57
N THR N 112 2.89 19.67 0.27
CA THR N 112 2.45 19.81 -1.10
C THR N 112 2.75 21.20 -1.68
N TRP N 113 2.75 22.22 -0.84
CA TRP N 113 2.98 23.59 -1.37
C TRP N 113 4.51 23.68 -1.67
N ASN N 114 5.40 23.09 -0.88
CA ASN N 114 6.84 23.16 -1.17
C ASN N 114 7.17 22.38 -2.40
N ILE N 115 6.43 21.34 -2.77
CA ILE N 115 6.71 20.60 -4.02
C ILE N 115 6.19 21.45 -5.17
N GLY N 116 5.02 22.04 -4.97
CA GLY N 116 4.49 22.95 -5.99
C GLY N 116 5.57 23.95 -6.38
N VAL N 117 5.94 24.83 -5.47
CA VAL N 117 7.03 25.77 -5.55
C VAL N 117 8.25 25.24 -6.25
N ILE N 118 8.62 23.98 -6.05
CA ILE N 118 9.76 23.37 -6.72
C ILE N 118 9.39 23.15 -8.19
N LEU N 119 8.16 22.68 -8.37
CA LEU N 119 7.59 22.46 -9.68
C LEU N 119 7.62 23.76 -10.52
N LEU N 120 7.08 24.83 -9.94
CA LEU N 120 6.96 26.13 -10.56
C LEU N 120 8.32 26.68 -10.97
N LEU N 121 9.31 26.46 -10.10
CA LEU N 121 10.62 27.00 -10.43
C LEU N 121 11.42 26.05 -11.31
N THR N 122 10.95 24.81 -11.47
CA THR N 122 11.65 23.92 -12.39
C THR N 122 11.22 24.27 -13.81
N VAL N 123 9.96 24.58 -13.95
CA VAL N 123 9.26 24.81 -15.17
C VAL N 123 9.71 26.18 -15.71
N MET N 124 10.03 27.03 -14.73
CA MET N 124 10.67 28.27 -15.07
C MET N 124 12.03 28.18 -15.75
N ALA N 125 12.84 27.18 -15.35
CA ALA N 125 14.16 27.05 -15.91
C ALA N 125 14.03 26.47 -17.32
N THR N 126 13.12 25.54 -17.48
CA THR N 126 12.92 24.84 -18.75
C THR N 126 12.48 25.88 -19.78
N ALA N 127 11.53 26.73 -19.42
CA ALA N 127 11.04 27.74 -20.33
C ALA N 127 12.13 28.77 -20.66
N PHE N 128 13.05 29.02 -19.75
CA PHE N 128 14.14 29.94 -19.96
C PHE N 128 15.16 29.44 -20.94
N MET N 129 15.34 28.12 -21.00
CA MET N 129 16.36 27.52 -21.85
C MET N 129 15.85 27.19 -23.23
N GLY N 130 14.68 26.59 -23.29
CA GLY N 130 13.93 26.38 -24.52
C GLY N 130 13.69 27.59 -25.40
N TYR N 131 13.58 28.82 -24.88
CA TYR N 131 13.37 30.00 -25.68
C TYR N 131 14.66 30.42 -26.38
N VAL N 132 15.78 29.93 -25.87
CA VAL N 132 17.06 30.35 -26.46
C VAL N 132 17.50 29.37 -27.54
N LEU N 133 17.07 28.12 -27.43
CA LEU N 133 17.36 27.11 -28.44
C LEU N 133 17.27 27.67 -29.81
N PRO N 134 16.19 28.23 -30.30
CA PRO N 134 16.10 28.82 -31.62
C PRO N 134 17.30 29.71 -31.99
N TRP N 135 17.85 30.44 -31.01
CA TRP N 135 19.05 31.22 -31.24
C TRP N 135 18.71 32.48 -32.02
N GLY N 136 17.62 33.12 -31.66
CA GLY N 136 17.22 34.37 -32.31
C GLY N 136 17.59 35.54 -31.41
N GLN N 137 17.81 36.68 -32.02
CA GLN N 137 18.14 37.93 -31.38
C GLN N 137 17.63 38.02 -29.97
N MET N 138 16.32 37.80 -29.80
CA MET N 138 15.73 37.99 -28.49
C MET N 138 16.35 36.97 -27.55
N SER N 139 16.32 35.72 -27.97
CA SER N 139 16.90 34.64 -27.19
C SER N 139 18.34 34.93 -26.80
N PHE N 140 19.19 35.03 -27.81
CA PHE N 140 20.57 35.36 -27.57
C PHE N 140 20.75 36.39 -26.46
N TRP N 141 20.16 37.57 -26.59
CA TRP N 141 20.44 38.65 -25.66
C TRP N 141 19.87 38.53 -24.28
N GLY N 142 18.66 37.97 -24.23
CA GLY N 142 17.97 37.57 -23.01
C GLY N 142 18.77 36.59 -22.16
N ALA N 143 19.38 35.57 -22.78
CA ALA N 143 20.18 34.67 -21.95
C ALA N 143 21.45 35.38 -21.54
N THR N 144 21.97 36.33 -22.33
CA THR N 144 23.18 37.03 -21.81
C THR N 144 22.85 37.88 -20.58
N VAL N 145 21.72 38.59 -20.69
CA VAL N 145 21.44 39.58 -19.66
C VAL N 145 21.04 38.89 -18.37
N ILE N 146 20.33 37.77 -18.52
CA ILE N 146 19.85 37.10 -17.30
C ILE N 146 21.05 36.42 -16.65
N THR N 147 21.71 35.55 -17.40
CA THR N 147 22.84 34.83 -16.84
C THR N 147 23.84 35.75 -16.15
N ASN N 148 24.18 36.85 -16.79
CA ASN N 148 25.14 37.83 -16.33
C ASN N 148 24.61 38.52 -15.09
N LEU N 149 23.30 38.41 -14.91
CA LEU N 149 22.68 38.99 -13.71
C LEU N 149 23.09 38.23 -12.44
N LEU N 150 23.72 37.07 -12.83
CA LEU N 150 24.13 36.18 -11.75
C LEU N 150 25.49 36.60 -11.24
N SER N 151 26.15 37.36 -12.10
CA SER N 151 27.51 37.82 -11.80
C SER N 151 27.49 38.95 -10.79
N ALA N 152 26.31 39.22 -10.22
CA ALA N 152 26.16 40.16 -9.14
C ALA N 152 26.72 39.57 -7.84
N ILE N 153 26.74 38.24 -7.75
CA ILE N 153 27.35 37.67 -6.55
C ILE N 153 28.83 38.04 -6.51
N PRO N 154 29.24 38.49 -5.34
CA PRO N 154 30.47 39.19 -5.08
C PRO N 154 31.73 38.38 -5.24
N TYR N 155 31.77 37.25 -4.53
CA TYR N 155 33.00 36.46 -4.54
C TYR N 155 33.07 35.53 -5.72
N ILE N 156 32.01 34.74 -5.89
CA ILE N 156 31.95 33.72 -6.93
C ILE N 156 31.37 34.23 -8.23
N GLY N 157 30.11 34.61 -8.20
CA GLY N 157 29.39 35.14 -9.34
C GLY N 157 30.20 35.00 -10.61
N THR N 158 31.03 35.99 -10.85
CA THR N 158 31.90 36.13 -11.99
C THR N 158 32.47 34.84 -12.51
N ASN N 159 33.17 34.10 -11.64
CA ASN N 159 33.68 32.79 -12.11
C ASN N 159 32.48 31.96 -12.54
N LEU N 160 31.52 31.73 -11.65
CA LEU N 160 30.31 31.00 -11.92
C LEU N 160 29.57 31.34 -13.19
N VAL N 161 29.35 32.60 -13.55
CA VAL N 161 28.65 32.87 -14.80
C VAL N 161 29.38 32.23 -15.98
N GLU N 162 30.71 32.22 -15.90
CA GLU N 162 31.53 31.71 -16.98
C GLU N 162 31.52 30.18 -17.06
N TRP N 163 31.10 29.55 -15.97
CA TRP N 163 31.04 28.09 -15.92
C TRP N 163 29.77 27.60 -16.61
N ILE N 164 28.69 28.19 -16.11
CA ILE N 164 27.39 28.08 -16.76
C ILE N 164 27.47 28.29 -18.26
N TRP N 165 28.00 29.40 -18.76
CA TRP N 165 28.11 29.63 -20.18
C TRP N 165 29.09 28.71 -20.91
N GLY N 166 30.06 28.19 -20.17
CA GLY N 166 31.09 27.35 -20.79
C GLY N 166 31.91 28.22 -21.73
N GLY N 167 32.17 29.43 -21.25
CA GLY N 167 33.07 30.30 -22.01
C GLY N 167 32.91 31.73 -21.53
N PHE N 168 33.39 32.68 -22.32
CA PHE N 168 33.30 34.08 -21.95
C PHE N 168 32.07 34.74 -22.53
N SER N 169 31.41 34.08 -23.48
CA SER N 169 30.17 34.64 -24.04
C SER N 169 29.07 33.60 -24.04
N VAL N 170 28.29 33.51 -25.12
CA VAL N 170 27.22 32.53 -25.24
C VAL N 170 27.32 31.66 -26.45
N ASP N 171 28.55 31.35 -26.90
CA ASP N 171 28.68 30.67 -28.19
C ASP N 171 28.24 29.23 -28.10
N LYS N 172 28.59 28.43 -29.10
CA LYS N 172 28.11 27.05 -29.15
C LYS N 172 27.98 26.47 -27.77
N ALA N 173 29.08 26.44 -27.04
CA ALA N 173 29.12 25.85 -25.71
C ALA N 173 27.76 25.98 -25.06
N THR N 174 27.41 27.26 -24.89
CA THR N 174 26.21 27.49 -24.09
C THR N 174 24.98 26.95 -24.75
N LEU N 175 24.75 27.19 -26.04
CA LEU N 175 23.58 26.68 -26.72
C LEU N 175 23.45 25.17 -26.70
N THR N 176 24.52 24.37 -26.63
CA THR N 176 24.24 22.92 -26.59
C THR N 176 23.79 22.57 -25.19
N ARG N 177 24.39 23.22 -24.19
CA ARG N 177 24.02 22.94 -22.82
C ARG N 177 22.54 23.14 -22.59
N PHE N 178 22.01 24.27 -23.09
CA PHE N 178 20.59 24.51 -22.94
C PHE N 178 19.81 23.40 -23.62
N PHE N 179 20.23 22.98 -24.79
CA PHE N 179 19.45 21.93 -25.41
C PHE N 179 19.34 20.69 -24.56
N ALA N 180 20.45 20.29 -23.90
CA ALA N 180 20.49 19.10 -23.08
C ALA N 180 19.67 19.23 -21.83
N PHE N 181 19.77 20.38 -21.18
CA PHE N 181 19.07 20.60 -19.92
C PHE N 181 17.58 20.75 -20.20
N HIS N 182 17.23 21.41 -21.30
CA HIS N 182 15.81 21.60 -21.62
C HIS N 182 15.18 20.24 -21.80
N PHE N 183 15.86 19.29 -22.40
CA PHE N 183 15.32 18.01 -22.76
C PHE N 183 15.19 17.16 -21.49
N ILE N 184 16.06 17.36 -20.49
CA ILE N 184 16.04 16.43 -19.36
C ILE N 184 15.34 16.99 -18.14
N LEU N 185 15.04 18.28 -18.14
CA LEU N 185 14.37 18.88 -16.98
C LEU N 185 12.93 18.39 -16.95
N PRO N 186 12.16 18.47 -18.02
CA PRO N 186 10.73 18.03 -18.06
C PRO N 186 10.68 16.57 -17.68
N PHE N 187 11.69 15.73 -17.90
CA PHE N 187 11.54 14.32 -17.50
C PHE N 187 11.75 14.21 -16.00
N ILE N 188 12.69 14.95 -15.44
CA ILE N 188 12.87 15.07 -13.96
C ILE N 188 11.60 15.69 -13.38
N ILE N 189 11.05 16.78 -13.90
CA ILE N 189 9.82 17.43 -13.49
C ILE N 189 8.66 16.45 -13.34
N MET N 190 8.55 15.48 -14.26
CA MET N 190 7.46 14.53 -14.26
C MET N 190 7.53 13.70 -13.01
N ALA N 191 8.72 13.36 -12.57
CA ALA N 191 8.79 12.60 -11.33
C ALA N 191 8.39 13.53 -10.22
N ILE N 192 8.75 14.81 -10.20
CA ILE N 192 8.35 15.69 -9.11
C ILE N 192 6.82 15.83 -9.09
N ALA N 193 6.21 16.04 -10.27
CA ALA N 193 4.75 16.15 -10.33
C ALA N 193 4.15 14.93 -9.65
N MET N 194 4.64 13.73 -9.96
CA MET N 194 4.08 12.53 -9.32
C MET N 194 4.38 12.45 -7.82
N VAL N 195 5.51 13.02 -7.42
CA VAL N 195 5.78 13.10 -5.98
C VAL N 195 4.83 14.09 -5.35
N HIS N 196 4.49 15.18 -6.07
CA HIS N 196 3.54 16.23 -5.65
C HIS N 196 2.21 15.50 -5.46
N LEU N 197 1.77 14.78 -6.47
CA LEU N 197 0.43 14.20 -6.39
C LEU N 197 0.46 13.25 -5.16
N LEU N 198 1.48 12.44 -4.99
CA LEU N 198 1.65 11.53 -3.86
C LEU N 198 1.23 12.18 -2.55
N PHE N 199 1.97 13.14 -2.02
CA PHE N 199 1.62 13.91 -0.86
C PHE N 199 0.19 14.38 -0.84
N LEU N 200 -0.35 14.89 -1.93
CA LEU N 200 -1.66 15.48 -1.99
C LEU N 200 -2.76 14.46 -1.93
N HIS N 201 -2.34 13.19 -2.06
CA HIS N 201 -3.34 12.12 -2.03
C HIS N 201 -3.58 11.64 -0.62
N GLU N 202 -2.77 12.15 0.30
CA GLU N 202 -2.86 11.87 1.73
C GLU N 202 -3.83 12.73 2.48
N THR N 203 -4.27 13.84 1.88
CA THR N 203 -5.19 14.68 2.60
C THR N 203 -6.34 15.14 1.70
N GLY N 204 -6.34 14.84 0.42
CA GLY N 204 -7.45 15.28 -0.45
C GLY N 204 -7.49 16.79 -0.71
N SER N 205 -8.34 17.20 -1.64
CA SER N 205 -8.45 18.57 -2.08
C SER N 205 -9.39 19.45 -1.30
N ASN N 206 -8.92 20.61 -0.86
CA ASN N 206 -9.71 21.67 -0.27
C ASN N 206 -10.83 22.23 -1.12
N ASN N 207 -11.69 23.05 -0.51
CA ASN N 207 -12.84 23.62 -1.24
C ASN N 207 -13.05 25.11 -1.03
N PRO N 208 -13.92 25.66 -1.84
CA PRO N 208 -14.36 27.05 -1.75
C PRO N 208 -14.60 27.41 -0.28
N THR N 209 -15.47 26.61 0.36
CA THR N 209 -15.97 26.93 1.69
C THR N 209 -14.81 26.95 2.69
N GLY N 210 -13.80 26.13 2.46
CA GLY N 210 -12.54 26.09 3.23
C GLY N 210 -12.69 24.95 4.28
N ILE N 211 -13.87 24.36 4.47
CA ILE N 211 -14.19 23.33 5.44
C ILE N 211 -14.02 21.89 4.98
N SER N 212 -13.75 20.93 5.85
CA SER N 212 -13.60 19.53 5.46
C SER N 212 -14.82 19.04 4.71
N SER N 213 -14.66 18.27 3.64
CA SER N 213 -15.81 17.77 2.90
C SER N 213 -15.99 16.28 3.11
N ASP N 214 -15.30 15.71 4.08
CA ASP N 214 -15.38 14.27 4.30
C ASP N 214 -16.80 13.77 4.48
N VAL N 215 -17.67 14.68 4.86
CA VAL N 215 -19.09 14.45 5.03
C VAL N 215 -19.78 14.44 3.70
N ASP N 216 -19.19 14.94 2.64
CA ASP N 216 -19.78 14.95 1.30
C ASP N 216 -18.64 14.68 0.30
N LYS N 217 -18.50 13.36 0.07
CA LYS N 217 -17.39 12.98 -0.85
C LYS N 217 -17.88 12.25 -2.10
N ILE N 218 -17.40 12.58 -3.29
CA ILE N 218 -17.82 12.04 -4.57
C ILE N 218 -16.76 11.16 -5.21
N PRO N 219 -17.09 10.04 -5.87
CA PRO N 219 -16.20 9.31 -6.75
C PRO N 219 -15.67 10.17 -7.87
N PHE N 220 -14.34 10.10 -7.94
CA PHE N 220 -13.66 10.87 -8.95
C PHE N 220 -14.08 10.42 -10.32
N HIS N 221 -14.39 9.13 -10.54
CA HIS N 221 -14.48 8.60 -11.91
C HIS N 221 -15.72 9.16 -12.57
N PRO N 222 -16.84 8.89 -11.96
CA PRO N 222 -18.11 9.29 -12.53
C PRO N 222 -18.12 10.74 -12.95
N TYR N 223 -17.88 11.68 -12.05
CA TYR N 223 -17.92 13.10 -12.12
C TYR N 223 -16.69 13.74 -12.71
N TYR N 224 -15.58 13.62 -11.96
CA TYR N 224 -14.40 14.38 -12.33
C TYR N 224 -13.77 13.98 -13.63
N THR N 225 -13.86 12.69 -14.02
CA THR N 225 -13.28 12.39 -15.31
C THR N 225 -13.96 13.19 -16.42
N ILE N 226 -15.26 13.46 -16.33
CA ILE N 226 -15.88 14.25 -17.41
C ILE N 226 -15.46 15.70 -17.30
N LYS N 227 -15.45 16.19 -16.07
CA LYS N 227 -15.06 17.59 -15.88
C LYS N 227 -13.67 17.81 -16.47
N ASP N 228 -12.75 16.94 -16.13
CA ASP N 228 -11.39 17.04 -16.63
C ASP N 228 -11.39 17.00 -18.16
N ILE N 229 -12.14 16.09 -18.72
CA ILE N 229 -12.15 16.00 -20.19
C ILE N 229 -12.66 17.26 -20.81
N LEU N 230 -13.76 17.76 -20.34
CA LEU N 230 -14.30 19.04 -20.67
C LEU N 230 -13.30 20.18 -20.50
N GLY N 231 -12.49 20.25 -19.51
CA GLY N 231 -11.54 21.29 -19.18
C GLY N 231 -10.40 21.19 -20.18
N ALA N 232 -10.16 19.95 -20.64
CA ALA N 232 -9.15 19.76 -21.69
C ALA N 232 -9.66 20.40 -22.98
N LEU N 233 -10.95 20.14 -23.18
CA LEU N 233 -11.63 20.58 -24.39
C LEU N 233 -11.42 22.08 -24.57
N LEU N 234 -11.67 22.78 -23.49
CA LEU N 234 -11.54 24.24 -23.48
C LEU N 234 -10.04 24.50 -23.57
N LEU N 235 -9.23 23.71 -22.87
CA LEU N 235 -7.81 24.04 -22.84
C LEU N 235 -7.21 23.99 -24.23
N ILE N 236 -7.40 22.84 -24.85
CA ILE N 236 -7.03 22.72 -26.26
C ILE N 236 -7.66 23.85 -27.08
N LEU N 237 -8.94 24.13 -26.89
CA LEU N 237 -9.52 25.25 -27.65
C LEU N 237 -8.59 26.47 -27.60
N ALA N 238 -8.27 26.93 -26.39
CA ALA N 238 -7.41 28.10 -26.30
C ALA N 238 -6.08 27.85 -27.00
N LEU N 239 -5.45 26.68 -26.81
CA LEU N 239 -4.19 26.40 -27.45
C LEU N 239 -4.31 26.58 -28.96
N MET N 240 -5.35 26.10 -29.58
CA MET N 240 -5.47 26.01 -31.03
C MET N 240 -5.96 27.32 -31.63
N LEU N 241 -6.68 28.05 -30.84
CA LEU N 241 -7.26 29.34 -31.16
C LEU N 241 -6.08 30.31 -31.37
N LEU N 242 -5.13 30.13 -30.46
CA LEU N 242 -3.85 30.83 -30.38
C LEU N 242 -2.98 30.40 -31.55
N VAL N 243 -2.76 29.10 -31.63
CA VAL N 243 -1.85 28.48 -32.59
C VAL N 243 -2.33 28.39 -34.05
N LEU N 244 -3.55 28.67 -34.26
CA LEU N 244 -4.14 28.50 -35.56
C LEU N 244 -4.60 29.86 -36.11
N PHE N 245 -5.08 30.75 -35.22
CA PHE N 245 -5.55 32.03 -35.71
C PHE N 245 -4.56 33.14 -35.46
N ALA N 246 -3.77 33.05 -34.39
CA ALA N 246 -2.82 34.10 -34.03
C ALA N 246 -1.53 33.53 -33.47
N PRO N 247 -0.95 32.55 -34.16
CA PRO N 247 0.37 32.01 -33.90
C PRO N 247 1.35 32.84 -33.10
N ASP N 248 1.67 34.03 -33.57
CA ASP N 248 2.61 34.96 -33.00
C ASP N 248 2.03 35.86 -31.93
N LEU N 249 0.71 36.10 -31.91
CA LEU N 249 0.11 37.16 -31.11
C LEU N 249 0.64 37.23 -29.69
N LEU N 250 0.56 36.10 -29.00
CA LEU N 250 0.98 35.97 -27.62
C LEU N 250 2.47 35.79 -27.50
N GLY N 251 3.17 35.64 -28.62
CA GLY N 251 4.63 35.50 -28.54
C GLY N 251 5.23 36.87 -28.87
N ASP N 252 5.08 37.78 -27.91
CA ASP N 252 5.50 39.16 -28.08
C ASP N 252 6.64 39.26 -29.07
N PRO N 253 7.78 38.72 -28.71
CA PRO N 253 8.96 38.75 -29.54
C PRO N 253 8.68 38.49 -31.00
N ASP N 254 9.13 39.45 -31.81
CA ASP N 254 9.02 39.39 -33.25
C ASP N 254 10.38 39.02 -33.83
N ASN N 255 11.36 39.00 -32.93
CA ASN N 255 12.71 38.68 -33.35
C ASN N 255 12.91 37.28 -33.88
N TYR N 256 12.68 37.17 -35.19
CA TYR N 256 12.91 36.03 -36.04
C TYR N 256 14.23 36.37 -36.79
N THR N 257 15.05 37.19 -36.18
CA THR N 257 16.37 37.51 -36.65
C THR N 257 17.49 36.70 -36.00
N PRO N 258 18.23 36.03 -36.84
CA PRO N 258 19.42 35.31 -36.41
C PRO N 258 20.25 36.25 -35.56
N ALA N 259 20.77 35.71 -34.47
CA ALA N 259 21.46 36.52 -33.46
C ALA N 259 22.72 37.12 -34.03
N ASN N 260 22.94 38.43 -33.90
CA ASN N 260 24.22 39.01 -34.25
C ASN N 260 24.76 39.61 -32.95
N PRO N 261 25.78 39.06 -32.36
CA PRO N 261 26.34 39.52 -31.12
C PRO N 261 26.71 40.96 -30.98
N LEU N 262 26.83 41.81 -32.00
CA LEU N 262 27.05 43.23 -31.76
C LEU N 262 25.71 43.98 -31.71
N ASN N 263 24.72 43.44 -32.37
CA ASN N 263 23.39 44.01 -32.51
C ASN N 263 22.53 43.86 -31.26
N THR N 264 21.66 44.84 -31.00
CA THR N 264 20.81 44.75 -29.83
C THR N 264 19.42 45.35 -29.99
N PRO N 265 18.40 44.60 -29.63
CA PRO N 265 17.06 45.19 -29.53
C PRO N 265 17.10 46.06 -28.28
N PRO N 266 17.14 47.37 -28.33
CA PRO N 266 17.17 48.21 -27.14
C PRO N 266 16.08 47.77 -26.17
N HIS N 267 15.03 47.19 -26.74
CA HIS N 267 13.99 46.62 -25.92
C HIS N 267 14.13 45.14 -25.66
N ILE N 268 15.00 44.81 -24.71
CA ILE N 268 15.30 43.45 -24.29
C ILE N 268 14.40 43.06 -23.11
N LYS N 269 13.68 41.94 -23.23
CA LYS N 269 12.76 41.48 -22.20
C LYS N 269 12.28 40.04 -22.36
N PRO N 270 12.21 39.34 -21.24
CA PRO N 270 11.72 37.98 -21.14
C PRO N 270 10.30 37.90 -21.68
N GLU N 271 9.77 36.72 -22.00
CA GLU N 271 8.35 36.70 -22.39
C GLU N 271 7.44 36.97 -21.19
N TRP N 272 6.18 37.24 -21.48
CA TRP N 272 5.15 37.53 -20.51
C TRP N 272 5.21 36.80 -19.19
N TYR N 273 5.52 35.50 -19.15
CA TYR N 273 5.58 34.79 -17.89
C TYR N 273 6.66 35.24 -16.94
N PHE N 274 7.62 36.01 -17.44
CA PHE N 274 8.73 36.45 -16.59
C PHE N 274 8.62 37.92 -16.30
N LEU N 275 7.85 38.65 -17.10
CA LEU N 275 7.80 40.07 -16.84
C LEU N 275 7.72 40.39 -15.36
N PHE N 276 6.72 39.96 -14.58
CA PHE N 276 6.68 40.32 -13.17
C PHE N 276 8.08 40.42 -12.57
N ALA N 277 8.76 39.29 -12.47
CA ALA N 277 10.13 39.29 -11.99
C ALA N 277 10.96 40.40 -12.63
N TYR N 278 10.97 40.47 -13.95
CA TYR N 278 11.76 41.54 -14.57
C TYR N 278 11.46 42.87 -13.91
N ALA N 279 10.24 43.39 -14.07
CA ALA N 279 9.91 44.66 -13.44
C ALA N 279 10.43 44.77 -12.02
N ILE N 280 10.23 43.71 -11.22
CA ILE N 280 10.65 43.86 -9.83
C ILE N 280 12.15 44.04 -9.77
N LEU N 281 12.83 43.48 -10.76
CA LEU N 281 14.29 43.57 -10.71
C LEU N 281 14.74 44.98 -11.04
N ARG N 282 14.09 45.62 -12.04
CA ARG N 282 14.57 46.94 -12.43
C ARG N 282 14.32 47.99 -11.36
N SER N 283 13.26 47.83 -10.58
CA SER N 283 13.03 48.80 -9.52
C SER N 283 14.25 49.05 -8.65
N ILE N 284 15.20 48.14 -8.50
CA ILE N 284 16.34 48.43 -7.65
C ILE N 284 17.54 48.91 -8.45
N PRO N 285 18.06 50.01 -7.98
CA PRO N 285 19.23 50.65 -8.52
C PRO N 285 20.37 49.65 -8.60
N ASN N 286 20.72 49.14 -7.42
CA ASN N 286 21.83 48.21 -7.27
C ASN N 286 21.59 46.85 -7.92
N LYS N 287 22.60 46.26 -8.56
CA LYS N 287 22.43 45.02 -9.30
C LYS N 287 22.08 43.87 -8.38
N LEU N 288 22.92 43.68 -7.37
CA LEU N 288 22.77 42.63 -6.39
C LEU N 288 21.46 42.73 -5.63
N GLY N 289 21.09 43.94 -5.27
CA GLY N 289 19.82 44.15 -4.58
C GLY N 289 18.69 43.63 -5.46
N GLY N 290 18.80 43.82 -6.76
CA GLY N 290 17.77 43.43 -7.70
C GLY N 290 17.68 41.90 -7.75
N VAL N 291 18.84 41.26 -7.85
CA VAL N 291 18.86 39.80 -7.98
C VAL N 291 18.26 39.16 -6.75
N LEU N 292 18.59 39.71 -5.59
CA LEU N 292 18.00 39.12 -4.39
C LEU N 292 16.49 39.30 -4.44
N ALA N 293 16.09 40.52 -4.76
CA ALA N 293 14.69 40.90 -4.89
C ALA N 293 13.97 40.10 -5.96
N LEU N 294 14.74 39.67 -6.96
CA LEU N 294 14.18 38.90 -8.07
C LEU N 294 13.81 37.52 -7.53
N ALA N 295 14.82 36.97 -6.89
CA ALA N 295 14.67 35.67 -6.25
C ALA N 295 13.47 35.71 -5.31
N PHE N 296 13.49 36.65 -4.37
CA PHE N 296 12.42 36.74 -3.39
C PHE N 296 11.05 36.88 -4.01
N SER N 297 10.93 37.49 -5.20
CA SER N 297 9.58 37.62 -5.79
C SER N 297 8.92 36.25 -5.81
N ILE N 298 9.58 35.36 -6.51
CA ILE N 298 9.23 33.95 -6.65
C ILE N 298 9.41 33.08 -5.41
N LEU N 299 10.59 33.06 -4.81
CA LEU N 299 10.85 32.30 -3.58
C LEU N 299 10.00 32.75 -2.43
N ILE N 300 9.45 33.98 -2.54
CA ILE N 300 8.61 34.47 -1.44
C ILE N 300 7.45 33.52 -1.14
N LEU N 301 6.96 32.80 -2.12
CA LEU N 301 5.89 31.86 -2.04
C LEU N 301 5.94 30.88 -0.87
N ALA N 302 7.09 30.22 -0.63
CA ALA N 302 7.11 29.31 0.50
C ALA N 302 6.83 29.96 1.84
N LEU N 303 6.91 31.29 1.96
CA LEU N 303 6.71 31.88 3.25
C LEU N 303 5.27 32.06 3.60
N ILE N 304 4.34 31.86 2.67
CA ILE N 304 2.95 32.24 2.90
C ILE N 304 2.28 31.40 3.96
N PRO N 305 2.54 30.12 3.98
CA PRO N 305 2.09 29.21 5.02
C PRO N 305 2.37 29.70 6.43
N LEU N 306 3.55 30.30 6.63
CA LEU N 306 3.87 30.91 7.91
C LEU N 306 3.11 32.21 8.06
N LEU N 307 2.99 33.00 7.01
CA LEU N 307 2.28 34.26 7.05
C LEU N 307 0.80 34.13 7.37
N HIS N 308 0.14 33.03 7.08
CA HIS N 308 -1.28 32.86 7.34
C HIS N 308 -1.63 33.22 8.79
N THR N 309 -2.54 34.16 8.92
CA THR N 309 -2.96 34.67 10.21
C THR N 309 -4.34 34.23 10.63
N SER N 310 -5.27 34.07 9.68
CA SER N 310 -6.65 33.79 10.01
C SER N 310 -6.94 32.40 10.52
N LYS N 311 -8.18 32.23 10.95
CA LYS N 311 -8.64 30.97 11.47
C LYS N 311 -9.47 30.30 10.40
N GLN N 312 -9.72 31.03 9.32
CA GLN N 312 -10.48 30.39 8.24
C GLN N 312 -9.54 30.19 7.07
N ARG N 313 -9.03 28.99 6.85
CA ARG N 313 -8.16 28.76 5.71
C ARG N 313 -8.79 29.23 4.43
N SER N 314 -10.09 29.43 4.38
CA SER N 314 -10.78 29.91 3.21
C SER N 314 -10.94 31.43 3.14
N MET N 315 -10.48 31.96 2.02
CA MET N 315 -10.60 33.42 1.83
C MET N 315 -12.05 33.76 1.56
N MET N 316 -12.75 32.87 0.87
CA MET N 316 -14.17 32.86 0.62
C MET N 316 -15.00 33.59 1.63
N PHE N 317 -14.76 33.33 2.92
CA PHE N 317 -15.60 34.04 3.87
C PHE N 317 -14.89 35.25 4.46
N ARG N 318 -13.90 35.81 3.79
CA ARG N 318 -13.19 36.95 4.34
C ARG N 318 -13.08 38.06 3.29
N PRO N 319 -13.82 39.13 3.43
CA PRO N 319 -13.83 40.28 2.54
C PRO N 319 -12.46 40.89 2.32
N LEU N 320 -12.03 41.63 3.33
CA LEU N 320 -10.78 42.35 3.24
C LEU N 320 -9.71 41.54 2.56
N SER N 321 -9.60 40.23 2.88
CA SER N 321 -8.49 39.59 2.14
C SER N 321 -8.75 39.36 0.68
N GLN N 322 -10.01 39.06 0.38
CA GLN N 322 -10.46 39.03 -1.00
C GLN N 322 -10.13 40.30 -1.77
N CYS N 323 -10.24 41.44 -1.11
CA CYS N 323 -9.93 42.73 -1.71
C CYS N 323 -8.45 42.91 -1.93
N LEU N 324 -7.64 42.49 -0.95
CA LEU N 324 -6.21 42.69 -1.20
C LEU N 324 -5.72 41.62 -2.17
N PHE N 325 -6.38 40.46 -2.10
CA PHE N 325 -5.96 39.35 -2.96
C PHE N 325 -6.03 39.85 -4.41
N TRP N 326 -7.24 40.29 -4.74
CA TRP N 326 -7.44 40.80 -6.08
C TRP N 326 -6.44 41.88 -6.48
N ALA N 327 -6.14 42.80 -5.58
CA ALA N 327 -5.25 43.92 -5.88
C ALA N 327 -3.90 43.35 -6.29
N LEU N 328 -3.37 42.48 -5.45
CA LEU N 328 -2.12 41.83 -5.75
C LEU N 328 -2.18 41.22 -7.15
N VAL N 329 -3.28 40.40 -7.47
CA VAL N 329 -3.30 40.03 -8.90
C VAL N 329 -3.27 41.22 -9.82
N ALA N 330 -4.10 42.25 -9.64
CA ALA N 330 -4.00 43.41 -10.51
C ALA N 330 -2.68 44.16 -10.39
N ASP N 331 -2.01 44.09 -9.21
CA ASP N 331 -0.68 44.68 -9.10
C ASP N 331 0.24 43.87 -10.01
N LEU N 332 0.02 42.55 -9.96
CA LEU N 332 0.82 41.63 -10.76
C LEU N 332 0.66 41.95 -12.24
N LEU N 333 -0.59 42.16 -12.63
CA LEU N 333 -0.88 42.59 -14.00
C LEU N 333 -0.18 43.91 -14.32
N THR N 334 -0.22 44.90 -13.42
CA THR N 334 0.49 46.15 -13.55
C THR N 334 1.98 45.92 -13.78
N LEU N 335 2.48 44.93 -13.03
CA LEU N 335 3.96 44.76 -13.17
C LEU N 335 4.34 44.13 -14.48
N THR N 336 3.47 43.27 -15.01
CA THR N 336 3.72 42.63 -16.30
C THR N 336 3.71 43.66 -17.43
N TRP N 337 2.93 44.72 -17.22
CA TRP N 337 2.82 45.79 -18.18
C TRP N 337 4.18 46.51 -18.19
N ILE N 338 4.69 46.87 -17.01
CA ILE N 338 5.98 47.52 -16.95
C ILE N 338 7.05 46.73 -17.71
N GLY N 339 7.08 45.41 -17.60
CA GLY N 339 8.03 44.60 -18.34
C GLY N 339 8.21 44.93 -19.79
N GLY N 340 7.19 45.28 -20.56
CA GLY N 340 7.37 45.66 -21.96
C GLY N 340 7.49 47.17 -22.15
N GLN N 341 7.90 47.86 -21.09
CA GLN N 341 7.98 49.30 -21.14
C GLN N 341 9.38 49.84 -21.16
N PRO N 342 9.63 50.81 -22.02
CA PRO N 342 10.88 51.57 -21.94
C PRO N 342 11.17 51.87 -20.47
N VAL N 343 12.42 51.73 -20.11
CA VAL N 343 12.88 51.95 -18.74
C VAL N 343 13.23 53.42 -18.50
N GLU N 344 12.16 54.17 -18.43
CA GLU N 344 12.20 55.61 -18.34
C GLU N 344 11.34 56.05 -17.16
N HIS N 345 11.43 57.33 -16.87
CA HIS N 345 10.77 57.90 -15.72
C HIS N 345 9.38 57.35 -15.46
N PRO N 346 8.44 57.64 -16.32
CA PRO N 346 7.05 57.22 -16.19
C PRO N 346 6.88 55.80 -15.69
N TYR N 347 7.51 54.84 -16.32
CA TYR N 347 7.44 53.43 -15.95
C TYR N 347 8.25 53.19 -14.71
N ILE N 348 9.43 53.76 -14.60
CA ILE N 348 10.25 53.56 -13.40
C ILE N 348 9.44 53.79 -12.15
N THR N 349 9.07 55.05 -11.96
CA THR N 349 8.30 55.46 -10.80
C THR N 349 7.10 54.56 -10.58
N ILE N 350 6.39 54.16 -11.64
CA ILE N 350 5.26 53.25 -11.45
C ILE N 350 5.77 51.92 -10.90
N GLY N 351 6.62 51.25 -11.68
CA GLY N 351 7.16 49.96 -11.26
C GLY N 351 7.59 49.98 -9.81
N GLN N 352 8.33 51.02 -9.41
CA GLN N 352 8.83 51.01 -8.04
C GLN N 352 7.69 50.88 -7.06
N LEU N 353 6.64 51.68 -7.29
CA LEU N 353 5.53 51.62 -6.34
C LEU N 353 4.87 50.26 -6.41
N ALA N 354 4.69 49.74 -7.61
CA ALA N 354 4.15 48.40 -7.77
C ALA N 354 4.97 47.37 -7.00
N SER N 355 6.29 47.37 -7.19
CA SER N 355 7.14 46.43 -6.48
C SER N 355 6.95 46.54 -4.99
N VAL N 356 6.93 47.73 -4.37
CA VAL N 356 6.62 47.79 -2.96
C VAL N 356 5.20 47.30 -2.69
N LEU N 357 4.23 47.60 -3.55
CA LEU N 357 2.86 47.19 -3.26
C LEU N 357 2.72 45.67 -3.27
N TYR N 358 3.33 44.99 -4.23
CA TYR N 358 3.44 43.53 -4.17
C TYR N 358 3.96 42.91 -2.87
N PHE N 359 5.11 43.41 -2.38
CA PHE N 359 5.68 42.88 -1.17
C PHE N 359 4.85 43.26 0.05
N LEU N 360 4.21 44.41 -0.01
CA LEU N 360 3.36 44.86 1.09
C LEU N 360 2.19 43.88 1.20
N LEU N 361 1.53 43.71 0.05
CA LEU N 361 0.34 42.86 -0.02
C LEU N 361 0.63 41.46 0.50
N ILE N 362 1.84 40.99 0.20
CA ILE N 362 2.19 39.65 0.63
C ILE N 362 2.75 39.68 2.04
N LEU N 363 3.65 40.60 2.32
CA LEU N 363 4.35 40.59 3.58
C LEU N 363 3.69 41.27 4.76
N VAL N 364 2.92 42.32 4.54
CA VAL N 364 2.33 43.09 5.62
C VAL N 364 0.85 43.32 5.58
N LEU N 365 0.29 43.81 4.48
CA LEU N 365 -1.13 44.09 4.40
C LEU N 365 -1.96 42.86 4.73
N MET N 366 -2.06 41.87 3.85
CA MET N 366 -2.82 40.67 4.11
C MET N 366 -2.72 40.10 5.51
N PRO N 367 -1.57 39.73 6.03
CA PRO N 367 -1.38 39.30 7.40
C PRO N 367 -2.20 40.12 8.38
N THR N 368 -2.14 41.44 8.35
CA THR N 368 -2.89 42.30 9.26
C THR N 368 -4.38 42.10 9.04
N ALA N 369 -4.81 42.23 7.79
CA ALA N 369 -6.20 42.03 7.39
C ALA N 369 -6.75 40.71 7.92
N GLY N 370 -5.88 39.72 8.00
CA GLY N 370 -6.26 38.43 8.55
C GLY N 370 -6.68 38.54 10.00
N THR N 371 -5.81 39.06 10.85
CA THR N 371 -6.10 39.44 12.22
C THR N 371 -7.38 40.26 12.34
N ILE N 372 -7.40 41.43 11.70
CA ILE N 372 -8.59 42.27 11.80
C ILE N 372 -9.82 41.37 11.65
N GLU N 373 -9.97 40.72 10.51
CA GLU N 373 -11.16 39.92 10.24
C GLU N 373 -11.46 38.97 11.37
N ASN N 374 -10.40 38.34 11.90
CA ASN N 374 -10.61 37.45 13.03
C ASN N 374 -11.20 38.22 14.20
N LYS N 375 -10.76 39.46 14.41
CA LYS N 375 -11.24 40.17 15.59
C LYS N 375 -12.64 40.68 15.38
N LEU N 376 -13.03 41.01 14.15
CA LEU N 376 -14.40 41.39 13.84
C LEU N 376 -15.35 40.24 14.10
N LEU N 377 -14.93 39.02 13.81
CA LEU N 377 -15.80 37.86 14.01
C LEU N 377 -15.82 37.49 15.49
N LYS N 378 -14.91 38.09 16.26
CA LYS N 378 -14.80 37.89 17.69
C LYS N 378 -14.00 36.63 17.99
N TRP N 379 -13.45 35.99 16.97
CA TRP N 379 -12.66 34.78 17.01
C TRP N 379 -11.50 34.82 18.03
N SER O 1 15.53 58.29 -29.01
CA SER O 1 14.24 58.64 -28.36
C SER O 1 13.36 59.47 -29.29
N ASP O 2 13.24 59.01 -30.53
CA ASP O 2 12.40 59.72 -31.49
C ASP O 2 11.08 58.99 -31.68
N LEU O 3 9.98 59.75 -31.67
CA LEU O 3 8.70 59.10 -31.90
C LEU O 3 8.82 58.27 -33.18
N GLU O 4 8.24 57.08 -33.15
CA GLU O 4 8.21 56.29 -34.38
C GLU O 4 6.77 56.22 -34.85
N LEU O 5 6.56 56.55 -36.11
CA LEU O 5 5.20 56.47 -36.67
C LEU O 5 4.85 55.01 -36.84
N HIS O 6 3.57 54.65 -36.80
CA HIS O 6 3.25 53.25 -36.93
C HIS O 6 2.29 52.95 -38.07
N PRO O 7 2.45 51.77 -38.63
CA PRO O 7 1.66 51.29 -39.73
C PRO O 7 0.17 51.19 -39.61
N PRO O 8 -0.61 51.65 -40.57
CA PRO O 8 -2.05 51.41 -40.63
C PRO O 8 -2.38 49.93 -40.63
N SER O 9 -3.60 49.59 -40.21
CA SER O 9 -4.09 48.23 -40.44
C SER O 9 -4.61 48.18 -41.87
N TYR O 10 -3.65 48.31 -42.78
CA TYR O 10 -4.02 48.43 -44.17
C TYR O 10 -4.91 47.27 -44.58
N PRO O 11 -5.96 47.62 -45.28
CA PRO O 11 -6.91 46.72 -45.90
C PRO O 11 -6.23 45.64 -46.73
N TRP O 12 -6.28 44.40 -46.25
CA TRP O 12 -5.54 43.28 -46.86
C TRP O 12 -6.51 42.15 -47.16
N SER O 13 -6.45 41.41 -48.27
CA SER O 13 -7.48 40.38 -48.45
C SER O 13 -7.54 39.43 -47.26
N HIS O 14 -6.43 39.28 -46.57
CA HIS O 14 -6.24 38.29 -45.53
C HIS O 14 -6.39 38.72 -44.09
N ARG O 15 -6.58 40.01 -43.86
CA ARG O 15 -6.76 40.55 -42.52
C ARG O 15 -7.64 39.66 -41.66
N GLY O 16 -8.69 39.10 -42.20
CA GLY O 16 -9.64 38.25 -41.52
C GLY O 16 -9.28 36.81 -41.21
N LEU O 17 -9.88 36.29 -40.12
CA LEU O 17 -9.62 34.95 -39.67
C LEU O 17 -9.72 33.94 -40.79
N LEU O 18 -10.78 33.97 -41.58
CA LEU O 18 -10.86 32.99 -42.67
C LEU O 18 -10.19 33.50 -43.93
N SER O 19 -9.86 34.79 -44.00
CA SER O 19 -9.35 35.32 -45.26
C SER O 19 -8.05 34.64 -45.61
N SER O 20 -7.84 34.40 -46.90
CA SER O 20 -6.60 33.76 -47.29
C SER O 20 -5.80 34.71 -48.20
N LEU O 21 -4.59 34.29 -48.51
CA LEU O 21 -3.69 34.95 -49.44
C LEU O 21 -4.35 35.00 -50.83
N ASP O 22 -3.99 35.98 -51.62
CA ASP O 22 -4.35 36.14 -53.02
C ASP O 22 -3.12 35.82 -53.88
N HIS O 23 -3.02 34.62 -54.46
CA HIS O 23 -1.82 34.29 -55.20
C HIS O 23 -1.47 35.26 -56.30
N THR O 24 -2.48 35.72 -57.05
CA THR O 24 -2.12 36.65 -58.11
C THR O 24 -1.27 37.75 -57.51
N SER O 25 -1.71 38.34 -56.40
CA SER O 25 -0.82 39.23 -55.65
C SER O 25 0.54 38.58 -55.44
N ILE O 26 0.56 37.40 -54.81
CA ILE O 26 1.84 36.73 -54.59
C ILE O 26 2.64 36.84 -55.89
N ARG O 27 2.11 36.16 -56.91
CA ARG O 27 2.75 36.14 -58.21
C ARG O 27 3.36 37.51 -58.51
N ARG O 28 2.52 38.48 -58.82
CA ARG O 28 3.02 39.83 -59.08
C ARG O 28 4.20 40.13 -58.13
N GLY O 29 3.91 40.20 -56.83
CA GLY O 29 4.92 40.61 -55.86
C GLY O 29 6.26 39.94 -56.12
N PHE O 30 6.16 38.65 -56.41
CA PHE O 30 7.36 37.85 -56.60
C PHE O 30 8.30 38.55 -57.59
N GLN O 31 7.74 38.77 -58.77
CA GLN O 31 8.47 39.51 -59.79
C GLN O 31 9.02 40.81 -59.23
N VAL O 32 8.22 41.66 -58.56
CA VAL O 32 8.78 42.82 -57.86
C VAL O 32 10.04 42.50 -57.07
N TYR O 33 9.96 41.52 -56.16
CA TYR O 33 11.16 41.16 -55.44
C TYR O 33 12.28 40.85 -56.44
N LYS O 34 12.07 39.92 -57.36
CA LYS O 34 13.02 39.41 -58.29
C LYS O 34 13.69 40.46 -59.15
N GLN O 35 12.95 41.47 -59.60
CA GLN O 35 13.47 42.52 -60.44
C GLN O 35 13.87 43.75 -59.64
N VAL O 36 13.03 44.10 -58.68
CA VAL O 36 13.32 45.30 -57.91
C VAL O 36 14.27 45.04 -56.76
N CYS O 37 14.17 43.86 -56.18
CA CYS O 37 14.81 43.59 -54.90
C CYS O 37 15.92 42.57 -54.81
N SER O 38 15.98 41.68 -55.80
CA SER O 38 16.94 40.60 -55.81
C SER O 38 18.37 41.12 -55.72
N SER O 39 18.58 42.31 -56.25
CA SER O 39 19.80 43.04 -56.36
C SER O 39 20.56 43.30 -55.08
N CYS O 40 19.88 43.45 -53.94
CA CYS O 40 20.63 43.73 -52.74
C CYS O 40 20.16 42.88 -51.58
N HIS O 41 18.88 42.49 -51.59
CA HIS O 41 18.34 41.71 -50.47
C HIS O 41 18.18 40.24 -50.86
N SER O 42 18.59 39.32 -50.02
CA SER O 42 18.42 37.90 -50.26
C SER O 42 17.17 37.31 -49.64
N MET O 43 16.82 36.09 -50.03
CA MET O 43 15.79 35.27 -49.40
C MET O 43 16.32 33.84 -49.38
N ASP O 44 17.08 33.54 -48.33
CA ASP O 44 17.70 32.26 -48.18
C ASP O 44 16.77 31.07 -47.97
N TYR O 45 15.71 31.20 -47.17
CA TYR O 45 14.90 30.02 -46.92
C TYR O 45 13.85 29.84 -47.99
N VAL O 46 13.90 30.72 -49.00
CA VAL O 46 13.00 30.51 -50.11
C VAL O 46 13.72 29.80 -51.25
N ALA O 47 13.18 28.64 -51.54
CA ALA O 47 13.63 27.82 -52.65
C ALA O 47 12.77 28.27 -53.83
N TYR O 48 12.96 27.66 -54.97
CA TYR O 48 12.20 27.99 -56.17
C TYR O 48 10.94 27.12 -56.20
N ARG O 49 10.31 27.02 -55.04
CA ARG O 49 9.07 26.35 -54.72
C ARG O 49 7.83 27.23 -54.63
N HIS O 50 7.48 27.86 -55.75
CA HIS O 50 6.28 28.70 -55.78
C HIS O 50 5.14 27.80 -56.26
N LEU O 51 5.59 26.78 -56.96
CA LEU O 51 4.73 25.98 -57.80
C LEU O 51 3.26 26.21 -57.51
N VAL O 52 2.89 25.46 -56.48
CA VAL O 52 1.50 25.46 -56.05
C VAL O 52 1.22 26.67 -55.17
N GLY O 53 2.26 27.11 -54.45
CA GLY O 53 2.14 28.20 -53.52
C GLY O 53 1.91 29.53 -54.22
N VAL O 54 2.41 29.65 -55.43
CA VAL O 54 2.38 30.87 -56.22
C VAL O 54 1.72 30.67 -57.58
N CYS O 55 1.11 29.51 -57.76
CA CYS O 55 0.53 29.14 -59.01
C CYS O 55 1.42 29.09 -60.21
N TYR O 56 2.72 29.27 -60.00
CA TYR O 56 3.64 29.02 -61.09
C TYR O 56 3.69 27.52 -61.32
N THR O 57 3.54 27.02 -62.54
CA THR O 57 3.67 25.56 -62.67
C THR O 57 5.05 25.11 -62.20
N GLU O 58 5.24 23.79 -62.22
CA GLU O 58 6.55 23.14 -62.09
C GLU O 58 7.38 23.36 -63.35
N ASP O 59 6.80 23.27 -64.55
CA ASP O 59 7.50 23.71 -65.75
C ASP O 59 7.75 25.21 -65.72
N GLU O 60 6.76 25.97 -65.29
CA GLU O 60 6.88 27.43 -65.25
C GLU O 60 8.02 27.84 -64.34
N ALA O 61 8.02 27.33 -63.11
CA ALA O 61 9.04 27.73 -62.15
C ALA O 61 10.36 27.04 -62.48
N LYS O 62 10.26 25.83 -63.01
CA LYS O 62 11.52 25.17 -63.39
C LYS O 62 12.26 26.16 -64.30
N ALA O 63 11.60 26.55 -65.38
CA ALA O 63 12.14 27.54 -66.31
C ALA O 63 12.62 28.80 -65.62
N LEU O 64 11.77 29.34 -64.76
CA LEU O 64 12.04 30.56 -64.02
C LEU O 64 13.28 30.39 -63.14
N ALA O 65 13.40 29.20 -62.55
CA ALA O 65 14.53 28.85 -61.70
C ALA O 65 15.74 28.44 -62.52
N GLU O 66 15.58 28.14 -63.80
CA GLU O 66 16.69 27.73 -64.63
C GLU O 66 17.56 28.90 -65.05
N GLU O 67 16.91 29.95 -65.52
CA GLU O 67 17.60 31.17 -65.92
C GLU O 67 18.27 31.84 -64.74
N VAL O 68 17.64 31.76 -63.56
CA VAL O 68 18.31 32.36 -62.41
C VAL O 68 19.55 31.56 -62.07
N GLU O 69 19.57 30.26 -62.35
CA GLU O 69 20.80 29.51 -62.16
C GLU O 69 21.72 29.64 -63.35
N VAL O 70 21.24 30.14 -64.49
CA VAL O 70 22.16 30.32 -65.60
C VAL O 70 22.98 31.60 -65.45
N GLN O 71 22.36 32.66 -64.96
CA GLN O 71 23.03 33.94 -64.77
C GLN O 71 23.69 34.05 -63.39
N ASP O 72 22.92 33.83 -62.33
CA ASP O 72 23.49 33.95 -61.00
C ASP O 72 24.02 32.61 -60.51
N GLY O 73 23.55 31.55 -61.13
CA GLY O 73 23.86 30.19 -60.86
C GLY O 73 24.78 29.79 -59.76
N PRO O 74 24.95 28.48 -59.62
CA PRO O 74 25.79 27.87 -58.61
C PRO O 74 27.26 28.21 -58.68
N ASN O 75 27.70 29.09 -59.57
CA ASN O 75 29.03 29.63 -59.67
C ASN O 75 29.26 30.68 -58.57
N GLU O 76 28.16 31.22 -58.07
CA GLU O 76 28.18 32.07 -56.89
C GLU O 76 28.00 31.24 -55.63
N ASP O 77 27.59 29.98 -55.78
CA ASP O 77 27.44 29.08 -54.64
C ASP O 77 28.70 28.23 -54.46
N GLY O 78 29.35 27.91 -55.57
CA GLY O 78 30.56 27.10 -55.51
C GLY O 78 30.44 25.87 -56.40
N GLU O 79 29.36 25.80 -57.20
CA GLU O 79 29.25 24.73 -58.18
C GLU O 79 29.90 25.19 -59.49
N MET O 80 31.22 25.15 -59.50
CA MET O 80 32.01 25.58 -60.64
C MET O 80 31.21 25.41 -61.92
N PHE O 81 31.11 24.17 -62.37
CA PHE O 81 30.38 23.93 -63.62
C PHE O 81 28.90 23.73 -63.50
N MET O 82 28.15 24.60 -62.81
CA MET O 82 26.70 24.46 -62.79
C MET O 82 25.98 25.51 -63.64
N ARG O 83 24.88 25.10 -64.25
CA ARG O 83 24.09 25.91 -65.17
C ARG O 83 22.61 25.63 -64.92
N PRO O 84 21.75 25.92 -65.88
CA PRO O 84 20.32 25.71 -65.86
C PRO O 84 19.90 24.29 -65.48
N GLY O 85 18.69 24.16 -64.91
CA GLY O 85 18.12 22.88 -64.57
C GLY O 85 17.48 22.73 -63.21
N LYS O 86 18.27 22.75 -62.15
CA LYS O 86 17.95 22.44 -60.78
C LYS O 86 16.84 23.26 -60.15
N LEU O 87 16.15 22.66 -59.18
CA LEU O 87 15.06 23.24 -58.44
C LEU O 87 15.30 23.29 -56.94
N SER O 88 16.24 22.53 -56.40
CA SER O 88 16.49 22.62 -54.95
C SER O 88 17.36 23.83 -54.64
N ASP O 89 17.77 24.62 -55.63
CA ASP O 89 18.62 25.77 -55.29
C ASP O 89 17.85 26.93 -54.73
N TYR O 90 18.38 27.55 -53.67
CA TYR O 90 17.65 28.65 -53.05
C TYR O 90 17.96 29.96 -53.77
N PHE O 91 17.13 30.98 -53.58
CA PHE O 91 17.30 32.25 -54.23
C PHE O 91 18.71 32.78 -54.06
N PRO O 92 19.20 33.34 -55.15
CA PRO O 92 20.60 33.72 -55.27
C PRO O 92 21.01 34.91 -54.47
N LYS O 93 21.99 34.68 -53.61
CA LYS O 93 22.56 35.66 -52.71
C LYS O 93 23.10 36.83 -53.53
N PRO O 94 22.63 38.03 -53.32
CA PRO O 94 23.07 39.22 -54.02
C PRO O 94 24.58 39.31 -54.00
N TYR O 95 25.22 38.99 -52.87
CA TYR O 95 26.68 39.07 -52.79
C TYR O 95 27.29 37.83 -52.14
N PRO O 96 28.52 37.52 -52.45
CA PRO O 96 29.26 36.39 -51.92
C PRO O 96 29.02 36.20 -50.44
N ASN O 97 29.10 37.29 -49.69
CA ASN O 97 28.98 37.23 -48.24
C ASN O 97 28.77 38.61 -47.63
N PRO O 98 27.89 38.75 -46.66
CA PRO O 98 27.52 39.94 -45.95
C PRO O 98 28.47 41.11 -45.88
N GLU O 99 29.73 40.91 -45.57
CA GLU O 99 30.72 41.98 -45.56
C GLU O 99 30.69 42.75 -46.88
N ALA O 100 30.70 42.02 -47.99
CA ALA O 100 30.64 42.64 -49.31
C ALA O 100 29.38 43.51 -49.37
N ALA O 101 28.25 42.85 -49.18
CA ALA O 101 26.93 43.43 -49.13
C ALA O 101 26.86 44.77 -48.41
N ARG O 102 27.60 44.94 -47.31
CA ARG O 102 27.62 46.27 -46.68
C ARG O 102 28.44 47.24 -47.52
N ALA O 103 29.54 46.77 -48.11
CA ALA O 103 30.33 47.66 -48.96
C ALA O 103 29.53 48.19 -50.14
N ALA O 104 28.71 47.38 -50.78
CA ALA O 104 27.92 47.80 -51.93
C ALA O 104 26.88 48.85 -51.57
N ASN O 105 26.56 48.89 -50.28
CA ASN O 105 25.55 49.82 -49.80
C ASN O 105 26.15 50.68 -48.71
N ASN O 106 27.48 50.64 -48.66
CA ASN O 106 28.19 51.55 -47.78
C ASN O 106 27.83 51.44 -46.32
N GLY O 107 28.34 50.42 -45.64
CA GLY O 107 28.15 50.18 -44.23
C GLY O 107 26.87 49.49 -43.81
N ALA O 108 25.83 49.62 -44.62
CA ALA O 108 24.51 49.06 -44.34
C ALA O 108 24.41 47.62 -44.82
N LEU O 109 23.56 46.81 -44.21
CA LEU O 109 23.48 45.38 -44.55
C LEU O 109 22.06 44.95 -44.88
N PRO O 110 21.73 44.95 -46.15
CA PRO O 110 20.46 44.57 -46.69
C PRO O 110 19.88 43.32 -46.06
N PRO O 111 18.91 43.49 -45.18
CA PRO O 111 18.20 42.45 -44.48
C PRO O 111 17.50 41.44 -45.38
N ASP O 112 17.67 40.19 -44.98
CA ASP O 112 17.10 39.05 -45.73
C ASP O 112 15.58 39.17 -45.68
N LEU O 113 14.94 39.28 -46.83
CA LEU O 113 13.50 39.52 -46.78
C LEU O 113 12.65 38.33 -46.44
N SER O 114 13.23 37.14 -46.46
CA SER O 114 12.56 35.92 -46.06
C SER O 114 11.46 36.17 -45.03
N TYR O 115 11.81 36.75 -43.91
CA TYR O 115 11.08 36.87 -42.68
C TYR O 115 10.82 38.30 -42.24
N ILE O 116 11.19 39.28 -43.07
CA ILE O 116 10.98 40.67 -42.69
C ILE O 116 9.60 40.89 -42.14
N VAL O 117 8.54 40.55 -42.84
CA VAL O 117 7.19 40.62 -42.34
C VAL O 117 7.04 40.17 -40.91
N ARG O 118 7.52 38.97 -40.61
CA ARG O 118 7.35 38.49 -39.25
C ARG O 118 8.50 38.95 -38.36
N ALA O 119 9.60 39.41 -38.94
CA ALA O 119 10.75 39.74 -38.09
C ALA O 119 10.54 41.08 -37.41
N ARG O 120 10.66 42.14 -38.18
CA ARG O 120 10.49 43.49 -37.72
C ARG O 120 9.08 43.71 -37.17
N HIS O 121 9.04 44.51 -36.09
CA HIS O 121 7.81 44.73 -35.34
C HIS O 121 6.81 45.40 -36.27
N GLY O 122 5.54 44.99 -36.26
CA GLY O 122 4.60 45.70 -37.10
C GLY O 122 4.18 45.15 -38.43
N GLY O 123 4.65 43.98 -38.81
CA GLY O 123 4.20 43.31 -40.02
C GLY O 123 4.10 44.11 -41.30
N GLU O 124 3.45 43.52 -42.28
CA GLU O 124 3.30 44.00 -43.64
C GLU O 124 2.91 45.47 -43.73
N ASP O 125 2.09 45.88 -42.78
CA ASP O 125 1.71 47.28 -42.66
C ASP O 125 3.01 48.09 -42.67
N TYR O 126 3.92 47.89 -41.72
CA TYR O 126 5.17 48.63 -41.68
C TYR O 126 5.87 48.53 -43.01
N VAL O 127 5.96 47.31 -43.53
CA VAL O 127 6.74 47.18 -44.76
C VAL O 127 6.12 48.02 -45.86
N PHE O 128 4.79 48.00 -45.91
CA PHE O 128 4.09 48.77 -46.93
C PHE O 128 4.21 50.26 -46.72
N SER O 129 4.00 50.72 -45.49
CA SER O 129 4.12 52.13 -45.17
C SER O 129 5.56 52.64 -45.22
N LEU O 130 6.56 51.79 -45.38
CA LEU O 130 7.95 52.25 -45.42
C LEU O 130 8.26 52.61 -46.86
N LEU O 131 8.11 51.56 -47.66
CA LEU O 131 8.24 51.68 -49.10
C LEU O 131 7.40 52.84 -49.64
N THR O 132 6.14 52.87 -49.24
CA THR O 132 5.22 53.90 -49.74
C THR O 132 5.36 55.20 -48.98
N GLY O 133 6.11 55.16 -47.89
CA GLY O 133 6.36 56.34 -47.06
C GLY O 133 7.71 56.98 -47.36
N TYR O 134 7.70 58.12 -48.02
CA TYR O 134 8.92 58.88 -48.25
C TYR O 134 8.49 60.33 -48.43
N CYS O 135 8.81 61.15 -47.44
CA CYS O 135 8.39 62.55 -47.49
C CYS O 135 9.58 63.48 -47.31
N GLU O 136 9.31 64.78 -47.40
CA GLU O 136 10.35 65.78 -47.33
C GLU O 136 10.91 65.97 -45.93
N PRO O 137 12.21 65.88 -45.80
CA PRO O 137 12.93 66.25 -44.60
C PRO O 137 12.26 67.46 -43.98
N PRO O 138 12.24 67.50 -42.69
CA PRO O 138 11.59 68.50 -41.87
C PRO O 138 12.42 69.74 -41.66
N THR O 139 11.77 70.88 -41.86
CA THR O 139 12.46 72.16 -41.70
C THR O 139 13.54 72.05 -40.63
N GLY O 140 14.74 72.53 -40.96
CA GLY O 140 15.84 72.60 -40.04
C GLY O 140 16.58 71.29 -39.84
N VAL O 141 16.35 70.32 -40.72
CA VAL O 141 16.98 69.02 -40.64
C VAL O 141 18.12 68.84 -41.64
N SER O 142 19.11 68.05 -41.26
CA SER O 142 20.27 67.80 -42.12
C SER O 142 20.30 66.34 -42.55
N LEU O 143 20.79 66.00 -43.74
CA LEU O 143 20.76 64.62 -44.20
C LEU O 143 21.95 64.17 -45.05
N ARG O 144 22.76 63.24 -44.56
CA ARG O 144 23.86 62.74 -45.40
C ARG O 144 23.20 61.96 -46.55
N GLU O 145 23.68 62.10 -47.77
CA GLU O 145 23.03 61.55 -48.95
C GLU O 145 22.45 60.15 -48.79
N GLY O 146 23.21 59.25 -48.18
CA GLY O 146 22.70 57.89 -47.95
C GLY O 146 21.49 57.98 -47.03
N LEU O 147 21.60 58.79 -45.99
CA LEU O 147 20.55 58.94 -45.00
C LEU O 147 19.29 59.59 -45.56
N TYR O 148 18.62 58.91 -46.48
CA TYR O 148 17.33 59.43 -46.96
C TYR O 148 16.39 59.51 -45.76
N PHE O 149 15.47 60.46 -45.76
CA PHE O 149 14.55 60.56 -44.62
C PHE O 149 13.31 59.74 -44.89
N ASN O 150 12.98 58.86 -43.93
CA ASN O 150 11.75 58.08 -44.05
C ASN O 150 10.91 58.24 -42.79
N PRO O 151 9.65 58.57 -42.95
CA PRO O 151 8.73 58.84 -41.87
C PRO O 151 8.50 57.71 -40.89
N TYR O 152 8.86 56.48 -41.28
CA TYR O 152 8.62 55.33 -40.44
C TYR O 152 9.85 54.54 -40.06
N PHE O 153 11.02 55.14 -39.96
CA PHE O 153 12.17 54.36 -39.50
C PHE O 153 12.56 54.83 -38.10
N PRO O 154 12.63 53.89 -37.19
CA PRO O 154 12.96 54.07 -35.80
C PRO O 154 13.78 55.33 -35.55
N GLY O 155 14.97 55.31 -36.14
CA GLY O 155 15.95 56.38 -36.00
C GLY O 155 15.70 57.54 -36.96
N GLN O 156 14.54 57.52 -37.60
CA GLN O 156 14.06 58.53 -38.50
C GLN O 156 14.99 58.75 -39.69
N ALA O 157 15.64 57.69 -40.16
CA ALA O 157 16.55 57.77 -41.30
C ALA O 157 16.93 56.36 -41.75
N ILE O 158 16.88 56.13 -43.05
CA ILE O 158 17.22 54.83 -43.64
C ILE O 158 18.12 55.01 -44.85
N GLY O 159 18.97 54.01 -45.08
CA GLY O 159 19.83 54.01 -46.25
C GLY O 159 19.08 53.32 -47.39
N MET O 160 17.90 53.83 -47.79
CA MET O 160 17.23 53.16 -48.87
C MET O 160 16.89 53.94 -50.11
N ALA O 161 17.56 53.53 -51.18
CA ALA O 161 17.39 54.09 -52.52
C ALA O 161 15.92 53.99 -52.88
N PRO O 162 15.47 54.61 -53.94
CA PRO O 162 14.08 54.50 -54.39
C PRO O 162 13.66 53.03 -54.38
N PRO O 163 13.07 52.62 -53.28
CA PRO O 163 12.66 51.23 -53.14
C PRO O 163 11.91 50.85 -54.41
N ILE O 164 10.75 51.45 -54.56
CA ILE O 164 9.84 51.22 -55.67
C ILE O 164 9.33 52.56 -56.21
N TYR O 165 9.26 52.70 -57.52
CA TYR O 165 8.76 53.90 -58.18
C TYR O 165 7.82 53.53 -59.30
N ASN O 166 6.91 54.40 -59.72
CA ASN O 166 5.99 53.99 -60.78
C ASN O 166 6.69 53.41 -61.98
N GLU O 167 6.05 52.44 -62.65
CA GLU O 167 6.59 51.85 -63.87
C GLU O 167 8.00 51.33 -63.65
N VAL O 168 8.26 50.65 -62.53
CA VAL O 168 9.59 50.09 -62.27
C VAL O 168 9.71 48.84 -63.14
N LEU O 169 8.64 48.06 -63.10
CA LEU O 169 8.65 46.82 -63.85
C LEU O 169 7.32 46.70 -64.62
N GLU O 170 7.17 45.54 -65.25
CA GLU O 170 5.93 45.23 -65.92
C GLU O 170 5.46 43.81 -65.63
N PHE O 171 4.18 43.66 -65.30
CA PHE O 171 3.64 42.32 -65.07
C PHE O 171 3.00 41.76 -66.33
N ASP O 172 3.02 40.45 -66.41
CA ASP O 172 2.50 39.68 -67.52
C ASP O 172 1.11 40.11 -67.94
N ASP O 173 0.16 39.98 -67.01
CA ASP O 173 -1.23 40.32 -67.24
C ASP O 173 -1.41 41.76 -67.68
N GLY O 174 -0.92 42.71 -66.89
CA GLY O 174 -1.05 44.11 -67.27
C GLY O 174 -1.37 44.96 -66.05
N THR O 175 -1.31 44.32 -64.89
CA THR O 175 -1.59 45.09 -63.68
C THR O 175 -0.83 46.41 -63.66
N PRO O 176 -1.59 47.49 -63.64
CA PRO O 176 -1.11 48.84 -63.51
C PRO O 176 -0.03 49.00 -62.46
N ALA O 177 1.23 49.14 -62.85
CA ALA O 177 2.32 49.21 -61.89
C ALA O 177 2.50 50.54 -61.20
N THR O 178 1.62 50.84 -60.25
CA THR O 178 1.76 52.04 -59.43
C THR O 178 2.72 51.81 -58.28
N MET O 179 3.44 52.84 -57.81
CA MET O 179 4.34 52.68 -56.69
C MET O 179 3.66 51.83 -55.62
N SER O 180 2.48 52.28 -55.23
CA SER O 180 1.65 51.61 -54.25
C SER O 180 1.08 50.29 -54.75
N GLN O 181 0.49 50.28 -55.94
CA GLN O 181 -0.04 49.02 -56.47
C GLN O 181 1.05 47.96 -56.41
N VAL O 182 2.27 48.32 -56.79
CA VAL O 182 3.37 47.36 -56.73
C VAL O 182 3.66 46.97 -55.30
N ALA O 183 3.75 47.94 -54.40
CA ALA O 183 3.98 47.61 -53.00
C ALA O 183 2.89 46.72 -52.45
N LYS O 184 1.61 46.92 -52.77
CA LYS O 184 0.59 45.99 -52.31
C LYS O 184 0.99 44.58 -52.73
N ASP O 185 1.41 44.42 -53.98
CA ASP O 185 1.83 43.11 -54.43
C ASP O 185 3.13 42.67 -53.80
N VAL O 186 4.13 43.55 -53.66
CA VAL O 186 5.36 43.12 -53.00
C VAL O 186 5.18 42.64 -51.56
N CYS O 187 4.44 43.38 -50.76
CA CYS O 187 4.21 43.01 -49.37
C CYS O 187 3.62 41.60 -49.33
N THR O 188 2.55 41.41 -50.10
CA THR O 188 1.89 40.11 -50.08
C THR O 188 2.88 39.02 -50.36
N PHE O 189 3.66 39.13 -51.44
CA PHE O 189 4.63 38.03 -51.63
C PHE O 189 5.48 37.87 -50.37
N LEU O 190 5.87 38.90 -49.67
CA LEU O 190 6.65 38.81 -48.45
C LEU O 190 5.85 38.11 -47.35
N ARG O 191 4.61 38.55 -47.10
CA ARG O 191 3.79 37.89 -46.10
C ARG O 191 3.95 36.38 -46.23
N TRP O 192 3.76 35.85 -47.43
CA TRP O 192 3.89 34.46 -47.79
C TRP O 192 5.25 33.85 -47.53
N ALA O 193 6.35 34.46 -47.94
CA ALA O 193 7.67 33.92 -47.68
C ALA O 193 7.92 33.90 -46.19
N ALA O 194 7.32 34.81 -45.45
CA ALA O 194 7.44 34.83 -43.99
C ALA O 194 6.67 33.66 -43.37
N GLU O 195 5.42 33.47 -43.81
CA GLU O 195 4.63 32.37 -43.30
C GLU O 195 3.92 31.60 -44.41
N PRO O 196 4.62 30.64 -44.97
CA PRO O 196 4.18 29.79 -46.04
C PRO O 196 2.93 29.01 -45.65
N GLU O 197 2.76 28.80 -44.36
CA GLU O 197 1.64 28.03 -43.83
C GLU O 197 0.39 28.88 -43.67
N HIS O 198 0.48 30.16 -44.05
CA HIS O 198 -0.65 31.06 -43.83
C HIS O 198 -1.99 30.50 -44.23
N ASP O 199 -2.20 30.12 -45.49
CA ASP O 199 -3.47 29.52 -45.87
C ASP O 199 -3.79 28.20 -45.19
N HIS O 200 -2.97 27.16 -45.15
CA HIS O 200 -3.33 25.90 -44.52
C HIS O 200 -3.80 26.10 -43.09
N ARG O 201 -3.02 26.83 -42.32
CA ARG O 201 -3.40 27.13 -40.96
C ARG O 201 -4.76 27.77 -40.87
N LYS O 202 -5.10 28.78 -41.67
CA LYS O 202 -6.44 29.36 -41.58
C LYS O 202 -7.52 28.32 -41.89
N ARG O 203 -7.31 27.56 -42.98
CA ARG O 203 -8.14 26.45 -43.30
C ARG O 203 -8.35 25.51 -42.14
N MET O 204 -7.33 25.10 -41.40
CA MET O 204 -7.54 24.22 -40.27
C MET O 204 -8.33 24.95 -39.17
N GLY O 205 -8.03 26.24 -38.97
CA GLY O 205 -8.80 27.04 -38.05
C GLY O 205 -10.30 26.81 -38.24
N LEU O 206 -10.77 26.99 -39.46
CA LEU O 206 -12.17 26.75 -39.80
C LEU O 206 -12.52 25.33 -39.35
N LYS O 207 -11.91 24.30 -39.98
CA LYS O 207 -12.18 22.99 -39.36
C LYS O 207 -12.13 22.98 -37.85
N MET O 208 -11.08 23.42 -37.14
CA MET O 208 -11.09 23.37 -35.67
C MET O 208 -12.26 24.05 -34.97
N LEU O 209 -12.73 25.11 -35.56
CA LEU O 209 -13.85 25.91 -35.03
C LEU O 209 -15.19 25.23 -35.21
N LEU O 210 -15.49 24.73 -36.41
CA LEU O 210 -16.72 23.90 -36.50
C LEU O 210 -16.66 22.74 -35.54
N MET O 211 -15.73 21.78 -35.66
CA MET O 211 -15.61 20.69 -34.74
C MET O 211 -15.82 21.16 -33.31
N MET O 212 -14.93 22.07 -32.88
CA MET O 212 -15.03 22.56 -31.50
C MET O 212 -16.41 23.03 -31.13
N GLY O 213 -17.22 23.50 -32.06
CA GLY O 213 -18.58 23.95 -31.74
C GLY O 213 -19.49 22.72 -31.61
N LEU O 214 -19.06 21.54 -32.06
CA LEU O 214 -19.84 20.32 -31.91
C LEU O 214 -19.43 19.54 -30.67
N LEU O 215 -18.16 19.71 -30.26
CA LEU O 215 -17.67 18.94 -29.11
C LEU O 215 -17.95 19.69 -27.83
N LEU O 216 -17.70 21.01 -27.86
CA LEU O 216 -17.97 21.77 -26.65
C LEU O 216 -19.38 21.57 -26.14
N PRO O 217 -20.42 21.72 -26.94
CA PRO O 217 -21.80 21.53 -26.50
C PRO O 217 -22.05 20.06 -26.15
N LEU O 218 -21.56 19.13 -27.00
CA LEU O 218 -21.75 17.72 -26.78
C LEU O 218 -21.20 17.30 -25.42
N VAL O 219 -19.91 17.57 -25.26
CA VAL O 219 -19.26 17.17 -23.98
C VAL O 219 -19.88 17.85 -22.78
N TYR O 220 -20.44 19.06 -22.97
CA TYR O 220 -21.07 19.73 -21.82
C TYR O 220 -22.23 18.86 -21.43
N ALA O 221 -23.19 18.60 -22.32
CA ALA O 221 -24.27 17.66 -22.00
C ALA O 221 -23.74 16.43 -21.28
N MET O 222 -22.75 15.75 -21.79
CA MET O 222 -22.22 14.57 -21.09
C MET O 222 -21.92 14.88 -19.62
N LYS O 223 -21.28 16.03 -19.39
CA LYS O 223 -21.05 16.50 -18.02
C LYS O 223 -22.28 16.68 -17.20
N ARG O 224 -23.37 17.17 -17.80
CA ARG O 224 -24.57 17.33 -16.98
C ARG O 224 -25.24 15.98 -16.80
N HIS O 225 -25.25 15.18 -17.87
CA HIS O 225 -25.82 13.85 -17.75
C HIS O 225 -25.36 13.17 -16.47
N LYS O 226 -24.05 12.98 -16.38
CA LYS O 226 -23.49 12.39 -15.18
C LYS O 226 -23.82 13.17 -13.92
N TRP O 227 -23.31 14.39 -13.77
CA TRP O 227 -23.49 15.12 -12.57
C TRP O 227 -24.93 15.45 -12.16
N SER O 228 -25.92 15.28 -13.01
CA SER O 228 -27.32 15.60 -12.73
C SER O 228 -27.86 15.05 -11.45
N VAL O 229 -27.60 13.86 -11.07
CA VAL O 229 -27.94 13.10 -9.91
C VAL O 229 -27.54 13.97 -8.73
N LEU O 230 -26.30 14.43 -8.80
CA LEU O 230 -25.84 15.27 -7.70
C LEU O 230 -26.61 16.59 -7.64
N LYS O 231 -26.68 17.33 -8.76
CA LYS O 231 -27.32 18.61 -8.72
C LYS O 231 -28.84 18.56 -8.63
N SER O 232 -29.44 17.44 -8.99
CA SER O 232 -30.87 17.22 -8.79
C SER O 232 -31.16 16.73 -7.36
N ARG O 233 -30.16 16.28 -6.64
CA ARG O 233 -30.26 15.72 -5.32
C ARG O 233 -30.87 16.64 -4.30
N LYS O 234 -31.67 16.03 -3.43
CA LYS O 234 -32.25 16.78 -2.32
C LYS O 234 -31.98 16.04 -1.01
N LEU O 235 -31.85 16.75 0.08
CA LEU O 235 -31.50 16.20 1.38
C LEU O 235 -32.54 16.32 2.48
N ALA O 236 -32.41 15.37 3.43
CA ALA O 236 -33.25 15.36 4.58
C ALA O 236 -32.50 15.03 5.86
N TYR O 237 -32.73 15.69 6.96
CA TYR O 237 -32.09 15.45 8.24
C TYR O 237 -33.13 15.21 9.34
N ARG O 238 -33.10 13.99 9.85
CA ARG O 238 -34.07 13.51 10.80
C ARG O 238 -33.52 12.86 12.05
N PRO O 239 -32.95 13.62 12.96
CA PRO O 239 -32.42 13.14 14.21
C PRO O 239 -33.52 12.43 14.98
N PRO O 240 -33.19 11.68 16.01
CA PRO O 240 -34.11 10.96 16.87
C PRO O 240 -34.56 11.95 17.96
N LYS O 241 -33.63 12.88 18.16
CA LYS O 241 -33.76 14.03 19.00
C LYS O 241 -35.23 14.42 19.12
N SER P 1 -42.81 5.70 12.11
CA SER P 1 -42.02 6.97 12.25
C SER P 1 -41.27 7.12 10.92
N HIS P 2 -40.73 6.00 10.48
CA HIS P 2 -40.05 5.94 9.20
C HIS P 2 -41.08 5.71 8.09
N THR P 3 -42.33 5.96 8.41
CA THR P 3 -43.36 5.86 7.40
C THR P 3 -43.83 7.24 6.99
N ASP P 4 -43.71 8.28 7.82
CA ASP P 4 -44.09 9.62 7.40
C ASP P 4 -43.07 10.20 6.42
N ILE P 5 -42.20 9.36 5.83
CA ILE P 5 -41.27 9.71 4.80
C ILE P 5 -41.99 9.86 3.44
N LYS P 6 -41.52 10.85 2.69
CA LYS P 6 -42.08 11.08 1.34
C LYS P 6 -40.86 11.31 0.46
N VAL P 7 -40.85 10.78 -0.76
CA VAL P 7 -39.79 11.31 -1.62
C VAL P 7 -40.31 12.61 -2.28
N PRO P 8 -39.50 13.64 -2.19
CA PRO P 8 -39.68 14.98 -2.68
C PRO P 8 -40.09 15.04 -4.14
N ASP P 9 -40.79 16.13 -4.48
CA ASP P 9 -41.28 16.40 -5.82
C ASP P 9 -40.13 16.63 -6.82
N PHE P 10 -40.07 15.66 -7.73
CA PHE P 10 -38.99 15.70 -8.71
C PHE P 10 -39.42 16.27 -10.04
N SER P 11 -40.68 16.63 -10.14
CA SER P 11 -41.31 17.06 -11.35
C SER P 11 -40.57 18.11 -12.16
N ASP P 12 -39.90 19.05 -11.54
CA ASP P 12 -39.10 20.03 -12.23
C ASP P 12 -37.88 19.42 -12.93
N TYR P 13 -37.21 18.46 -12.27
CA TYR P 13 -36.00 17.86 -12.78
C TYR P 13 -36.23 16.71 -13.74
N ARG P 14 -37.43 16.06 -13.66
CA ARG P 14 -37.56 15.00 -14.66
C ARG P 14 -37.96 15.53 -16.00
N ARG P 15 -38.49 14.61 -16.84
CA ARG P 15 -38.78 15.12 -18.18
C ARG P 15 -40.08 14.61 -18.77
N PRO P 16 -40.41 15.24 -19.88
CA PRO P 16 -41.59 14.94 -20.65
C PRO P 16 -41.91 13.46 -20.60
N GLU P 17 -41.15 12.68 -21.32
CA GLU P 17 -41.40 11.26 -21.47
C GLU P 17 -41.78 10.52 -20.22
N VAL P 18 -41.27 10.82 -19.03
CA VAL P 18 -41.51 10.02 -17.85
C VAL P 18 -42.04 10.89 -16.73
N LEU P 19 -42.88 11.82 -17.07
CA LEU P 19 -43.44 12.72 -16.05
C LEU P 19 -44.81 12.28 -15.59
N ASP P 20 -45.31 11.15 -16.07
CA ASP P 20 -46.71 10.79 -15.91
C ASP P 20 -46.90 10.01 -14.63
N SER P 21 -47.14 10.70 -13.52
CA SER P 21 -47.33 9.99 -12.27
C SER P 21 -48.01 8.65 -12.43
N THR P 22 -49.06 8.53 -13.25
CA THR P 22 -49.77 7.28 -13.43
C THR P 22 -49.54 6.57 -14.75
N LYS P 23 -48.35 6.58 -15.36
CA LYS P 23 -48.21 5.64 -16.46
C LYS P 23 -46.83 5.07 -16.64
N SER P 24 -46.69 4.00 -17.41
CA SER P 24 -45.46 3.29 -17.56
C SER P 24 -44.25 4.00 -18.14
N SER P 25 -43.05 3.69 -17.62
CA SER P 25 -41.82 4.33 -18.06
C SER P 25 -41.02 3.41 -18.96
N LYS P 26 -41.48 2.17 -18.96
CA LYS P 26 -40.81 1.14 -19.73
C LYS P 26 -40.95 1.40 -21.22
N GLU P 27 -42.17 1.78 -21.62
CA GLU P 27 -42.42 2.06 -23.02
C GLU P 27 -42.17 3.52 -23.38
N SER P 28 -41.54 4.21 -22.46
CA SER P 28 -41.11 5.59 -22.66
C SER P 28 -39.59 5.69 -22.77
N SER P 29 -38.91 5.15 -21.77
CA SER P 29 -37.50 5.15 -21.57
C SER P 29 -36.58 4.39 -22.48
N GLU P 30 -37.08 3.67 -23.46
CA GLU P 30 -36.35 2.96 -24.49
C GLU P 30 -35.48 3.89 -25.37
N ALA P 31 -36.10 5.00 -25.66
CA ALA P 31 -35.61 6.10 -26.45
C ALA P 31 -34.68 7.01 -25.64
N ARG P 32 -35.18 7.26 -24.43
CA ARG P 32 -34.46 8.15 -23.51
C ARG P 32 -33.04 7.67 -23.32
N LYS P 33 -32.85 6.34 -23.30
CA LYS P 33 -31.46 5.88 -23.25
C LYS P 33 -30.75 6.04 -24.56
N GLY P 34 -31.52 6.04 -25.63
CA GLY P 34 -30.98 6.13 -26.99
C GLY P 34 -30.42 7.55 -27.09
N PHE P 35 -31.24 8.47 -26.64
CA PHE P 35 -30.89 9.84 -26.96
C PHE P 35 -29.65 10.26 -26.19
N SER P 36 -29.55 9.69 -25.00
CA SER P 36 -28.36 10.01 -24.19
C SER P 36 -27.17 9.28 -24.82
N TYR P 37 -27.36 8.03 -25.24
CA TYR P 37 -26.26 7.25 -25.79
C TYR P 37 -25.89 7.74 -27.17
N LEU P 38 -26.85 8.38 -27.82
CA LEU P 38 -26.64 9.00 -29.12
C LEU P 38 -25.56 10.09 -29.00
N VAL P 39 -25.64 10.85 -27.92
CA VAL P 39 -24.83 12.04 -27.70
C VAL P 39 -23.38 11.53 -27.55
N THR P 40 -23.26 10.56 -26.66
CA THR P 40 -22.00 9.83 -26.50
C THR P 40 -21.43 9.36 -27.82
N ALA P 41 -22.18 8.66 -28.66
CA ALA P 41 -21.65 8.07 -29.90
C ALA P 41 -21.20 9.07 -30.92
N THR P 42 -21.75 10.27 -30.77
CA THR P 42 -21.43 11.36 -31.67
C THR P 42 -20.13 12.02 -31.25
N THR P 43 -20.16 12.78 -30.14
CA THR P 43 -18.83 13.03 -29.51
C THR P 43 -17.75 12.00 -29.79
N THR P 44 -17.95 10.71 -29.45
CA THR P 44 -16.83 9.80 -29.65
C THR P 44 -16.48 9.64 -31.11
N VAL P 45 -17.44 9.93 -31.95
CA VAL P 45 -17.20 9.85 -33.40
C VAL P 45 -16.52 11.10 -33.92
N GLY P 46 -16.93 12.29 -33.53
CA GLY P 46 -16.18 13.48 -33.91
C GLY P 46 -14.75 13.49 -33.38
N VAL P 47 -14.60 13.30 -32.09
CA VAL P 47 -13.24 13.19 -31.45
C VAL P 47 -12.24 12.27 -32.13
N ALA P 48 -12.79 11.10 -32.50
CA ALA P 48 -12.09 10.16 -33.35
C ALA P 48 -11.54 10.83 -34.60
N TYR P 49 -12.27 11.85 -35.11
CA TYR P 49 -11.75 12.51 -36.33
C TYR P 49 -10.52 13.35 -35.96
N ALA P 50 -10.76 14.21 -34.98
CA ALA P 50 -9.64 14.97 -34.43
C ALA P 50 -8.46 14.08 -34.10
N ALA P 51 -8.65 12.99 -33.34
CA ALA P 51 -7.45 12.19 -33.12
C ALA P 51 -6.80 11.90 -34.47
N LYS P 52 -7.55 11.19 -35.32
CA LYS P 52 -6.99 10.81 -36.59
C LYS P 52 -6.07 11.85 -37.21
N ASN P 53 -6.50 13.13 -37.27
CA ASN P 53 -5.71 14.10 -38.02
C ASN P 53 -4.54 14.61 -37.21
N VAL P 54 -4.69 14.46 -35.90
CA VAL P 54 -3.60 14.91 -35.02
C VAL P 54 -2.50 13.87 -35.04
N VAL P 55 -2.91 12.60 -35.03
CA VAL P 55 -1.91 11.52 -34.98
C VAL P 55 -1.17 11.49 -36.33
N SER P 56 -2.00 11.72 -37.39
CA SER P 56 -1.53 11.54 -38.76
C SER P 56 -0.40 12.53 -39.02
N GLN P 57 -0.68 13.76 -38.60
CA GLN P 57 0.29 14.83 -38.75
C GLN P 57 1.59 14.55 -38.01
N PHE P 58 1.48 13.97 -36.82
CA PHE P 58 2.67 13.69 -36.03
C PHE P 58 3.45 12.49 -36.56
N VAL P 59 2.80 11.58 -37.27
CA VAL P 59 3.52 10.53 -37.94
C VAL P 59 4.19 11.03 -39.23
N SER P 60 3.49 11.86 -39.98
CA SER P 60 3.95 12.40 -41.23
C SER P 60 5.15 13.32 -41.03
N SER P 61 5.09 13.97 -39.87
CA SER P 61 6.26 14.74 -39.41
C SER P 61 7.51 13.90 -39.62
N MET P 62 7.45 12.60 -39.45
CA MET P 62 8.56 11.69 -39.57
C MET P 62 8.77 11.04 -40.94
N SER P 63 7.74 10.76 -41.67
CA SER P 63 7.64 10.19 -42.99
C SER P 63 8.68 10.63 -43.97
N ALA P 64 8.73 11.89 -44.40
CA ALA P 64 9.84 12.29 -45.27
C ALA P 64 9.63 13.72 -45.72
N SER P 65 10.62 14.49 -45.26
CA SER P 65 10.56 15.95 -45.35
C SER P 65 10.62 16.44 -46.78
N ALA P 66 10.01 17.57 -47.17
CA ALA P 66 10.06 18.00 -48.57
C ALA P 66 11.44 18.59 -48.83
N ASP P 67 12.17 18.64 -47.71
CA ASP P 67 13.62 18.89 -47.87
C ASP P 67 14.18 17.67 -48.63
N VAL P 68 14.35 16.58 -47.96
CA VAL P 68 14.87 15.35 -48.53
C VAL P 68 14.13 15.09 -49.85
N LEU P 69 12.86 14.79 -49.77
CA LEU P 69 11.92 14.40 -50.78
C LEU P 69 11.83 15.31 -51.99
N ALA P 70 12.50 16.44 -52.01
CA ALA P 70 12.75 17.32 -53.16
C ALA P 70 13.78 16.69 -54.09
N MET P 71 14.81 16.17 -53.43
CA MET P 71 15.87 15.58 -54.23
C MET P 71 15.50 14.20 -54.68
N SER P 72 14.54 13.55 -54.01
CA SER P 72 14.23 12.19 -54.43
C SER P 72 13.65 12.12 -55.84
N LYS P 73 13.98 11.12 -56.63
CA LYS P 73 13.44 10.93 -57.96
C LYS P 73 13.88 11.92 -59.02
N ILE P 74 14.78 12.83 -58.63
CA ILE P 74 15.25 13.89 -59.53
C ILE P 74 16.75 13.71 -59.67
N GLU P 75 17.22 13.32 -60.85
CA GLU P 75 18.60 13.03 -61.21
C GLU P 75 18.83 13.05 -62.72
N ILE P 76 19.86 13.73 -63.21
CA ILE P 76 20.29 13.59 -64.61
C ILE P 76 21.79 13.90 -64.67
N LYS P 77 22.51 13.38 -65.64
CA LYS P 77 23.92 13.66 -65.91
C LYS P 77 24.37 12.87 -67.16
N LEU P 78 25.23 13.41 -68.02
CA LEU P 78 25.68 12.60 -69.16
C LEU P 78 26.77 13.32 -69.92
N SER P 79 27.55 12.59 -70.69
CA SER P 79 28.48 13.09 -71.66
C SER P 79 29.67 13.84 -71.10
N ASP P 80 29.82 13.80 -69.79
CA ASP P 80 30.91 14.56 -69.17
C ASP P 80 32.07 13.66 -68.76
N ILE P 81 31.81 12.37 -68.88
CA ILE P 81 32.77 11.34 -68.46
C ILE P 81 33.25 10.54 -69.64
N PRO P 82 34.43 9.95 -69.54
CA PRO P 82 35.02 9.12 -70.56
C PRO P 82 34.04 8.11 -71.16
N GLU P 83 34.16 7.94 -72.47
CA GLU P 83 33.62 6.78 -73.17
C GLU P 83 34.42 5.54 -72.73
N GLY P 84 34.33 5.15 -71.46
CA GLY P 84 35.05 3.99 -70.96
C GLY P 84 34.92 3.61 -69.49
N LYS P 85 34.85 4.60 -68.61
CA LYS P 85 34.87 4.49 -67.16
C LYS P 85 33.53 4.17 -66.52
N ASN P 86 33.26 4.66 -65.30
CA ASN P 86 32.00 4.49 -64.61
C ASN P 86 31.89 5.48 -63.46
N MET P 87 30.87 6.33 -63.46
CA MET P 87 30.77 7.36 -62.41
C MET P 87 29.70 7.10 -61.38
N ALA P 88 30.16 6.73 -60.18
CA ALA P 88 29.37 6.44 -59.02
C ALA P 88 28.86 7.67 -58.29
N PHE P 89 27.59 7.96 -58.54
CA PHE P 89 26.92 9.07 -57.90
C PHE P 89 26.24 8.64 -56.61
N LYS P 90 26.19 9.56 -55.64
CA LYS P 90 25.31 9.21 -54.52
C LYS P 90 23.91 9.61 -54.98
N TRP P 91 22.98 8.68 -54.93
CA TRP P 91 21.64 8.97 -55.38
C TRP P 91 20.66 8.13 -54.55
N ARG P 92 19.98 8.82 -53.63
CA ARG P 92 19.02 8.17 -52.76
C ARG P 92 19.78 7.36 -51.72
N GLY P 93 20.92 7.89 -51.28
CA GLY P 93 21.78 7.22 -50.32
C GLY P 93 22.54 6.04 -50.88
N LYS P 94 22.00 5.36 -51.89
CA LYS P 94 22.78 4.31 -52.52
C LYS P 94 23.53 4.81 -53.74
N PRO P 95 24.68 4.25 -54.00
CA PRO P 95 25.51 4.49 -55.16
C PRO P 95 24.76 4.48 -56.46
N LEU P 96 24.73 5.61 -57.17
CA LEU P 96 24.13 5.56 -58.49
C LEU P 96 25.25 5.43 -59.51
N PHE P 97 25.33 4.21 -60.03
CA PHE P 97 26.40 4.02 -61.04
C PHE P 97 25.87 4.36 -62.40
N VAL P 98 26.61 5.20 -63.13
CA VAL P 98 26.42 5.53 -64.54
C VAL P 98 27.67 5.04 -65.29
N ARG P 99 27.45 4.22 -66.30
CA ARG P 99 28.57 3.60 -66.99
C ARG P 99 28.41 3.60 -68.51
N HIS P 100 29.36 4.28 -69.12
CA HIS P 100 29.42 4.56 -70.56
C HIS P 100 30.24 3.40 -71.13
N ARG P 101 29.58 2.57 -71.93
CA ARG P 101 30.31 1.35 -72.30
C ARG P 101 31.08 1.47 -73.57
N THR P 102 31.47 0.37 -74.22
CA THR P 102 32.22 0.57 -75.46
C THR P 102 31.74 -0.40 -76.52
N LYS P 103 31.85 -0.06 -77.80
CA LYS P 103 31.50 -1.03 -78.85
C LYS P 103 32.21 -2.36 -78.53
N LYS P 104 33.43 -2.33 -77.98
CA LYS P 104 34.07 -3.56 -77.55
C LYS P 104 33.47 -4.17 -76.28
N GLU P 105 32.90 -3.33 -75.44
CA GLU P 105 32.31 -3.71 -74.16
C GLU P 105 30.89 -4.22 -74.38
N ILE P 106 30.18 -3.54 -75.30
CA ILE P 106 28.78 -3.92 -75.49
C ILE P 106 28.72 -5.37 -75.95
N ASP P 107 29.47 -5.58 -77.04
CA ASP P 107 29.53 -6.88 -77.70
C ASP P 107 29.92 -7.93 -76.68
N GLN P 108 30.98 -7.61 -75.95
CA GLN P 108 31.48 -8.42 -74.85
C GLN P 108 30.29 -9.02 -74.10
N GLU P 109 29.50 -8.12 -73.52
CA GLU P 109 28.32 -8.45 -72.76
C GLU P 109 27.16 -8.99 -73.57
N ALA P 110 27.23 -8.73 -74.88
CA ALA P 110 26.18 -9.18 -75.79
C ALA P 110 26.33 -10.65 -76.11
N ALA P 111 27.57 -11.13 -76.26
CA ALA P 111 27.80 -12.51 -76.67
C ALA P 111 27.62 -13.53 -75.54
N VAL P 112 27.44 -13.10 -74.31
CA VAL P 112 27.35 -14.01 -73.17
C VAL P 112 26.03 -14.78 -73.17
N GLU P 113 26.13 -16.11 -73.08
CA GLU P 113 25.03 -17.03 -73.13
C GLU P 113 24.22 -17.09 -71.84
N VAL P 114 23.10 -16.39 -71.90
CA VAL P 114 22.15 -16.24 -70.84
C VAL P 114 22.14 -17.38 -69.84
N SER P 115 21.56 -18.51 -70.22
CA SER P 115 21.38 -19.68 -69.37
C SER P 115 22.48 -19.89 -68.33
N GLN P 116 23.73 -19.88 -68.79
CA GLN P 116 24.89 -20.11 -67.94
C GLN P 116 25.18 -18.90 -67.06
N LEU P 117 24.21 -18.00 -67.00
CA LEU P 117 24.19 -16.88 -66.09
C LEU P 117 23.29 -17.24 -64.90
N ARG P 118 23.84 -17.16 -63.69
CA ARG P 118 22.98 -17.36 -62.52
C ARG P 118 21.59 -16.89 -62.87
N ASP P 119 21.39 -15.59 -63.07
CA ASP P 119 20.12 -15.05 -63.55
C ASP P 119 20.14 -14.85 -65.07
N PRO P 120 19.04 -15.13 -65.73
CA PRO P 120 18.95 -15.00 -67.18
C PRO P 120 18.65 -13.58 -67.60
N GLN P 121 19.63 -12.73 -67.92
CA GLN P 121 19.30 -11.35 -68.24
C GLN P 121 19.97 -10.85 -69.51
N HIS P 122 19.22 -10.82 -70.60
CA HIS P 122 19.81 -10.26 -71.83
C HIS P 122 20.34 -8.87 -71.51
N ASP P 123 21.54 -8.55 -71.96
CA ASP P 123 21.99 -7.20 -71.78
C ASP P 123 20.94 -6.24 -72.30
N LEU P 124 20.27 -6.66 -73.39
CA LEU P 124 19.24 -5.77 -73.89
C LEU P 124 18.04 -5.56 -73.01
N GLU P 125 17.69 -6.50 -72.12
CA GLU P 125 16.55 -6.24 -71.24
C GLU P 125 16.93 -5.41 -70.02
N ARG P 126 18.11 -4.80 -69.96
CA ARG P 126 18.58 -4.27 -68.67
C ARG P 126 19.05 -2.85 -68.92
N VAL P 127 19.08 -2.47 -70.20
CA VAL P 127 19.32 -1.11 -70.65
C VAL P 127 18.31 -0.69 -71.71
N LYS P 128 18.35 0.62 -71.99
CA LYS P 128 17.41 1.23 -72.96
C LYS P 128 18.13 1.62 -74.25
N LYS P 129 19.31 2.19 -74.07
CA LYS P 129 20.19 2.71 -75.10
C LYS P 129 21.59 2.12 -74.95
N PRO P 130 21.85 1.03 -75.62
CA PRO P 130 23.05 0.24 -75.59
C PRO P 130 24.32 0.86 -75.10
N GLU P 131 24.75 1.98 -75.65
CA GLU P 131 26.01 2.57 -75.20
C GLU P 131 25.99 2.79 -73.68
N TRP P 132 24.81 3.01 -73.10
CA TRP P 132 24.66 3.24 -71.69
C TRP P 132 24.12 2.13 -70.81
N VAL P 133 24.74 2.01 -69.63
CA VAL P 133 24.29 1.10 -68.60
C VAL P 133 24.43 1.66 -67.20
N ILE P 134 23.28 1.86 -66.56
CA ILE P 134 23.31 2.51 -65.24
C ILE P 134 22.78 1.59 -64.15
N LEU P 135 23.57 1.37 -63.11
CA LEU P 135 23.28 0.39 -62.10
C LEU P 135 23.37 1.02 -60.73
N ILE P 136 22.54 0.59 -59.81
CA ILE P 136 22.41 0.84 -58.41
C ILE P 136 23.43 0.02 -57.67
N GLY P 137 24.56 0.64 -57.37
CA GLY P 137 25.70 0.05 -56.74
C GLY P 137 25.49 -0.64 -55.42
N VAL P 138 24.64 -1.66 -55.42
CA VAL P 138 24.26 -2.40 -54.24
C VAL P 138 24.19 -3.89 -54.55
N CYS P 139 25.35 -4.55 -54.50
CA CYS P 139 25.37 -6.00 -54.72
C CYS P 139 24.21 -6.57 -53.88
N THR P 140 23.49 -7.49 -54.47
CA THR P 140 22.22 -8.02 -54.04
C THR P 140 22.31 -8.84 -52.76
N HIS P 141 23.47 -9.46 -52.59
CA HIS P 141 23.81 -10.27 -51.43
C HIS P 141 23.51 -9.55 -50.12
N LEU P 142 24.51 -8.80 -49.65
CA LEU P 142 24.28 -7.98 -48.48
C LEU P 142 24.52 -6.49 -48.72
N GLY P 143 24.69 -6.15 -49.99
CA GLY P 143 24.79 -4.83 -50.52
C GLY P 143 25.69 -3.82 -49.81
N CYS P 144 26.97 -4.04 -49.96
CA CYS P 144 28.08 -3.13 -49.77
C CYS P 144 28.73 -2.97 -51.15
N VAL P 145 28.75 -1.78 -51.68
CA VAL P 145 29.20 -1.38 -52.99
C VAL P 145 30.27 -2.22 -53.66
N PRO P 146 30.00 -2.54 -54.91
CA PRO P 146 30.92 -3.20 -55.80
C PRO P 146 32.09 -2.33 -56.24
N ILE P 147 33.01 -2.96 -56.98
CA ILE P 147 34.13 -2.22 -57.54
C ILE P 147 34.30 -2.40 -59.04
N ALA P 148 33.74 -1.44 -59.77
CA ALA P 148 33.85 -1.51 -61.23
C ALA P 148 35.23 -1.96 -61.65
N ASN P 149 35.35 -2.66 -62.77
CA ASN P 149 36.62 -3.09 -63.31
C ASN P 149 37.33 -4.13 -62.46
N ALA P 150 36.62 -4.77 -61.55
CA ALA P 150 37.18 -5.85 -60.74
C ALA P 150 36.39 -7.11 -61.08
N GLY P 151 36.61 -8.25 -60.44
CA GLY P 151 35.88 -9.47 -60.80
C GLY P 151 36.67 -10.33 -61.76
N ASP P 152 35.99 -11.29 -62.37
CA ASP P 152 36.60 -12.20 -63.32
C ASP P 152 35.85 -12.08 -64.65
N PHE P 153 34.59 -11.65 -64.52
CA PHE P 153 33.78 -11.54 -65.73
C PHE P 153 33.83 -10.15 -66.32
N GLY P 154 34.95 -9.43 -66.16
CA GLY P 154 35.07 -8.10 -66.73
C GLY P 154 33.85 -7.26 -66.39
N GLY P 155 33.67 -6.96 -65.11
CA GLY P 155 32.50 -6.19 -64.73
C GLY P 155 32.68 -5.37 -63.47
N TYR P 156 32.25 -5.91 -62.33
CA TYR P 156 32.25 -5.15 -61.07
C TYR P 156 32.64 -6.12 -59.97
N TYR P 157 33.32 -5.71 -58.91
CA TYR P 157 33.60 -6.72 -57.89
C TYR P 157 33.02 -6.34 -56.55
N CYS P 158 32.47 -7.27 -55.75
CA CYS P 158 32.12 -6.77 -54.42
C CYS P 158 32.99 -7.43 -53.36
N PRO P 159 34.05 -6.77 -52.96
CA PRO P 159 35.05 -7.31 -52.05
C PRO P 159 34.41 -8.05 -50.90
N CYS P 160 33.35 -7.51 -50.34
CA CYS P 160 32.61 -7.98 -49.22
C CYS P 160 32.51 -9.49 -49.11
N HIS P 161 32.31 -10.29 -50.15
CA HIS P 161 32.22 -11.73 -49.99
C HIS P 161 32.66 -12.55 -51.17
N GLY P 162 33.15 -11.98 -52.26
CA GLY P 162 33.55 -12.76 -53.42
C GLY P 162 32.53 -12.89 -54.52
N SER P 163 31.61 -11.94 -54.66
CA SER P 163 30.67 -11.99 -55.77
C SER P 163 31.15 -11.23 -56.99
N HIS P 164 31.40 -11.91 -58.10
CA HIS P 164 31.70 -11.20 -59.34
C HIS P 164 30.44 -10.81 -60.11
N TYR P 165 30.45 -9.65 -60.75
CA TYR P 165 29.37 -9.08 -61.54
C TYR P 165 29.93 -8.73 -62.93
N ASP P 166 29.25 -9.15 -63.99
CA ASP P 166 29.66 -8.82 -65.36
C ASP P 166 29.53 -7.33 -65.68
N ALA P 167 29.75 -6.97 -66.93
CA ALA P 167 29.69 -5.62 -67.45
C ALA P 167 28.27 -5.06 -67.53
N SER P 168 27.28 -5.93 -67.61
CA SER P 168 25.89 -5.56 -67.62
C SER P 168 25.47 -5.64 -66.14
N GLY P 169 26.41 -6.14 -65.36
CA GLY P 169 26.39 -6.30 -63.94
C GLY P 169 25.52 -7.44 -63.44
N ARG P 170 25.73 -8.60 -64.03
CA ARG P 170 24.84 -9.75 -63.87
C ARG P 170 25.64 -10.73 -63.00
N ILE P 171 25.04 -11.25 -61.95
CA ILE P 171 25.63 -12.17 -61.00
C ILE P 171 26.25 -13.36 -61.69
N ARG P 172 27.53 -13.64 -61.45
CA ARG P 172 28.20 -14.77 -62.07
C ARG P 172 29.02 -15.63 -61.10
N LYS P 173 29.31 -15.18 -59.90
CA LYS P 173 30.05 -15.81 -58.83
C LYS P 173 29.46 -15.27 -57.52
N GLY P 174 28.83 -16.14 -56.77
CA GLY P 174 28.09 -15.75 -55.57
C GLY P 174 29.06 -15.35 -54.47
N PRO P 175 28.57 -15.25 -53.26
CA PRO P 175 27.31 -15.83 -52.88
C PRO P 175 26.13 -14.95 -53.21
N ALA P 176 26.26 -13.91 -54.06
CA ALA P 176 25.09 -13.08 -54.28
C ALA P 176 23.95 -13.89 -54.87
N PRO P 177 22.73 -13.47 -54.59
CA PRO P 177 21.52 -14.16 -54.96
C PRO P 177 21.14 -13.84 -56.41
N LEU P 178 20.90 -12.55 -56.59
CA LEU P 178 20.46 -11.99 -57.86
C LEU P 178 21.57 -11.21 -58.57
N ASN P 179 21.27 -10.48 -59.61
CA ASN P 179 22.11 -9.60 -60.40
C ASN P 179 22.03 -8.20 -59.75
N LEU P 180 22.62 -7.13 -60.29
CA LEU P 180 22.43 -5.77 -59.81
C LEU P 180 21.15 -5.08 -60.27
N GLU P 181 20.47 -4.32 -59.46
CA GLU P 181 19.27 -3.57 -59.80
C GLU P 181 19.53 -2.44 -60.80
N VAL P 182 18.48 -2.08 -61.55
CA VAL P 182 18.63 -1.01 -62.53
C VAL P 182 17.59 0.06 -62.19
N PRO P 183 18.02 1.15 -61.61
CA PRO P 183 17.14 2.21 -61.12
C PRO P 183 16.30 2.67 -62.31
N SER P 184 15.30 3.45 -62.08
CA SER P 184 14.36 3.89 -63.13
C SER P 184 15.01 5.09 -63.79
N TYR P 185 14.90 5.27 -65.10
CA TYR P 185 15.55 6.44 -65.66
C TYR P 185 15.11 6.63 -67.10
N GLU P 186 14.64 7.84 -67.41
CA GLU P 186 14.31 8.07 -68.80
C GLU P 186 15.25 9.11 -69.42
N PHE P 187 15.79 8.81 -70.60
CA PHE P 187 16.59 9.82 -71.28
C PHE P 187 15.70 10.86 -71.96
N THR P 188 15.84 12.07 -71.45
CA THR P 188 15.06 13.25 -71.82
C THR P 188 15.66 13.83 -73.09
N SER P 189 16.50 14.85 -72.98
CA SER P 189 17.26 15.39 -74.12
C SER P 189 18.33 14.36 -74.48
N ASP P 190 19.10 14.56 -75.52
CA ASP P 190 20.08 13.58 -75.94
C ASP P 190 21.26 13.40 -75.00
N ASP P 191 21.47 14.38 -74.15
CA ASP P 191 22.52 14.36 -73.13
C ASP P 191 21.94 14.14 -71.75
N MET P 192 20.61 13.95 -71.66
CA MET P 192 19.92 13.87 -70.41
C MET P 192 18.97 12.71 -70.16
N VAL P 193 19.37 12.08 -69.04
CA VAL P 193 18.69 10.95 -68.48
C VAL P 193 18.45 11.08 -66.98
N ILE P 194 17.23 10.82 -66.55
CA ILE P 194 16.90 11.11 -65.18
C ILE P 194 16.53 9.85 -64.42
N VAL P 195 17.38 9.51 -63.47
CA VAL P 195 17.26 8.26 -62.72
C VAL P 195 16.33 8.60 -61.58
N GLY P 196 15.14 8.01 -61.64
CA GLY P 196 14.11 8.31 -60.64
C GLY P 196 12.77 8.62 -61.27
N ALA Q 5 -13.14 52.27 29.43
CA ALA Q 5 -13.86 53.54 29.12
C ALA Q 5 -14.62 53.43 27.80
N VAL Q 6 -14.98 52.21 27.44
CA VAL Q 6 -15.68 51.89 26.21
C VAL Q 6 -17.19 51.84 26.37
N SER Q 7 -17.83 52.91 25.92
CA SER Q 7 -19.26 53.09 25.96
C SER Q 7 -19.79 53.39 24.56
N ALA Q 8 -19.11 54.34 23.92
CA ALA Q 8 -19.52 54.74 22.58
C ALA Q 8 -18.76 53.97 21.52
N SER Q 9 -17.45 53.79 21.73
CA SER Q 9 -16.66 53.05 20.75
C SER Q 9 -17.06 51.57 20.70
N SER Q 10 -17.07 50.89 21.83
CA SER Q 10 -17.33 49.46 21.86
C SER Q 10 -18.78 49.07 21.83
N ARG Q 11 -19.67 50.04 21.76
CA ARG Q 11 -21.09 49.79 21.51
C ARG Q 11 -21.41 50.12 20.05
N TRP Q 12 -20.35 50.45 19.31
CA TRP Q 12 -20.43 50.74 17.90
C TRP Q 12 -19.66 49.72 17.09
N LEU Q 13 -18.73 48.99 17.72
CA LEU Q 13 -18.05 47.92 16.99
C LEU Q 13 -19.10 46.91 16.52
N GLU Q 14 -20.04 46.58 17.39
CA GLU Q 14 -21.15 45.73 17.01
C GLU Q 14 -21.71 46.10 15.65
N GLY Q 15 -21.64 47.37 15.25
CA GLY Q 15 -22.13 47.82 13.97
C GLY Q 15 -21.21 47.39 12.83
N ILE Q 16 -19.90 47.43 13.10
CA ILE Q 16 -19.00 46.97 12.04
C ILE Q 16 -19.10 45.45 12.06
N ARG Q 17 -19.01 44.90 13.27
CA ARG Q 17 -19.16 43.46 13.44
C ARG Q 17 -20.39 42.90 12.76
N LYS Q 18 -21.55 43.47 13.03
CA LYS Q 18 -22.76 43.11 12.29
C LYS Q 18 -22.56 43.29 10.79
N TRP Q 19 -22.05 44.46 10.38
CA TRP Q 19 -21.82 44.71 8.97
C TRP Q 19 -21.02 43.52 8.44
N TYR Q 20 -19.85 43.32 9.04
CA TYR Q 20 -18.86 42.34 8.64
C TYR Q 20 -19.39 40.91 8.61
N TYR Q 21 -20.18 40.56 9.62
CA TYR Q 21 -20.78 39.25 9.68
C TYR Q 21 -21.69 38.87 8.53
N ASN Q 22 -22.44 39.82 7.97
CA ASN Q 22 -23.28 39.48 6.82
C ASN Q 22 -22.41 39.65 5.58
N ALA Q 23 -21.35 40.46 5.73
CA ALA Q 23 -20.47 40.69 4.59
C ALA Q 23 -19.99 39.31 4.19
N ALA Q 24 -19.28 38.70 5.13
CA ALA Q 24 -18.80 37.34 4.85
C ALA Q 24 -19.96 36.39 4.63
N GLY Q 25 -20.06 35.94 3.36
CA GLY Q 25 -21.27 35.28 2.93
C GLY Q 25 -21.61 34.03 3.67
N PHE Q 26 -20.74 33.42 4.46
CA PHE Q 26 -21.07 32.15 5.10
C PHE Q 26 -22.42 32.14 5.85
N ASN Q 27 -22.76 33.33 6.26
CA ASN Q 27 -24.07 33.76 6.69
C ASN Q 27 -25.13 33.09 5.81
N LYS Q 28 -25.04 33.37 4.52
CA LYS Q 28 -26.05 33.02 3.55
C LYS Q 28 -26.14 31.53 3.33
N LEU Q 29 -25.05 30.82 3.60
CA LEU Q 29 -24.99 29.39 3.26
C LEU Q 29 -25.77 28.53 4.22
N GLY Q 30 -26.16 29.13 5.35
CA GLY Q 30 -26.79 28.30 6.38
C GLY Q 30 -25.84 27.86 7.47
N LEU Q 31 -24.54 28.01 7.27
CA LEU Q 31 -23.48 27.81 8.22
C LEU Q 31 -23.50 28.82 9.37
N MET Q 32 -22.68 28.57 10.36
CA MET Q 32 -22.45 29.39 11.55
C MET Q 32 -20.96 29.61 11.80
N ARG Q 33 -20.48 30.64 12.48
CA ARG Q 33 -19.08 30.95 12.65
C ARG Q 33 -18.26 29.79 13.13
N ASP Q 34 -18.73 29.07 14.14
CA ASP Q 34 -17.97 27.89 14.57
C ASP Q 34 -17.77 26.86 13.50
N ASP Q 35 -18.63 26.65 12.52
CA ASP Q 35 -18.36 25.60 11.52
C ASP Q 35 -17.33 25.99 10.46
N THR Q 36 -17.06 27.31 10.36
CA THR Q 36 -16.09 27.87 9.42
C THR Q 36 -14.68 27.68 9.91
N ILE Q 37 -14.50 27.10 11.09
CA ILE Q 37 -13.15 27.10 11.68
C ILE Q 37 -12.18 26.27 10.86
N HIS Q 38 -10.91 26.66 10.80
CA HIS Q 38 -9.87 25.85 10.20
C HIS Q 38 -9.70 24.60 11.05
N GLU Q 39 -10.04 23.44 10.54
CA GLU Q 39 -9.86 22.23 11.34
C GLU Q 39 -8.40 21.86 11.53
N ASN Q 40 -7.87 22.20 12.70
CA ASN Q 40 -6.51 21.87 13.05
C ASN Q 40 -6.55 20.95 14.28
N ASP Q 41 -5.40 20.59 14.81
CA ASP Q 41 -5.27 19.70 15.94
C ASP Q 41 -6.07 20.09 17.16
N ASP Q 42 -6.03 21.37 17.55
CA ASP Q 42 -6.85 21.72 18.72
C ASP Q 42 -8.32 21.68 18.35
N VAL Q 43 -8.76 22.40 17.33
CA VAL Q 43 -10.14 22.32 16.86
C VAL Q 43 -10.61 20.89 16.73
N LYS Q 44 -9.84 20.04 16.17
CA LYS Q 44 -10.10 18.61 15.99
C LYS Q 44 -10.50 17.92 17.30
N GLU Q 45 -9.73 18.09 18.36
CA GLU Q 45 -10.05 17.54 19.67
C GLU Q 45 -11.28 18.20 20.27
N ALA Q 46 -11.42 19.52 20.05
CA ALA Q 46 -12.68 20.13 20.55
C ALA Q 46 -13.88 19.52 19.84
N ILE Q 47 -13.90 19.55 18.50
CA ILE Q 47 -14.87 18.77 17.76
C ILE Q 47 -15.20 17.43 18.32
N ARG Q 48 -14.23 16.56 18.56
CA ARG Q 48 -14.49 15.24 19.10
C ARG Q 48 -15.23 15.26 20.41
N ARG Q 49 -15.01 16.30 21.21
CA ARG Q 49 -15.68 16.41 22.49
C ARG Q 49 -17.14 16.81 22.41
N LEU Q 50 -17.69 17.16 21.26
CA LEU Q 50 -19.06 17.58 21.11
C LEU Q 50 -20.07 16.45 21.33
N PRO Q 51 -21.09 16.70 22.11
CA PRO Q 51 -22.34 16.01 22.17
C PRO Q 51 -22.93 15.51 20.85
N GLU Q 52 -23.65 14.38 20.88
CA GLU Q 52 -24.31 13.93 19.65
C GLU Q 52 -25.11 15.06 18.99
N ASN Q 53 -25.96 15.73 19.77
CA ASN Q 53 -26.74 16.79 19.14
C ASN Q 53 -25.85 17.83 18.49
N LEU Q 54 -25.02 18.47 19.29
CA LEU Q 54 -24.19 19.57 18.81
C LEU Q 54 -23.45 19.10 17.56
N TYR Q 55 -22.76 17.99 17.83
CA TYR Q 55 -21.92 17.38 16.82
C TYR Q 55 -22.63 16.99 15.55
N ASP Q 56 -23.76 16.27 15.60
CA ASP Q 56 -24.44 15.84 14.38
C ASP Q 56 -24.90 17.08 13.64
N ASP Q 57 -25.31 18.09 14.38
CA ASP Q 57 -25.74 19.34 13.77
C ASP Q 57 -24.66 19.93 12.88
N ARG Q 58 -23.43 19.99 13.39
CA ARG Q 58 -22.35 20.54 12.58
C ARG Q 58 -22.21 19.75 11.31
N VAL Q 59 -22.48 18.43 11.37
CA VAL Q 59 -22.32 17.62 10.20
C VAL Q 59 -23.37 17.92 9.14
N PHE Q 60 -24.62 18.09 9.56
CA PHE Q 60 -25.64 18.49 8.65
C PHE Q 60 -25.39 19.89 8.08
N ARG Q 61 -25.14 20.85 8.93
CA ARG Q 61 -24.97 22.23 8.38
C ARG Q 61 -23.84 22.29 7.34
N ILE Q 62 -22.74 21.60 7.55
CA ILE Q 62 -21.65 21.54 6.60
C ILE Q 62 -22.05 20.71 5.38
N LYS Q 63 -22.92 19.73 5.64
CA LYS Q 63 -23.45 18.96 4.56
C LYS Q 63 -24.30 19.80 3.59
N ARG Q 64 -25.18 20.60 4.12
CA ARG Q 64 -26.09 21.49 3.42
C ARG Q 64 -25.29 22.59 2.74
N ALA Q 65 -24.22 23.00 3.38
CA ALA Q 65 -23.35 24.07 2.91
C ALA Q 65 -22.60 23.66 1.66
N LEU Q 66 -21.92 22.53 1.86
CA LEU Q 66 -21.05 22.08 0.77
C LEU Q 66 -21.92 21.69 -0.42
N ASP Q 67 -23.17 21.38 -0.13
CA ASP Q 67 -24.14 21.12 -1.18
C ASP Q 67 -24.48 22.41 -1.92
N LEU Q 68 -24.73 23.50 -1.18
CA LEU Q 68 -24.99 24.76 -1.86
C LEU Q 68 -23.76 25.21 -2.68
N SER Q 69 -22.60 25.12 -2.03
CA SER Q 69 -21.37 25.59 -2.73
C SER Q 69 -21.32 24.88 -4.08
N MET Q 70 -21.65 23.60 -4.07
CA MET Q 70 -21.51 22.73 -5.23
C MET Q 70 -22.45 23.19 -6.33
N ARG Q 71 -23.54 23.76 -5.88
CA ARG Q 71 -24.53 24.20 -6.85
C ARG Q 71 -24.56 25.69 -7.07
N GLN Q 72 -23.76 26.42 -6.31
CA GLN Q 72 -23.66 27.86 -6.44
C GLN Q 72 -24.96 28.55 -6.12
N GLN Q 73 -25.78 27.94 -5.26
CA GLN Q 73 -27.03 28.64 -4.94
C GLN Q 73 -27.01 29.08 -3.48
N ILE Q 74 -27.65 30.20 -3.20
CA ILE Q 74 -27.66 30.69 -1.82
C ILE Q 74 -28.96 30.20 -1.18
N LEU Q 75 -28.99 30.12 0.14
CA LEU Q 75 -30.20 29.74 0.82
C LEU Q 75 -31.21 30.84 0.82
N PRO Q 76 -32.50 30.63 0.93
CA PRO Q 76 -33.49 31.67 0.98
C PRO Q 76 -33.28 32.68 2.10
N LYS Q 77 -33.56 33.95 1.82
CA LYS Q 77 -33.46 35.03 2.77
C LYS Q 77 -34.07 34.65 4.11
N GLU Q 78 -35.25 34.06 4.11
CA GLU Q 78 -35.90 33.62 5.34
C GLU Q 78 -35.06 32.69 6.18
N GLN Q 79 -34.34 31.74 5.65
CA GLN Q 79 -33.57 30.75 6.37
C GLN Q 79 -32.14 31.02 6.74
N TRP Q 80 -31.70 32.25 6.85
CA TRP Q 80 -30.29 32.54 7.08
C TRP Q 80 -29.86 32.61 8.53
N THR Q 81 -28.54 32.62 8.70
CA THR Q 81 -28.05 32.71 10.07
C THR Q 81 -27.99 34.15 10.54
N LYS Q 82 -28.66 34.46 11.64
CA LYS Q 82 -28.74 35.85 12.09
C LYS Q 82 -27.70 36.11 13.15
N TYR Q 83 -26.93 37.18 13.00
CA TYR Q 83 -25.84 37.46 13.91
C TYR Q 83 -26.20 37.35 15.37
N GLU Q 84 -27.37 37.84 15.73
CA GLU Q 84 -27.83 37.83 17.12
C GLU Q 84 -27.78 36.44 17.71
N GLU Q 85 -27.88 35.41 16.89
CA GLU Q 85 -27.78 34.02 17.28
C GLU Q 85 -26.40 33.41 17.03
N ASP Q 86 -25.39 33.93 17.70
CA ASP Q 86 -24.02 33.44 17.65
C ASP Q 86 -23.80 32.26 18.57
N LYS Q 87 -24.10 31.06 18.05
CA LYS Q 87 -23.80 29.89 18.89
C LYS Q 87 -22.30 29.66 18.81
N SER Q 88 -21.60 30.02 19.87
CA SER Q 88 -20.15 29.85 19.97
C SER Q 88 -19.90 28.53 20.68
N TYR Q 89 -20.67 27.51 20.34
CA TYR Q 89 -20.71 26.20 20.96
C TYR Q 89 -19.40 25.45 20.95
N LEU Q 90 -18.56 25.80 20.02
CA LEU Q 90 -17.24 25.19 19.85
C LEU Q 90 -16.32 25.85 20.89
N GLU Q 91 -16.45 27.16 21.00
CA GLU Q 91 -15.65 27.98 21.88
C GLU Q 91 -15.32 27.36 23.21
N PRO Q 92 -16.33 27.00 23.96
CA PRO Q 92 -16.20 26.35 25.25
C PRO Q 92 -15.19 25.20 25.12
N TYR Q 93 -15.55 24.26 24.25
CA TYR Q 93 -14.74 23.06 24.06
C TYR Q 93 -13.33 23.42 23.62
N LEU Q 94 -13.25 24.19 22.55
CA LEU Q 94 -12.01 24.66 21.96
C LEU Q 94 -11.12 25.34 23.00
N LYS Q 95 -11.69 26.22 23.81
CA LYS Q 95 -10.90 26.85 24.86
C LYS Q 95 -10.11 25.81 25.63
N GLU Q 96 -10.76 25.05 26.51
CA GLU Q 96 -10.05 24.01 27.24
C GLU Q 96 -8.99 23.32 26.43
N VAL Q 97 -9.37 22.59 25.38
CA VAL Q 97 -8.30 21.93 24.62
C VAL Q 97 -7.05 22.79 24.59
N ILE Q 98 -7.11 24.02 24.10
CA ILE Q 98 -5.96 24.92 24.14
C ILE Q 98 -5.43 25.06 25.56
N ARG Q 99 -6.34 25.39 26.48
CA ARG Q 99 -5.94 25.49 27.88
C ARG Q 99 -5.11 24.27 28.25
N GLU Q 100 -5.67 23.08 27.95
CA GLU Q 100 -4.88 21.96 28.43
C GLU Q 100 -3.48 21.89 27.81
N ARG Q 101 -3.33 22.12 26.52
CA ARG Q 101 -2.09 22.07 25.77
C ARG Q 101 -1.15 23.20 26.18
N LYS Q 102 -1.68 24.35 26.57
CA LYS Q 102 -0.79 25.43 26.99
C LYS Q 102 -0.05 24.95 28.23
N GLU Q 103 -0.86 24.45 29.16
CA GLU Q 103 -0.36 23.87 30.40
C GLU Q 103 0.72 22.84 30.09
N ARG Q 104 0.36 21.72 29.48
CA ARG Q 104 1.36 20.78 28.99
C ARG Q 104 2.59 21.49 28.45
N GLU Q 105 2.51 22.36 27.44
CA GLU Q 105 3.71 23.07 26.99
C GLU Q 105 4.43 23.67 28.18
N GLU Q 106 3.73 24.49 28.97
CA GLU Q 106 4.40 25.15 30.08
C GLU Q 106 5.05 24.18 31.04
N TRP Q 107 4.39 23.08 31.36
CA TRP Q 107 4.96 22.10 32.28
C TRP Q 107 6.27 21.52 31.77
N ALA Q 108 6.49 21.53 30.48
CA ALA Q 108 7.68 21.03 29.84
C ALA Q 108 8.87 21.98 29.85
N LYS Q 109 8.72 23.21 30.35
CA LYS Q 109 9.87 24.13 30.30
C LYS Q 109 10.99 23.53 31.13
N LYS Q 110 10.85 23.55 32.44
CA LYS Q 110 11.81 22.97 33.35
C LYS Q 110 11.19 23.05 34.75
N GLY R 1 -6.03 3.34 5.59
CA GLY R 1 -5.47 3.36 4.19
C GLY R 1 -6.62 3.31 3.18
N ARG R 2 -7.82 3.15 3.73
CA ARG R 2 -9.07 3.10 2.98
C ARG R 2 -9.76 4.46 3.11
N GLN R 3 -10.05 5.05 1.96
CA GLN R 3 -10.62 6.36 1.85
C GLN R 3 -12.12 6.45 1.83
N PHE R 4 -12.84 5.35 1.65
CA PHE R 4 -14.28 5.50 1.60
C PHE R 4 -15.05 5.09 2.82
N GLY R 5 -14.57 4.05 3.50
CA GLY R 5 -15.26 3.57 4.70
C GLY R 5 -14.81 4.23 5.97
N HIS R 6 -13.83 5.07 5.93
CA HIS R 6 -13.13 5.71 7.01
C HIS R 6 -13.12 7.21 7.04
N LEU R 7 -13.90 7.88 6.16
CA LEU R 7 -13.77 9.33 6.21
C LEU R 7 -14.25 9.92 7.49
N THR R 8 -15.57 9.75 7.78
CA THR R 8 -16.08 10.46 8.94
C THR R 8 -17.36 9.70 9.37
N ARG R 9 -17.90 10.14 10.50
CA ARG R 9 -19.15 9.63 11.00
C ARG R 9 -20.33 10.56 10.77
N VAL R 10 -21.36 9.92 10.18
CA VAL R 10 -22.54 10.74 9.87
C VAL R 10 -23.78 10.02 10.36
N ARG R 11 -24.56 10.66 11.21
CA ARG R 11 -25.79 10.00 11.65
C ARG R 11 -27.00 10.84 11.22
N HIS R 12 -28.12 10.16 11.01
CA HIS R 12 -29.40 10.72 10.80
C HIS R 12 -29.49 11.60 9.57
N VAL R 13 -28.86 11.25 8.47
CA VAL R 13 -29.03 12.17 7.31
C VAL R 13 -29.66 11.40 6.16
N ILE R 14 -30.79 11.84 5.62
CA ILE R 14 -31.32 11.09 4.49
C ILE R 14 -31.01 11.88 3.21
N THR R 15 -30.60 11.22 2.13
CA THR R 15 -30.33 11.83 0.83
C THR R 15 -31.23 11.24 -0.30
N TYR R 16 -31.86 12.07 -1.13
CA TYR R 16 -32.71 11.54 -2.21
C TYR R 16 -32.14 11.95 -3.58
N SER R 17 -31.93 10.99 -4.46
CA SER R 17 -31.35 11.35 -5.76
C SER R 17 -32.10 10.76 -6.91
N LEU R 18 -31.98 11.25 -8.11
CA LEU R 18 -32.67 10.62 -9.27
C LEU R 18 -31.74 10.23 -10.40
N SER R 19 -32.08 9.25 -11.25
CA SER R 19 -31.16 8.75 -12.28
C SER R 19 -31.07 9.76 -13.44
N PRO R 20 -29.91 9.78 -14.07
CA PRO R 20 -29.61 10.61 -15.21
C PRO R 20 -30.62 10.44 -16.35
N PHE R 21 -30.96 9.27 -16.70
CA PHE R 21 -31.98 9.02 -17.70
C PHE R 21 -33.40 9.42 -17.35
N GLU R 22 -33.69 9.71 -16.10
CA GLU R 22 -35.03 10.15 -15.79
C GLU R 22 -35.04 11.67 -15.80
N GLN R 23 -33.93 12.36 -15.64
CA GLN R 23 -34.00 13.82 -15.59
C GLN R 23 -33.35 14.47 -16.80
N ARG R 24 -33.42 15.79 -16.74
CA ARG R 24 -32.84 16.62 -17.80
C ARG R 24 -31.54 17.21 -17.27
N ALA R 25 -30.60 17.44 -18.16
CA ALA R 25 -29.26 17.84 -17.74
C ALA R 25 -29.18 19.35 -17.70
N PHE R 26 -30.12 19.96 -18.42
CA PHE R 26 -30.15 21.39 -18.58
C PHE R 26 -31.44 22.03 -18.09
N PRO R 27 -31.52 22.17 -16.78
CA PRO R 27 -32.60 22.73 -16.01
C PRO R 27 -32.85 24.23 -16.11
N HIS R 28 -33.73 24.68 -17.02
CA HIS R 28 -33.99 26.12 -17.10
C HIS R 28 -32.69 26.90 -16.87
N TYR R 29 -31.75 26.65 -17.77
CA TYR R 29 -30.41 27.19 -17.70
C TYR R 29 -30.42 28.70 -17.92
N PHE R 30 -31.10 29.17 -18.95
CA PHE R 30 -31.14 30.60 -19.22
C PHE R 30 -31.68 31.36 -18.01
N SER R 31 -32.83 30.91 -17.54
CA SER R 31 -33.50 31.45 -16.38
C SER R 31 -32.62 31.45 -15.14
N LYS R 32 -32.04 30.31 -14.78
CA LYS R 32 -31.23 30.20 -13.56
C LYS R 32 -29.94 31.02 -13.69
N GLY R 33 -29.36 30.91 -14.88
CA GLY R 33 -28.07 31.52 -15.17
C GLY R 33 -28.17 33.02 -15.00
N ILE R 34 -29.18 33.59 -15.65
CA ILE R 34 -29.32 35.05 -15.57
C ILE R 34 -29.38 35.53 -14.15
N PRO R 35 -30.39 35.13 -13.39
CA PRO R 35 -30.53 35.40 -11.98
C PRO R 35 -29.36 35.00 -11.12
N ASN R 36 -28.90 33.75 -11.24
CA ASN R 36 -27.79 33.30 -10.43
C ASN R 36 -26.52 33.98 -10.88
N VAL R 37 -26.29 33.97 -12.20
CA VAL R 37 -25.08 34.70 -12.64
C VAL R 37 -25.13 36.15 -12.20
N LEU R 38 -26.30 36.76 -12.34
CA LEU R 38 -26.48 38.16 -11.98
C LEU R 38 -26.18 38.35 -10.50
N ARG R 39 -26.76 37.49 -9.68
CA ARG R 39 -26.70 37.64 -8.23
C ARG R 39 -25.32 37.48 -7.63
N ARG R 40 -24.51 36.64 -8.27
CA ARG R 40 -23.18 36.42 -7.72
C ARG R 40 -22.18 37.37 -8.35
N THR R 41 -22.41 37.70 -9.62
CA THR R 41 -21.54 38.73 -10.18
C THR R 41 -21.70 39.99 -9.34
N ARG R 42 -22.94 40.32 -9.01
CA ARG R 42 -23.14 41.58 -8.29
C ARG R 42 -22.59 41.52 -6.89
N ALA R 43 -22.35 40.32 -6.36
CA ALA R 43 -21.69 40.16 -5.08
C ALA R 43 -20.19 39.94 -5.21
N CYS R 44 -19.73 39.81 -6.45
CA CYS R 44 -18.31 39.73 -6.78
C CYS R 44 -17.83 41.13 -7.15
N ILE R 45 -18.49 41.73 -8.13
CA ILE R 45 -18.10 42.98 -8.72
C ILE R 45 -17.41 43.92 -7.78
N LEU R 46 -18.03 44.17 -6.63
CA LEU R 46 -17.54 45.12 -5.64
C LEU R 46 -16.21 44.69 -5.05
N ARG R 47 -16.06 43.39 -4.80
CA ARG R 47 -14.86 42.81 -4.26
C ARG R 47 -13.75 42.67 -5.29
N VAL R 48 -14.14 42.37 -6.52
CA VAL R 48 -13.18 42.07 -7.57
C VAL R 48 -12.81 43.26 -8.42
N ALA R 49 -13.79 43.79 -9.15
CA ALA R 49 -13.60 44.88 -10.07
C ALA R 49 -12.63 45.97 -9.67
N PRO R 50 -12.77 46.64 -8.56
CA PRO R 50 -11.98 47.79 -8.19
C PRO R 50 -10.56 47.86 -8.67
N PRO R 51 -9.71 47.02 -8.10
CA PRO R 51 -8.30 46.97 -8.41
C PRO R 51 -8.05 46.99 -9.90
N PHE R 52 -8.81 46.22 -10.67
CA PHE R 52 -8.63 46.27 -12.12
C PHE R 52 -8.96 47.64 -12.66
N VAL R 53 -10.05 48.23 -12.16
CA VAL R 53 -10.42 49.58 -12.58
C VAL R 53 -9.20 50.49 -12.39
N ALA R 54 -8.66 50.45 -11.19
CA ALA R 54 -7.45 51.12 -10.77
C ALA R 54 -6.33 51.00 -11.78
N PHE R 55 -5.93 49.75 -11.98
CA PHE R 55 -4.92 49.47 -13.00
C PHE R 55 -5.20 50.28 -14.26
N TYR R 56 -6.39 50.15 -14.81
CA TYR R 56 -6.77 50.84 -16.04
C TYR R 56 -6.46 52.32 -15.99
N LEU R 57 -6.89 53.01 -14.95
CA LEU R 57 -6.54 54.43 -14.80
C LEU R 57 -5.03 54.60 -14.84
N VAL R 58 -4.29 53.89 -13.96
CA VAL R 58 -2.84 53.88 -13.97
C VAL R 58 -2.28 53.66 -15.37
N TYR R 59 -2.74 52.60 -16.04
CA TYR R 59 -2.35 52.36 -17.42
C TYR R 59 -2.55 53.63 -18.26
N THR R 60 -3.80 54.03 -18.37
CA THR R 60 -4.13 55.21 -19.16
C THR R 60 -3.24 56.39 -18.82
N TRP R 61 -3.28 56.86 -17.58
CA TRP R 61 -2.47 58.03 -17.25
C TRP R 61 -1.01 57.74 -17.63
N GLY R 62 -0.48 56.68 -17.02
CA GLY R 62 0.88 56.25 -17.25
C GLY R 62 1.34 56.34 -18.68
N THR R 63 0.51 55.93 -19.64
CA THR R 63 0.90 55.98 -21.05
C THR R 63 0.82 57.41 -21.60
N GLN R 64 -0.24 58.12 -21.19
CA GLN R 64 -0.35 59.51 -21.59
C GLN R 64 0.99 60.17 -21.25
N GLU R 65 1.29 60.33 -19.97
CA GLU R 65 2.54 60.96 -19.57
C GLU R 65 3.71 60.62 -20.48
N PHE R 66 4.02 59.33 -20.62
CA PHE R 66 5.12 58.89 -21.46
C PHE R 66 5.13 59.62 -22.80
N GLU R 67 4.11 59.33 -23.61
CA GLU R 67 3.97 59.97 -24.91
C GLU R 67 4.14 61.47 -24.79
N LYS R 68 3.48 62.14 -23.86
CA LYS R 68 3.72 63.56 -23.62
C LYS R 68 5.18 63.85 -23.37
N SER R 69 5.67 63.61 -22.17
CA SER R 69 7.06 63.89 -21.84
C SER R 69 8.03 63.58 -22.96
N LYS R 70 7.84 62.48 -23.68
CA LYS R 70 8.71 62.16 -24.79
C LYS R 70 8.33 62.85 -26.08
N ARG R 71 7.04 62.86 -26.43
CA ARG R 71 6.59 63.57 -27.62
C ARG R 71 6.67 65.08 -27.38
N LYS R 72 6.25 65.50 -26.19
CA LYS R 72 6.53 66.88 -25.78
C LYS R 72 8.05 66.97 -25.61
N ASN R 73 8.73 67.07 -26.74
CA ASN R 73 10.18 67.20 -26.78
C ASN R 73 10.56 68.53 -26.16
N PRO R 74 9.74 69.55 -26.42
CA PRO R 74 9.80 70.85 -25.81
C PRO R 74 9.16 70.95 -24.43
N ALA R 75 8.58 69.87 -23.89
CA ALA R 75 7.89 69.86 -22.62
C ALA R 75 8.75 70.37 -21.47
N ALA R 76 9.83 69.63 -21.20
CA ALA R 76 10.75 69.99 -20.13
C ALA R 76 10.96 71.49 -20.05
N TYR R 77 11.54 72.05 -21.10
CA TYR R 77 11.85 73.47 -21.23
C TYR R 77 11.49 73.97 -22.63
N GLU R 78 10.89 75.14 -22.72
CA GLU R 78 10.44 75.75 -23.95
C GLU R 78 11.48 75.98 -25.03
N ASN R 79 11.01 76.44 -26.19
CA ASN R 79 11.82 76.77 -27.35
C ASN R 79 12.28 78.23 -27.32
N ASP R 80 11.29 79.12 -27.43
CA ASP R 80 11.58 80.55 -27.36
C ASP R 80 12.08 80.89 -25.96
N ARG R 81 13.34 81.26 -25.91
CA ARG R 81 14.12 81.76 -24.81
C ARG R 81 15.60 81.39 -24.90
N ASP S 15 0.00 56.41 -59.76
CA ASP S 15 -1.26 57.14 -60.04
C ASP S 15 -2.21 57.08 -58.86
N PRO S 16 -2.71 55.90 -58.54
CA PRO S 16 -3.69 55.66 -57.50
C PRO S 16 -3.36 56.32 -56.18
N LEU S 17 -2.26 55.88 -55.58
CA LEU S 17 -1.85 56.39 -54.28
C LEU S 17 -1.95 57.91 -54.17
N THR S 18 -1.28 58.59 -55.11
CA THR S 18 -1.11 60.02 -55.13
C THR S 18 -2.37 60.84 -55.02
N THR S 19 -3.48 60.41 -55.62
CA THR S 19 -4.74 61.13 -55.55
C THR S 19 -5.34 61.06 -54.16
N VAL S 20 -5.56 59.83 -53.71
CA VAL S 20 -6.21 59.55 -52.44
C VAL S 20 -5.56 60.22 -51.24
N ARG S 21 -4.24 60.31 -51.28
CA ARG S 21 -3.51 61.06 -50.25
C ARG S 21 -4.08 62.46 -50.13
N GLU S 22 -4.11 63.21 -51.23
CA GLU S 22 -4.68 64.56 -51.24
C GLU S 22 -6.05 64.63 -50.59
N GLN S 23 -7.00 63.87 -51.15
CA GLN S 23 -8.34 63.83 -50.58
C GLN S 23 -8.27 63.81 -49.06
N CYS S 24 -7.63 62.78 -48.52
CA CYS S 24 -7.47 62.61 -47.09
C CYS S 24 -7.09 63.86 -46.34
N GLU S 25 -6.16 64.65 -46.89
CA GLU S 25 -5.75 65.88 -46.24
C GLU S 25 -6.72 67.02 -46.51
N GLN S 26 -7.86 66.71 -47.13
CA GLN S 26 -8.88 67.71 -47.40
C GLN S 26 -9.99 67.67 -46.36
N LEU S 27 -9.88 66.79 -45.38
CA LEU S 27 -10.92 66.69 -44.35
C LEU S 27 -10.66 67.66 -43.20
N GLU S 28 -11.72 68.17 -42.61
CA GLU S 28 -11.70 69.20 -41.59
C GLU S 28 -10.69 68.95 -40.48
N LYS S 29 -10.37 67.70 -40.17
CA LYS S 29 -9.38 67.41 -39.14
C LYS S 29 -7.97 67.45 -39.72
N CYS S 30 -7.88 67.30 -41.04
CA CYS S 30 -6.56 67.35 -41.66
C CYS S 30 -6.20 68.80 -41.93
N VAL S 31 -7.21 69.54 -42.37
CA VAL S 31 -7.05 70.99 -42.53
C VAL S 31 -6.57 71.54 -41.18
N LYS S 32 -7.31 71.27 -40.13
CA LYS S 32 -7.13 71.81 -38.81
C LYS S 32 -5.75 71.61 -38.22
N ALA S 33 -5.18 70.43 -38.44
CA ALA S 33 -3.91 70.04 -37.85
C ALA S 33 -2.74 70.29 -38.78
N ARG S 34 -3.05 70.84 -39.95
CA ARG S 34 -1.97 71.17 -40.88
C ARG S 34 -1.46 72.58 -40.58
N GLU S 35 -2.15 73.31 -39.71
CA GLU S 35 -1.79 74.66 -39.31
C GLU S 35 -0.53 74.67 -38.46
N ARG S 36 -0.33 73.56 -37.78
CA ARG S 36 0.83 73.31 -36.93
C ARG S 36 2.06 73.00 -37.77
N LEU S 37 1.83 72.37 -38.91
CA LEU S 37 2.85 72.14 -39.92
C LEU S 37 3.29 73.41 -40.62
N GLU S 38 2.29 74.20 -41.00
CA GLU S 38 2.56 75.47 -41.66
C GLU S 38 3.38 76.41 -40.79
N LEU S 39 3.02 76.54 -39.51
CA LEU S 39 3.79 77.45 -38.66
C LEU S 39 5.17 76.85 -38.42
N CYS S 40 5.13 75.52 -38.21
CA CYS S 40 6.36 74.80 -37.99
C CYS S 40 7.36 75.24 -39.07
N ASP S 41 7.02 74.84 -40.30
CA ASP S 41 7.91 75.00 -41.43
C ASP S 41 8.51 76.40 -41.48
N GLU S 42 7.69 77.44 -41.36
CA GLU S 42 8.12 78.83 -41.39
C GLU S 42 8.97 79.18 -40.18
N ARG S 43 8.50 78.88 -38.97
CA ARG S 43 9.28 79.13 -37.75
C ARG S 43 10.71 78.62 -37.95
N VAL S 44 10.82 77.35 -38.30
CA VAL S 44 12.07 76.67 -38.51
C VAL S 44 12.91 77.22 -39.65
N SER S 45 12.32 77.45 -40.81
CA SER S 45 13.06 77.95 -41.96
C SER S 45 13.61 79.36 -41.72
N SER S 46 12.86 80.18 -41.00
CA SER S 46 13.31 81.55 -40.75
C SER S 46 14.38 81.63 -39.66
N ARG S 47 14.19 80.93 -38.56
CA ARG S 47 15.14 80.81 -37.45
C ARG S 47 15.97 79.52 -37.68
N SER S 48 16.42 79.24 -38.90
CA SER S 48 17.15 78.05 -39.25
C SER S 48 18.16 77.52 -38.25
N GLN S 49 18.87 78.39 -37.55
CA GLN S 49 19.81 77.86 -36.56
C GLN S 49 19.17 77.07 -35.44
N THR S 50 17.94 77.32 -35.04
CA THR S 50 17.25 76.62 -33.97
C THR S 50 17.37 75.10 -34.05
N GLU S 51 17.16 74.42 -32.94
CA GLU S 51 17.22 72.97 -32.86
C GLU S 51 15.84 72.35 -33.08
N GLU S 52 14.86 73.22 -33.21
CA GLU S 52 13.48 72.87 -33.48
C GLU S 52 13.37 71.88 -34.62
N ASP S 53 12.62 70.79 -34.37
CA ASP S 53 12.39 69.88 -35.46
C ASP S 53 11.02 70.06 -36.08
N CYS S 54 11.09 70.21 -37.41
CA CYS S 54 9.87 70.31 -38.17
C CYS S 54 9.29 68.93 -38.44
N THR S 55 10.12 67.92 -38.19
CA THR S 55 9.85 66.50 -38.38
C THR S 55 8.73 66.04 -37.44
N GLU S 56 8.98 66.43 -36.19
CA GLU S 56 8.05 66.15 -35.13
C GLU S 56 6.67 66.75 -35.40
N GLU S 57 6.63 67.90 -36.08
CA GLU S 57 5.33 68.53 -36.37
C GLU S 57 4.62 67.76 -37.47
N LEU S 58 5.41 67.35 -38.45
CA LEU S 58 4.95 66.59 -39.58
C LEU S 58 4.36 65.25 -39.19
N LEU S 59 4.93 64.69 -38.12
CA LEU S 59 4.52 63.42 -37.58
C LEU S 59 3.07 63.29 -37.16
N ASP S 60 2.39 64.41 -36.94
CA ASP S 60 0.98 64.37 -36.58
C ASP S 60 0.14 64.37 -37.86
N PHE S 61 0.52 65.24 -38.79
CA PHE S 61 -0.18 65.36 -40.06
C PHE S 61 -0.23 64.01 -40.77
N LEU S 62 0.97 63.52 -41.06
CA LEU S 62 1.13 62.21 -41.66
C LEU S 62 0.22 61.16 -41.06
N HIS S 63 0.24 61.00 -39.74
CA HIS S 63 -0.66 60.02 -39.14
C HIS S 63 -2.09 60.16 -39.65
N ALA S 64 -2.69 61.33 -39.51
CA ALA S 64 -4.08 61.55 -39.89
C ALA S 64 -4.32 61.41 -41.37
N ARG S 65 -3.33 61.84 -42.17
CA ARG S 65 -3.48 61.64 -43.61
C ARG S 65 -3.62 60.14 -43.90
N ASP S 66 -2.69 59.35 -43.39
CA ASP S 66 -2.57 57.93 -43.66
C ASP S 66 -3.69 57.06 -43.13
N HIS S 67 -4.13 57.24 -41.89
CA HIS S 67 -5.35 56.55 -41.45
C HIS S 67 -6.33 56.58 -42.61
N CYS S 68 -6.76 57.80 -42.97
CA CYS S 68 -7.67 57.93 -44.09
C CYS S 68 -7.19 57.11 -45.29
N VAL S 69 -6.03 57.49 -45.82
CA VAL S 69 -5.57 56.92 -47.07
C VAL S 69 -5.96 55.44 -47.16
N ALA S 70 -5.40 54.68 -46.24
CA ALA S 70 -5.59 53.25 -46.12
C ALA S 70 -6.95 52.76 -46.58
N HIS S 71 -8.01 53.19 -45.88
CA HIS S 71 -9.34 52.66 -46.14
C HIS S 71 -9.78 52.89 -47.58
N LYS S 72 -9.52 54.09 -48.09
CA LYS S 72 -9.95 54.45 -49.43
C LYS S 72 -9.03 53.85 -50.48
N LEU S 73 -7.72 54.06 -50.32
CA LEU S 73 -6.69 53.64 -51.23
C LEU S 73 -6.73 52.16 -51.62
N PHE S 74 -7.35 51.38 -50.75
CA PHE S 74 -7.42 49.96 -50.95
C PHE S 74 -8.40 49.53 -52.00
N ASN S 75 -9.57 50.17 -52.06
CA ASN S 75 -10.58 49.86 -53.06
C ASN S 75 -10.15 50.26 -54.46
N SER S 76 -9.01 50.90 -54.61
CA SER S 76 -8.54 51.41 -55.88
C SER S 76 -7.54 50.49 -56.55
N LEU S 77 -6.87 49.61 -55.81
CA LEU S 77 -5.87 48.74 -56.40
C LEU S 77 -6.40 47.44 -56.95
N LYS S 78 -5.49 46.58 -57.43
CA LYS S 78 -5.90 45.29 -57.97
C LYS S 78 -5.48 44.15 -57.04
N LYS T 46 -31.65 -7.13 16.61
CA LYS T 46 -32.49 -6.95 17.78
C LYS T 46 -33.81 -6.29 17.42
N ARG T 47 -34.91 -6.87 17.87
CA ARG T 47 -36.25 -6.36 17.58
C ARG T 47 -36.91 -5.91 18.88
N SER T 48 -37.40 -4.67 18.90
CA SER T 48 -38.01 -4.10 20.08
C SER T 48 -39.26 -4.83 20.53
N VAL T 49 -39.33 -5.09 21.83
CA VAL T 49 -40.37 -5.89 22.45
C VAL T 49 -41.11 -5.04 23.47
N LEU T 50 -41.68 -3.93 23.01
CA LEU T 50 -42.37 -3.00 23.88
C LEU T 50 -43.81 -3.29 24.18
N CYS T 51 -44.60 -3.83 23.25
CA CYS T 51 -46.04 -3.87 23.41
C CYS T 51 -46.62 -5.21 23.82
N ARG T 52 -47.94 -5.26 23.79
CA ARG T 52 -48.81 -6.39 24.05
C ARG T 52 -48.49 -7.62 23.21
N GLU T 53 -47.89 -7.39 22.06
CA GLU T 53 -47.53 -8.38 21.07
C GLU T 53 -46.75 -9.56 21.60
N SER T 54 -45.87 -9.38 22.58
CA SER T 54 -45.12 -10.53 23.13
C SER T 54 -46.07 -11.73 23.17
N LEU T 55 -45.68 -12.86 22.65
CA LEU T 55 -46.43 -14.10 22.65
C LEU T 55 -45.47 -15.28 22.50
N ARG T 56 -44.25 -15.11 23.03
CA ARG T 56 -43.25 -16.17 22.98
C ARG T 56 -43.05 -16.85 24.33
N GLY T 57 -43.26 -18.15 24.34
CA GLY T 57 -43.13 -19.09 25.46
C GLY T 57 -43.03 -20.48 24.84
N GLN T 58 -42.29 -21.42 25.39
CA GLN T 58 -42.10 -22.67 24.66
C GLN T 58 -42.80 -23.90 25.18
N ALA T 59 -43.40 -24.70 24.28
CA ALA T 59 -44.08 -25.93 24.66
C ALA T 59 -44.83 -26.59 23.51
N ALA T 60 -44.21 -27.62 22.92
CA ALA T 60 -44.80 -28.38 21.82
C ALA T 60 -45.04 -29.83 22.26
N GLY T 61 -45.57 -30.65 21.37
CA GLY T 61 -45.90 -32.03 21.67
C GLY T 61 -44.70 -32.93 21.91
N ARG T 62 -44.09 -33.42 20.84
CA ARG T 62 -42.93 -34.30 20.95
C ARG T 62 -41.63 -33.51 21.08
N PRO T 63 -41.43 -32.58 20.17
CA PRO T 63 -40.26 -31.70 20.17
C PRO T 63 -40.37 -30.64 21.26
N LEU T 64 -39.25 -30.35 21.90
CA LEU T 64 -39.11 -29.26 22.84
C LEU T 64 -37.74 -28.60 22.70
N VAL T 65 -37.72 -27.30 22.42
CA VAL T 65 -36.42 -26.66 22.20
C VAL T 65 -35.68 -27.51 21.15
N ALA T 66 -36.11 -27.43 19.90
CA ALA T 66 -35.43 -28.17 18.85
C ALA T 66 -34.66 -27.17 17.97
N SER T 67 -33.34 -27.34 17.93
CA SER T 67 -32.45 -26.44 17.21
C SER T 67 -32.06 -27.04 15.86
N VAL T 68 -32.34 -26.36 14.76
CA VAL T 68 -32.00 -26.86 13.43
C VAL T 68 -30.71 -26.17 12.96
N SER T 69 -29.94 -26.89 12.19
CA SER T 69 -28.77 -26.42 11.46
C SER T 69 -28.90 -27.07 10.08
N LEU T 70 -29.17 -26.35 9.01
CA LEU T 70 -29.32 -27.04 7.73
C LEU T 70 -28.33 -26.35 6.79
N ASN T 71 -27.79 -27.12 5.88
CA ASN T 71 -26.95 -26.69 4.79
C ASN T 71 -27.36 -25.38 4.10
N VAL T 72 -28.66 -25.17 3.92
CA VAL T 72 -29.22 -23.91 3.44
C VAL T 72 -29.75 -23.11 4.60
N PRO T 73 -30.98 -23.25 5.07
CA PRO T 73 -31.51 -22.46 6.18
C PRO T 73 -30.94 -22.73 7.56
N ALA T 74 -31.48 -22.15 8.64
CA ALA T 74 -31.00 -22.35 10.02
C ALA T 74 -31.89 -21.73 11.09
N SER T 75 -32.15 -22.33 12.26
CA SER T 75 -33.03 -21.71 13.26
C SER T 75 -33.14 -22.31 14.65
N VAL T 76 -34.07 -21.78 15.45
CA VAL T 76 -34.37 -22.21 16.81
C VAL T 76 -35.88 -22.19 17.05
N ARG T 77 -36.45 -23.34 17.39
CA ARG T 77 -37.87 -23.46 17.66
C ARG T 77 -38.13 -23.99 19.06
N TYR T 78 -39.34 -24.51 19.25
CA TYR T 78 -39.71 -25.16 20.50
C TYR T 78 -40.48 -26.43 20.17
N VAL U 1 -48.25 2.88 -32.85
CA VAL U 1 -46.98 3.43 -32.30
C VAL U 1 -45.76 2.83 -33.01
N ALA U 2 -44.71 3.62 -33.04
CA ALA U 2 -43.38 3.23 -33.44
C ALA U 2 -42.40 3.82 -32.42
N PRO U 3 -41.20 3.30 -32.36
CA PRO U 3 -40.14 3.88 -31.57
C PRO U 3 -39.75 5.26 -32.13
N THR U 4 -39.60 6.25 -31.27
CA THR U 4 -38.92 7.50 -31.64
C THR U 4 -37.67 7.16 -32.43
N LEU U 5 -37.20 8.10 -33.25
CA LEU U 5 -35.97 7.82 -33.99
C LEU U 5 -34.91 7.25 -33.07
N THR U 6 -34.65 7.94 -31.97
CA THR U 6 -33.64 7.48 -31.02
C THR U 6 -33.90 6.08 -30.51
N ALA U 7 -35.11 5.73 -30.09
CA ALA U 7 -35.35 4.37 -29.60
C ALA U 7 -35.06 3.31 -30.64
N ARG U 8 -35.36 3.60 -31.91
CA ARG U 8 -35.07 2.70 -33.02
C ARG U 8 -33.55 2.48 -33.12
N LEU U 9 -32.82 3.57 -33.20
CA LEU U 9 -31.38 3.69 -33.21
C LEU U 9 -30.74 2.90 -32.07
N TYR U 10 -31.31 3.16 -30.90
CA TYR U 10 -30.91 2.54 -29.65
C TYR U 10 -30.90 1.02 -29.77
N SER U 11 -32.08 0.44 -29.88
CA SER U 11 -32.26 -1.00 -29.97
C SER U 11 -31.57 -1.64 -31.15
N LEU U 12 -31.24 -0.89 -32.19
CA LEU U 12 -30.55 -1.54 -33.30
C LEU U 12 -29.05 -1.51 -33.05
N LEU U 13 -28.58 -0.35 -32.55
CA LEU U 13 -27.16 -0.13 -32.52
C LEU U 13 -26.54 0.06 -31.16
N PHE U 14 -27.23 0.54 -30.13
CA PHE U 14 -26.57 0.85 -28.88
C PHE U 14 -26.78 -0.08 -27.70
N ARG U 15 -27.64 -1.08 -27.81
CA ARG U 15 -27.70 -2.03 -26.68
C ARG U 15 -26.32 -2.67 -26.53
N ARG U 16 -25.90 -3.49 -27.48
CA ARG U 16 -24.59 -4.13 -27.51
C ARG U 16 -23.47 -3.14 -27.81
N THR U 17 -22.51 -3.02 -26.89
CA THR U 17 -21.36 -2.14 -27.13
C THR U 17 -20.56 -2.53 -28.35
N SER U 18 -20.54 -3.83 -28.66
CA SER U 18 -19.96 -4.27 -29.92
C SER U 18 -20.56 -3.50 -31.09
N THR U 19 -21.88 -3.44 -31.19
CA THR U 19 -22.52 -2.68 -32.27
C THR U 19 -22.28 -1.18 -32.13
N PHE U 20 -22.36 -0.69 -30.90
CA PHE U 20 -22.11 0.73 -30.63
C PHE U 20 -20.76 1.13 -31.19
N ALA U 21 -19.71 0.41 -30.77
CA ALA U 21 -18.40 0.81 -31.28
C ALA U 21 -18.40 0.67 -32.79
N LEU U 22 -18.97 -0.41 -33.32
CA LEU U 22 -18.96 -0.63 -34.78
C LEU U 22 -19.47 0.66 -35.42
N THR U 23 -20.59 1.06 -34.89
CA THR U 23 -21.25 2.29 -35.31
C THR U 23 -20.22 3.42 -35.39
N ILE U 24 -19.89 4.02 -34.25
CA ILE U 24 -18.75 4.91 -34.11
C ILE U 24 -17.64 4.66 -35.12
N VAL U 25 -17.04 3.48 -35.24
CA VAL U 25 -16.01 3.34 -36.27
C VAL U 25 -16.57 3.82 -37.61
N VAL U 26 -17.66 3.22 -38.04
CA VAL U 26 -18.35 3.57 -39.30
C VAL U 26 -18.57 5.08 -39.37
N GLY U 27 -19.17 5.58 -38.31
CA GLY U 27 -19.52 6.99 -38.21
C GLY U 27 -18.32 7.88 -38.41
N ALA U 28 -17.29 7.62 -37.60
CA ALA U 28 -16.05 8.38 -37.74
C ALA U 28 -15.60 8.44 -39.19
N LEU U 29 -15.76 7.34 -39.92
CA LEU U 29 -15.38 7.34 -41.33
C LEU U 29 -16.26 8.32 -42.07
N PHE U 30 -17.52 7.95 -42.22
CA PHE U 30 -18.49 8.74 -42.95
C PHE U 30 -18.43 10.22 -42.59
N PHE U 31 -18.47 10.50 -41.30
CA PHE U 31 -18.32 11.87 -40.84
C PHE U 31 -17.12 12.59 -41.43
N GLU U 32 -15.89 12.08 -41.28
CA GLU U 32 -14.69 12.73 -41.75
C GLU U 32 -14.86 13.26 -43.15
N ARG U 33 -15.42 12.42 -44.01
CA ARG U 33 -15.53 12.75 -45.41
C ARG U 33 -16.48 13.90 -45.62
N ALA U 34 -17.71 13.82 -45.12
CA ALA U 34 -18.64 14.92 -45.29
C ALA U 34 -18.11 16.17 -44.63
N PHE U 35 -17.68 16.08 -43.37
CA PHE U 35 -17.11 17.30 -42.78
C PHE U 35 -16.16 17.88 -43.82
N ASP U 36 -15.03 17.21 -44.01
CA ASP U 36 -14.07 17.77 -44.97
C ASP U 36 -14.81 18.39 -46.13
N GLN U 37 -15.45 17.54 -46.94
CA GLN U 37 -16.09 18.04 -48.15
C GLN U 37 -16.78 19.37 -47.89
N GLY U 38 -17.69 19.38 -46.93
CA GLY U 38 -18.48 20.56 -46.61
C GLY U 38 -17.70 21.73 -46.05
N ALA U 39 -16.80 21.45 -45.13
CA ALA U 39 -15.90 22.36 -44.49
C ALA U 39 -14.88 22.99 -45.46
N ASP U 40 -14.37 22.15 -46.34
CA ASP U 40 -13.45 22.61 -47.36
C ASP U 40 -14.18 23.60 -48.26
N ALA U 41 -15.25 23.10 -48.89
CA ALA U 41 -16.06 23.94 -49.77
C ALA U 41 -16.37 25.29 -49.16
N ILE U 42 -16.93 25.30 -47.96
CA ILE U 42 -17.12 26.55 -47.23
C ILE U 42 -15.92 27.46 -47.28
N TYR U 43 -14.74 26.94 -47.00
CA TYR U 43 -13.52 27.72 -46.92
C TYR U 43 -13.06 28.27 -48.25
N GLU U 44 -13.15 27.38 -49.24
CA GLU U 44 -12.80 27.79 -50.60
C GLU U 44 -13.75 28.89 -51.04
N HIS U 45 -15.07 28.72 -50.85
CA HIS U 45 -16.02 29.78 -51.16
C HIS U 45 -15.52 31.13 -50.68
N ILE U 46 -15.26 31.34 -49.38
CA ILE U 46 -14.75 32.55 -48.83
C ILE U 46 -13.49 33.13 -49.45
N ASN U 47 -12.70 32.35 -50.16
CA ASN U 47 -11.61 32.94 -50.94
C ASN U 47 -11.69 32.56 -52.41
N GLU U 48 -12.78 32.94 -53.07
CA GLU U 48 -12.96 32.64 -54.48
C GLU U 48 -11.86 33.27 -55.32
N GLY U 49 -11.26 32.43 -56.16
CA GLY U 49 -10.23 32.91 -57.05
C GLY U 49 -8.96 33.33 -56.34
N LYS U 50 -8.93 33.34 -55.02
CA LYS U 50 -7.69 33.76 -54.35
C LYS U 50 -6.71 32.58 -54.34
N LEU U 51 -7.19 31.36 -54.38
CA LEU U 51 -6.37 30.16 -54.25
C LEU U 51 -6.01 29.50 -55.56
N TRP U 52 -4.77 28.98 -55.63
CA TRP U 52 -4.24 28.32 -56.80
C TRP U 52 -5.29 27.42 -57.44
N LYS U 53 -6.02 26.65 -56.65
CA LYS U 53 -7.05 25.80 -57.22
C LYS U 53 -7.86 26.61 -58.22
N HIS U 54 -8.26 27.82 -57.87
CA HIS U 54 -9.01 28.69 -58.77
C HIS U 54 -8.17 29.19 -59.94
N ILE U 55 -6.92 29.50 -59.68
CA ILE U 55 -6.03 30.17 -60.63
C ILE U 55 -5.23 29.31 -61.55
N LYS U 56 -5.20 27.99 -61.46
CA LYS U 56 -4.37 27.11 -62.27
C LYS U 56 -4.44 27.37 -63.76
N HIS U 57 -5.63 27.74 -64.23
CA HIS U 57 -5.85 28.04 -65.64
C HIS U 57 -4.74 28.84 -66.27
N LYS U 58 -4.65 30.14 -66.05
CA LYS U 58 -3.62 31.00 -66.58
C LYS U 58 -2.48 30.28 -67.24
N TYR U 59 -1.53 29.67 -66.51
CA TYR U 59 -0.46 28.99 -67.20
C TYR U 59 -0.57 27.48 -67.12
N GLU U 60 -1.60 26.93 -67.75
CA GLU U 60 -1.74 25.49 -67.79
C GLU U 60 -2.12 24.93 -69.15
N ASN U 61 -1.19 24.18 -69.74
CA ASN U 61 -1.42 23.61 -71.05
C ASN U 61 -1.81 24.70 -72.04
N LYS U 62 -0.85 25.58 -72.33
CA LYS U 62 -1.09 26.69 -73.23
C LYS U 62 -2.02 27.73 -72.62
N ARG V 15 -19.95 -18.96 -25.86
CA ARG V 15 -21.38 -18.59 -26.00
C ARG V 15 -21.62 -17.31 -26.80
N ASN V 16 -22.00 -16.25 -26.10
CA ASN V 16 -22.26 -14.94 -26.69
C ASN V 16 -20.97 -14.32 -27.21
N TRP V 17 -19.89 -14.94 -26.85
CA TRP V 17 -18.53 -14.57 -27.17
C TRP V 17 -18.25 -14.63 -28.64
N VAL V 18 -18.82 -15.63 -29.34
CA VAL V 18 -18.58 -15.65 -30.79
C VAL V 18 -19.16 -14.40 -31.41
N PRO V 19 -20.44 -14.18 -31.29
CA PRO V 19 -21.11 -13.01 -31.81
C PRO V 19 -20.51 -11.71 -31.30
N THR V 20 -20.04 -11.67 -30.07
CA THR V 20 -19.36 -10.50 -29.55
C THR V 20 -17.92 -10.42 -30.05
N ALA V 21 -17.24 -11.56 -30.16
CA ALA V 21 -15.89 -11.59 -30.73
C ALA V 21 -15.93 -11.25 -32.22
N GLN V 22 -17.05 -11.59 -32.86
CA GLN V 22 -17.20 -11.28 -34.27
C GLN V 22 -17.48 -9.80 -34.46
N LEU V 23 -18.18 -9.09 -33.57
CA LEU V 23 -18.34 -7.65 -33.77
C LEU V 23 -17.09 -6.93 -33.28
N TRP V 24 -16.39 -7.53 -32.30
CA TRP V 24 -15.11 -6.92 -31.95
C TRP V 24 -14.15 -7.13 -33.11
N GLY V 25 -14.17 -8.32 -33.70
CA GLY V 25 -13.43 -8.57 -34.93
C GLY V 25 -13.62 -7.45 -35.95
N ALA V 26 -14.86 -7.25 -36.34
CA ALA V 26 -15.26 -6.26 -37.32
C ALA V 26 -14.78 -4.85 -37.01
N VAL V 27 -14.95 -4.43 -35.76
CA VAL V 27 -14.47 -3.12 -35.34
C VAL V 27 -12.99 -2.93 -35.60
N GLY V 28 -12.15 -3.83 -35.10
CA GLY V 28 -10.72 -3.72 -35.37
C GLY V 28 -10.51 -3.52 -36.87
N ALA V 29 -10.94 -4.50 -37.67
CA ALA V 29 -10.86 -4.43 -39.12
C ALA V 29 -11.25 -3.09 -39.68
N VAL V 30 -12.49 -2.65 -39.49
CA VAL V 30 -12.93 -1.36 -40.02
C VAL V 30 -12.08 -0.22 -39.49
N GLY V 31 -11.60 -0.40 -38.27
CA GLY V 31 -10.74 0.63 -37.67
C GLY V 31 -9.48 0.76 -38.52
N LEU V 32 -8.72 -0.32 -38.57
CA LEU V 32 -7.48 -0.34 -39.34
C LEU V 32 -7.71 0.21 -40.73
N VAL V 33 -8.49 -0.54 -41.50
CA VAL V 33 -8.90 -0.15 -42.85
C VAL V 33 -9.05 1.36 -42.94
N SER V 34 -10.01 1.92 -42.23
CA SER V 34 -10.24 3.36 -42.21
C SER V 34 -9.06 4.12 -41.63
N ALA V 35 -8.93 4.16 -40.31
CA ALA V 35 -7.86 4.82 -39.60
C ALA V 35 -6.49 4.75 -40.27
N THR V 36 -6.06 3.59 -40.72
CA THR V 36 -4.88 3.41 -41.54
C THR V 36 -5.20 3.56 -43.03
#